data_7CZP
#
_entry.id   7CZP
#
_cell.length_a   1.00
_cell.length_b   1.00
_cell.length_c   1.00
_cell.angle_alpha   90.00
_cell.angle_beta   90.00
_cell.angle_gamma   90.00
#
_symmetry.space_group_name_H-M   'P 1'
#
loop_
_entity.id
_entity.type
_entity.pdbx_description
1 polymer 'Spike glycoprotein'
2 polymer 'Immunoglobulin heavy variable 4-59,Chain H of P2B-1A1,Anti-RhD monoclonal T125 gamma1 heavy chain'
3 polymer 'IG c181_light_IGLV2-14_IGLJ3,IGL@ protein'
4 branched 2-acetamido-2-deoxy-beta-D-glucopyranose-(1-4)-2-acetamido-2-deoxy-beta-D-glucopyranose
5 non-polymer 2-acetamido-2-deoxy-beta-D-glucopyranose
#
loop_
_entity_poly.entity_id
_entity_poly.type
_entity_poly.pdbx_seq_one_letter_code
_entity_poly.pdbx_strand_id
1 'polypeptide(L)'
;MFVFLVLLPLVSSQCVNLTTRTQLPPAYTNSFTRGVYYPDKVFRSSVLHSTQDLFLPFFSNVTWFHAIHVSGTNGTKRFD
NPVLPFNDGVYFASTEKSNIIRGWIFGTTLDSKTQSLLIVNNATNVVIKVCEFQFCNDPFLGVYYHKNNKSWMESEFRVY
SSANNCTFEYVSQPFLMDLEGKQGNFKNLREFVFKNIDGYFKIYSKHTPINLVRDLPQGFSALEPLVDLPIGINITRFQT
LLALHRSYLTPGDSSSGWTAGAAAYYVGYLQPRTFLLKYNENGTITDAVDCALDPLSETKCTLKSFTVEKGIYQTSNFRV
QPTESIVRFPNITNLCPFGEVFNATRFASVYAWNRKRISNCVADYSVLYNSASFSTFKCYGVSPTKLNDLCFTNVYADSF
VIRGDEVRQIAPGQTGKIADYNYKLPDDFTGCVIAWNSNNLDSKVGGNYNYLYRLFRKSNLKPFERDISTEIYQAGSTPC
NGVEGFNCYFPLQSYGFQPTNGVGYQPYRVVVLSFELLHAPATVCGPKKSTNLVKNKCVNFNFNGLTGTGVLTESNKKFL
PFQQFGRDIADTTDAVRDPQTLEILDITPCSFGGVSVITPGTNTSNQVAVLYQDVNCTEVPVAIHADQLTPTWRVYSTGS
NVFQTRAGCLIGAEHVNNSYECDIPIGAGICASYQTQTNSPRRARSVASQSIIAYTMSLGAENSVAYSNNSIAIPTNFTI
SVTTEILPVSMTKTSVDCTMYICGDSTECSNLLLQYGSFCTQLNRALTGIAVEQDKNTQEVFAQVKQIYKTPPIKDFGGF
NFSQILPDPSKPSKRSFIEDLLFNKVTLADAGFIKQYGDCLGDIAARDLICAQKFNGLTVLPPLLTDEMIAQYTSALLAG
TITSGWTFGAGAALQIPFAMQMAYRFNGIGVTQNVLYENQKLIANQFNSAIGKIQDSLSSTASALGKLQDVVNQNAQALN
TLVKQLSSNFGAISSVLNDILSRLDPPEAEVQIDRLITGRLQSLQTYVTQQLIRAAEIRASANLAATKMSECVLGQSKRV
DFCGKGYHLMSFPQSAPHGVVFLHVTYVPAQEKNFTTAPAICHDGKAHFPREGVFVSNGTHWFVTQRNFYEPQIITTDNT
FVSGNCDVVIGIVNNTVYDPLQPELDSFKEELDKYFKNHTSPDVDLGDISGINASVVNIQKEIDRLNEVAKNLNESLIDL
QELGKYEQYIKWPWYIWLGFIAGLIAIVMVTIMLCCMTSCCSCLKGCCSCGSCCKFDEDDSEPVLKGVKLHYTLEDYKDD
DDK
;
A,B,C
2 'polypeptide(L)'
;QVQLQESGPGLVKPSETLSLTCTVSGGSISSYYWSWIRQPPGKGLEWIGYIYYSGSTNYNPSLKSRVTISVDTSKKQFSL
KLSSVTAADTAVYYCARLERDWPLDAFDIWGQGTMVTVSSASTKGPSVFPLAPSSKSTSGGTAALGCLVKDYFPEPVTVS
WNSGALTSGVHTFPAVLQSSGLYSLSSVVTVPSSSLGTQTYICNVNHKPSNTKVDKKVEPKSCDKTHTCPPCPAPELLGG
PSVFLFPPKPKDTLMISRTPEVTCVVVDVSHEDPEVKFNWYVDGVEVHNAKTKPREEQYNSTYRVVSVLTVLHQDWLNGK
EYKCKVSNKALPAPIEKTISKAKGQPREPQVYTLPPSRDELTKNQVSLTCLVKGFYPSDIAVEWESNGQPENNYKTTPPV
LDSDGSFFLYSKLTVDKSRWQQGNVFSCSVMHEALHNHYTQKSLSLSPGK
;
H,J
3 'polypeptide(L)'
;QSALTQPASVSGSPGQSITISCTGTSSDVGGYNYVSWYQQHPGKAPKFMIYDVSKRPSGVSNRFSGSKSGNTASLTISGL
QAEDEADYYCSSYTSNNTFAFGGGTKLTVLGQPKAAPSVTLFPPSSEELQANKATLVCLISDFYPGAVTVAWKADSSPVK
AGVETTTPSKQSNNKYAASSYLSLTPEQWKSHRSYSCQVTHEGSTVEKTVAPTECS
;
L,N
#
loop_
_chem_comp.id
_chem_comp.type
_chem_comp.name
_chem_comp.formula
NAG D-saccharide, beta linking 2-acetamido-2-deoxy-beta-D-glucopyranose 'C8 H15 N O6'
#
# COMPACT_ATOMS: atom_id res chain seq x y z
N ALA A 27 22.35 -44.22 -21.89
CA ALA A 27 23.33 -44.07 -20.84
C ALA A 27 23.10 -42.80 -20.04
N TYR A 28 23.65 -42.77 -18.83
CA TYR A 28 23.63 -41.58 -17.99
C TYR A 28 25.04 -41.39 -17.45
N THR A 29 25.37 -40.15 -17.14
CA THR A 29 26.71 -39.83 -16.66
C THR A 29 26.59 -38.79 -15.56
N ASN A 30 27.71 -38.51 -14.93
CA ASN A 30 27.80 -37.63 -13.78
C ASN A 30 28.64 -36.42 -14.15
N SER A 31 28.00 -35.24 -14.10
CA SER A 31 28.74 -34.00 -14.15
C SER A 31 29.56 -33.90 -12.88
N PHE A 32 30.61 -33.08 -12.86
CA PHE A 32 31.23 -32.92 -11.56
C PHE A 32 31.04 -31.51 -11.05
N THR A 33 31.60 -30.53 -11.75
CA THR A 33 31.38 -29.12 -11.47
C THR A 33 31.30 -28.45 -12.83
N ARG A 34 30.10 -28.37 -13.37
CA ARG A 34 29.89 -27.99 -14.75
C ARG A 34 28.62 -27.17 -14.85
N GLY A 35 28.62 -26.20 -15.76
CA GLY A 35 27.42 -25.43 -15.99
C GLY A 35 27.31 -24.21 -15.08
N VAL A 36 28.43 -23.52 -14.88
CA VAL A 36 28.47 -22.27 -14.14
C VAL A 36 28.62 -21.14 -15.14
N TYR A 37 27.73 -20.17 -15.07
CA TYR A 37 27.76 -19.02 -15.96
C TYR A 37 27.76 -17.74 -15.14
N TYR A 38 28.29 -16.68 -15.73
CA TYR A 38 28.27 -15.37 -15.12
C TYR A 38 26.84 -14.86 -15.08
N PRO A 39 26.26 -14.65 -13.94
CA PRO A 39 24.82 -14.35 -13.89
C PRO A 39 24.48 -12.89 -14.07
N ASP A 40 25.47 -12.05 -14.33
CA ASP A 40 25.23 -10.62 -14.54
C ASP A 40 26.48 -10.01 -15.18
N LYS A 41 26.37 -8.74 -15.51
CA LYS A 41 27.43 -8.00 -16.19
C LYS A 41 28.42 -7.38 -15.22
N VAL A 42 28.29 -7.65 -13.93
CA VAL A 42 29.05 -6.91 -12.93
C VAL A 42 30.43 -7.51 -12.76
N PHE A 43 31.45 -6.66 -12.86
CA PHE A 43 32.81 -7.04 -12.54
C PHE A 43 32.98 -7.14 -11.03
N ARG A 44 33.86 -8.05 -10.61
CA ARG A 44 34.18 -8.22 -9.21
C ARG A 44 35.64 -8.64 -9.10
N SER A 45 36.36 -7.99 -8.21
CA SER A 45 37.75 -8.34 -7.93
C SER A 45 37.76 -9.45 -6.90
N SER A 46 38.87 -9.66 -6.20
CA SER A 46 39.08 -10.87 -5.41
C SER A 46 38.08 -10.90 -4.25
N VAL A 47 36.95 -11.57 -4.47
CA VAL A 47 35.88 -11.68 -3.47
C VAL A 47 35.22 -13.04 -3.59
N LEU A 48 34.28 -13.30 -2.67
CA LEU A 48 33.42 -14.47 -2.69
C LEU A 48 31.99 -13.97 -2.66
N HIS A 49 31.27 -14.13 -3.77
CA HIS A 49 29.94 -13.55 -3.92
C HIS A 49 28.89 -14.64 -3.96
N SER A 50 27.76 -14.39 -3.31
CA SER A 50 26.70 -15.38 -3.17
C SER A 50 25.51 -15.02 -4.06
N THR A 51 25.01 -15.99 -4.82
CA THR A 51 23.90 -15.75 -5.73
C THR A 51 22.81 -16.80 -5.60
N GLN A 52 21.59 -16.40 -5.93
CA GLN A 52 20.45 -17.28 -6.11
C GLN A 52 20.03 -17.20 -7.57
N ASP A 53 19.97 -18.35 -8.25
CA ASP A 53 19.64 -18.35 -9.67
C ASP A 53 19.30 -19.77 -10.10
N LEU A 54 19.22 -19.99 -11.41
CA LEU A 54 18.97 -21.30 -11.98
C LEU A 54 20.29 -21.89 -12.43
N PHE A 55 20.71 -22.95 -11.76
CA PHE A 55 22.00 -23.58 -12.04
C PHE A 55 21.79 -25.07 -12.25
N LEU A 56 22.83 -25.71 -12.77
CA LEU A 56 22.89 -27.15 -12.86
C LEU A 56 23.57 -27.68 -11.60
N PRO A 57 22.85 -28.38 -10.72
CA PRO A 57 23.43 -28.81 -9.45
C PRO A 57 24.69 -29.64 -9.63
N PHE A 58 25.61 -29.57 -8.68
CA PHE A 58 26.85 -30.32 -8.79
C PHE A 58 26.56 -31.81 -8.68
N PHE A 59 27.36 -32.60 -9.39
CA PHE A 59 27.23 -34.06 -9.37
C PHE A 59 25.80 -34.47 -9.72
N SER A 60 25.40 -34.20 -10.96
CA SER A 60 24.05 -34.42 -11.40
C SER A 60 23.99 -35.60 -12.35
N ASN A 61 22.77 -35.94 -12.75
CA ASN A 61 22.47 -37.11 -13.55
C ASN A 61 22.14 -36.63 -14.96
N VAL A 62 23.14 -36.59 -15.84
CA VAL A 62 22.98 -36.01 -17.17
C VAL A 62 22.83 -37.15 -18.17
N THR A 63 21.79 -37.06 -19.00
CA THR A 63 21.56 -38.04 -20.04
C THR A 63 22.76 -38.11 -20.99
N TRP A 64 22.91 -39.25 -21.64
CA TRP A 64 23.95 -39.42 -22.62
C TRP A 64 23.29 -39.82 -23.93
N PHE A 65 23.75 -39.21 -25.03
CA PHE A 65 23.24 -39.53 -26.35
C PHE A 65 24.41 -39.82 -27.27
N HIS A 66 24.23 -40.79 -28.15
CA HIS A 66 25.21 -41.16 -29.15
C HIS A 66 24.62 -40.91 -30.53
N ALA A 67 25.51 -40.90 -31.52
CA ALA A 67 25.13 -40.79 -32.92
C ALA A 67 26.28 -41.28 -33.77
N ASN A 81 18.22 -36.91 -33.48
CA ASN A 81 17.98 -37.50 -32.16
C ASN A 81 16.72 -36.84 -31.56
N PRO A 82 16.18 -37.37 -30.47
CA PRO A 82 14.75 -37.19 -30.17
C PRO A 82 14.37 -35.81 -29.62
N VAL A 83 13.06 -35.60 -29.54
CA VAL A 83 12.44 -34.42 -28.96
C VAL A 83 12.57 -34.51 -27.44
N LEU A 84 13.19 -33.51 -26.84
CA LEU A 84 13.39 -33.47 -25.41
C LEU A 84 12.47 -32.43 -24.78
N PRO A 85 12.40 -32.33 -23.46
CA PRO A 85 11.71 -31.19 -22.85
C PRO A 85 12.64 -30.01 -22.60
N PHE A 86 12.09 -28.88 -22.15
CA PHE A 86 12.88 -27.72 -21.75
C PHE A 86 12.71 -27.39 -20.27
N ASN A 87 11.50 -27.04 -19.89
CA ASN A 87 10.85 -26.92 -18.58
C ASN A 87 11.52 -25.92 -17.65
N ASP A 88 12.83 -25.73 -17.75
CA ASP A 88 13.54 -24.62 -17.12
C ASP A 88 14.99 -24.67 -17.58
N GLY A 89 15.33 -23.94 -18.63
CA GLY A 89 16.72 -23.92 -19.06
C GLY A 89 17.34 -25.26 -19.38
N VAL A 90 18.55 -25.27 -19.91
CA VAL A 90 19.21 -26.49 -20.37
C VAL A 90 20.72 -26.26 -20.38
N TYR A 91 21.45 -27.21 -19.83
CA TYR A 91 22.88 -27.36 -20.09
C TYR A 91 23.05 -28.32 -21.25
N PHE A 92 24.10 -28.11 -22.04
CA PHE A 92 24.26 -28.89 -23.25
C PHE A 92 25.73 -28.89 -23.65
N ALA A 93 26.44 -29.98 -23.47
CA ALA A 93 27.81 -30.09 -23.94
C ALA A 93 27.86 -31.00 -25.15
N SER A 94 29.03 -31.04 -25.79
CA SER A 94 29.22 -31.81 -27.01
C SER A 94 30.70 -31.91 -27.31
N THR A 95 31.10 -32.99 -27.97
CA THR A 95 32.51 -33.29 -28.20
C THR A 95 32.73 -33.84 -29.60
N GLU A 96 33.69 -33.24 -30.32
CA GLU A 96 34.16 -33.75 -31.61
C GLU A 96 35.28 -32.88 -32.19
N LYS A 97 35.87 -33.32 -33.31
CA LYS A 97 36.74 -32.48 -34.12
C LYS A 97 36.07 -32.03 -35.40
N SER A 98 35.38 -32.92 -36.10
CA SER A 98 34.42 -32.54 -37.13
C SER A 98 33.26 -31.80 -36.49
N ASN A 99 32.25 -31.42 -37.27
CA ASN A 99 31.13 -30.68 -36.71
C ASN A 99 29.83 -31.40 -37.07
N ILE A 100 29.41 -32.31 -36.20
CA ILE A 100 28.20 -33.09 -36.40
C ILE A 100 27.03 -32.35 -35.77
N ILE A 101 27.29 -31.68 -34.66
CA ILE A 101 26.27 -30.90 -33.98
C ILE A 101 26.17 -29.56 -34.69
N ARG A 102 25.02 -29.32 -35.32
CA ARG A 102 24.81 -28.18 -36.19
C ARG A 102 23.58 -27.41 -35.72
N GLY A 103 23.52 -27.14 -34.43
CA GLY A 103 22.49 -26.30 -33.89
C GLY A 103 21.29 -27.07 -33.39
N TRP A 104 20.36 -26.33 -32.83
CA TRP A 104 19.22 -26.87 -32.12
C TRP A 104 17.97 -26.27 -32.74
N ILE A 105 16.81 -26.77 -32.34
CA ILE A 105 15.54 -26.15 -32.72
C ILE A 105 14.66 -26.17 -31.49
N PHE A 106 13.90 -25.11 -31.29
CA PHE A 106 13.21 -24.94 -30.03
C PHE A 106 11.72 -24.75 -30.28
N GLY A 107 10.95 -24.64 -29.20
CA GLY A 107 9.57 -24.24 -29.32
C GLY A 107 8.61 -25.03 -28.46
N THR A 108 7.32 -24.97 -28.78
CA THR A 108 6.33 -25.76 -28.07
C THR A 108 5.84 -26.92 -28.91
N THR A 109 5.55 -26.69 -30.19
CA THR A 109 5.04 -27.74 -31.07
C THR A 109 5.97 -28.14 -32.19
N LEU A 110 7.00 -27.34 -32.48
CA LEU A 110 7.98 -27.65 -33.53
C LEU A 110 7.30 -27.84 -34.88
N ASP A 111 6.29 -27.01 -35.14
CA ASP A 111 5.56 -27.07 -36.40
C ASP A 111 4.88 -25.72 -36.64
N SER A 112 3.95 -25.72 -37.58
CA SER A 112 3.11 -24.55 -37.79
C SER A 112 2.03 -24.50 -36.72
N LYS A 113 1.15 -23.50 -36.84
CA LYS A 113 0.07 -23.21 -35.89
C LYS A 113 0.61 -22.58 -34.61
N THR A 114 1.92 -22.57 -34.41
CA THR A 114 2.55 -21.81 -33.33
C THR A 114 4.00 -21.57 -33.70
N GLN A 115 4.57 -20.50 -33.14
CA GLN A 115 5.88 -20.01 -33.53
C GLN A 115 6.99 -20.75 -32.80
N SER A 116 8.18 -20.77 -33.41
CA SER A 116 9.33 -21.47 -32.86
C SER A 116 10.62 -20.79 -33.34
N LEU A 117 11.72 -21.09 -32.66
CA LEU A 117 13.04 -20.61 -33.01
C LEU A 117 13.77 -21.68 -33.82
N LEU A 118 14.78 -21.27 -34.58
CA LEU A 118 15.61 -22.20 -35.32
C LEU A 118 17.02 -21.65 -35.41
N ILE A 119 17.99 -22.41 -34.91
CA ILE A 119 19.38 -21.98 -34.88
C ILE A 119 20.22 -23.00 -35.63
N VAL A 120 20.83 -22.55 -36.71
CA VAL A 120 21.44 -23.48 -37.66
C VAL A 120 22.86 -23.01 -37.95
N ASN A 121 23.70 -23.91 -38.46
CA ASN A 121 25.03 -23.57 -38.92
C ASN A 121 25.42 -24.51 -40.05
N ASN A 122 25.37 -24.04 -41.30
CA ASN A 122 25.98 -24.81 -42.38
C ASN A 122 27.47 -24.56 -42.33
N ALA A 123 28.22 -25.01 -43.34
CA ALA A 123 29.67 -24.82 -43.32
C ALA A 123 30.05 -23.35 -43.47
N THR A 124 29.06 -22.46 -43.53
CA THR A 124 29.30 -21.03 -43.70
C THR A 124 29.38 -20.31 -42.37
N ASN A 125 28.26 -20.25 -41.66
CA ASN A 125 28.14 -19.56 -40.37
C ASN A 125 26.70 -19.66 -39.87
N VAL A 126 26.52 -19.20 -38.63
CA VAL A 126 25.28 -19.32 -37.87
C VAL A 126 24.13 -18.64 -38.59
N VAL A 127 22.93 -19.21 -38.46
CA VAL A 127 21.71 -18.60 -39.01
C VAL A 127 20.59 -18.69 -37.98
N ILE A 128 20.43 -17.65 -37.16
CA ILE A 128 19.28 -17.64 -36.27
C ILE A 128 18.07 -17.26 -37.11
N LYS A 129 16.89 -17.73 -36.70
CA LYS A 129 15.69 -17.49 -37.48
C LYS A 129 14.48 -17.75 -36.61
N VAL A 130 13.45 -16.92 -36.76
CA VAL A 130 12.20 -17.15 -36.06
C VAL A 130 11.02 -16.97 -37.00
N CYS A 131 10.46 -18.07 -37.48
CA CYS A 131 9.24 -18.08 -38.25
C CYS A 131 8.27 -19.08 -37.64
N GLU A 132 7.19 -19.34 -38.36
CA GLU A 132 6.40 -20.55 -38.18
C GLU A 132 6.87 -21.55 -39.22
N PHE A 133 7.24 -22.74 -38.78
CA PHE A 133 7.88 -23.70 -39.66
C PHE A 133 6.98 -24.91 -39.87
N GLN A 134 7.46 -25.82 -40.70
CA GLN A 134 6.98 -27.19 -40.74
C GLN A 134 8.22 -28.07 -40.66
N PHE A 135 8.44 -28.66 -39.50
CA PHE A 135 9.68 -29.37 -39.22
C PHE A 135 9.49 -30.85 -39.53
N CYS A 136 10.47 -31.42 -40.22
CA CYS A 136 10.55 -32.86 -40.32
C CYS A 136 10.57 -33.46 -38.93
N ASN A 137 9.81 -34.55 -38.75
CA ASN A 137 9.85 -35.23 -37.47
C ASN A 137 11.23 -35.81 -37.18
N ASP A 138 12.03 -36.07 -38.22
CA ASP A 138 13.44 -36.40 -38.07
C ASP A 138 14.24 -35.45 -38.96
N PRO A 139 14.47 -34.23 -38.50
CA PRO A 139 15.11 -33.22 -39.35
C PRO A 139 16.62 -33.23 -39.19
N PHE A 140 17.34 -33.01 -40.28
CA PHE A 140 18.79 -33.07 -40.25
C PHE A 140 19.31 -32.36 -41.50
N LEU A 141 20.63 -32.44 -41.69
CA LEU A 141 21.27 -31.93 -42.89
C LEU A 141 22.36 -32.90 -43.32
N GLY A 142 22.55 -33.02 -44.63
CA GLY A 142 23.44 -34.00 -45.20
C GLY A 142 24.90 -33.56 -45.21
N VAL A 143 25.66 -34.20 -46.09
CA VAL A 143 27.05 -33.87 -46.33
C VAL A 143 27.49 -34.62 -47.58
N MET A 153 29.39 -32.59 -53.84
CA MET A 153 28.00 -32.72 -53.39
C MET A 153 27.74 -31.80 -52.20
N GLU A 154 27.84 -32.36 -50.99
CA GLU A 154 27.71 -31.63 -49.75
C GLU A 154 26.41 -30.83 -49.71
N SER A 155 25.32 -31.48 -50.10
CA SER A 155 23.99 -30.89 -50.15
C SER A 155 23.12 -31.48 -49.05
N GLU A 156 22.27 -30.62 -48.49
CA GLU A 156 21.83 -30.82 -47.12
C GLU A 156 20.45 -30.22 -46.85
N PHE A 157 20.16 -29.99 -45.57
CA PHE A 157 19.00 -29.23 -45.12
C PHE A 157 17.68 -29.86 -45.50
N ARG A 158 17.43 -31.07 -44.99
CA ARG A 158 16.09 -31.63 -45.02
C ARG A 158 15.40 -31.28 -43.71
N VAL A 159 15.74 -30.12 -43.15
CA VAL A 159 15.30 -29.79 -41.79
C VAL A 159 13.80 -29.48 -41.76
N TYR A 160 13.39 -28.41 -42.44
CA TYR A 160 11.99 -28.06 -42.47
C TYR A 160 11.42 -28.09 -43.88
N SER A 161 10.18 -27.66 -44.05
CA SER A 161 9.59 -27.47 -45.37
C SER A 161 8.70 -26.25 -45.43
N SER A 162 8.88 -25.31 -44.50
CA SER A 162 8.04 -24.13 -44.40
C SER A 162 8.79 -23.07 -43.62
N ALA A 163 8.59 -21.81 -44.03
CA ALA A 163 9.25 -20.67 -43.41
C ALA A 163 8.33 -19.46 -43.33
N ASN A 164 7.10 -19.65 -42.87
CA ASN A 164 6.07 -18.63 -42.97
C ASN A 164 6.16 -17.60 -41.85
N ASN A 165 5.69 -16.39 -42.13
CA ASN A 165 5.44 -15.38 -41.09
C ASN A 165 6.65 -14.98 -40.27
N CYS A 166 7.84 -15.02 -40.84
CA CYS A 166 9.07 -14.79 -40.10
C CYS A 166 9.07 -13.46 -39.37
N THR A 167 9.36 -13.50 -38.07
CA THR A 167 9.28 -12.35 -37.17
C THR A 167 10.66 -11.95 -36.68
N PHE A 168 11.69 -12.65 -37.15
CA PHE A 168 13.06 -12.35 -36.75
C PHE A 168 13.97 -13.14 -37.68
N GLU A 169 14.97 -12.50 -38.26
CA GLU A 169 15.96 -13.21 -39.05
C GLU A 169 17.34 -12.82 -38.55
N TYR A 170 18.34 -13.54 -39.04
CA TYR A 170 19.74 -13.21 -38.85
C TYR A 170 20.54 -14.15 -39.73
N VAL A 171 21.56 -13.64 -40.40
CA VAL A 171 22.52 -14.51 -41.09
C VAL A 171 23.89 -13.88 -40.90
N SER A 172 24.91 -14.43 -41.53
CA SER A 172 26.23 -13.82 -41.54
C SER A 172 27.05 -14.32 -42.72
N LYS A 187 39.76 -33.53 -28.57
CA LYS A 187 39.16 -32.75 -29.64
C LYS A 187 38.65 -31.41 -29.15
N ASN A 188 37.33 -31.27 -29.10
CA ASN A 188 36.70 -30.02 -28.68
C ASN A 188 35.59 -30.34 -27.71
N LEU A 189 35.38 -29.43 -26.75
CA LEU A 189 34.23 -29.47 -25.87
C LEU A 189 33.53 -28.12 -25.95
N ARG A 190 32.24 -28.14 -26.25
CA ARG A 190 31.47 -26.93 -26.51
C ARG A 190 30.23 -26.95 -25.65
N GLU A 191 30.25 -26.19 -24.56
CA GLU A 191 29.13 -26.13 -23.63
C GLU A 191 28.22 -24.95 -23.93
N PHE A 192 26.95 -25.11 -23.61
CA PHE A 192 25.94 -24.08 -23.82
C PHE A 192 24.93 -24.15 -22.70
N VAL A 193 24.46 -22.98 -22.27
CA VAL A 193 23.36 -22.87 -21.33
C VAL A 193 22.27 -22.04 -21.99
N PHE A 194 21.08 -22.59 -22.12
CA PHE A 194 19.97 -21.92 -22.75
C PHE A 194 18.92 -21.63 -21.70
N LYS A 195 18.45 -20.39 -21.64
CA LYS A 195 17.35 -20.06 -20.75
C LYS A 195 16.45 -19.03 -21.41
N ASN A 196 15.25 -18.84 -20.85
CA ASN A 196 14.19 -18.09 -21.50
C ASN A 196 13.34 -17.39 -20.44
N ILE A 197 13.60 -16.11 -20.21
CA ILE A 197 12.94 -15.34 -19.16
C ILE A 197 12.43 -14.03 -19.73
N ASP A 198 11.18 -13.70 -19.41
CA ASP A 198 10.55 -12.44 -19.77
C ASP A 198 10.75 -12.11 -21.25
N GLY A 199 10.40 -13.04 -22.12
CA GLY A 199 10.49 -12.82 -23.55
C GLY A 199 11.89 -12.66 -24.10
N TYR A 200 12.90 -12.89 -23.27
CA TYR A 200 14.28 -12.88 -23.72
C TYR A 200 14.81 -14.30 -23.68
N PHE A 201 15.52 -14.68 -24.73
CA PHE A 201 16.09 -16.02 -24.81
C PHE A 201 17.59 -15.87 -24.72
N LYS A 202 18.14 -16.16 -23.54
CA LYS A 202 19.55 -15.96 -23.25
C LYS A 202 20.34 -17.23 -23.54
N ILE A 203 21.56 -17.04 -24.02
CA ILE A 203 22.44 -18.13 -24.42
C ILE A 203 23.83 -17.83 -23.88
N TYR A 204 24.32 -18.69 -23.01
CA TYR A 204 25.70 -18.62 -22.56
C TYR A 204 26.45 -19.77 -23.20
N SER A 205 27.76 -19.63 -23.32
CA SER A 205 28.51 -20.63 -24.03
C SER A 205 29.96 -20.60 -23.61
N LYS A 206 30.68 -21.66 -23.93
CA LYS A 206 32.11 -21.75 -23.69
C LYS A 206 32.68 -22.85 -24.55
N HIS A 207 33.90 -22.65 -25.04
CA HIS A 207 34.58 -23.61 -25.90
C HIS A 207 35.92 -23.94 -25.24
N THR A 208 35.97 -25.10 -24.62
CA THR A 208 37.21 -25.59 -24.05
C THR A 208 37.79 -26.68 -24.94
N PRO A 209 39.10 -26.79 -25.02
CA PRO A 209 39.69 -27.93 -25.74
C PRO A 209 39.92 -29.13 -24.84
N ILE A 210 39.33 -30.27 -25.17
CA ILE A 210 39.62 -31.50 -24.43
C ILE A 210 40.91 -32.09 -24.96
N ASN A 211 41.48 -33.03 -24.22
CA ASN A 211 42.56 -33.83 -24.77
C ASN A 211 42.10 -35.27 -24.93
N LEU A 212 40.79 -35.45 -24.94
CA LEU A 212 40.11 -36.67 -25.33
C LEU A 212 39.37 -36.39 -26.64
N VAL A 213 38.57 -37.36 -27.10
CA VAL A 213 37.77 -37.11 -28.29
C VAL A 213 36.30 -36.89 -27.91
N ARG A 214 35.65 -37.84 -27.23
CA ARG A 214 34.21 -37.72 -27.00
C ARG A 214 33.70 -38.25 -25.66
N ASP A 215 34.36 -37.95 -24.54
CA ASP A 215 33.84 -38.27 -23.21
C ASP A 215 33.82 -37.02 -22.34
N LEU A 216 32.85 -36.96 -21.42
CA LEU A 216 32.68 -35.78 -20.57
C LEU A 216 33.80 -35.70 -19.54
N PRO A 217 34.63 -34.67 -19.57
CA PRO A 217 35.76 -34.59 -18.64
C PRO A 217 35.38 -34.03 -17.28
N GLN A 218 36.39 -33.73 -16.48
CA GLN A 218 36.20 -33.13 -15.17
C GLN A 218 36.95 -31.81 -15.10
N GLY A 219 36.43 -30.87 -14.32
CA GLY A 219 37.09 -29.59 -14.16
C GLY A 219 36.13 -28.44 -13.96
N PHE A 220 36.65 -27.21 -13.88
CA PHE A 220 35.83 -26.03 -13.70
C PHE A 220 36.08 -25.04 -14.83
N SER A 221 35.00 -24.55 -15.41
CA SER A 221 35.09 -23.58 -16.50
C SER A 221 33.79 -22.80 -16.63
N ALA A 222 33.80 -21.51 -16.30
CA ALA A 222 32.58 -20.70 -16.28
C ALA A 222 32.20 -20.24 -17.67
N LEU A 223 30.89 -20.16 -17.92
CA LEU A 223 30.35 -19.89 -19.25
C LEU A 223 29.95 -18.43 -19.36
N GLU A 224 30.40 -17.73 -20.47
CA GLU A 224 30.22 -16.31 -20.70
C GLU A 224 29.06 -16.02 -21.63
N PRO A 225 28.26 -15.00 -21.33
CA PRO A 225 27.05 -14.75 -22.12
C PRO A 225 27.36 -14.39 -23.55
N LEU A 226 26.51 -14.89 -24.46
CA LEU A 226 26.76 -14.75 -25.90
C LEU A 226 25.72 -13.83 -26.55
N VAL A 227 24.45 -14.13 -26.39
CA VAL A 227 23.43 -13.28 -27.02
C VAL A 227 22.31 -12.84 -26.07
N ASP A 228 21.13 -12.64 -26.63
CA ASP A 228 19.96 -12.22 -25.88
C ASP A 228 18.91 -11.72 -26.86
N LEU A 229 18.95 -12.27 -28.07
CA LEU A 229 18.02 -11.89 -29.13
C LEU A 229 16.59 -11.80 -28.59
N PRO A 230 16.00 -10.55 -28.67
CA PRO A 230 14.63 -10.50 -28.13
C PRO A 230 13.67 -11.41 -28.90
N ILE A 231 14.05 -12.67 -29.06
CA ILE A 231 13.24 -13.64 -29.77
C ILE A 231 11.77 -13.52 -29.39
N GLY A 232 11.48 -13.65 -28.10
CA GLY A 232 10.11 -13.56 -27.62
C GLY A 232 9.25 -14.70 -28.16
N ILE A 233 8.79 -15.56 -27.26
CA ILE A 233 7.96 -16.69 -27.64
C ILE A 233 7.85 -17.68 -26.49
N ASN A 234 7.07 -18.75 -26.70
CA ASN A 234 6.91 -19.76 -25.67
C ASN A 234 7.74 -20.98 -26.06
N ILE A 235 8.31 -21.65 -25.07
CA ILE A 235 9.13 -22.84 -25.33
C ILE A 235 8.75 -23.94 -24.35
N THR A 236 8.61 -25.16 -24.88
CA THR A 236 8.36 -26.33 -24.05
C THR A 236 9.16 -27.53 -24.54
N ARG A 237 9.77 -27.44 -25.72
CA ARG A 237 10.46 -28.60 -26.28
C ARG A 237 11.63 -28.11 -27.12
N PHE A 238 12.56 -29.02 -27.39
CA PHE A 238 13.71 -28.69 -28.23
C PHE A 238 14.29 -29.98 -28.81
N GLN A 239 15.20 -29.83 -29.77
CA GLN A 239 15.78 -30.95 -30.48
C GLN A 239 17.25 -30.67 -30.77
N THR A 240 17.83 -31.45 -31.66
CA THR A 240 19.20 -31.25 -32.12
C THR A 240 19.26 -31.51 -33.63
N LEU A 241 20.37 -31.11 -34.24
CA LEU A 241 20.57 -31.23 -35.68
C LEU A 241 21.95 -31.82 -35.95
N LEU A 242 22.01 -32.78 -36.86
CA LEU A 242 23.25 -33.51 -37.11
C LEU A 242 23.51 -33.61 -38.61
N ALA A 243 24.80 -33.69 -38.95
CA ALA A 243 25.24 -33.81 -40.35
C ALA A 243 25.47 -35.29 -40.65
N LEU A 244 24.66 -35.84 -41.57
CA LEU A 244 24.64 -37.27 -41.86
C LEU A 244 25.94 -37.79 -42.44
N HIS A 245 25.98 -39.09 -42.66
CA HIS A 245 27.03 -39.78 -43.38
C HIS A 245 26.56 -40.10 -44.80
N ARG A 246 27.25 -39.54 -45.79
CA ARG A 246 26.87 -39.87 -47.17
C ARG A 246 28.08 -40.13 -48.05
N SER A 247 29.24 -39.63 -47.68
CA SER A 247 30.45 -39.82 -48.48
C SER A 247 31.58 -40.45 -47.67
N ALA A 264 28.04 -37.66 -29.75
CA ALA A 264 28.09 -37.68 -28.30
C ALA A 264 27.68 -36.34 -27.72
N TYR A 265 26.60 -36.32 -26.96
CA TYR A 265 26.14 -35.09 -26.33
C TYR A 265 25.24 -35.39 -25.14
N TYR A 266 25.17 -34.43 -24.25
CA TYR A 266 24.53 -34.55 -22.94
C TYR A 266 23.45 -33.49 -22.79
N VAL A 267 22.53 -33.72 -21.87
CA VAL A 267 21.49 -32.74 -21.60
C VAL A 267 21.19 -32.69 -20.10
N GLY A 268 21.59 -31.61 -19.44
CA GLY A 268 21.19 -31.35 -18.07
C GLY A 268 20.04 -30.39 -18.00
N TYR A 269 19.50 -30.23 -16.80
CA TYR A 269 18.42 -29.28 -16.58
C TYR A 269 18.80 -28.39 -15.40
N LEU A 270 18.16 -27.23 -15.33
CA LEU A 270 18.54 -26.21 -14.38
C LEU A 270 17.43 -26.04 -13.34
N GLN A 271 17.82 -25.83 -12.09
CA GLN A 271 16.90 -25.64 -10.99
C GLN A 271 17.33 -24.42 -10.21
N PRO A 272 16.44 -23.85 -9.42
CA PRO A 272 16.81 -22.70 -8.58
C PRO A 272 17.67 -23.13 -7.40
N ARG A 273 18.95 -22.82 -7.47
CA ARG A 273 19.92 -23.09 -6.43
C ARG A 273 20.55 -21.79 -5.92
N THR A 274 21.39 -21.93 -4.90
CA THR A 274 22.17 -20.85 -4.32
C THR A 274 23.63 -21.28 -4.34
N PHE A 275 24.48 -20.46 -4.95
CA PHE A 275 25.88 -20.80 -5.10
C PHE A 275 26.76 -19.72 -4.48
N LEU A 276 28.02 -20.08 -4.26
CA LEU A 276 29.04 -19.18 -3.75
C LEU A 276 30.18 -19.18 -4.76
N LEU A 277 30.33 -18.08 -5.49
CA LEU A 277 31.31 -17.99 -6.56
C LEU A 277 32.55 -17.25 -6.07
N LYS A 278 33.72 -17.79 -6.39
CA LYS A 278 34.99 -17.18 -6.05
C LYS A 278 35.50 -16.41 -7.26
N TYR A 279 35.73 -15.12 -7.09
CA TYR A 279 36.17 -14.28 -8.19
C TYR A 279 37.66 -14.03 -8.10
N ASN A 280 38.33 -14.14 -9.24
CA ASN A 280 39.74 -13.84 -9.38
C ASN A 280 39.96 -12.33 -9.25
N GLU A 281 41.22 -11.92 -9.32
CA GLU A 281 41.55 -10.50 -9.35
C GLU A 281 41.38 -9.87 -10.72
N ASN A 282 41.39 -10.66 -11.79
CA ASN A 282 40.98 -10.16 -13.09
C ASN A 282 39.47 -10.15 -13.25
N GLY A 283 38.74 -10.81 -12.36
CA GLY A 283 37.31 -10.79 -12.41
C GLY A 283 36.67 -12.03 -12.99
N THR A 284 37.40 -13.12 -13.10
CA THR A 284 36.84 -14.36 -13.60
C THR A 284 36.51 -15.30 -12.46
N ILE A 285 35.49 -16.12 -12.68
CA ILE A 285 35.05 -17.10 -11.70
C ILE A 285 35.98 -18.31 -11.81
N THR A 286 36.71 -18.60 -10.74
CA THR A 286 37.67 -19.70 -10.76
C THR A 286 37.19 -20.92 -10.01
N ASP A 287 36.34 -20.73 -9.00
CA ASP A 287 35.80 -21.84 -8.22
C ASP A 287 34.40 -21.50 -7.76
N ALA A 288 33.68 -22.52 -7.29
CA ALA A 288 32.33 -22.31 -6.80
C ALA A 288 32.01 -23.34 -5.73
N VAL A 289 30.94 -23.08 -4.99
CA VAL A 289 30.41 -23.98 -3.98
C VAL A 289 28.91 -24.07 -4.17
N ASP A 290 28.40 -25.29 -4.31
CA ASP A 290 26.97 -25.56 -4.32
C ASP A 290 26.55 -25.77 -2.87
N CYS A 291 25.63 -24.95 -2.39
CA CYS A 291 25.40 -24.81 -0.95
C CYS A 291 24.29 -25.73 -0.46
N ALA A 292 23.97 -26.73 -1.27
CA ALA A 292 22.89 -27.64 -0.91
C ALA A 292 23.31 -29.07 -1.19
N LEU A 293 24.59 -29.25 -1.49
CA LEU A 293 25.11 -30.60 -1.69
C LEU A 293 25.15 -31.37 -0.36
N ASP A 294 25.95 -30.92 0.59
CA ASP A 294 26.20 -31.67 1.81
C ASP A 294 26.37 -30.72 2.99
N PRO A 295 26.49 -31.21 4.22
CA PRO A 295 26.65 -30.30 5.36
C PRO A 295 27.88 -29.42 5.29
N LEU A 296 29.01 -29.94 4.80
CA LEU A 296 30.20 -29.09 4.66
C LEU A 296 29.96 -27.89 3.76
N SER A 297 29.24 -28.07 2.66
CA SER A 297 29.00 -26.98 1.73
C SER A 297 28.03 -25.95 2.31
N GLU A 298 27.01 -26.41 3.03
CA GLU A 298 26.13 -25.50 3.73
C GLU A 298 26.86 -24.71 4.81
N THR A 299 27.84 -25.31 5.47
CA THR A 299 28.67 -24.56 6.41
C THR A 299 29.52 -23.51 5.71
N LYS A 300 30.18 -23.90 4.60
CA LYS A 300 30.97 -22.94 3.84
C LYS A 300 30.14 -21.77 3.38
N CYS A 301 28.88 -22.03 3.02
CA CYS A 301 27.99 -20.97 2.57
C CYS A 301 27.57 -20.09 3.74
N THR A 302 27.29 -20.70 4.90
CA THR A 302 26.94 -19.92 6.09
C THR A 302 28.05 -19.00 6.54
N LEU A 303 29.30 -19.45 6.46
CA LEU A 303 30.44 -18.64 6.85
C LEU A 303 30.94 -17.72 5.76
N LYS A 304 30.56 -17.95 4.50
CA LYS A 304 31.06 -17.22 3.34
C LYS A 304 32.57 -17.38 3.21
N SER A 305 33.01 -18.62 3.12
CA SER A 305 34.44 -18.90 3.00
C SER A 305 34.62 -20.25 2.35
N PHE A 306 35.86 -20.53 1.98
CA PHE A 306 36.23 -21.81 1.39
C PHE A 306 37.04 -22.67 2.35
N THR A 307 37.46 -22.12 3.48
CA THR A 307 38.13 -22.89 4.52
C THR A 307 37.43 -22.64 5.84
N VAL A 308 36.86 -23.68 6.43
CA VAL A 308 36.29 -23.63 7.75
C VAL A 308 37.28 -24.23 8.74
N GLU A 309 37.52 -23.51 9.83
CA GLU A 309 38.34 -24.01 10.92
C GLU A 309 37.50 -24.81 11.90
N LYS A 310 38.17 -25.62 12.70
CA LYS A 310 37.45 -26.53 13.57
C LYS A 310 36.54 -25.76 14.51
N GLY A 311 35.39 -26.36 14.79
CA GLY A 311 34.40 -25.72 15.61
C GLY A 311 33.10 -26.46 15.50
N ILE A 312 32.02 -25.76 15.82
CA ILE A 312 30.68 -26.26 15.60
C ILE A 312 29.84 -25.07 15.19
N TYR A 313 29.09 -25.24 14.12
CA TYR A 313 28.42 -24.13 13.46
C TYR A 313 26.95 -24.44 13.29
N GLN A 314 26.11 -23.46 13.60
CA GLN A 314 24.68 -23.58 13.34
C GLN A 314 24.44 -23.22 11.89
N THR A 315 23.77 -24.11 11.17
CA THR A 315 23.80 -24.03 9.73
C THR A 315 22.40 -23.82 9.17
N SER A 316 21.39 -24.35 9.84
CA SER A 316 20.01 -24.25 9.38
C SER A 316 19.10 -24.74 10.49
N ASN A 317 17.81 -24.80 10.20
CA ASN A 317 16.84 -25.42 11.08
C ASN A 317 16.31 -26.67 10.42
N PHE A 318 15.56 -27.44 11.19
CA PHE A 318 14.96 -28.69 10.75
C PHE A 318 13.57 -28.74 11.35
N ARG A 319 12.62 -29.29 10.59
CA ARG A 319 11.26 -29.39 11.07
C ARG A 319 10.54 -30.50 10.33
N VAL A 320 9.78 -31.28 11.08
CA VAL A 320 8.98 -32.35 10.49
C VAL A 320 7.75 -31.74 9.85
N GLN A 321 7.32 -32.34 8.74
CA GLN A 321 6.23 -31.77 7.98
C GLN A 321 4.92 -32.51 8.22
N PRO A 322 3.79 -31.81 8.20
CA PRO A 322 2.49 -32.45 8.46
C PRO A 322 1.97 -33.15 7.21
N THR A 323 1.28 -34.27 7.42
CA THR A 323 0.58 -34.99 6.37
C THR A 323 -0.86 -35.20 6.78
N GLU A 324 -1.60 -36.00 6.00
CA GLU A 324 -2.82 -36.62 6.50
C GLU A 324 -3.84 -35.67 7.09
N SER A 325 -4.02 -34.47 6.53
CA SER A 325 -4.88 -33.44 7.09
C SER A 325 -6.26 -33.99 7.42
N ILE A 326 -6.74 -33.72 8.64
CA ILE A 326 -8.03 -34.22 9.11
C ILE A 326 -8.96 -33.06 9.41
N VAL A 327 -10.25 -33.41 9.52
CA VAL A 327 -11.33 -32.46 9.79
C VAL A 327 -12.38 -33.19 10.62
N ARG A 328 -12.88 -32.52 11.66
CA ARG A 328 -13.78 -33.16 12.59
C ARG A 328 -14.91 -32.23 12.99
N PHE A 329 -16.13 -32.77 12.99
CA PHE A 329 -17.35 -32.01 13.26
C PHE A 329 -18.33 -32.90 14.02
N PRO A 330 -19.37 -32.34 14.63
CA PRO A 330 -20.37 -33.15 15.31
C PRO A 330 -21.28 -33.90 14.33
N ASN A 331 -22.01 -34.87 14.87
CA ASN A 331 -22.91 -35.68 14.08
C ASN A 331 -24.00 -34.83 13.43
N ILE A 332 -25.19 -35.39 13.26
CA ILE A 332 -26.30 -34.66 12.64
C ILE A 332 -27.66 -35.20 13.05
N THR A 333 -28.56 -34.30 13.42
CA THR A 333 -29.91 -34.67 13.82
C THR A 333 -30.93 -33.83 13.05
N ASN A 334 -30.80 -32.52 13.15
CA ASN A 334 -31.70 -31.61 12.45
C ASN A 334 -31.38 -31.60 10.95
N LEU A 335 -31.24 -32.80 10.40
CA LEU A 335 -30.90 -32.95 8.98
C LEU A 335 -31.92 -32.20 8.13
N CYS A 336 -33.04 -31.84 8.75
CA CYS A 336 -34.14 -31.11 8.12
C CYS A 336 -34.90 -32.04 7.18
N PRO A 337 -36.23 -32.12 7.30
CA PRO A 337 -36.93 -33.02 6.39
C PRO A 337 -37.54 -32.31 5.19
N PHE A 338 -37.21 -32.77 4.00
CA PHE A 338 -37.74 -32.19 2.77
C PHE A 338 -38.81 -33.14 2.23
N GLY A 339 -38.64 -34.42 2.53
CA GLY A 339 -39.58 -35.45 2.14
C GLY A 339 -40.95 -35.30 2.74
N GLU A 340 -41.34 -34.09 3.16
CA GLU A 340 -42.72 -33.79 3.49
C GLU A 340 -43.31 -32.77 2.53
N VAL A 341 -42.53 -31.78 2.10
CA VAL A 341 -43.02 -30.78 1.15
C VAL A 341 -42.82 -31.27 -0.28
N PHE A 342 -41.73 -32.00 -0.51
CA PHE A 342 -41.50 -32.59 -1.82
C PHE A 342 -42.05 -34.01 -1.92
N ASN A 343 -42.72 -34.49 -0.87
CA ASN A 343 -43.28 -35.83 -0.86
C ASN A 343 -44.66 -35.88 -0.23
N ALA A 344 -45.50 -34.90 -0.54
CA ALA A 344 -46.84 -34.86 0.03
C ALA A 344 -47.81 -35.67 -0.82
N THR A 345 -48.87 -36.18 -0.15
CA THR A 345 -49.89 -36.93 -0.86
C THR A 345 -50.92 -36.02 -1.53
N ARG A 346 -51.11 -34.81 -1.01
CA ARG A 346 -52.06 -33.87 -1.57
C ARG A 346 -51.48 -32.47 -1.46
N PHE A 347 -51.28 -31.83 -2.60
CA PHE A 347 -50.73 -30.48 -2.63
C PHE A 347 -51.78 -29.45 -2.25
N ALA A 348 -51.47 -28.18 -2.49
CA ALA A 348 -52.39 -27.10 -2.16
C ALA A 348 -52.80 -26.31 -3.41
N SER A 349 -53.99 -25.74 -3.37
CA SER A 349 -54.50 -24.97 -4.49
C SER A 349 -53.51 -23.90 -4.93
N VAL A 350 -53.81 -23.22 -6.03
CA VAL A 350 -52.93 -22.16 -6.54
C VAL A 350 -53.33 -20.79 -6.00
N TYR A 351 -54.59 -20.66 -5.61
CA TYR A 351 -55.10 -19.41 -5.07
C TYR A 351 -54.97 -19.33 -3.56
N ALA A 352 -54.77 -20.44 -2.88
CA ALA A 352 -54.38 -20.44 -1.47
C ALA A 352 -53.18 -21.35 -1.33
N TRP A 353 -52.01 -20.86 -1.68
CA TRP A 353 -50.83 -21.68 -1.66
C TRP A 353 -50.46 -21.99 -0.23
N ASN A 354 -49.59 -22.96 -0.04
CA ASN A 354 -49.21 -23.17 1.35
C ASN A 354 -48.00 -22.33 1.68
N ARG A 355 -47.56 -22.40 2.93
CA ARG A 355 -46.38 -21.63 3.33
C ARG A 355 -45.74 -22.32 4.52
N LYS A 356 -44.68 -23.08 4.26
CA LYS A 356 -43.94 -23.77 5.32
C LYS A 356 -42.70 -22.93 5.61
N ARG A 357 -42.39 -22.72 6.88
CA ARG A 357 -41.24 -21.91 7.23
C ARG A 357 -40.15 -22.83 7.73
N ILE A 358 -39.36 -23.36 6.81
CA ILE A 358 -38.21 -24.15 7.21
C ILE A 358 -37.33 -23.29 8.12
N SER A 359 -36.71 -23.94 9.09
CA SER A 359 -36.00 -23.21 10.15
C SER A 359 -34.68 -23.92 10.41
N ASN A 360 -34.05 -23.60 11.54
CA ASN A 360 -32.74 -24.12 11.92
C ASN A 360 -32.63 -25.62 11.70
N CYS A 361 -31.72 -26.02 10.84
CA CYS A 361 -31.63 -27.38 10.32
C CYS A 361 -30.33 -27.50 9.53
N VAL A 362 -30.11 -28.66 8.94
CA VAL A 362 -29.03 -28.85 7.98
C VAL A 362 -29.66 -29.17 6.63
N ALA A 363 -29.65 -28.19 5.73
CA ALA A 363 -30.29 -28.31 4.44
C ALA A 363 -29.29 -28.77 3.40
N ASP A 364 -29.67 -29.78 2.63
CA ASP A 364 -28.81 -30.37 1.61
C ASP A 364 -29.48 -30.20 0.24
N TYR A 365 -29.26 -29.04 -0.37
CA TYR A 365 -29.86 -28.78 -1.67
C TYR A 365 -29.24 -29.61 -2.78
N SER A 366 -28.27 -30.47 -2.47
CA SER A 366 -27.73 -31.32 -3.52
C SER A 366 -28.67 -32.45 -3.87
N VAL A 367 -29.29 -33.08 -2.85
CA VAL A 367 -30.27 -34.13 -3.12
C VAL A 367 -31.40 -33.58 -3.96
N LEU A 368 -31.69 -32.29 -3.84
CA LEU A 368 -32.63 -31.66 -4.73
C LEU A 368 -32.02 -31.47 -6.11
N TYR A 369 -30.89 -30.79 -6.16
CA TYR A 369 -30.36 -30.31 -7.43
C TYR A 369 -30.08 -31.45 -8.41
N ASN A 370 -29.65 -32.59 -7.90
CA ASN A 370 -29.24 -33.66 -8.80
C ASN A 370 -30.29 -34.75 -8.93
N SER A 371 -31.50 -34.53 -8.43
CA SER A 371 -32.46 -35.62 -8.42
C SER A 371 -32.99 -35.94 -9.79
N ALA A 372 -32.81 -35.07 -10.76
CA ALA A 372 -33.13 -35.32 -12.16
C ALA A 372 -34.60 -35.64 -12.37
N SER A 373 -35.40 -35.61 -11.32
CA SER A 373 -36.83 -35.81 -11.43
C SER A 373 -37.58 -34.52 -11.64
N PHE A 374 -36.91 -33.39 -11.55
CA PHE A 374 -37.53 -32.09 -11.65
C PHE A 374 -37.46 -31.61 -13.08
N SER A 375 -38.58 -31.16 -13.61
CA SER A 375 -38.59 -30.63 -14.95
C SER A 375 -38.12 -29.20 -15.01
N THR A 376 -38.12 -28.48 -13.89
CA THR A 376 -37.68 -27.10 -13.91
C THR A 376 -37.00 -26.80 -12.59
N PHE A 377 -35.75 -26.34 -12.63
CA PHE A 377 -35.03 -25.97 -11.42
C PHE A 377 -34.25 -24.70 -11.72
N LYS A 378 -34.87 -23.55 -11.50
CA LYS A 378 -34.22 -22.28 -11.77
C LYS A 378 -33.84 -21.63 -10.47
N CYS A 379 -32.64 -21.08 -10.38
CA CYS A 379 -32.23 -20.32 -9.22
C CYS A 379 -31.90 -18.91 -9.64
N TYR A 380 -32.36 -17.93 -8.86
CA TYR A 380 -32.27 -16.55 -9.28
C TYR A 380 -31.29 -15.72 -8.49
N GLY A 381 -31.44 -15.63 -7.19
CA GLY A 381 -30.50 -14.84 -6.43
C GLY A 381 -29.13 -15.48 -6.45
N VAL A 382 -29.08 -16.79 -6.61
CA VAL A 382 -27.87 -17.56 -6.36
C VAL A 382 -27.88 -18.84 -7.18
N SER A 383 -26.82 -19.07 -7.93
CA SER A 383 -26.72 -20.27 -8.75
C SER A 383 -26.78 -21.52 -7.88
N PRO A 384 -27.26 -22.64 -8.42
CA PRO A 384 -27.64 -23.77 -7.55
C PRO A 384 -26.50 -24.44 -6.83
N THR A 385 -25.33 -24.59 -7.44
CA THR A 385 -24.29 -25.41 -6.83
C THR A 385 -23.72 -24.79 -5.57
N LYS A 386 -23.87 -23.48 -5.39
CA LYS A 386 -23.34 -22.79 -4.22
C LYS A 386 -24.35 -22.68 -3.09
N LEU A 387 -25.44 -23.45 -3.13
CA LEU A 387 -26.40 -23.40 -2.05
C LEU A 387 -25.91 -24.16 -0.83
N ASN A 388 -25.22 -25.27 -1.05
CA ASN A 388 -24.70 -26.09 0.03
C ASN A 388 -23.39 -25.53 0.59
N ASP A 389 -23.26 -24.20 0.55
CA ASP A 389 -22.07 -23.54 1.06
C ASP A 389 -22.39 -22.16 1.61
N LEU A 390 -23.68 -21.90 1.81
CA LEU A 390 -24.13 -20.62 2.34
C LEU A 390 -25.10 -20.81 3.50
N CYS A 391 -25.31 -19.75 4.28
CA CYS A 391 -26.20 -19.79 5.42
C CYS A 391 -27.09 -18.56 5.47
N PHE A 392 -28.37 -18.77 5.77
CA PHE A 392 -29.32 -17.66 5.85
C PHE A 392 -30.02 -17.65 7.21
N THR A 393 -31.10 -16.87 7.30
CA THR A 393 -31.86 -16.77 8.54
C THR A 393 -33.12 -17.63 8.50
N ASN A 394 -33.81 -17.59 7.36
CA ASN A 394 -35.02 -18.37 7.19
C ASN A 394 -35.11 -18.82 5.75
N VAL A 395 -35.70 -19.99 5.54
CA VAL A 395 -36.08 -20.46 4.23
C VAL A 395 -37.57 -20.66 4.27
N TYR A 396 -38.27 -20.14 3.31
CA TYR A 396 -39.68 -20.41 3.21
C TYR A 396 -39.91 -21.32 2.02
N ALA A 397 -40.89 -22.19 2.10
CA ALA A 397 -41.22 -23.04 0.99
C ALA A 397 -42.71 -22.91 0.70
N ASP A 398 -43.05 -22.46 -0.50
CA ASP A 398 -44.44 -22.35 -0.89
C ASP A 398 -44.78 -23.45 -1.88
N SER A 399 -46.00 -23.97 -1.79
CA SER A 399 -46.37 -25.15 -2.56
C SER A 399 -47.72 -24.94 -3.22
N PHE A 400 -47.85 -25.36 -4.48
CA PHE A 400 -49.15 -25.33 -5.13
C PHE A 400 -49.11 -26.14 -6.42
N VAL A 401 -50.21 -26.09 -7.17
CA VAL A 401 -50.41 -26.88 -8.37
C VAL A 401 -50.98 -25.99 -9.46
N ILE A 402 -50.37 -26.01 -10.65
CA ILE A 402 -50.83 -25.18 -11.75
C ILE A 402 -50.86 -26.01 -13.03
N ARG A 403 -51.18 -25.36 -14.13
CA ARG A 403 -51.12 -25.99 -15.43
C ARG A 403 -49.69 -26.22 -15.83
N GLY A 404 -49.49 -26.84 -16.99
CA GLY A 404 -48.14 -27.10 -17.43
C GLY A 404 -47.47 -25.89 -18.01
N ASP A 405 -48.22 -25.06 -18.72
CA ASP A 405 -47.60 -23.94 -19.39
C ASP A 405 -47.76 -22.64 -18.63
N GLU A 406 -48.16 -22.70 -17.37
CA GLU A 406 -48.12 -21.52 -16.51
C GLU A 406 -46.93 -21.57 -15.57
N VAL A 407 -45.98 -22.46 -15.80
CA VAL A 407 -44.80 -22.44 -14.95
C VAL A 407 -43.86 -21.33 -15.34
N ARG A 408 -44.17 -20.66 -16.45
CA ARG A 408 -43.35 -19.55 -16.92
C ARG A 408 -43.68 -18.27 -16.18
N GLN A 409 -44.83 -18.23 -15.51
CA GLN A 409 -45.21 -17.03 -14.78
C GLN A 409 -44.75 -17.05 -13.35
N ILE A 410 -44.13 -18.12 -12.90
CA ILE A 410 -43.54 -18.17 -11.56
C ILE A 410 -42.08 -17.74 -11.74
N ALA A 411 -41.87 -16.46 -11.77
CA ALA A 411 -40.56 -15.88 -12.02
C ALA A 411 -40.66 -14.40 -11.71
N PRO A 412 -39.57 -13.73 -11.37
CA PRO A 412 -39.68 -12.31 -11.02
C PRO A 412 -39.97 -11.48 -12.27
N GLY A 413 -40.99 -10.64 -12.17
CA GLY A 413 -41.36 -9.81 -13.29
C GLY A 413 -42.07 -10.51 -14.42
N GLN A 414 -43.26 -11.06 -14.17
CA GLN A 414 -44.11 -11.62 -15.20
C GLN A 414 -45.53 -11.09 -15.04
N THR A 415 -46.38 -11.43 -16.00
CA THR A 415 -47.79 -11.08 -15.95
C THR A 415 -48.60 -12.26 -16.47
N GLY A 416 -49.90 -12.21 -16.20
CA GLY A 416 -50.79 -13.31 -16.47
C GLY A 416 -51.66 -13.62 -15.28
N LYS A 417 -52.73 -14.36 -15.56
CA LYS A 417 -53.74 -14.72 -14.56
C LYS A 417 -53.17 -15.31 -13.28
N ILE A 418 -52.02 -15.94 -13.37
CA ILE A 418 -51.42 -16.54 -12.18
C ILE A 418 -50.59 -15.52 -11.42
N ALA A 419 -49.67 -14.86 -12.11
CA ALA A 419 -48.79 -13.94 -11.42
C ALA A 419 -49.49 -12.64 -11.08
N ASP A 420 -50.55 -12.30 -11.79
CA ASP A 420 -51.26 -11.07 -11.46
C ASP A 420 -51.99 -11.21 -10.15
N TYR A 421 -52.97 -12.09 -10.07
CA TYR A 421 -53.63 -12.34 -8.82
C TYR A 421 -53.80 -13.83 -8.59
N ASN A 422 -52.71 -14.55 -8.33
CA ASN A 422 -52.76 -15.75 -7.52
C ASN A 422 -51.54 -15.84 -6.64
N TYR A 423 -50.37 -15.53 -7.20
CA TYR A 423 -49.11 -15.71 -6.51
C TYR A 423 -48.06 -14.84 -7.18
N LYS A 424 -47.61 -13.79 -6.52
CA LYS A 424 -46.68 -12.83 -7.09
C LYS A 424 -45.36 -12.89 -6.36
N LEU A 425 -44.27 -12.98 -7.11
CA LEU A 425 -42.87 -13.04 -6.71
C LEU A 425 -42.23 -11.66 -6.77
N PRO A 426 -41.54 -11.20 -5.74
CA PRO A 426 -40.99 -9.85 -5.78
C PRO A 426 -39.98 -9.72 -6.90
N ASP A 427 -39.57 -8.49 -7.15
CA ASP A 427 -38.73 -8.23 -8.30
C ASP A 427 -37.25 -8.42 -8.02
N ASP A 428 -36.86 -8.62 -6.77
CA ASP A 428 -35.50 -8.98 -6.40
C ASP A 428 -35.45 -10.32 -5.69
N PHE A 429 -36.16 -11.29 -6.24
CA PHE A 429 -36.25 -12.61 -5.63
C PHE A 429 -34.87 -13.16 -5.36
N THR A 430 -34.79 -14.06 -4.40
CA THR A 430 -33.50 -14.66 -4.05
C THR A 430 -33.44 -16.17 -4.15
N GLY A 431 -34.56 -16.86 -4.05
CA GLY A 431 -34.54 -18.29 -3.89
C GLY A 431 -34.43 -19.05 -5.18
N CYS A 432 -35.10 -20.19 -5.24
CA CYS A 432 -35.16 -21.02 -6.42
C CYS A 432 -36.56 -21.54 -6.62
N VAL A 433 -36.89 -21.89 -7.84
CA VAL A 433 -38.21 -22.36 -8.24
C VAL A 433 -38.05 -23.75 -8.79
N ILE A 434 -38.82 -24.71 -8.28
CA ILE A 434 -38.72 -26.10 -8.69
C ILE A 434 -40.10 -26.57 -9.12
N ALA A 435 -40.14 -27.37 -10.18
CA ALA A 435 -41.43 -27.79 -10.71
C ALA A 435 -41.31 -29.13 -11.40
N TRP A 436 -42.32 -29.97 -11.21
CA TRP A 436 -42.28 -31.27 -11.88
C TRP A 436 -43.69 -31.71 -12.24
N ASN A 437 -43.79 -32.50 -13.30
CA ASN A 437 -45.08 -32.94 -13.78
C ASN A 437 -45.68 -33.95 -12.84
N SER A 438 -46.99 -33.90 -12.69
CA SER A 438 -47.67 -34.80 -11.79
C SER A 438 -48.98 -35.27 -12.38
N ASN A 439 -48.95 -35.69 -13.65
CA ASN A 439 -50.20 -36.05 -14.30
C ASN A 439 -50.88 -37.23 -13.64
N ASN A 440 -50.11 -38.21 -13.17
CA ASN A 440 -50.73 -39.44 -12.70
C ASN A 440 -51.34 -39.30 -11.33
N LEU A 441 -50.91 -38.32 -10.54
CA LEU A 441 -51.41 -38.14 -9.19
C LEU A 441 -52.62 -37.25 -9.12
N ASP A 442 -52.68 -36.18 -9.91
CA ASP A 442 -53.65 -35.13 -9.71
C ASP A 442 -54.78 -35.14 -10.73
N SER A 443 -54.60 -35.82 -11.85
CA SER A 443 -55.61 -35.83 -12.89
C SER A 443 -56.38 -37.13 -12.85
N LYS A 444 -57.70 -37.04 -12.88
CA LYS A 444 -58.51 -38.24 -12.77
C LYS A 444 -59.60 -38.23 -13.83
N VAL A 445 -59.92 -39.41 -14.33
CA VAL A 445 -60.88 -39.56 -15.41
C VAL A 445 -62.20 -38.92 -14.99
N GLY A 446 -62.83 -38.22 -15.91
CA GLY A 446 -63.99 -37.44 -15.63
C GLY A 446 -63.70 -36.03 -15.18
N GLY A 447 -62.44 -35.72 -14.88
CA GLY A 447 -62.09 -34.37 -14.54
C GLY A 447 -61.95 -34.15 -13.05
N ASN A 448 -60.80 -33.68 -12.63
CA ASN A 448 -60.54 -33.38 -11.23
C ASN A 448 -60.87 -31.91 -11.02
N TYR A 449 -62.08 -31.65 -10.53
CA TYR A 449 -62.54 -30.28 -10.32
C TYR A 449 -62.27 -29.73 -8.92
N ASN A 450 -61.20 -30.20 -8.28
CA ASN A 450 -60.88 -29.71 -6.95
C ASN A 450 -59.72 -28.73 -6.94
N TYR A 451 -59.18 -28.39 -8.09
CA TYR A 451 -58.04 -27.50 -8.18
C TYR A 451 -58.49 -26.20 -8.84
N LEU A 452 -58.70 -25.17 -8.03
CA LEU A 452 -59.25 -23.92 -8.50
C LEU A 452 -58.17 -22.87 -8.62
N TYR A 453 -58.52 -21.77 -9.27
CA TYR A 453 -57.66 -20.61 -9.35
C TYR A 453 -58.54 -19.38 -9.45
N ARG A 454 -57.99 -18.25 -9.05
CA ARG A 454 -58.72 -16.99 -9.09
C ARG A 454 -58.49 -16.33 -10.42
N LEU A 455 -59.56 -15.86 -11.05
CA LEU A 455 -59.43 -15.26 -12.36
C LEU A 455 -59.93 -13.84 -12.44
N PHE A 456 -60.42 -13.26 -11.35
CA PHE A 456 -60.83 -11.87 -11.32
C PHE A 456 -60.38 -11.26 -10.00
N ARG A 457 -59.74 -10.10 -10.06
CA ARG A 457 -59.45 -9.36 -8.84
C ARG A 457 -59.40 -7.88 -9.15
N LYS A 458 -59.64 -7.07 -8.12
CA LYS A 458 -59.59 -5.62 -8.29
C LYS A 458 -58.22 -5.14 -8.70
N SER A 459 -57.17 -5.65 -8.06
CA SER A 459 -55.84 -5.13 -8.30
C SER A 459 -54.82 -6.24 -8.08
N ASN A 460 -53.75 -6.18 -8.86
CA ASN A 460 -52.72 -7.20 -8.79
C ASN A 460 -52.15 -7.29 -7.38
N LEU A 461 -51.64 -8.47 -7.06
CA LEU A 461 -51.19 -8.74 -5.70
C LEU A 461 -49.88 -8.02 -5.43
N LYS A 462 -49.68 -7.67 -4.16
CA LYS A 462 -48.34 -7.34 -3.73
C LYS A 462 -47.54 -8.63 -3.65
N PRO A 463 -46.22 -8.57 -3.77
CA PRO A 463 -45.43 -9.81 -3.72
C PRO A 463 -45.64 -10.56 -2.42
N PHE A 464 -45.88 -11.86 -2.55
CA PHE A 464 -46.07 -12.76 -1.40
C PHE A 464 -47.34 -12.46 -0.63
N GLU A 465 -48.29 -11.80 -1.28
CA GLU A 465 -49.58 -11.53 -0.67
C GLU A 465 -50.55 -12.63 -1.06
N ARG A 466 -51.56 -12.84 -0.21
CA ARG A 466 -52.45 -13.98 -0.34
C ARG A 466 -53.89 -13.55 -0.11
N ASP A 467 -54.82 -14.12 -0.87
CA ASP A 467 -56.19 -13.63 -0.90
C ASP A 467 -57.15 -14.80 -1.10
N ILE A 468 -57.79 -15.25 -0.03
CA ILE A 468 -58.68 -16.39 -0.08
C ILE A 468 -60.14 -15.99 0.00
N SER A 469 -60.45 -14.72 -0.20
CA SER A 469 -61.84 -14.30 -0.11
C SER A 469 -62.62 -14.85 -1.29
N THR A 470 -63.95 -14.77 -1.19
CA THR A 470 -64.82 -15.35 -2.20
C THR A 470 -66.00 -14.43 -2.47
N GLU A 471 -65.73 -13.13 -2.55
CA GLU A 471 -66.78 -12.17 -2.82
C GLU A 471 -67.10 -12.15 -4.30
N ILE A 472 -68.36 -11.90 -4.62
CA ILE A 472 -68.78 -11.83 -6.02
C ILE A 472 -68.14 -10.63 -6.67
N TYR A 473 -67.39 -10.87 -7.74
CA TYR A 473 -66.68 -9.80 -8.42
C TYR A 473 -67.68 -8.97 -9.21
N GLN A 474 -67.37 -7.70 -9.40
CA GLN A 474 -68.27 -6.74 -10.03
C GLN A 474 -67.53 -6.09 -11.18
N ALA A 475 -67.81 -6.55 -12.39
CA ALA A 475 -67.11 -6.01 -13.54
C ALA A 475 -67.66 -4.65 -13.93
N GLY A 476 -68.94 -4.58 -14.27
CA GLY A 476 -69.58 -3.34 -14.65
C GLY A 476 -69.83 -2.44 -13.46
N SER A 477 -70.45 -1.30 -13.74
CA SER A 477 -70.72 -0.32 -12.71
C SER A 477 -71.89 -0.72 -11.81
N THR A 478 -72.76 -1.57 -12.29
CA THR A 478 -73.94 -1.93 -11.53
C THR A 478 -73.55 -2.72 -10.29
N PRO A 479 -74.05 -2.37 -9.12
CA PRO A 479 -73.75 -3.16 -7.92
C PRO A 479 -74.33 -4.55 -8.01
N CYS A 480 -73.71 -5.48 -7.27
CA CYS A 480 -74.01 -6.89 -7.43
C CYS A 480 -74.92 -7.45 -6.37
N ASN A 481 -74.83 -7.00 -5.13
CA ASN A 481 -75.69 -7.47 -4.05
C ASN A 481 -75.59 -8.97 -3.85
N GLY A 482 -74.38 -9.52 -4.02
CA GLY A 482 -74.16 -10.91 -3.66
C GLY A 482 -74.87 -11.93 -4.52
N VAL A 483 -75.40 -11.55 -5.67
CA VAL A 483 -76.01 -12.52 -6.57
C VAL A 483 -75.30 -12.43 -7.91
N GLU A 484 -75.27 -13.55 -8.62
CA GLU A 484 -74.63 -13.63 -9.92
C GLU A 484 -75.45 -12.92 -10.97
N GLY A 485 -74.90 -12.85 -12.17
CA GLY A 485 -75.57 -12.19 -13.27
C GLY A 485 -74.56 -11.55 -14.19
N PHE A 486 -75.06 -10.84 -15.18
CA PHE A 486 -74.17 -10.14 -16.10
C PHE A 486 -73.32 -9.16 -15.32
N ASN A 487 -72.02 -9.17 -15.58
CA ASN A 487 -71.07 -8.29 -14.92
C ASN A 487 -71.07 -8.48 -13.41
N CYS A 488 -71.51 -9.65 -12.95
CA CYS A 488 -71.40 -10.04 -11.54
C CYS A 488 -71.01 -11.51 -11.54
N TYR A 489 -69.73 -11.78 -11.37
CA TYR A 489 -69.16 -13.10 -11.61
C TYR A 489 -68.57 -13.68 -10.34
N PHE A 490 -68.76 -14.97 -10.16
CA PHE A 490 -68.02 -15.70 -9.15
C PHE A 490 -66.54 -15.67 -9.52
N PRO A 491 -65.65 -15.45 -8.57
CA PRO A 491 -64.26 -15.17 -8.94
C PRO A 491 -63.35 -16.38 -9.05
N LEU A 492 -63.83 -17.61 -8.86
CA LEU A 492 -62.96 -18.76 -8.88
C LEU A 492 -63.38 -19.73 -9.97
N GLN A 493 -62.41 -20.24 -10.71
CA GLN A 493 -62.66 -21.24 -11.73
C GLN A 493 -61.87 -22.47 -11.37
N SER A 494 -62.15 -23.59 -12.02
CA SER A 494 -61.50 -24.84 -11.67
C SER A 494 -60.90 -25.46 -12.92
N TYR A 495 -59.62 -25.82 -12.85
CA TYR A 495 -59.01 -26.68 -13.84
C TYR A 495 -59.79 -27.98 -13.84
N GLY A 496 -60.32 -28.38 -14.97
CA GLY A 496 -60.82 -29.74 -14.98
C GLY A 496 -59.75 -30.62 -15.57
N PHE A 497 -58.92 -31.22 -14.73
CA PHE A 497 -57.80 -31.98 -15.24
C PHE A 497 -58.28 -33.36 -15.66
N GLN A 498 -57.76 -33.83 -16.78
CA GLN A 498 -58.13 -35.14 -17.25
C GLN A 498 -56.91 -35.84 -17.80
N PRO A 499 -56.80 -37.16 -17.63
CA PRO A 499 -55.54 -37.82 -17.95
C PRO A 499 -55.20 -37.80 -19.42
N THR A 500 -56.17 -37.63 -20.30
CA THR A 500 -55.88 -37.55 -21.73
C THR A 500 -55.76 -36.10 -22.18
N ASN A 501 -54.97 -35.30 -21.49
CA ASN A 501 -54.71 -33.92 -21.87
C ASN A 501 -53.31 -33.81 -22.44
N GLY A 502 -53.18 -33.05 -23.51
CA GLY A 502 -51.87 -32.76 -24.03
C GLY A 502 -51.00 -32.08 -22.99
N VAL A 503 -49.70 -32.31 -23.10
CA VAL A 503 -48.78 -31.65 -22.19
C VAL A 503 -48.98 -30.15 -22.30
N GLY A 504 -48.73 -29.43 -21.21
CA GLY A 504 -49.12 -28.06 -21.15
C GLY A 504 -50.56 -27.86 -20.74
N TYR A 505 -51.31 -28.93 -20.57
CA TYR A 505 -52.56 -28.88 -19.84
C TYR A 505 -52.61 -29.90 -18.73
N GLN A 506 -51.55 -30.60 -18.47
CA GLN A 506 -51.51 -31.53 -17.37
C GLN A 506 -50.98 -30.84 -16.12
N PRO A 507 -51.34 -31.32 -14.96
CA PRO A 507 -51.00 -30.58 -13.74
C PRO A 507 -49.53 -30.70 -13.41
N TYR A 508 -48.95 -29.58 -13.00
CA TYR A 508 -47.57 -29.53 -12.57
C TYR A 508 -47.58 -29.10 -11.11
N ARG A 509 -46.74 -29.72 -10.30
CA ARG A 509 -46.61 -29.28 -8.92
C ARG A 509 -45.39 -28.40 -8.79
N VAL A 510 -45.52 -27.32 -8.03
CA VAL A 510 -44.50 -26.29 -7.94
C VAL A 510 -44.18 -26.04 -6.48
N VAL A 511 -42.89 -25.85 -6.20
CA VAL A 511 -42.38 -25.48 -4.89
C VAL A 511 -41.43 -24.32 -5.08
N VAL A 512 -41.64 -23.25 -4.36
CA VAL A 512 -40.84 -22.04 -4.49
C VAL A 512 -40.09 -21.86 -3.18
N LEU A 513 -38.78 -22.03 -3.19
CA LEU A 513 -37.98 -21.80 -2.01
C LEU A 513 -37.48 -20.38 -2.02
N SER A 514 -37.66 -19.70 -0.91
CA SER A 514 -37.29 -18.30 -0.80
C SER A 514 -36.40 -18.13 0.41
N PHE A 515 -35.12 -17.88 0.18
CA PHE A 515 -34.18 -17.68 1.28
C PHE A 515 -34.23 -16.23 1.68
N GLU A 516 -34.44 -15.95 2.94
CA GLU A 516 -34.46 -14.59 3.40
C GLU A 516 -33.41 -14.38 4.48
N LEU A 517 -32.93 -13.15 4.60
CA LEU A 517 -31.92 -12.81 5.59
C LEU A 517 -32.28 -11.53 6.35
N LEU A 518 -33.06 -11.68 7.42
CA LEU A 518 -33.45 -10.53 8.22
C LEU A 518 -32.25 -9.83 8.84
N HIS A 519 -32.04 -10.03 10.13
CA HIS A 519 -30.92 -9.43 10.83
C HIS A 519 -30.61 -10.17 12.13
N ALA A 520 -30.86 -11.48 12.13
CA ALA A 520 -30.60 -12.30 13.30
C ALA A 520 -29.12 -12.61 13.46
N PRO A 521 -28.79 -13.63 14.24
CA PRO A 521 -27.39 -13.99 14.47
C PRO A 521 -26.92 -15.13 13.56
N ALA A 522 -27.87 -15.90 13.03
CA ALA A 522 -27.57 -17.03 12.16
C ALA A 522 -28.77 -17.94 12.00
N THR A 523 -28.60 -19.02 11.23
CA THR A 523 -29.67 -19.97 11.02
C THR A 523 -29.21 -21.12 10.12
N VAL A 524 -30.16 -21.86 9.57
CA VAL A 524 -29.86 -22.99 8.69
C VAL A 524 -28.69 -22.76 7.73
N CYS A 525 -27.83 -23.76 7.58
CA CYS A 525 -26.80 -23.78 6.55
C CYS A 525 -26.57 -25.20 6.04
N GLY A 526 -25.75 -25.31 4.99
CA GLY A 526 -25.45 -26.57 4.37
C GLY A 526 -24.50 -27.43 5.17
N PRO A 527 -24.58 -28.73 4.93
CA PRO A 527 -23.75 -29.71 5.66
C PRO A 527 -22.26 -29.58 5.44
N LYS A 528 -21.49 -30.21 6.33
CA LYS A 528 -20.03 -30.19 6.24
C LYS A 528 -19.48 -31.59 6.47
N LYS A 529 -18.84 -32.14 5.44
CA LYS A 529 -18.25 -33.47 5.54
C LYS A 529 -17.00 -33.44 6.39
N SER A 530 -16.69 -34.57 7.01
CA SER A 530 -15.51 -34.68 7.86
C SER A 530 -14.60 -35.80 7.37
N THR A 531 -13.86 -36.40 8.30
CA THR A 531 -12.95 -37.48 7.97
C THR A 531 -12.65 -38.31 9.21
N ASN A 532 -11.55 -39.05 9.16
CA ASN A 532 -11.15 -39.89 10.28
C ASN A 532 -10.02 -39.22 11.05
N LEU A 533 -10.01 -39.37 12.36
CA LEU A 533 -8.96 -38.76 13.17
C LEU A 533 -7.81 -39.73 13.26
N VAL A 534 -6.61 -39.25 12.94
CA VAL A 534 -5.41 -40.07 13.03
C VAL A 534 -4.65 -39.65 14.29
N LYS A 535 -3.68 -40.45 14.70
CA LYS A 535 -2.92 -40.13 15.90
C LYS A 535 -1.45 -40.41 15.65
N ASN A 536 -0.62 -39.80 16.49
CA ASN A 536 0.82 -40.01 16.53
C ASN A 536 1.52 -39.62 15.25
N LYS A 537 0.99 -38.64 14.51
CA LYS A 537 1.62 -38.13 13.30
C LYS A 537 1.39 -36.63 13.23
N CYS A 538 2.44 -35.88 12.89
CA CYS A 538 2.26 -34.45 12.71
C CYS A 538 1.25 -34.23 11.61
N VAL A 539 0.14 -33.59 11.96
CA VAL A 539 -1.04 -33.53 11.11
C VAL A 539 -1.55 -32.10 11.12
N ASN A 540 -2.39 -31.80 10.15
CA ASN A 540 -3.04 -30.50 10.02
C ASN A 540 -4.51 -30.73 10.33
N PHE A 541 -4.99 -30.21 11.45
CA PHE A 541 -6.30 -30.58 11.96
C PHE A 541 -7.23 -29.38 12.06
N ASN A 542 -8.52 -29.70 12.05
CA ASN A 542 -9.60 -28.73 12.28
C ASN A 542 -10.67 -29.45 13.12
N PHE A 543 -10.88 -28.95 14.33
CA PHE A 543 -11.89 -29.47 15.25
C PHE A 543 -12.99 -28.44 15.40
N ASN A 544 -14.05 -28.58 14.61
CA ASN A 544 -15.20 -27.68 14.52
C ASN A 544 -14.83 -26.22 14.75
N GLY A 545 -13.80 -25.74 14.07
CA GLY A 545 -13.41 -24.35 14.19
C GLY A 545 -11.98 -24.17 14.61
N LEU A 546 -11.50 -25.01 15.52
CA LEU A 546 -10.11 -24.95 15.98
C LEU A 546 -9.21 -25.45 14.87
N THR A 547 -8.42 -24.55 14.29
CA THR A 547 -7.49 -24.90 13.23
C THR A 547 -6.09 -24.97 13.82
N GLY A 548 -5.38 -26.07 13.58
CA GLY A 548 -4.02 -26.18 14.08
C GLY A 548 -3.16 -27.22 13.42
N THR A 549 -1.96 -27.43 13.96
CA THR A 549 -1.02 -28.42 13.47
C THR A 549 -0.37 -29.11 14.66
N GLY A 550 -0.09 -30.39 14.52
CA GLY A 550 0.63 -31.08 15.55
C GLY A 550 0.31 -32.56 15.58
N VAL A 551 0.92 -33.23 16.54
CA VAL A 551 0.68 -34.62 16.86
C VAL A 551 -0.47 -34.69 17.85
N LEU A 552 -1.39 -35.63 17.61
CA LEU A 552 -2.55 -35.86 18.47
C LEU A 552 -2.28 -37.13 19.27
N THR A 553 -2.62 -37.10 20.55
CA THR A 553 -2.35 -38.25 21.41
C THR A 553 -3.50 -38.47 22.40
N GLU A 554 -3.73 -39.74 22.76
CA GLU A 554 -4.76 -40.06 23.75
C GLU A 554 -4.43 -39.40 25.08
N SER A 555 -5.43 -38.79 25.68
CA SER A 555 -5.23 -38.04 26.91
C SER A 555 -5.60 -38.86 28.14
N ASN A 556 -5.35 -38.26 29.30
CA ASN A 556 -5.85 -38.82 30.55
C ASN A 556 -6.34 -37.70 31.48
N LYS A 557 -6.62 -36.52 30.95
CA LYS A 557 -7.29 -35.46 31.68
C LYS A 557 -8.80 -35.61 31.52
N LYS A 558 -9.53 -34.87 32.36
CA LYS A 558 -10.99 -34.96 32.40
C LYS A 558 -11.57 -33.57 32.40
N PHE A 559 -12.10 -33.14 31.25
CA PHE A 559 -12.77 -31.86 31.14
C PHE A 559 -14.06 -31.85 31.97
N LEU A 560 -14.69 -30.71 32.08
CA LEU A 560 -16.07 -30.74 32.56
C LEU A 560 -17.00 -30.91 31.37
N PRO A 561 -18.15 -31.53 31.53
CA PRO A 561 -18.90 -31.96 30.35
C PRO A 561 -19.61 -30.82 29.64
N PHE A 562 -18.94 -29.69 29.53
CA PHE A 562 -19.34 -28.65 28.61
C PHE A 562 -18.15 -27.95 28.01
N GLN A 563 -16.93 -28.37 28.33
CA GLN A 563 -15.70 -27.73 27.88
C GLN A 563 -15.18 -28.46 26.66
N GLN A 564 -14.80 -27.69 25.63
CA GLN A 564 -14.36 -28.24 24.35
C GLN A 564 -12.86 -28.46 24.29
N PHE A 565 -12.07 -27.43 24.55
CA PHE A 565 -10.63 -27.53 24.46
C PHE A 565 -9.99 -26.91 25.69
N GLY A 566 -8.74 -27.32 25.95
CA GLY A 566 -7.98 -26.84 27.07
C GLY A 566 -6.82 -25.97 26.62
N ARG A 567 -6.44 -25.05 27.49
CA ARG A 567 -5.38 -24.11 27.21
C ARG A 567 -4.31 -24.20 28.27
N ASP A 568 -3.11 -23.75 27.91
CA ASP A 568 -1.98 -23.71 28.83
C ASP A 568 -1.87 -22.32 29.44
N ILE A 569 -0.94 -22.18 30.38
CA ILE A 569 -0.48 -20.88 30.82
C ILE A 569 0.34 -20.33 29.67
N ALA A 570 0.18 -19.03 29.39
CA ALA A 570 0.65 -18.37 28.17
C ALA A 570 -0.31 -18.63 27.02
N ASP A 571 -1.44 -19.28 27.30
CA ASP A 571 -2.59 -19.31 26.41
C ASP A 571 -2.35 -19.95 25.04
N THR A 572 -2.00 -21.23 25.02
CA THR A 572 -1.94 -21.98 23.77
C THR A 572 -2.79 -23.23 23.91
N THR A 573 -3.56 -23.54 22.87
CA THR A 573 -4.39 -24.74 22.87
C THR A 573 -3.54 -25.97 23.00
N ASP A 574 -3.82 -26.80 23.99
CA ASP A 574 -3.03 -28.01 24.18
C ASP A 574 -3.85 -29.28 24.35
N ALA A 575 -5.16 -29.16 24.44
CA ALA A 575 -6.02 -30.33 24.43
C ALA A 575 -7.30 -30.00 23.68
N VAL A 576 -7.93 -31.01 23.10
CA VAL A 576 -9.23 -30.86 22.47
C VAL A 576 -10.10 -32.03 22.86
N ARG A 577 -11.38 -31.92 22.53
CA ARG A 577 -12.33 -33.01 22.69
C ARG A 577 -12.91 -33.32 21.32
N ASP A 578 -12.92 -34.58 20.95
CA ASP A 578 -13.42 -34.95 19.63
C ASP A 578 -14.93 -34.88 19.64
N PRO A 579 -15.55 -34.09 18.77
CA PRO A 579 -17.00 -33.91 18.84
C PRO A 579 -17.79 -35.20 18.74
N GLN A 580 -17.37 -36.12 17.87
CA GLN A 580 -18.17 -37.31 17.60
C GLN A 580 -18.07 -38.32 18.74
N THR A 581 -16.85 -38.68 19.14
CA THR A 581 -16.69 -39.69 20.17
C THR A 581 -16.53 -39.11 21.58
N LEU A 582 -16.26 -37.80 21.69
CA LEU A 582 -16.19 -37.09 22.98
C LEU A 582 -15.06 -37.61 23.87
N GLU A 583 -13.86 -37.68 23.32
CA GLU A 583 -12.68 -38.05 24.07
C GLU A 583 -11.62 -36.97 23.96
N ILE A 584 -10.86 -36.82 25.03
CA ILE A 584 -9.89 -35.75 25.15
C ILE A 584 -8.58 -36.22 24.52
N LEU A 585 -7.98 -35.35 23.72
CA LEU A 585 -6.74 -35.63 23.02
C LEU A 585 -5.77 -34.48 23.21
N ASP A 586 -4.54 -34.79 23.59
CA ASP A 586 -3.51 -33.77 23.70
C ASP A 586 -2.93 -33.41 22.35
N ILE A 587 -2.45 -32.18 22.25
CA ILE A 587 -1.91 -31.62 21.02
C ILE A 587 -0.47 -31.22 21.31
N THR A 588 0.46 -32.01 20.85
CA THR A 588 1.83 -31.60 21.00
C THR A 588 2.39 -31.11 19.68
N PRO A 589 3.27 -30.13 19.66
CA PRO A 589 3.84 -29.68 18.38
C PRO A 589 4.72 -30.77 17.78
N CYS A 590 4.86 -30.73 16.46
CA CYS A 590 5.77 -31.64 15.80
C CYS A 590 7.15 -31.00 15.69
N SER A 591 8.15 -31.86 15.56
CA SER A 591 9.51 -31.53 15.98
C SER A 591 10.15 -30.45 15.12
N PHE A 592 10.82 -29.53 15.78
CA PHE A 592 11.67 -28.54 15.13
C PHE A 592 12.94 -28.42 15.96
N GLY A 593 13.99 -27.91 15.33
CA GLY A 593 15.23 -27.70 16.05
C GLY A 593 16.37 -27.29 15.15
N GLY A 594 17.42 -26.73 15.71
CA GLY A 594 18.56 -26.34 14.90
C GLY A 594 19.41 -27.52 14.46
N VAL A 595 20.17 -27.29 13.41
CA VAL A 595 21.12 -28.27 12.92
C VAL A 595 22.51 -27.66 12.98
N SER A 596 23.44 -28.38 13.60
CA SER A 596 24.80 -27.90 13.72
C SER A 596 25.74 -28.88 13.05
N VAL A 597 26.84 -28.37 12.51
CA VAL A 597 27.83 -29.16 11.81
C VAL A 597 29.14 -29.08 12.56
N ILE A 598 29.71 -30.24 12.89
CA ILE A 598 30.96 -30.38 13.62
C ILE A 598 32.01 -30.79 12.63
N THR A 599 33.05 -29.98 12.48
CA THR A 599 34.12 -30.23 11.54
C THR A 599 35.49 -30.07 12.20
N PRO A 600 36.42 -30.98 11.93
CA PRO A 600 37.79 -30.79 12.41
C PRO A 600 38.57 -29.69 11.70
N GLY A 601 38.00 -29.06 10.69
CA GLY A 601 38.68 -28.03 9.92
C GLY A 601 39.06 -28.60 8.57
N THR A 602 38.82 -27.83 7.51
CA THR A 602 39.02 -28.31 6.15
C THR A 602 40.49 -28.53 5.84
N ASN A 603 41.38 -28.02 6.68
CA ASN A 603 42.82 -28.18 6.56
C ASN A 603 43.28 -29.45 7.27
N THR A 604 42.34 -30.27 7.70
CA THR A 604 42.65 -31.51 8.40
C THR A 604 41.93 -32.66 7.74
N SER A 605 40.70 -32.40 7.30
CA SER A 605 39.81 -33.43 6.78
C SER A 605 38.56 -32.75 6.26
N ASN A 606 37.77 -33.50 5.51
CA ASN A 606 36.49 -33.02 5.02
C ASN A 606 35.34 -33.84 5.57
N GLN A 607 35.60 -34.73 6.51
CA GLN A 607 34.54 -35.43 7.21
C GLN A 607 33.82 -34.46 8.14
N VAL A 608 32.61 -34.86 8.52
CA VAL A 608 31.71 -33.97 9.23
C VAL A 608 30.78 -34.80 10.09
N ALA A 609 30.35 -34.24 11.21
CA ALA A 609 29.30 -34.83 12.03
C ALA A 609 28.19 -33.80 12.20
N VAL A 610 27.00 -34.27 12.52
CA VAL A 610 25.81 -33.42 12.48
C VAL A 610 25.02 -33.60 13.77
N LEU A 611 24.67 -32.50 14.42
CA LEU A 611 23.87 -32.49 15.62
C LEU A 611 22.49 -31.94 15.30
N TYR A 612 21.45 -32.73 15.56
CA TYR A 612 20.07 -32.28 15.51
C TYR A 612 19.68 -31.93 16.94
N GLN A 613 19.45 -30.66 17.21
CA GLN A 613 19.39 -30.20 18.59
C GLN A 613 18.04 -30.54 19.20
N ASP A 614 18.10 -31.11 20.39
CA ASP A 614 16.98 -31.62 21.19
C ASP A 614 15.88 -32.25 20.32
N VAL A 615 16.31 -33.09 19.40
CA VAL A 615 15.41 -33.91 18.62
C VAL A 615 15.67 -35.36 18.98
N ASN A 616 14.59 -36.12 19.17
CA ASN A 616 14.74 -37.53 19.43
C ASN A 616 15.27 -38.22 18.19
N CYS A 617 16.28 -39.06 18.39
CA CYS A 617 17.10 -39.51 17.28
C CYS A 617 16.40 -40.56 16.43
N THR A 618 15.11 -40.78 16.62
CA THR A 618 14.34 -41.77 15.87
C THR A 618 13.50 -41.11 14.79
N GLU A 619 13.49 -39.78 14.79
CA GLU A 619 12.66 -39.05 13.84
C GLU A 619 13.50 -38.06 13.05
N VAL A 620 14.74 -38.43 12.76
CA VAL A 620 15.68 -37.52 12.09
C VAL A 620 15.36 -37.43 10.60
N PRO A 621 15.26 -38.55 9.86
CA PRO A 621 14.98 -38.34 8.44
C PRO A 621 13.51 -38.47 8.11
N SER A 640 25.97 -47.18 10.39
CA SER A 640 26.44 -45.85 10.73
C SER A 640 26.37 -45.60 12.24
N ASN A 641 26.64 -44.36 12.63
CA ASN A 641 26.73 -43.97 14.03
C ASN A 641 25.62 -42.99 14.36
N VAL A 642 24.58 -43.46 15.03
CA VAL A 642 23.59 -42.59 15.63
C VAL A 642 23.72 -42.70 17.13
N PHE A 643 23.88 -41.57 17.79
CA PHE A 643 24.18 -41.52 19.20
C PHE A 643 23.27 -40.47 19.82
N GLN A 644 22.62 -40.81 20.92
CA GLN A 644 21.68 -39.92 21.56
C GLN A 644 22.35 -39.18 22.70
N THR A 645 22.14 -37.88 22.76
CA THR A 645 22.73 -37.02 23.75
C THR A 645 21.61 -36.27 24.44
N ARG A 646 21.91 -35.76 25.64
CA ARG A 646 21.03 -34.81 26.28
C ARG A 646 20.89 -33.52 25.49
N ALA A 647 21.71 -33.31 24.47
CA ALA A 647 21.69 -32.11 23.66
C ALA A 647 21.12 -32.34 22.26
N GLY A 648 20.71 -33.57 21.95
CA GLY A 648 20.17 -33.89 20.65
C GLY A 648 20.72 -35.19 20.10
N CYS A 649 20.46 -35.39 18.81
CA CYS A 649 20.92 -36.60 18.14
C CYS A 649 22.14 -36.30 17.27
N LEU A 650 23.21 -37.06 17.52
CA LEU A 650 24.49 -36.88 16.85
C LEU A 650 24.68 -37.97 15.81
N ILE A 651 25.02 -37.59 14.59
CA ILE A 651 25.21 -38.54 13.50
C ILE A 651 26.59 -38.32 12.89
N GLY A 652 27.35 -39.40 12.74
CA GLY A 652 28.64 -39.33 12.11
C GLY A 652 29.83 -39.33 13.04
N ALA A 653 29.61 -39.56 14.33
CA ALA A 653 30.67 -39.68 15.30
C ALA A 653 30.41 -40.94 16.12
N GLU A 654 31.47 -41.63 16.48
CA GLU A 654 31.34 -42.82 17.32
C GLU A 654 31.60 -42.47 18.79
N HIS A 655 30.87 -43.14 19.65
CA HIS A 655 30.96 -42.93 21.09
C HIS A 655 32.00 -43.87 21.68
N VAL A 656 32.99 -43.30 22.36
CA VAL A 656 34.04 -44.08 23.02
C VAL A 656 33.84 -44.01 24.53
N ASN A 657 34.62 -44.80 25.25
CA ASN A 657 34.50 -44.88 26.70
C ASN A 657 35.62 -44.17 27.44
N ASN A 658 36.68 -43.77 26.73
CA ASN A 658 37.75 -42.98 27.29
C ASN A 658 37.24 -41.59 27.70
N SER A 659 38.09 -40.77 28.29
CA SER A 659 37.73 -39.39 28.58
C SER A 659 38.96 -38.52 28.41
N TYR A 660 38.85 -37.52 27.56
CA TYR A 660 39.95 -36.63 27.24
C TYR A 660 39.60 -35.22 27.69
N GLU A 661 40.51 -34.30 27.43
CA GLU A 661 40.22 -32.89 27.60
C GLU A 661 39.31 -32.43 26.47
N CYS A 662 38.44 -31.49 26.77
CA CYS A 662 37.42 -31.11 25.81
C CYS A 662 38.05 -30.42 24.60
N ASP A 663 37.53 -30.76 23.43
CA ASP A 663 38.06 -30.23 22.18
C ASP A 663 37.04 -29.34 21.47
N ILE A 664 35.92 -29.93 21.10
CA ILE A 664 34.81 -29.24 20.47
C ILE A 664 33.61 -29.48 21.38
N PRO A 665 33.03 -28.46 21.96
CA PRO A 665 31.98 -28.68 22.96
C PRO A 665 30.63 -28.96 22.34
N ILE A 666 30.06 -30.12 22.63
CA ILE A 666 28.73 -30.45 22.18
C ILE A 666 27.69 -29.98 23.18
N GLY A 667 27.82 -30.39 24.43
CA GLY A 667 26.93 -29.92 25.46
C GLY A 667 26.62 -31.01 26.47
N ALA A 668 26.11 -30.59 27.62
CA ALA A 668 25.75 -31.49 28.72
C ALA A 668 26.88 -32.44 29.08
N GLY A 669 28.11 -31.95 29.04
CA GLY A 669 29.26 -32.73 29.38
C GLY A 669 29.91 -33.50 28.25
N ILE A 670 29.37 -33.42 27.03
CA ILE A 670 29.86 -34.19 25.90
C ILE A 670 30.69 -33.29 25.01
N CYS A 671 31.87 -33.78 24.61
CA CYS A 671 32.69 -33.12 23.59
C CYS A 671 33.02 -34.08 22.45
N ALA A 672 33.56 -33.54 21.38
CA ALA A 672 33.92 -34.31 20.18
C ALA A 672 35.34 -33.98 19.80
N SER A 673 35.97 -34.92 19.09
CA SER A 673 37.32 -34.68 18.58
C SER A 673 37.54 -35.52 17.34
N TYR A 674 38.56 -35.15 16.58
CA TYR A 674 38.95 -35.90 15.39
C TYR A 674 40.16 -36.76 15.73
N GLN A 675 39.92 -37.91 16.33
CA GLN A 675 41.07 -38.63 16.85
C GLN A 675 41.15 -40.08 16.42
N THR A 676 40.05 -40.80 16.60
CA THR A 676 40.07 -42.26 16.59
C THR A 676 39.14 -42.83 15.53
N GLN A 690 41.48 -40.09 12.18
CA GLN A 690 40.90 -41.23 11.49
C GLN A 690 39.39 -41.07 11.39
N SER A 691 38.77 -40.63 12.50
CA SER A 691 37.35 -40.34 12.50
C SER A 691 37.02 -39.46 13.69
N ILE A 692 35.75 -39.06 13.75
CA ILE A 692 35.22 -38.24 14.82
C ILE A 692 34.75 -39.14 15.94
N ILE A 693 35.15 -38.79 17.17
CA ILE A 693 34.69 -39.47 18.36
C ILE A 693 33.98 -38.47 19.25
N ALA A 694 33.05 -38.97 20.02
CA ALA A 694 32.34 -38.20 21.03
C ALA A 694 32.55 -38.88 22.38
N TYR A 695 32.82 -38.09 23.41
CA TYR A 695 33.19 -38.64 24.70
C TYR A 695 32.73 -37.71 25.81
N THR A 696 32.71 -38.23 27.03
CA THR A 696 32.50 -37.43 28.23
C THR A 696 33.81 -36.81 28.67
N MET A 697 33.82 -35.49 28.87
CA MET A 697 35.07 -34.80 29.07
C MET A 697 35.66 -35.08 30.44
N SER A 698 36.97 -34.93 30.53
CA SER A 698 37.71 -35.08 31.77
C SER A 698 37.99 -33.70 32.33
N LEU A 699 37.83 -33.55 33.65
CA LEU A 699 38.11 -32.27 34.28
C LEU A 699 39.58 -32.10 34.64
N GLY A 700 40.36 -33.17 34.62
CA GLY A 700 41.75 -33.09 35.01
C GLY A 700 42.21 -34.43 35.52
N ALA A 701 43.44 -34.43 36.04
CA ALA A 701 44.08 -35.63 36.54
C ALA A 701 43.93 -35.68 38.05
N GLU A 702 43.49 -36.82 38.57
CA GLU A 702 43.29 -36.95 40.01
C GLU A 702 44.63 -37.01 40.74
N ASN A 703 44.63 -36.53 41.98
CA ASN A 703 45.84 -36.38 42.76
C ASN A 703 45.44 -36.30 44.22
N SER A 704 45.73 -37.34 44.98
CA SER A 704 45.51 -37.32 46.42
C SER A 704 46.80 -36.86 47.08
N VAL A 705 46.68 -35.88 47.95
CA VAL A 705 47.83 -35.25 48.61
C VAL A 705 48.20 -36.08 49.83
N ALA A 706 49.49 -36.23 50.05
CA ALA A 706 50.00 -37.07 51.14
C ALA A 706 49.89 -36.35 52.48
N TYR A 707 48.66 -36.23 52.96
CA TYR A 707 48.39 -35.50 54.18
C TYR A 707 48.53 -36.40 55.40
N SER A 708 49.39 -36.02 56.33
CA SER A 708 49.36 -36.57 57.68
C SER A 708 49.41 -35.38 58.63
N ASN A 709 49.39 -35.67 59.92
CA ASN A 709 49.33 -34.62 60.91
C ASN A 709 50.70 -34.22 61.44
N ASN A 710 51.78 -34.77 60.88
CA ASN A 710 53.11 -34.25 61.18
C ASN A 710 54.02 -34.29 59.96
N SER A 711 53.47 -34.14 58.76
CA SER A 711 54.27 -34.13 57.55
C SER A 711 54.18 -32.77 56.85
N ILE A 712 55.29 -32.34 56.28
CA ILE A 712 55.36 -31.08 55.58
C ILE A 712 56.23 -31.27 54.35
N ALA A 713 55.94 -30.51 53.31
CA ALA A 713 56.75 -30.46 52.10
C ALA A 713 57.26 -29.04 51.94
N ILE A 714 58.55 -28.92 51.64
CA ILE A 714 59.21 -27.61 51.52
C ILE A 714 59.98 -27.59 50.21
N PRO A 715 59.94 -26.50 49.45
CA PRO A 715 60.63 -26.47 48.17
C PRO A 715 62.12 -26.22 48.32
N THR A 716 62.89 -26.81 47.42
CA THR A 716 64.34 -26.64 47.43
C THR A 716 64.85 -25.81 46.27
N ASN A 717 64.01 -25.44 45.32
CA ASN A 717 64.46 -24.67 44.18
C ASN A 717 63.31 -23.75 43.76
N PHE A 718 63.51 -23.03 42.66
CA PHE A 718 62.46 -22.18 42.12
C PHE A 718 62.65 -22.04 40.63
N THR A 719 61.62 -21.56 39.96
CA THR A 719 61.70 -21.09 38.59
C THR A 719 61.15 -19.68 38.49
N ILE A 720 61.81 -18.89 37.66
CA ILE A 720 61.32 -17.58 37.28
C ILE A 720 60.47 -17.75 36.03
N SER A 721 59.19 -17.42 36.11
CA SER A 721 58.34 -17.55 34.95
C SER A 721 57.78 -16.19 34.55
N VAL A 722 57.49 -16.01 33.27
CA VAL A 722 56.89 -14.79 32.77
C VAL A 722 55.80 -15.13 31.78
N THR A 723 54.63 -14.55 31.99
CA THR A 723 53.45 -14.79 31.16
C THR A 723 52.90 -13.50 30.63
N THR A 724 51.99 -13.59 29.66
CA THR A 724 51.37 -12.42 29.07
C THR A 724 49.90 -12.31 29.43
N GLU A 725 49.40 -11.08 29.38
CA GLU A 725 47.98 -10.81 29.52
C GLU A 725 47.59 -9.68 28.58
N ILE A 726 46.58 -9.89 27.76
CA ILE A 726 46.19 -8.97 26.69
C ILE A 726 44.85 -8.34 27.05
N LEU A 727 44.75 -7.02 26.91
CA LEU A 727 43.50 -6.35 27.25
C LEU A 727 43.16 -5.27 26.24
N PRO A 728 41.92 -5.24 25.75
CA PRO A 728 41.46 -4.11 24.93
C PRO A 728 41.21 -2.86 25.74
N VAL A 729 41.64 -1.72 25.22
CA VAL A 729 41.36 -0.47 25.91
C VAL A 729 40.44 0.41 25.08
N SER A 730 40.55 0.41 23.75
CA SER A 730 39.74 1.30 22.95
C SER A 730 39.10 0.56 21.79
N MET A 731 38.20 1.23 21.10
CA MET A 731 37.63 0.81 19.83
C MET A 731 37.60 2.03 18.92
N THR A 732 37.13 1.85 17.70
CA THR A 732 37.21 2.91 16.70
C THR A 732 36.08 3.92 16.85
N LYS A 733 36.44 5.19 16.71
CA LYS A 733 35.48 6.27 16.75
C LYS A 733 34.87 6.49 15.39
N THR A 734 33.57 6.27 15.29
CA THR A 734 32.85 6.43 14.05
C THR A 734 31.81 7.52 14.22
N SER A 735 31.52 8.20 13.11
CA SER A 735 30.45 9.17 13.09
C SER A 735 29.56 8.85 11.90
N VAL A 736 28.27 9.12 12.07
CA VAL A 736 27.32 9.01 10.97
C VAL A 736 26.67 10.37 10.80
N ASP A 737 26.22 10.61 9.58
CA ASP A 737 25.39 11.77 9.26
C ASP A 737 24.01 11.24 8.88
N CYS A 738 23.11 11.22 9.86
CA CYS A 738 21.74 10.73 9.68
C CYS A 738 21.14 11.11 8.34
N THR A 739 21.15 12.39 7.99
CA THR A 739 20.47 12.84 6.80
C THR A 739 21.10 12.27 5.54
N MET A 740 22.43 12.17 5.50
CA MET A 740 23.08 11.67 4.30
C MET A 740 22.94 10.17 4.19
N TYR A 741 22.65 9.49 5.29
CA TYR A 741 22.45 8.04 5.23
C TYR A 741 21.03 7.70 4.84
N ILE A 742 20.06 8.40 5.43
CA ILE A 742 18.66 8.08 5.20
C ILE A 742 18.20 8.60 3.84
N CYS A 743 18.64 9.80 3.46
CA CYS A 743 18.12 10.43 2.25
C CYS A 743 19.16 10.49 1.14
N GLY A 744 20.41 10.77 1.47
CA GLY A 744 21.42 10.80 0.46
C GLY A 744 21.29 11.98 -0.48
N ASP A 745 21.15 13.18 0.07
CA ASP A 745 21.15 14.42 -0.69
C ASP A 745 20.02 14.44 -1.72
N SER A 746 18.79 14.45 -1.20
CA SER A 746 17.59 14.60 -2.01
C SER A 746 16.56 15.35 -1.19
N THR A 747 16.10 16.49 -1.70
CA THR A 747 15.28 17.39 -0.89
C THR A 747 13.91 16.81 -0.58
N GLU A 748 13.42 15.89 -1.41
CA GLU A 748 12.12 15.29 -1.14
C GLU A 748 12.15 14.45 0.13
N CYS A 749 13.12 13.54 0.25
CA CYS A 749 13.25 12.74 1.45
C CYS A 749 13.58 13.60 2.66
N SER A 750 14.38 14.64 2.46
CA SER A 750 14.84 15.45 3.58
C SER A 750 13.71 16.25 4.21
N ASN A 751 12.67 16.59 3.45
CA ASN A 751 11.56 17.33 4.02
C ASN A 751 10.61 16.41 4.76
N LEU A 752 10.39 15.21 4.26
CA LEU A 752 9.63 14.22 4.98
C LEU A 752 10.28 13.85 6.31
N LEU A 753 11.61 13.85 6.37
CA LEU A 753 12.35 13.49 7.57
C LEU A 753 12.14 14.46 8.71
N LEU A 754 11.95 15.75 8.40
CA LEU A 754 11.66 16.75 9.41
C LEU A 754 10.45 16.41 10.25
N GLN A 755 9.54 15.58 9.76
CA GLN A 755 8.35 15.22 10.51
C GLN A 755 8.63 14.24 11.62
N TYR A 756 9.86 13.74 11.73
CA TYR A 756 10.18 12.76 12.75
C TYR A 756 10.80 13.37 13.98
N GLY A 757 10.98 14.67 14.00
CA GLY A 757 11.37 15.35 15.22
C GLY A 757 12.88 15.47 15.32
N SER A 758 13.45 14.92 16.38
CA SER A 758 14.86 15.11 16.68
C SER A 758 15.58 13.78 16.89
N PHE A 759 15.12 12.71 16.24
CA PHE A 759 15.77 11.42 16.41
C PHE A 759 17.23 11.48 15.98
N CYS A 760 17.53 12.29 14.97
CA CYS A 760 18.85 12.28 14.39
C CYS A 760 19.81 13.24 15.07
N THR A 761 19.33 14.05 16.01
CA THR A 761 20.23 14.76 16.88
C THR A 761 20.61 13.90 18.08
N GLN A 762 19.67 13.07 18.54
CA GLN A 762 19.97 12.09 19.57
C GLN A 762 21.00 11.07 19.12
N LEU A 763 20.84 10.52 17.92
CA LEU A 763 21.81 9.53 17.47
C LEU A 763 23.22 10.09 17.42
N ASN A 764 23.38 11.31 16.91
CA ASN A 764 24.69 11.93 16.88
C ASN A 764 25.22 12.24 18.26
N ARG A 765 24.37 12.68 19.18
CA ARG A 765 24.83 12.90 20.54
C ARG A 765 25.36 11.61 21.15
N ALA A 766 24.68 10.49 20.91
CA ALA A 766 25.14 9.22 21.45
C ALA A 766 26.48 8.82 20.87
N LEU A 767 26.65 8.91 19.55
CA LEU A 767 27.91 8.53 18.96
C LEU A 767 29.05 9.45 19.36
N THR A 768 28.79 10.73 19.57
CA THR A 768 29.83 11.63 20.04
C THR A 768 30.24 11.32 21.47
N GLY A 769 29.26 11.03 22.33
CA GLY A 769 29.57 10.63 23.67
C GLY A 769 30.37 9.37 23.77
N ILE A 770 30.20 8.42 22.85
CA ILE A 770 31.07 7.26 22.90
C ILE A 770 32.38 7.44 22.16
N ALA A 771 32.49 8.43 21.28
CA ALA A 771 33.81 8.68 20.68
C ALA A 771 34.72 9.50 21.58
N VAL A 772 34.18 10.27 22.51
CA VAL A 772 35.05 10.98 23.45
C VAL A 772 35.60 10.06 24.53
N GLU A 773 34.80 9.11 24.99
CA GLU A 773 35.28 8.22 26.02
C GLU A 773 36.30 7.21 25.51
N GLN A 774 36.47 7.05 24.20
CA GLN A 774 37.55 6.18 23.73
C GLN A 774 38.90 6.79 23.96
N ASP A 775 39.02 8.11 23.85
CA ASP A 775 40.25 8.79 24.21
C ASP A 775 40.42 8.91 25.71
N LYS A 776 39.32 9.07 26.43
CA LYS A 776 39.44 8.98 27.89
C LYS A 776 39.92 7.61 28.36
N ASN A 777 39.54 6.54 27.66
CA ASN A 777 39.99 5.20 28.04
C ASN A 777 41.50 5.07 27.96
N THR A 778 42.10 5.57 26.87
CA THR A 778 43.54 5.45 26.67
C THR A 778 44.32 6.35 27.62
N GLN A 779 43.79 7.55 27.87
CA GLN A 779 44.51 8.47 28.74
C GLN A 779 44.69 7.91 30.14
N GLU A 780 43.75 7.12 30.64
CA GLU A 780 43.85 6.64 32.01
C GLU A 780 44.62 5.34 32.14
N VAL A 781 44.90 4.64 31.05
CA VAL A 781 45.80 3.50 31.12
C VAL A 781 47.24 3.94 30.96
N PHE A 782 47.50 4.90 30.08
CA PHE A 782 48.89 5.12 29.71
C PHE A 782 49.53 6.35 30.31
N ALA A 783 48.78 7.41 30.58
CA ALA A 783 49.36 8.62 31.15
C ALA A 783 49.40 8.46 32.66
N GLN A 784 50.21 7.53 33.13
CA GLN A 784 50.39 7.26 34.54
C GLN A 784 51.76 7.72 35.02
N VAL A 785 52.37 8.65 34.29
CA VAL A 785 53.65 9.24 34.63
C VAL A 785 53.53 10.74 34.44
N LYS A 786 54.32 11.47 35.20
CA LYS A 786 54.49 12.90 34.98
C LYS A 786 55.70 13.19 34.10
N GLN A 787 56.83 12.58 34.40
CA GLN A 787 58.04 12.74 33.60
C GLN A 787 58.13 11.65 32.55
N ILE A 788 58.86 11.95 31.49
CA ILE A 788 59.25 10.93 30.53
C ILE A 788 60.66 10.50 30.90
N TYR A 789 60.77 9.33 31.51
CA TYR A 789 62.06 8.85 31.97
C TYR A 789 62.78 8.15 30.84
N LYS A 790 64.08 8.34 30.82
CA LYS A 790 64.96 7.69 29.86
C LYS A 790 65.91 6.76 30.60
N THR A 791 66.32 5.71 29.93
CA THR A 791 67.21 4.74 30.53
C THR A 791 68.67 5.14 30.28
N PRO A 792 69.61 4.66 31.10
CA PRO A 792 70.99 5.10 30.94
C PRO A 792 71.62 4.49 29.71
N PRO A 793 72.63 5.15 29.14
CA PRO A 793 73.29 4.58 27.96
C PRO A 793 74.02 3.28 28.22
N ILE A 794 74.77 3.17 29.31
CA ILE A 794 75.45 1.93 29.66
C ILE A 794 74.55 1.13 30.59
N LYS A 795 74.13 -0.03 30.13
CA LYS A 795 73.02 -0.78 30.72
C LYS A 795 73.54 -2.06 31.36
N ASP A 796 73.94 -1.96 32.63
CA ASP A 796 74.34 -3.15 33.37
C ASP A 796 73.39 -3.32 34.55
N PHE A 797 72.44 -4.23 34.40
CA PHE A 797 71.38 -4.43 35.36
C PHE A 797 71.55 -5.75 36.12
N GLY A 798 72.79 -6.12 36.39
CA GLY A 798 73.08 -7.29 37.19
C GLY A 798 73.00 -8.62 36.47
N GLY A 799 73.07 -8.62 35.15
CA GLY A 799 72.91 -9.83 34.38
C GLY A 799 71.58 -9.94 33.68
N PHE A 800 70.61 -9.14 34.08
CA PHE A 800 69.31 -9.13 33.43
C PHE A 800 69.40 -8.32 32.14
N ASN A 801 68.68 -8.77 31.13
CA ASN A 801 68.79 -8.27 29.78
C ASN A 801 67.40 -7.89 29.29
N PHE A 802 67.17 -6.60 29.10
CA PHE A 802 65.86 -6.09 28.72
C PHE A 802 65.83 -5.61 27.27
N SER A 803 66.68 -6.16 26.41
CA SER A 803 66.87 -5.55 25.11
C SER A 803 65.72 -5.79 24.15
N GLN A 804 64.93 -6.84 24.35
CA GLN A 804 63.79 -7.11 23.48
C GLN A 804 62.54 -6.35 23.88
N ILE A 805 62.55 -5.60 24.98
CA ILE A 805 61.42 -4.80 25.39
C ILE A 805 61.77 -3.34 25.56
N LEU A 806 62.91 -2.98 25.32
CA LEU A 806 63.28 -1.57 25.34
C LEU A 806 63.20 -0.99 23.94
N PRO A 807 62.97 0.31 23.80
CA PRO A 807 62.77 0.89 22.47
C PRO A 807 63.97 0.69 21.57
N ASP A 808 63.68 0.59 20.27
CA ASP A 808 64.67 0.35 19.23
C ASP A 808 64.65 1.50 18.24
N PRO A 809 65.73 2.28 18.13
CA PRO A 809 65.66 3.47 17.26
C PRO A 809 65.56 3.16 15.78
N SER A 810 66.19 2.09 15.31
CA SER A 810 66.15 1.73 13.91
C SER A 810 64.83 1.09 13.48
N LYS A 811 63.84 1.02 14.36
CA LYS A 811 62.56 0.39 14.08
C LYS A 811 61.51 1.44 13.74
N PRO A 812 60.32 1.02 13.27
CA PRO A 812 59.25 2.00 13.00
C PRO A 812 58.58 2.51 14.27
N SER A 813 58.46 3.82 14.39
CA SER A 813 57.86 4.54 15.49
C SER A 813 58.64 4.39 16.79
N LYS A 814 59.90 3.95 16.73
CA LYS A 814 60.73 3.76 17.92
C LYS A 814 60.12 2.76 18.88
N ARG A 815 59.58 1.68 18.35
CA ARG A 815 58.98 0.63 19.17
C ARG A 815 60.04 -0.37 19.61
N SER A 816 59.69 -1.13 20.62
CA SER A 816 60.50 -2.26 21.05
C SER A 816 60.35 -3.41 20.06
N PHE A 817 61.21 -4.40 20.21
CA PHE A 817 61.18 -5.55 19.30
C PHE A 817 59.90 -6.35 19.47
N ILE A 818 59.36 -6.41 20.68
CA ILE A 818 58.14 -7.19 20.91
C ILE A 818 56.90 -6.37 20.61
N GLU A 819 57.00 -5.05 20.67
CA GLU A 819 55.88 -4.21 20.25
C GLU A 819 55.66 -4.26 18.75
N ASP A 820 56.66 -4.67 17.98
CA ASP A 820 56.52 -4.86 16.54
C ASP A 820 55.80 -6.14 16.20
N LEU A 821 56.19 -7.26 16.79
CA LEU A 821 55.48 -8.51 16.56
C LEU A 821 54.00 -8.36 16.84
N LEU A 822 53.62 -7.48 17.76
CA LEU A 822 52.23 -7.28 18.08
C LEU A 822 51.51 -6.44 17.04
N PHE A 823 52.16 -5.43 16.48
CA PHE A 823 51.52 -4.62 15.45
C PHE A 823 51.52 -5.28 14.09
N ASN A 824 52.20 -6.41 13.94
CA ASN A 824 52.16 -7.18 12.71
C ASN A 824 51.16 -8.32 12.77
N LYS A 825 50.74 -8.72 13.96
CA LYS A 825 49.85 -9.88 14.06
C LYS A 825 48.39 -9.46 13.98
N VAL A 826 48.06 -8.28 14.50
CA VAL A 826 46.70 -7.77 14.40
C VAL A 826 46.68 -6.39 13.76
N PHE A 855 31.80 6.53 3.33
CA PHE A 855 31.27 6.08 2.06
C PHE A 855 29.94 6.75 1.74
N ASN A 856 29.00 6.71 2.68
CA ASN A 856 27.82 7.56 2.55
C ASN A 856 27.30 8.01 3.91
N GLY A 857 27.83 9.13 4.39
CA GLY A 857 27.53 9.62 5.71
C GLY A 857 28.27 8.93 6.84
N LEU A 858 29.24 8.07 6.54
CA LEU A 858 29.98 7.33 7.55
C LEU A 858 31.43 7.78 7.54
N THR A 859 31.94 8.17 8.70
CA THR A 859 33.33 8.56 8.80
C THR A 859 33.97 7.94 10.04
N VAL A 860 35.30 7.90 10.02
CA VAL A 860 36.10 7.38 11.11
C VAL A 860 37.01 8.48 11.60
N LEU A 861 36.94 8.80 12.86
CA LEU A 861 37.75 9.84 13.46
C LEU A 861 39.04 9.27 14.02
N PRO A 862 40.14 9.99 13.91
CA PRO A 862 41.41 9.47 14.41
C PRO A 862 41.51 9.62 15.92
N PRO A 863 42.27 8.75 16.58
CA PRO A 863 42.47 8.91 18.02
C PRO A 863 43.41 10.07 18.34
N LEU A 864 43.23 10.62 19.53
CA LEU A 864 43.97 11.81 19.92
C LEU A 864 45.45 11.52 20.12
N LEU A 865 45.76 10.42 20.78
CA LEU A 865 47.14 9.96 20.91
C LEU A 865 47.50 9.06 19.75
N THR A 866 48.60 9.38 19.08
CA THR A 866 49.10 8.55 18.01
C THR A 866 49.71 7.28 18.60
N ASP A 867 50.17 6.36 17.75
CA ASP A 867 50.84 5.18 18.27
C ASP A 867 52.24 5.49 18.76
N GLU A 868 52.86 6.52 18.18
CA GLU A 868 54.16 6.96 18.63
C GLU A 868 54.12 7.48 20.06
N MET A 869 53.08 8.27 20.37
CA MET A 869 52.91 8.79 21.71
C MET A 869 52.69 7.69 22.74
N ILE A 870 51.91 6.67 22.39
CA ILE A 870 51.67 5.59 23.34
C ILE A 870 52.92 4.73 23.52
N ALA A 871 53.71 4.53 22.48
CA ALA A 871 54.97 3.83 22.69
C ALA A 871 55.94 4.63 23.53
N GLN A 872 55.94 5.95 23.39
CA GLN A 872 56.66 6.81 24.30
C GLN A 872 56.23 6.67 25.76
N TYR A 873 54.92 6.60 26.01
CA TYR A 873 54.44 6.41 27.36
C TYR A 873 54.89 5.08 27.96
N THR A 874 54.80 4.00 27.19
CA THR A 874 55.24 2.73 27.75
C THR A 874 56.74 2.66 27.95
N SER A 875 57.54 3.33 27.11
CA SER A 875 58.96 3.32 27.39
C SER A 875 59.31 4.18 28.60
N ALA A 876 58.57 5.25 28.88
CA ALA A 876 58.78 5.94 30.14
C ALA A 876 58.39 5.13 31.35
N LEU A 877 57.29 4.37 31.30
CA LEU A 877 56.97 3.48 32.42
C LEU A 877 58.05 2.43 32.62
N LEU A 878 58.53 1.85 31.54
CA LEU A 878 59.50 0.78 31.61
C LEU A 878 60.87 1.25 32.05
N ALA A 879 61.27 2.46 31.71
CA ALA A 879 62.52 2.98 32.21
C ALA A 879 62.43 3.45 33.66
N GLY A 880 61.26 3.86 34.11
CA GLY A 880 61.02 4.17 35.49
C GLY A 880 61.12 2.96 36.38
N THR A 881 60.58 1.82 35.93
CA THR A 881 60.60 0.65 36.79
C THR A 881 61.95 -0.08 36.77
N ILE A 882 62.66 -0.11 35.64
CA ILE A 882 63.97 -0.77 35.60
C ILE A 882 64.97 -0.05 36.48
N THR A 883 64.69 1.19 36.83
CA THR A 883 65.74 2.07 37.30
C THR A 883 65.45 2.63 38.69
N SER A 884 64.17 2.70 39.08
CA SER A 884 63.80 3.25 40.36
C SER A 884 62.92 2.33 41.19
N GLY A 885 62.60 1.14 40.70
CA GLY A 885 61.61 0.32 41.35
C GLY A 885 60.25 1.00 41.38
N TRP A 886 59.58 0.88 42.52
CA TRP A 886 58.25 1.40 42.73
C TRP A 886 58.24 2.80 43.32
N THR A 887 59.37 3.48 43.36
CA THR A 887 59.42 4.78 44.00
C THR A 887 58.84 5.88 43.13
N PHE A 888 58.85 5.72 41.81
CA PHE A 888 58.40 6.81 40.94
C PHE A 888 56.88 6.88 40.88
N GLY A 889 56.20 5.83 41.27
CA GLY A 889 54.76 5.87 41.33
C GLY A 889 54.22 6.42 42.63
N ALA A 890 55.09 6.85 43.52
CA ALA A 890 54.69 7.46 44.77
C ALA A 890 55.27 8.84 44.98
N GLY A 891 56.09 9.33 44.07
CA GLY A 891 56.77 10.59 44.26
C GLY A 891 57.87 10.75 43.24
N ALA A 892 58.96 11.37 43.66
CA ALA A 892 60.13 11.46 42.81
C ALA A 892 60.81 10.11 42.70
N ALA A 893 61.32 9.83 41.51
CA ALA A 893 62.05 8.60 41.26
C ALA A 893 63.39 8.59 41.97
N LEU A 894 63.64 7.55 42.75
CA LEU A 894 64.92 7.37 43.43
C LEU A 894 65.59 6.12 42.88
N GLN A 895 66.79 6.28 42.35
CA GLN A 895 67.48 5.15 41.75
C GLN A 895 68.00 4.18 42.81
N ILE A 896 68.09 2.93 42.41
CA ILE A 896 68.58 1.83 43.23
C ILE A 896 69.17 0.82 42.26
N PRO A 897 70.25 0.13 42.59
CA PRO A 897 70.77 -0.91 41.68
C PRO A 897 69.76 -2.03 41.49
N PHE A 898 69.77 -2.65 40.30
CA PHE A 898 68.67 -3.52 39.94
C PHE A 898 68.61 -4.79 40.79
N ALA A 899 69.75 -5.34 41.20
CA ALA A 899 69.73 -6.55 42.00
C ALA A 899 69.27 -6.26 43.42
N MET A 900 69.51 -5.07 43.93
CA MET A 900 68.98 -4.75 45.25
C MET A 900 67.48 -4.54 45.21
N GLN A 901 66.96 -4.04 44.10
CA GLN A 901 65.53 -3.99 43.90
C GLN A 901 64.93 -5.39 43.83
N MET A 902 65.58 -6.29 43.09
CA MET A 902 65.16 -7.69 43.05
C MET A 902 65.17 -8.33 44.43
N ALA A 903 66.14 -7.99 45.27
CA ALA A 903 66.15 -8.49 46.64
C ALA A 903 65.00 -7.95 47.49
N TYR A 904 64.66 -6.68 47.36
CA TYR A 904 63.45 -6.16 48.00
C TYR A 904 62.20 -6.90 47.57
N ARG A 905 62.06 -7.17 46.28
CA ARG A 905 60.90 -7.91 45.81
C ARG A 905 60.88 -9.33 46.33
N PHE A 906 62.03 -9.98 46.48
CA PHE A 906 62.06 -11.30 47.12
C PHE A 906 61.63 -11.22 48.57
N ASN A 907 62.04 -10.17 49.29
CA ASN A 907 61.52 -9.95 50.63
C ASN A 907 60.02 -9.82 50.63
N GLY A 908 59.45 -9.20 49.61
CA GLY A 908 58.02 -8.99 49.59
C GLY A 908 57.19 -10.24 49.43
N ILE A 909 57.79 -11.32 48.94
CA ILE A 909 57.11 -12.61 48.87
C ILE A 909 57.55 -13.55 49.97
N GLY A 910 58.31 -13.08 50.95
CA GLY A 910 58.69 -13.92 52.06
C GLY A 910 59.90 -14.81 51.87
N VAL A 911 60.82 -14.47 50.98
CA VAL A 911 62.10 -15.15 50.88
C VAL A 911 63.16 -14.17 51.37
N THR A 912 64.25 -14.70 51.91
CA THR A 912 65.29 -13.80 52.38
C THR A 912 66.19 -13.35 51.24
N GLN A 913 67.00 -12.33 51.52
CA GLN A 913 67.76 -11.65 50.48
C GLN A 913 68.97 -12.42 50.04
N ASN A 914 69.62 -13.12 50.96
CA ASN A 914 70.73 -13.98 50.58
C ASN A 914 70.34 -15.02 49.55
N VAL A 915 69.07 -15.42 49.48
CA VAL A 915 68.65 -16.38 48.46
C VAL A 915 68.71 -15.75 47.07
N LEU A 916 68.49 -14.44 46.94
CA LEU A 916 68.72 -13.79 45.66
C LEU A 916 70.21 -13.58 45.42
N TYR A 917 70.94 -13.12 46.41
CA TYR A 917 72.31 -12.72 46.12
C TYR A 917 73.21 -13.93 45.86
N GLU A 918 72.85 -15.10 46.38
CA GLU A 918 73.65 -16.28 46.14
C GLU A 918 73.22 -17.04 44.89
N ASN A 919 72.13 -16.64 44.27
CA ASN A 919 71.60 -17.28 43.08
C ASN A 919 71.39 -16.28 41.98
N GLN A 920 72.11 -15.16 42.04
CA GLN A 920 71.94 -14.09 41.07
C GLN A 920 72.09 -14.55 39.63
N LYS A 921 73.18 -15.23 39.29
CA LYS A 921 73.37 -15.59 37.89
C LYS A 921 72.33 -16.59 37.41
N LEU A 922 71.90 -17.50 38.26
CA LEU A 922 70.88 -18.46 37.85
C LEU A 922 69.54 -17.78 37.66
N ILE A 923 69.18 -16.84 38.55
CA ILE A 923 67.91 -16.14 38.43
C ILE A 923 67.90 -15.26 37.20
N ALA A 924 69.04 -14.64 36.89
CA ALA A 924 69.14 -13.83 35.69
C ALA A 924 69.10 -14.66 34.41
N ASN A 925 69.75 -15.82 34.40
CA ASN A 925 69.65 -16.70 33.24
C ASN A 925 68.24 -17.21 33.02
N GLN A 926 67.55 -17.61 34.09
CA GLN A 926 66.16 -18.02 33.95
C GLN A 926 65.28 -16.90 33.42
N PHE A 927 65.47 -15.68 33.91
CA PHE A 927 64.69 -14.57 33.39
C PHE A 927 64.97 -14.32 31.91
N ASN A 928 66.24 -14.32 31.51
CA ASN A 928 66.57 -14.06 30.10
C ASN A 928 66.02 -15.14 29.20
N SER A 929 66.15 -16.39 29.61
CA SER A 929 65.64 -17.49 28.82
C SER A 929 64.12 -17.52 28.75
N ALA A 930 63.44 -16.97 29.74
CA ALA A 930 61.98 -16.92 29.70
C ALA A 930 61.44 -15.72 28.95
N ILE A 931 62.19 -14.62 28.88
CA ILE A 931 61.84 -13.54 27.97
C ILE A 931 62.08 -13.96 26.54
N GLY A 932 63.07 -14.81 26.30
CA GLY A 932 63.31 -15.32 24.96
C GLY A 932 62.22 -16.20 24.42
N LYS A 933 61.35 -16.75 25.26
CA LYS A 933 60.30 -17.63 24.78
C LYS A 933 59.01 -16.90 24.45
N ILE A 934 58.72 -15.80 25.14
CA ILE A 934 57.63 -14.93 24.71
C ILE A 934 57.80 -14.57 23.25
N GLN A 935 59.02 -14.23 22.87
CA GLN A 935 59.30 -13.78 21.52
C GLN A 935 59.06 -14.87 20.49
N ASP A 936 59.39 -16.11 20.81
CA ASP A 936 59.09 -17.22 19.92
C ASP A 936 57.59 -17.48 19.85
N SER A 937 56.95 -17.66 20.99
CA SER A 937 55.53 -17.97 21.01
C SER A 937 54.69 -16.91 20.31
N LEU A 938 55.11 -15.65 20.32
CA LEU A 938 54.36 -14.67 19.55
C LEU A 938 54.80 -14.64 18.09
N SER A 939 56.10 -14.70 17.82
CA SER A 939 56.61 -14.69 16.46
C SER A 939 56.12 -15.87 15.64
N SER A 940 55.68 -16.95 16.27
CA SER A 940 55.26 -18.15 15.56
C SER A 940 53.77 -18.14 15.25
N ALA A 944 47.04 -15.61 19.05
CA ALA A 944 47.19 -15.35 20.49
C ALA A 944 46.59 -14.00 20.88
N LEU A 945 46.54 -13.07 19.93
CA LEU A 945 45.86 -11.80 20.15
C LEU A 945 44.42 -11.87 19.68
N GLY A 946 43.70 -12.92 20.09
CA GLY A 946 42.32 -13.05 19.69
C GLY A 946 41.38 -12.07 20.35
N LYS A 947 41.67 -11.65 21.58
CA LYS A 947 40.82 -10.67 22.24
C LYS A 947 40.88 -9.31 21.58
N LEU A 948 42.02 -8.97 20.97
CA LEU A 948 42.10 -7.72 20.23
C LEU A 948 41.52 -7.85 18.84
N GLN A 949 41.64 -9.02 18.23
CA GLN A 949 41.08 -9.27 16.92
C GLN A 949 39.56 -9.27 16.96
N ASP A 950 38.96 -9.76 18.05
CA ASP A 950 37.51 -9.86 18.10
C ASP A 950 36.83 -8.50 18.15
N VAL A 951 37.40 -7.52 18.84
CA VAL A 951 36.74 -6.23 18.87
C VAL A 951 36.86 -5.53 17.53
N VAL A 952 37.93 -5.73 16.80
CA VAL A 952 38.01 -5.21 15.44
C VAL A 952 36.97 -5.87 14.54
N ASN A 953 36.89 -7.20 14.59
CA ASN A 953 35.93 -7.93 13.77
C ASN A 953 34.49 -7.52 14.06
N GLN A 954 34.12 -7.39 15.33
CA GLN A 954 32.74 -7.03 15.65
C GLN A 954 32.35 -5.67 15.09
N ASN A 955 33.22 -4.68 15.23
CA ASN A 955 32.93 -3.36 14.70
C ASN A 955 32.81 -3.36 13.19
N ALA A 956 33.70 -4.05 12.49
CA ALA A 956 33.58 -4.14 11.03
C ALA A 956 32.33 -4.89 10.58
N GLN A 957 31.99 -5.98 11.24
CA GLN A 957 30.78 -6.72 10.92
C GLN A 957 29.53 -5.88 11.15
N ALA A 958 29.55 -4.96 12.11
CA ALA A 958 28.39 -4.10 12.29
C ALA A 958 28.35 -2.98 11.26
N LEU A 959 29.49 -2.38 10.95
CA LEU A 959 29.49 -1.33 9.95
C LEU A 959 29.10 -1.87 8.57
N ASN A 960 29.40 -3.13 8.27
CA ASN A 960 29.00 -3.66 6.98
C ASN A 960 27.51 -3.95 6.93
N THR A 961 26.96 -4.48 8.02
CA THR A 961 25.52 -4.66 8.09
C THR A 961 24.77 -3.34 7.98
N LEU A 962 25.34 -2.25 8.47
CA LEU A 962 24.67 -0.96 8.31
C LEU A 962 24.57 -0.54 6.86
N VAL A 963 25.63 -0.72 6.08
CA VAL A 963 25.61 -0.31 4.69
C VAL A 963 24.80 -1.26 3.84
N LYS A 964 24.84 -2.56 4.14
CA LYS A 964 24.07 -3.52 3.38
C LYS A 964 22.56 -3.36 3.56
N GLN A 965 22.13 -2.50 4.46
CA GLN A 965 20.71 -2.24 4.62
C GLN A 965 20.21 -1.14 3.71
N LEU A 966 21.11 -0.43 3.04
CA LEU A 966 20.74 0.62 2.11
C LEU A 966 20.24 0.03 0.79
N SER A 967 20.09 -1.28 0.76
CA SER A 967 19.61 -1.94 -0.45
C SER A 967 18.50 -2.91 -0.14
N SER A 968 17.62 -2.55 0.80
CA SER A 968 16.41 -3.29 1.07
C SER A 968 15.23 -2.38 0.84
N ASN A 969 14.10 -2.98 0.44
CA ASN A 969 12.91 -2.22 0.10
C ASN A 969 12.10 -1.84 1.33
N PHE A 970 12.05 -2.73 2.31
CA PHE A 970 11.14 -2.63 3.45
C PHE A 970 9.69 -2.51 3.01
N GLY A 971 9.35 -3.05 1.85
CA GLY A 971 8.00 -2.94 1.34
C GLY A 971 7.78 -1.71 0.49
N ALA A 972 8.64 -1.52 -0.50
CA ALA A 972 8.51 -0.41 -1.44
C ALA A 972 8.79 -0.97 -2.82
N ILE A 973 8.66 -0.11 -3.83
CA ILE A 973 8.86 -0.59 -5.20
C ILE A 973 10.33 -0.74 -5.54
N SER A 974 11.22 0.05 -4.97
CA SER A 974 12.65 -0.16 -5.16
C SER A 974 13.38 0.31 -3.92
N SER A 975 14.71 0.33 -4.01
CA SER A 975 15.58 0.80 -2.95
C SER A 975 16.23 2.13 -3.29
N VAL A 976 15.90 2.70 -4.44
CA VAL A 976 16.55 3.90 -4.94
C VAL A 976 15.53 5.03 -4.92
N LEU A 977 15.93 6.19 -4.41
CA LEU A 977 15.03 7.33 -4.43
C LEU A 977 14.91 7.94 -5.82
N ASN A 978 15.92 7.77 -6.66
CA ASN A 978 15.82 8.21 -8.04
C ASN A 978 14.96 7.31 -8.89
N ASP A 979 14.47 6.20 -8.33
CA ASP A 979 13.51 5.35 -9.02
C ASP A 979 12.09 5.54 -8.53
N ILE A 980 11.90 5.98 -7.30
CA ILE A 980 10.57 6.35 -6.87
C ILE A 980 10.26 7.78 -7.29
N LEU A 981 11.26 8.63 -7.46
CA LEU A 981 11.06 9.96 -7.98
C LEU A 981 11.08 10.02 -9.51
N SER A 982 10.99 8.87 -10.19
CA SER A 982 10.97 8.85 -11.64
C SER A 982 9.79 8.07 -12.22
N ARG A 983 9.18 7.18 -11.47
CA ARG A 983 7.99 6.50 -11.97
C ARG A 983 6.86 6.60 -10.97
N LEU A 984 6.71 7.76 -10.34
CA LEU A 984 5.59 8.02 -9.44
C LEU A 984 5.43 9.52 -9.34
N ASP A 985 4.18 9.96 -9.29
CA ASP A 985 3.89 11.36 -9.05
C ASP A 985 4.02 11.68 -7.58
N PRO A 986 4.29 12.93 -7.24
CA PRO A 986 4.61 13.30 -5.85
C PRO A 986 3.60 12.78 -4.83
N PRO A 987 2.30 12.75 -5.13
CA PRO A 987 1.37 12.21 -4.12
C PRO A 987 1.55 10.72 -3.88
N GLU A 988 2.07 9.98 -4.86
CA GLU A 988 2.27 8.55 -4.68
C GLU A 988 3.67 8.20 -4.22
N ALA A 989 4.64 9.09 -4.41
CA ALA A 989 6.00 8.81 -3.99
C ALA A 989 6.21 9.11 -2.51
N GLU A 990 5.36 9.93 -1.89
CA GLU A 990 5.44 10.11 -0.45
C GLU A 990 5.24 8.81 0.30
N VAL A 991 4.25 8.01 -0.12
CA VAL A 991 3.92 6.79 0.59
C VAL A 991 5.03 5.78 0.45
N GLN A 992 5.75 5.83 -0.66
CA GLN A 992 6.84 4.88 -0.88
C GLN A 992 8.14 5.35 -0.27
N ILE A 993 8.33 6.67 -0.13
CA ILE A 993 9.52 7.19 0.51
C ILE A 993 9.43 6.99 2.02
N ASP A 994 8.23 7.13 2.59
CA ASP A 994 8.09 6.90 4.02
C ASP A 994 8.41 5.47 4.43
N ARG A 995 8.10 4.49 3.59
CA ARG A 995 8.42 3.11 3.90
C ARG A 995 9.92 2.89 3.98
N LEU A 996 10.70 3.60 3.16
CA LEU A 996 12.15 3.54 3.24
C LEU A 996 12.68 4.30 4.43
N ILE A 997 12.11 5.46 4.71
CA ILE A 997 12.56 6.25 5.85
C ILE A 997 12.41 5.46 7.15
N THR A 998 11.26 4.83 7.34
CA THR A 998 11.04 4.09 8.56
C THR A 998 12.05 2.95 8.74
N GLY A 999 12.30 2.19 7.69
CA GLY A 999 13.26 1.11 7.75
C GLY A 999 14.67 1.57 8.02
N ARG A 1000 15.13 2.59 7.30
CA ARG A 1000 16.46 3.10 7.50
C ARG A 1000 16.67 3.72 8.88
N LEU A 1001 15.64 4.39 9.42
CA LEU A 1001 15.74 4.89 10.78
C LEU A 1001 15.85 3.75 11.77
N GLN A 1002 15.04 2.72 11.62
CA GLN A 1002 15.16 1.56 12.47
C GLN A 1002 16.55 0.96 12.45
N SER A 1003 17.13 0.82 11.27
CA SER A 1003 18.44 0.20 11.16
C SER A 1003 19.54 1.05 11.78
N LEU A 1004 19.51 2.35 11.55
CA LEU A 1004 20.46 3.24 12.18
C LEU A 1004 20.35 3.23 13.70
N GLN A 1005 19.14 3.18 14.23
CA GLN A 1005 19.00 3.20 15.68
C GLN A 1005 19.40 1.88 16.31
N THR A 1006 19.20 0.77 15.61
CA THR A 1006 19.74 -0.50 16.09
C THR A 1006 21.27 -0.48 16.14
N TYR A 1007 21.90 0.04 15.09
CA TYR A 1007 23.35 0.23 15.12
C TYR A 1007 23.77 1.06 16.32
N VAL A 1008 23.05 2.12 16.65
CA VAL A 1008 23.52 2.99 17.73
C VAL A 1008 23.28 2.36 19.10
N THR A 1009 22.26 1.53 19.26
CA THR A 1009 22.09 0.84 20.54
C THR A 1009 23.19 -0.20 20.78
N GLN A 1010 23.50 -1.00 19.77
CA GLN A 1010 24.49 -2.04 19.98
C GLN A 1010 25.90 -1.49 20.20
N GLN A 1011 26.20 -0.30 19.70
CA GLN A 1011 27.44 0.36 20.01
C GLN A 1011 27.53 0.86 21.44
N LEU A 1012 26.45 1.37 22.00
CA LEU A 1012 26.44 1.71 23.41
C LEU A 1012 26.69 0.49 24.27
N ILE A 1013 26.09 -0.64 23.91
CA ILE A 1013 26.28 -1.83 24.72
C ILE A 1013 27.68 -2.41 24.56
N ARG A 1014 28.30 -2.25 23.41
CA ARG A 1014 29.67 -2.72 23.22
C ARG A 1014 30.70 -1.78 23.84
N ALA A 1015 30.45 -0.48 23.83
CA ALA A 1015 31.32 0.47 24.47
C ALA A 1015 31.30 0.33 25.99
N ALA A 1016 30.14 0.03 26.59
CA ALA A 1016 30.13 -0.20 28.04
C ALA A 1016 30.97 -1.39 28.46
N GLU A 1017 31.24 -2.32 27.55
CA GLU A 1017 32.07 -3.47 27.85
C GLU A 1017 33.54 -3.17 27.63
N ILE A 1018 33.88 -2.41 26.58
CA ILE A 1018 35.25 -1.96 26.41
C ILE A 1018 35.68 -1.06 27.56
N ARG A 1019 34.74 -0.33 28.15
CA ARG A 1019 35.05 0.59 29.22
C ARG A 1019 35.50 -0.15 30.47
N ALA A 1020 34.86 -1.26 30.79
CA ALA A 1020 35.23 -2.06 31.94
C ALA A 1020 36.58 -2.74 31.78
N SER A 1021 36.90 -3.18 30.57
CA SER A 1021 38.21 -3.72 30.28
C SER A 1021 39.31 -2.68 30.43
N ALA A 1022 39.11 -1.48 29.92
CA ALA A 1022 40.07 -0.41 30.12
C ALA A 1022 40.19 0.01 31.58
N ASN A 1023 39.10 -0.08 32.34
CA ASN A 1023 39.18 0.20 33.77
C ASN A 1023 39.98 -0.85 34.52
N LEU A 1024 39.90 -2.10 34.11
CA LEU A 1024 40.76 -3.14 34.66
C LEU A 1024 42.21 -2.98 34.26
N ALA A 1025 42.47 -2.61 33.01
CA ALA A 1025 43.83 -2.34 32.56
C ALA A 1025 44.47 -1.18 33.30
N ALA A 1026 43.71 -0.16 33.62
CA ALA A 1026 44.24 0.95 34.40
C ALA A 1026 44.59 0.57 35.82
N THR A 1027 43.85 -0.35 36.42
CA THR A 1027 44.15 -0.87 37.74
C THR A 1027 45.35 -1.80 37.75
N LYS A 1028 45.49 -2.64 36.74
CA LYS A 1028 46.67 -3.46 36.63
C LYS A 1028 47.93 -2.64 36.35
N MET A 1029 47.85 -1.57 35.58
CA MET A 1029 49.02 -0.72 35.43
C MET A 1029 49.45 -0.09 36.75
N SER A 1030 48.51 0.26 37.62
CA SER A 1030 48.85 0.84 38.91
C SER A 1030 49.38 -0.20 39.87
N GLU A 1031 48.78 -1.37 39.90
CA GLU A 1031 49.05 -2.33 40.95
C GLU A 1031 50.06 -3.40 40.59
N CYS A 1032 50.33 -3.64 39.31
CA CYS A 1032 51.33 -4.59 38.92
C CYS A 1032 52.57 -3.97 38.31
N VAL A 1033 52.47 -2.80 37.71
CA VAL A 1033 53.62 -2.15 37.08
C VAL A 1033 54.25 -1.12 38.01
N LEU A 1034 53.47 -0.32 38.74
CA LEU A 1034 54.04 0.62 39.69
C LEU A 1034 54.04 0.09 41.10
N GLY A 1035 53.78 -1.19 41.32
CA GLY A 1035 53.88 -1.77 42.63
C GLY A 1035 54.20 -3.24 42.58
N GLN A 1036 54.19 -3.88 43.74
CA GLN A 1036 54.18 -5.32 43.87
C GLN A 1036 52.87 -5.73 44.52
N SER A 1037 52.10 -6.57 43.86
CA SER A 1037 50.81 -6.95 44.37
C SER A 1037 50.88 -8.22 45.22
N LYS A 1038 50.07 -8.26 46.27
CA LYS A 1038 49.88 -9.44 47.09
C LYS A 1038 48.60 -10.19 46.76
N ARG A 1039 47.67 -9.57 46.05
CA ARG A 1039 46.46 -10.26 45.60
C ARG A 1039 46.83 -11.50 44.80
N VAL A 1040 46.13 -12.60 45.06
CA VAL A 1040 46.45 -13.87 44.42
C VAL A 1040 45.88 -13.88 43.02
N ASP A 1041 46.71 -14.23 42.04
CA ASP A 1041 46.32 -14.39 40.63
C ASP A 1041 45.78 -13.10 40.03
N PHE A 1042 46.35 -11.97 40.42
CA PHE A 1042 45.97 -10.71 39.82
C PHE A 1042 47.00 -10.20 38.84
N CYS A 1043 48.26 -10.55 39.06
CA CYS A 1043 49.38 -10.15 38.21
C CYS A 1043 50.16 -11.40 37.84
N GLY A 1044 49.47 -12.39 37.33
CA GLY A 1044 50.08 -13.65 36.91
C GLY A 1044 49.72 -14.78 37.84
N LYS A 1045 50.35 -15.92 37.62
CA LYS A 1045 50.15 -17.11 38.43
C LYS A 1045 51.48 -17.53 39.03
N GLY A 1046 51.56 -17.53 40.34
CA GLY A 1046 52.77 -17.63 41.11
C GLY A 1046 52.77 -16.51 42.12
N TYR A 1047 53.95 -16.14 42.59
CA TYR A 1047 54.10 -15.00 43.49
C TYR A 1047 54.63 -13.83 42.70
N HIS A 1048 53.86 -12.74 42.64
CA HIS A 1048 54.21 -11.63 41.79
C HIS A 1048 55.53 -11.02 42.18
N LEU A 1049 56.46 -10.93 41.23
CA LEU A 1049 57.66 -10.13 41.40
C LEU A 1049 57.51 -8.77 40.73
N MET A 1050 57.28 -8.73 39.41
CA MET A 1050 57.21 -7.44 38.72
C MET A 1050 56.48 -7.61 37.40
N SER A 1051 56.11 -6.49 36.79
CA SER A 1051 55.34 -6.50 35.55
C SER A 1051 55.89 -5.44 34.61
N PHE A 1052 55.79 -5.70 33.31
CA PHE A 1052 56.23 -4.78 32.27
C PHE A 1052 55.14 -4.54 31.25
N PRO A 1053 54.82 -3.29 30.91
CA PRO A 1053 53.81 -3.03 29.88
C PRO A 1053 54.37 -2.93 28.47
N GLN A 1054 53.55 -3.33 27.50
CA GLN A 1054 53.82 -3.18 26.09
C GLN A 1054 52.54 -2.73 25.39
N SER A 1055 52.66 -1.82 24.45
CA SER A 1055 51.49 -1.34 23.74
C SER A 1055 51.12 -2.28 22.61
N ALA A 1056 49.84 -2.37 22.32
CA ALA A 1056 49.29 -3.19 21.26
C ALA A 1056 48.35 -2.31 20.45
N PRO A 1057 47.88 -2.78 19.29
CA PRO A 1057 47.00 -1.95 18.45
C PRO A 1057 45.86 -1.20 19.14
N HIS A 1058 44.97 -1.87 19.86
CA HIS A 1058 43.95 -1.14 20.61
C HIS A 1058 43.94 -1.59 22.06
N GLY A 1059 45.10 -1.90 22.60
CA GLY A 1059 45.15 -2.40 23.94
C GLY A 1059 46.55 -2.47 24.47
N VAL A 1060 46.71 -3.28 25.49
CA VAL A 1060 47.97 -3.35 26.22
C VAL A 1060 48.24 -4.80 26.58
N VAL A 1061 49.51 -5.17 26.52
CA VAL A 1061 50.01 -6.46 26.94
C VAL A 1061 50.82 -6.25 28.21
N PHE A 1062 50.54 -7.03 29.24
CA PHE A 1062 51.38 -7.07 30.42
C PHE A 1062 52.21 -8.33 30.39
N LEU A 1063 53.51 -8.18 30.67
CA LEU A 1063 54.42 -9.30 30.89
C LEU A 1063 54.64 -9.42 32.38
N HIS A 1064 54.12 -10.47 32.98
CA HIS A 1064 54.18 -10.68 34.42
C HIS A 1064 55.34 -11.62 34.74
N VAL A 1065 56.20 -11.20 35.65
CA VAL A 1065 57.32 -12.00 36.14
C VAL A 1065 56.98 -12.44 37.55
N THR A 1066 56.90 -13.76 37.74
CA THR A 1066 56.56 -14.34 39.02
C THR A 1066 57.57 -15.41 39.42
N TYR A 1067 57.57 -15.69 40.71
CA TYR A 1067 58.38 -16.72 41.36
C TYR A 1067 57.52 -17.96 41.55
N VAL A 1068 58.05 -19.13 41.19
CA VAL A 1068 57.32 -20.38 41.36
C VAL A 1068 58.23 -21.35 42.11
N PRO A 1069 57.82 -21.89 43.25
CA PRO A 1069 58.67 -22.85 43.95
C PRO A 1069 58.69 -24.22 43.28
N ALA A 1070 59.79 -24.94 43.48
CA ALA A 1070 60.00 -26.18 42.75
C ALA A 1070 60.78 -27.16 43.60
N GLN A 1071 60.68 -28.44 43.22
CA GLN A 1071 61.48 -29.54 43.74
C GLN A 1071 61.34 -29.73 45.25
N GLU A 1072 60.16 -30.09 45.71
CA GLU A 1072 59.86 -30.18 47.13
C GLU A 1072 60.31 -31.51 47.72
N LYS A 1073 60.63 -31.47 49.02
CA LYS A 1073 60.90 -32.67 49.80
C LYS A 1073 59.94 -32.69 50.96
N ASN A 1074 59.62 -33.88 51.49
CA ASN A 1074 58.95 -33.94 52.77
C ASN A 1074 59.94 -34.12 53.91
N PHE A 1075 59.57 -33.53 55.05
CA PHE A 1075 60.20 -33.67 56.34
C PHE A 1075 59.09 -33.95 57.33
N THR A 1076 59.42 -34.10 58.61
CA THR A 1076 58.40 -34.18 59.64
C THR A 1076 58.46 -32.92 60.49
N THR A 1077 57.32 -32.48 60.99
CA THR A 1077 57.19 -31.21 61.69
C THR A 1077 56.66 -31.40 63.11
N ALA A 1078 56.82 -30.35 63.89
CA ALA A 1078 56.21 -30.18 65.18
C ALA A 1078 55.81 -28.73 65.33
N PRO A 1079 54.82 -28.43 66.12
CA PRO A 1079 54.44 -27.03 66.33
C PRO A 1079 55.35 -26.26 67.26
N ALA A 1080 55.98 -26.94 68.20
CA ALA A 1080 56.79 -26.29 69.22
C ALA A 1080 57.83 -27.29 69.69
N ILE A 1081 58.80 -26.79 70.44
CA ILE A 1081 59.86 -27.62 71.00
C ILE A 1081 59.82 -27.45 72.52
N CYS A 1082 59.87 -28.56 73.25
CA CYS A 1082 59.91 -28.48 74.70
C CYS A 1082 61.35 -28.58 75.17
N HIS A 1083 61.72 -27.70 76.09
CA HIS A 1083 63.09 -27.65 76.60
C HIS A 1083 63.07 -26.93 77.93
N ASP A 1084 63.63 -27.56 78.96
CA ASP A 1084 63.66 -27.01 80.31
C ASP A 1084 62.26 -26.72 80.83
N GLY A 1085 61.29 -27.49 80.38
CA GLY A 1085 59.93 -27.27 80.82
C GLY A 1085 59.22 -26.13 80.15
N LYS A 1086 59.83 -25.53 79.13
CA LYS A 1086 59.22 -24.43 78.39
C LYS A 1086 58.91 -24.86 76.96
N ALA A 1087 57.99 -24.12 76.34
CA ALA A 1087 57.58 -24.37 74.97
C ALA A 1087 58.09 -23.26 74.06
N HIS A 1088 58.77 -23.62 72.98
CA HIS A 1088 59.42 -22.68 72.09
C HIS A 1088 58.75 -22.76 70.72
N PHE A 1089 58.51 -21.60 70.14
CA PHE A 1089 57.91 -21.45 68.84
C PHE A 1089 58.86 -20.69 67.93
N PRO A 1090 58.87 -20.98 66.63
CA PRO A 1090 59.79 -20.27 65.75
C PRO A 1090 59.36 -18.84 65.50
N ARG A 1091 60.34 -17.96 65.41
CA ARG A 1091 60.05 -16.55 65.19
C ARG A 1091 59.49 -16.30 63.80
N GLU A 1092 60.12 -16.87 62.76
CA GLU A 1092 59.59 -16.70 61.41
C GLU A 1092 59.75 -17.94 60.55
N GLY A 1093 59.70 -19.13 61.12
CA GLY A 1093 59.90 -20.28 60.27
C GLY A 1093 59.05 -21.48 60.58
N VAL A 1094 59.60 -22.65 60.29
CA VAL A 1094 59.01 -23.93 60.66
C VAL A 1094 60.10 -24.81 61.22
N PHE A 1095 59.75 -25.57 62.25
CA PHE A 1095 60.60 -26.63 62.76
C PHE A 1095 60.50 -27.86 61.88
N VAL A 1096 61.63 -28.38 61.41
CA VAL A 1096 61.61 -29.56 60.57
C VAL A 1096 62.66 -30.56 61.07
N SER A 1097 62.52 -31.80 60.62
CA SER A 1097 63.39 -32.90 61.04
C SER A 1097 63.83 -33.66 59.82
N ASN A 1098 65.14 -33.87 59.65
CA ASN A 1098 65.60 -34.67 58.52
C ASN A 1098 65.58 -36.17 58.80
N GLY A 1099 65.02 -36.58 59.93
CA GLY A 1099 64.99 -37.97 60.31
C GLY A 1099 65.51 -38.15 61.71
N THR A 1100 66.58 -37.42 62.03
CA THR A 1100 67.21 -37.50 63.33
C THR A 1100 67.51 -36.16 63.98
N HIS A 1101 67.54 -35.05 63.25
CA HIS A 1101 67.90 -33.76 63.81
C HIS A 1101 66.82 -32.73 63.50
N TRP A 1102 66.77 -31.68 64.32
CA TRP A 1102 65.74 -30.68 64.26
C TRP A 1102 66.32 -29.31 63.92
N PHE A 1103 65.75 -28.67 62.90
CA PHE A 1103 66.21 -27.39 62.40
C PHE A 1103 65.04 -26.43 62.28
N VAL A 1104 65.33 -25.19 61.93
CA VAL A 1104 64.34 -24.19 61.53
C VAL A 1104 64.62 -23.80 60.09
N THR A 1105 63.59 -23.79 59.25
CA THR A 1105 63.70 -23.17 57.94
C THR A 1105 62.75 -21.99 57.83
N GLN A 1106 62.95 -21.22 56.78
CA GLN A 1106 61.90 -20.35 56.28
C GLN A 1106 60.97 -21.16 55.39
N ARG A 1107 59.73 -20.72 55.30
CA ARG A 1107 58.68 -21.62 54.85
C ARG A 1107 58.66 -21.87 53.36
N ASN A 1108 59.24 -21.01 52.53
CA ASN A 1108 59.17 -21.17 51.10
C ASN A 1108 60.46 -21.65 50.46
N PHE A 1109 61.55 -21.74 51.20
CA PHE A 1109 62.81 -22.16 50.61
C PHE A 1109 63.59 -22.89 51.68
N TYR A 1110 64.11 -24.06 51.34
CA TYR A 1110 64.73 -24.93 52.33
C TYR A 1110 66.13 -24.45 52.65
N GLU A 1111 66.34 -24.10 53.92
CA GLU A 1111 67.62 -23.56 54.38
C GLU A 1111 67.69 -23.76 55.89
N PRO A 1112 68.12 -24.94 56.33
CA PRO A 1112 67.98 -25.29 57.75
C PRO A 1112 69.02 -24.64 58.66
N GLN A 1113 68.60 -24.34 59.88
CA GLN A 1113 69.43 -23.65 60.85
C GLN A 1113 69.30 -24.37 62.18
N ILE A 1114 70.29 -24.21 63.02
CA ILE A 1114 70.24 -24.76 64.37
C ILE A 1114 69.25 -23.95 65.19
N ILE A 1115 68.41 -24.65 65.95
CA ILE A 1115 67.44 -24.00 66.81
C ILE A 1115 68.16 -23.38 68.00
N THR A 1116 68.08 -22.07 68.12
CA THR A 1116 68.69 -21.33 69.21
C THR A 1116 67.66 -20.42 69.84
N THR A 1117 68.06 -19.69 70.87
CA THR A 1117 67.18 -18.72 71.50
C THR A 1117 67.15 -17.40 70.77
N ASP A 1118 67.72 -17.33 69.57
CA ASP A 1118 67.68 -16.14 68.74
C ASP A 1118 66.65 -16.26 67.62
N ASN A 1119 66.25 -17.48 67.28
CA ASN A 1119 65.26 -17.67 66.23
C ASN A 1119 64.00 -18.32 66.77
N THR A 1120 63.86 -18.45 68.09
CA THR A 1120 62.65 -18.95 68.72
C THR A 1120 62.24 -18.00 69.83
N PHE A 1121 61.00 -18.13 70.29
CA PHE A 1121 60.55 -17.43 71.48
C PHE A 1121 59.78 -18.39 72.36
N VAL A 1122 59.59 -18.01 73.62
CA VAL A 1122 59.04 -18.88 74.65
C VAL A 1122 57.68 -18.35 75.07
N SER A 1123 56.75 -19.26 75.32
CA SER A 1123 55.52 -18.91 76.01
C SER A 1123 54.91 -20.16 76.60
N GLY A 1124 54.88 -20.25 77.93
CA GLY A 1124 54.18 -21.30 78.60
C GLY A 1124 55.04 -22.52 78.89
N ASN A 1125 54.37 -23.52 79.43
CA ASN A 1125 55.01 -24.80 79.74
C ASN A 1125 54.53 -25.84 78.73
N CYS A 1126 55.28 -26.93 78.62
CA CYS A 1126 55.07 -27.80 77.48
C CYS A 1126 54.12 -28.95 77.80
N ASP A 1127 52.91 -28.64 78.27
CA ASP A 1127 51.87 -29.62 78.43
C ASP A 1127 50.49 -29.17 77.95
N VAL A 1128 50.38 -28.02 77.30
CA VAL A 1128 49.11 -27.59 76.72
C VAL A 1128 49.10 -27.68 75.20
N VAL A 1129 50.22 -27.47 74.53
CA VAL A 1129 50.33 -27.68 73.09
C VAL A 1129 50.26 -29.18 72.82
N ILE A 1130 49.62 -29.57 71.73
CA ILE A 1130 49.56 -30.98 71.36
C ILE A 1130 50.42 -31.20 70.12
N GLY A 1131 51.41 -32.05 70.26
CA GLY A 1131 52.41 -32.26 69.24
C GLY A 1131 53.80 -31.78 69.58
N ILE A 1132 54.02 -31.22 70.77
CA ILE A 1132 55.36 -30.80 71.17
C ILE A 1132 56.33 -31.97 71.05
N VAL A 1133 57.56 -31.67 70.68
CA VAL A 1133 58.62 -32.67 70.73
C VAL A 1133 59.71 -32.17 71.67
N ASN A 1134 60.48 -33.13 72.18
CA ASN A 1134 61.59 -32.86 73.07
C ASN A 1134 62.85 -32.66 72.25
N ASN A 1135 63.55 -31.56 72.48
CA ASN A 1135 64.81 -31.29 71.80
C ASN A 1135 65.48 -30.15 72.54
N THR A 1136 66.76 -29.97 72.27
CA THR A 1136 67.55 -28.97 72.97
C THR A 1136 67.57 -27.67 72.19
N VAL A 1137 67.40 -26.56 72.90
CA VAL A 1137 67.46 -25.22 72.34
C VAL A 1137 68.76 -24.61 72.83
N TYR A 1138 69.59 -24.20 71.91
CA TYR A 1138 70.97 -23.83 72.21
C TYR A 1138 71.07 -22.35 72.54
N ASP A 1139 71.69 -22.05 73.64
CA ASP A 1139 71.96 -20.69 74.07
C ASP A 1139 73.33 -20.25 73.60
N PRO A 1140 73.43 -19.14 72.87
CA PRO A 1140 74.74 -18.74 72.34
C PRO A 1140 75.67 -18.15 73.38
N LEU A 1141 75.17 -17.40 74.35
CA LEU A 1141 76.00 -16.80 75.39
C LEU A 1141 76.63 -17.86 76.29
N GLN A 1142 75.82 -18.78 76.79
CA GLN A 1142 76.21 -19.77 77.79
C GLN A 1142 77.58 -20.41 77.53
N PRO A 1143 77.85 -20.99 76.36
CA PRO A 1143 79.22 -21.46 76.11
C PRO A 1143 80.22 -20.33 75.94
N GLU A 1144 79.93 -19.42 75.01
CA GLU A 1144 80.91 -18.45 74.56
C GLU A 1144 81.51 -17.69 75.74
N LEU A 1145 80.65 -17.14 76.59
CA LEU A 1145 81.08 -16.49 77.82
C LEU A 1145 82.00 -17.40 78.62
N ASP A 1146 81.65 -18.67 78.71
CA ASP A 1146 82.41 -19.63 79.52
C ASP A 1146 83.32 -20.52 78.67
N ALA B 27 -38.25 -4.39 49.30
CA ALA B 27 -37.15 -4.69 50.21
C ALA B 27 -35.83 -4.73 49.46
N TYR B 28 -34.74 -4.94 50.19
CA TYR B 28 -33.42 -5.06 49.61
C TYR B 28 -32.61 -6.02 50.44
N THR B 29 -31.44 -6.38 49.93
CA THR B 29 -30.55 -7.31 50.61
C THR B 29 -29.19 -7.28 49.91
N ASN B 30 -28.36 -8.25 50.26
CA ASN B 30 -26.95 -8.25 49.93
C ASN B 30 -26.58 -9.55 49.21
N SER B 31 -26.18 -9.43 47.95
CA SER B 31 -25.34 -10.46 47.36
C SER B 31 -23.98 -10.36 48.00
N PHE B 32 -23.41 -11.49 48.39
CA PHE B 32 -22.09 -11.46 48.97
C PHE B 32 -21.09 -11.75 47.87
N THR B 33 -21.05 -12.96 47.34
CA THR B 33 -20.17 -13.34 46.24
C THR B 33 -20.92 -14.23 45.25
N ARG B 34 -22.22 -14.00 45.12
CA ARG B 34 -23.05 -14.81 44.25
C ARG B 34 -22.93 -14.32 42.81
N GLY B 35 -23.17 -15.23 41.87
CA GLY B 35 -23.37 -14.85 40.48
C GLY B 35 -22.15 -14.87 39.59
N VAL B 36 -21.29 -15.86 39.72
CA VAL B 36 -20.12 -16.01 38.87
C VAL B 36 -20.35 -17.20 37.95
N TYR B 37 -20.21 -17.00 36.65
CA TYR B 37 -20.39 -18.05 35.68
C TYR B 37 -19.09 -18.33 34.93
N TYR B 38 -19.01 -19.51 34.35
CA TYR B 38 -17.93 -19.87 33.43
C TYR B 38 -18.06 -19.07 32.14
N PRO B 39 -17.18 -18.10 31.87
CA PRO B 39 -17.39 -17.21 30.73
C PRO B 39 -17.11 -17.81 29.37
N ASP B 40 -16.49 -18.99 29.29
CA ASP B 40 -16.26 -19.63 28.00
C ASP B 40 -16.11 -21.13 28.20
N LYS B 41 -15.85 -21.83 27.10
CA LYS B 41 -15.81 -23.28 27.08
C LYS B 41 -14.41 -23.86 27.25
N VAL B 42 -13.46 -23.07 27.68
CA VAL B 42 -12.07 -23.48 27.79
C VAL B 42 -11.86 -24.18 29.13
N PHE B 43 -11.06 -25.22 29.12
CA PHE B 43 -10.65 -25.93 30.33
C PHE B 43 -9.31 -25.39 30.80
N ARG B 44 -9.17 -25.24 32.10
CA ARG B 44 -7.93 -24.75 32.68
C ARG B 44 -7.62 -25.54 33.93
N SER B 45 -6.38 -25.97 34.05
CA SER B 45 -5.92 -26.67 35.24
C SER B 45 -5.57 -25.63 36.30
N SER B 46 -4.82 -26.01 37.33
CA SER B 46 -4.60 -25.12 38.47
C SER B 46 -3.90 -23.87 37.99
N VAL B 47 -4.66 -22.77 37.91
CA VAL B 47 -4.20 -21.53 37.31
C VAL B 47 -5.11 -20.40 37.77
N LEU B 48 -4.63 -19.17 37.62
CA LEU B 48 -5.38 -17.96 37.89
C LEU B 48 -5.53 -17.19 36.59
N HIS B 49 -6.77 -16.84 36.25
CA HIS B 49 -7.05 -16.24 34.96
C HIS B 49 -7.88 -14.99 35.16
N SER B 50 -7.47 -13.90 34.52
CA SER B 50 -8.14 -12.62 34.63
C SER B 50 -8.99 -12.37 33.39
N THR B 51 -10.19 -11.82 33.58
CA THR B 51 -11.09 -11.64 32.46
C THR B 51 -12.04 -10.48 32.67
N GLN B 52 -12.27 -9.72 31.61
CA GLN B 52 -13.18 -8.59 31.60
C GLN B 52 -14.50 -9.02 30.95
N ASP B 53 -15.57 -9.05 31.73
CA ASP B 53 -16.86 -9.48 31.22
C ASP B 53 -17.99 -8.74 31.94
N LEU B 54 -19.21 -9.26 31.85
CA LEU B 54 -20.37 -8.67 32.53
C LEU B 54 -20.68 -9.51 33.75
N PHE B 55 -20.39 -8.98 34.93
CA PHE B 55 -20.60 -9.72 36.17
C PHE B 55 -21.46 -8.92 37.12
N LEU B 56 -22.00 -9.62 38.10
CA LEU B 56 -22.68 -8.99 39.21
C LEU B 56 -21.64 -8.62 40.26
N PRO B 57 -21.42 -7.34 40.53
CA PRO B 57 -20.35 -6.95 41.46
C PRO B 57 -20.57 -7.54 42.84
N PHE B 58 -19.46 -7.78 43.53
CA PHE B 58 -19.51 -8.33 44.87
C PHE B 58 -20.17 -7.33 45.81
N PHE B 59 -20.92 -7.87 46.77
CA PHE B 59 -21.57 -7.05 47.79
C PHE B 59 -22.49 -6.01 47.21
N SER B 60 -23.33 -6.43 46.27
CA SER B 60 -24.26 -5.55 45.56
C SER B 60 -25.57 -5.41 46.33
N ASN B 61 -26.27 -4.33 46.02
CA ASN B 61 -27.55 -4.01 46.64
C ASN B 61 -28.64 -4.61 45.77
N VAL B 62 -29.21 -5.73 46.21
CA VAL B 62 -30.05 -6.58 45.37
C VAL B 62 -31.47 -6.52 45.90
N THR B 63 -32.44 -6.28 45.01
CA THR B 63 -33.83 -6.17 45.44
C THR B 63 -34.37 -7.50 45.96
N TRP B 64 -35.61 -7.51 46.42
CA TRP B 64 -36.15 -8.70 47.07
C TRP B 64 -37.66 -8.69 46.90
N PHE B 65 -38.20 -9.77 46.33
CA PHE B 65 -39.62 -9.92 46.09
C PHE B 65 -40.16 -11.14 46.82
N HIS B 66 -41.39 -11.02 47.30
CA HIS B 66 -42.02 -11.96 48.21
C HIS B 66 -43.32 -12.49 47.62
N ALA B 67 -43.79 -13.59 48.20
CA ALA B 67 -45.04 -14.21 47.79
C ALA B 67 -46.10 -14.07 48.88
N ASN B 81 -46.27 -10.14 39.06
CA ASN B 81 -45.24 -9.39 39.78
C ASN B 81 -44.55 -8.41 38.83
N PRO B 82 -43.88 -7.39 39.36
CA PRO B 82 -43.50 -6.22 38.56
C PRO B 82 -42.83 -6.50 37.24
N VAL B 83 -42.94 -5.54 36.33
CA VAL B 83 -42.25 -5.60 35.04
C VAL B 83 -40.91 -4.89 35.16
N LEU B 84 -39.91 -5.63 35.64
CA LEU B 84 -38.56 -5.12 35.81
C LEU B 84 -37.90 -4.94 34.46
N PRO B 85 -36.89 -4.09 34.33
CA PRO B 85 -36.15 -4.03 33.06
C PRO B 85 -35.07 -5.11 32.93
N PHE B 86 -34.27 -5.01 31.87
CA PHE B 86 -33.18 -5.95 31.61
C PHE B 86 -31.82 -5.29 31.70
N ASN B 87 -31.58 -4.28 30.88
CA ASN B 87 -30.52 -3.28 30.93
C ASN B 87 -29.10 -3.75 30.58
N ASP B 88 -28.72 -4.98 30.91
CA ASP B 88 -27.51 -5.58 30.35
C ASP B 88 -27.48 -7.09 30.51
N GLY B 89 -28.50 -7.69 31.09
CA GLY B 89 -28.38 -9.01 31.63
C GLY B 89 -28.76 -9.00 33.09
N VAL B 90 -29.12 -10.17 33.60
CA VAL B 90 -29.81 -10.25 34.87
C VAL B 90 -29.33 -11.47 35.64
N TYR B 91 -29.04 -11.25 36.92
CA TYR B 91 -28.90 -12.33 37.89
C TYR B 91 -30.26 -12.58 38.51
N PHE B 92 -30.54 -13.84 38.82
CA PHE B 92 -31.86 -14.18 39.35
C PHE B 92 -31.68 -15.37 40.25
N ALA B 93 -32.32 -15.34 41.41
CA ALA B 93 -32.29 -16.49 42.28
C ALA B 93 -33.68 -16.69 42.85
N SER B 94 -33.92 -17.87 43.39
CA SER B 94 -35.25 -18.23 43.86
C SER B 94 -35.09 -19.16 45.05
N THR B 95 -36.11 -19.18 45.90
CA THR B 95 -36.13 -20.15 46.98
C THR B 95 -37.57 -20.44 47.37
N GLU B 96 -37.91 -21.73 47.33
CA GLU B 96 -39.18 -22.22 47.87
C GLU B 96 -39.16 -23.75 47.87
N LYS B 97 -39.83 -24.35 48.86
CA LYS B 97 -39.88 -25.81 48.97
C LYS B 97 -40.82 -26.43 47.95
N SER B 98 -41.98 -25.82 47.72
CA SER B 98 -42.84 -26.20 46.61
C SER B 98 -42.54 -25.26 45.45
N ASN B 99 -42.40 -25.83 44.24
CA ASN B 99 -41.87 -25.10 43.10
C ASN B 99 -42.91 -24.12 42.58
N ILE B 100 -42.96 -22.95 43.24
CA ILE B 100 -43.88 -21.87 42.87
C ILE B 100 -43.39 -21.06 41.67
N ILE B 101 -42.09 -20.82 41.58
CA ILE B 101 -41.53 -20.06 40.46
C ILE B 101 -41.46 -20.98 39.25
N ARG B 102 -41.98 -20.51 38.12
CA ARG B 102 -42.02 -21.35 36.94
C ARG B 102 -41.13 -20.82 35.83
N GLY B 103 -41.35 -19.60 35.38
CA GLY B 103 -40.71 -19.13 34.19
C GLY B 103 -40.70 -17.63 34.09
N TRP B 104 -40.38 -17.15 32.91
CA TRP B 104 -40.13 -15.74 32.69
C TRP B 104 -40.63 -15.38 31.31
N ILE B 105 -40.96 -14.11 31.12
CA ILE B 105 -41.30 -13.61 29.80
C ILE B 105 -40.44 -12.38 29.56
N PHE B 106 -39.94 -12.26 28.34
CA PHE B 106 -39.02 -11.19 27.98
C PHE B 106 -39.59 -10.45 26.78
N GLY B 107 -39.08 -9.26 26.53
CA GLY B 107 -39.46 -8.52 25.33
C GLY B 107 -39.27 -7.02 25.44
N THR B 108 -39.32 -6.36 24.29
CA THR B 108 -39.18 -4.91 24.22
C THR B 108 -40.50 -4.17 24.39
N THR B 109 -41.63 -4.86 24.31
CA THR B 109 -42.92 -4.22 24.55
C THR B 109 -43.82 -5.09 25.40
N LEU B 110 -43.38 -6.32 25.67
CA LEU B 110 -44.19 -7.34 26.31
C LEU B 110 -45.57 -7.44 25.66
N ASP B 111 -45.62 -7.13 24.36
CA ASP B 111 -46.85 -6.92 23.62
C ASP B 111 -46.72 -7.41 22.19
N SER B 112 -47.86 -7.57 21.52
CA SER B 112 -47.88 -7.76 20.08
C SER B 112 -47.39 -6.51 19.38
N LYS B 113 -47.28 -6.58 18.06
CA LYS B 113 -46.65 -5.57 17.22
C LYS B 113 -45.13 -5.66 17.34
N THR B 114 -44.64 -6.54 18.21
CA THR B 114 -43.23 -6.92 18.29
C THR B 114 -43.15 -8.30 18.92
N GLN B 115 -42.05 -9.00 18.63
CA GLN B 115 -41.84 -10.36 19.09
C GLN B 115 -41.56 -10.41 20.58
N SER B 116 -41.65 -11.61 21.16
CA SER B 116 -41.32 -11.80 22.56
C SER B 116 -41.04 -13.27 22.81
N LEU B 117 -40.08 -13.51 23.69
CA LEU B 117 -39.71 -14.84 24.14
C LEU B 117 -40.51 -15.20 25.37
N LEU B 118 -40.83 -16.49 25.51
CA LEU B 118 -41.52 -16.97 26.69
C LEU B 118 -40.92 -18.31 27.09
N ILE B 119 -40.26 -18.33 28.23
CA ILE B 119 -39.84 -19.57 28.86
C ILE B 119 -40.86 -19.87 29.93
N VAL B 120 -41.22 -21.14 30.06
CA VAL B 120 -42.27 -21.49 31.00
C VAL B 120 -42.05 -22.92 31.47
N ASN B 121 -42.75 -23.32 32.51
CA ASN B 121 -42.73 -24.72 32.92
C ASN B 121 -44.03 -25.05 33.63
N ASN B 122 -45.01 -25.56 32.90
CA ASN B 122 -46.26 -25.98 33.53
C ASN B 122 -46.03 -27.34 34.16
N ALA B 123 -47.10 -28.05 34.52
CA ALA B 123 -46.94 -29.40 35.01
C ALA B 123 -46.12 -30.27 34.06
N THR B 124 -46.45 -30.27 32.77
CA THR B 124 -45.58 -30.86 31.77
C THR B 124 -44.30 -30.03 31.72
N ASN B 125 -43.18 -30.68 31.47
CA ASN B 125 -41.89 -30.04 31.73
C ASN B 125 -41.58 -28.93 30.75
N VAL B 126 -40.35 -28.42 30.81
CA VAL B 126 -39.94 -27.16 30.19
C VAL B 126 -40.49 -27.01 28.79
N VAL B 127 -41.00 -25.82 28.47
CA VAL B 127 -41.46 -25.50 27.12
C VAL B 127 -41.07 -24.05 26.84
N ILE B 128 -40.38 -23.83 25.74
CA ILE B 128 -39.89 -22.51 25.35
C ILE B 128 -40.56 -22.13 24.04
N LYS B 129 -40.90 -20.86 23.89
CA LYS B 129 -41.48 -20.39 22.64
C LYS B 129 -41.00 -18.98 22.37
N VAL B 130 -41.05 -18.58 21.10
CA VAL B 130 -40.77 -17.20 20.74
C VAL B 130 -41.80 -16.75 19.72
N CYS B 131 -42.83 -16.07 20.18
CA CYS B 131 -43.93 -15.70 19.27
C CYS B 131 -44.33 -14.25 19.52
N GLU B 132 -45.47 -13.88 18.97
CA GLU B 132 -46.04 -12.56 19.24
C GLU B 132 -47.27 -12.73 20.11
N PHE B 133 -47.38 -11.89 21.14
CA PHE B 133 -48.38 -12.06 22.18
C PHE B 133 -49.02 -10.73 22.54
N GLN B 134 -50.32 -10.75 22.78
CA GLN B 134 -50.95 -9.72 23.59
C GLN B 134 -51.08 -10.29 24.99
N PHE B 135 -50.18 -9.86 25.88
CA PHE B 135 -49.98 -10.48 27.18
C PHE B 135 -50.99 -9.96 28.20
N CYS B 136 -51.41 -10.87 29.09
CA CYS B 136 -52.21 -10.49 30.24
C CYS B 136 -51.39 -9.57 31.14
N ASN B 137 -51.99 -8.47 31.59
CA ASN B 137 -51.24 -7.53 32.43
C ASN B 137 -51.10 -8.01 33.86
N ASP B 138 -51.69 -9.16 34.20
CA ASP B 138 -51.52 -9.80 35.50
C ASP B 138 -51.45 -11.31 35.29
N PRO B 139 -50.37 -11.80 34.68
CA PRO B 139 -50.32 -13.22 34.28
C PRO B 139 -49.88 -14.12 35.42
N PHE B 140 -50.29 -15.38 35.35
CA PHE B 140 -50.00 -16.36 36.39
C PHE B 140 -50.49 -17.73 35.95
N LEU B 141 -50.18 -18.73 36.75
CA LEU B 141 -50.56 -20.12 36.49
C LEU B 141 -51.25 -20.69 37.72
N GLY B 142 -52.50 -21.09 37.57
CA GLY B 142 -53.27 -21.55 38.71
C GLY B 142 -52.83 -22.94 39.14
N VAL B 143 -52.29 -23.03 40.37
CA VAL B 143 -51.89 -24.29 40.99
C VAL B 143 -51.06 -25.15 40.06
N MET B 153 -61.13 -24.14 38.53
CA MET B 153 -60.26 -23.94 39.68
C MET B 153 -59.09 -24.91 39.61
N GLU B 154 -57.89 -24.40 39.94
CA GLU B 154 -56.63 -25.12 39.86
C GLU B 154 -56.20 -25.36 38.42
N SER B 155 -56.80 -24.62 37.47
CA SER B 155 -56.41 -24.65 36.08
C SER B 155 -55.35 -23.58 35.80
N GLU B 156 -54.62 -23.78 34.71
CA GLU B 156 -53.34 -23.11 34.54
C GLU B 156 -53.36 -22.11 33.38
N PHE B 157 -52.20 -21.52 33.10
CA PHE B 157 -51.89 -20.79 31.88
C PHE B 157 -52.81 -19.61 31.58
N ARG B 158 -52.72 -18.59 32.42
CA ARG B 158 -53.45 -17.35 32.23
C ARG B 158 -52.48 -16.27 31.76
N VAL B 159 -51.56 -16.65 30.86
CA VAL B 159 -50.41 -15.84 30.51
C VAL B 159 -50.72 -14.83 29.41
N TYR B 160 -51.10 -15.32 28.23
CA TYR B 160 -51.37 -14.45 27.09
C TYR B 160 -52.78 -14.73 26.56
N SER B 161 -53.25 -13.81 25.72
CA SER B 161 -54.52 -14.00 25.03
C SER B 161 -54.33 -14.51 23.60
N SER B 162 -53.15 -14.32 23.03
CA SER B 162 -52.93 -14.62 21.62
C SER B 162 -51.52 -15.13 21.43
N ALA B 163 -51.38 -16.07 20.49
CA ALA B 163 -50.11 -16.63 20.07
C ALA B 163 -50.06 -16.53 18.55
N ASN B 164 -49.47 -15.44 18.04
CA ASN B 164 -49.56 -15.14 16.62
C ASN B 164 -48.17 -14.90 16.07
N ASN B 165 -48.03 -15.02 14.76
CA ASN B 165 -46.77 -14.72 14.06
C ASN B 165 -45.62 -15.57 14.59
N CYS B 166 -45.95 -16.73 15.14
CA CYS B 166 -45.02 -17.41 16.02
C CYS B 166 -43.83 -17.97 15.24
N THR B 167 -42.83 -18.41 15.99
CA THR B 167 -41.48 -18.74 15.53
C THR B 167 -40.94 -19.79 16.48
N PHE B 168 -39.62 -19.83 16.67
CA PHE B 168 -38.90 -20.84 17.43
C PHE B 168 -39.71 -21.43 18.57
N GLU B 169 -39.73 -22.75 18.68
CA GLU B 169 -40.40 -23.42 19.78
C GLU B 169 -39.53 -24.59 20.22
N TYR B 170 -39.82 -25.10 21.40
CA TYR B 170 -39.17 -26.30 21.94
C TYR B 170 -40.05 -26.83 23.06
N VAL B 171 -40.19 -28.15 23.12
CA VAL B 171 -40.94 -28.79 24.18
C VAL B 171 -40.18 -30.05 24.57
N SER B 172 -40.23 -30.40 25.85
CA SER B 172 -39.70 -31.66 26.31
C SER B 172 -40.76 -32.75 26.25
N LYS B 187 -33.68 -26.42 51.96
CA LYS B 187 -34.44 -26.15 50.76
C LYS B 187 -33.53 -26.04 49.54
N ASN B 188 -34.06 -25.47 48.46
CA ASN B 188 -33.38 -25.49 47.18
C ASN B 188 -33.28 -24.08 46.61
N LEU B 189 -32.05 -23.61 46.42
CA LEU B 189 -31.76 -22.33 45.81
C LEU B 189 -31.39 -22.57 44.35
N ARG B 190 -31.90 -21.72 43.45
CA ARG B 190 -31.75 -21.94 42.03
C ARG B 190 -31.38 -20.62 41.36
N GLU B 191 -30.13 -20.54 40.90
CA GLU B 191 -29.62 -19.33 40.28
C GLU B 191 -29.63 -19.39 38.77
N PHE B 192 -29.78 -18.22 38.17
CA PHE B 192 -29.81 -18.08 36.73
C PHE B 192 -29.17 -16.76 36.33
N VAL B 193 -28.30 -16.81 35.34
CA VAL B 193 -27.80 -15.61 34.71
C VAL B 193 -28.34 -15.59 33.29
N PHE B 194 -29.00 -14.50 32.91
CA PHE B 194 -29.53 -14.32 31.58
C PHE B 194 -28.77 -13.21 30.89
N LYS B 195 -28.30 -13.47 29.68
CA LYS B 195 -27.74 -12.40 28.87
C LYS B 195 -28.29 -12.53 27.46
N ASN B 196 -28.13 -11.46 26.69
CA ASN B 196 -28.66 -11.37 25.33
C ASN B 196 -27.65 -10.62 24.49
N ILE B 197 -26.72 -11.36 23.87
CA ILE B 197 -25.54 -10.78 23.24
C ILE B 197 -25.67 -10.92 21.74
N ASP B 198 -25.92 -9.78 21.08
CA ASP B 198 -25.94 -9.56 19.63
C ASP B 198 -26.39 -10.79 18.85
N GLY B 199 -27.53 -11.35 19.24
CA GLY B 199 -28.09 -12.49 18.55
C GLY B 199 -28.47 -13.67 19.42
N TYR B 200 -27.77 -13.90 20.53
CA TYR B 200 -27.98 -15.12 21.29
C TYR B 200 -28.51 -14.79 22.66
N PHE B 201 -29.48 -15.59 23.09
CA PHE B 201 -29.98 -15.52 24.46
C PHE B 201 -29.30 -16.64 25.22
N LYS B 202 -28.46 -16.29 26.19
CA LYS B 202 -27.68 -17.26 26.93
C LYS B 202 -28.17 -17.36 28.36
N ILE B 203 -28.11 -18.58 28.89
CA ILE B 203 -28.68 -18.93 30.18
C ILE B 203 -27.68 -19.80 30.92
N TYR B 204 -27.21 -19.33 32.07
CA TYR B 204 -26.40 -20.13 32.95
C TYR B 204 -27.20 -20.41 34.20
N SER B 205 -26.94 -21.52 34.86
CA SER B 205 -27.75 -21.86 36.02
C SER B 205 -27.01 -22.78 36.95
N LYS B 206 -27.44 -22.79 38.21
CA LYS B 206 -26.88 -23.62 39.26
C LYS B 206 -28.00 -23.96 40.22
N HIS B 207 -27.91 -25.16 40.82
CA HIS B 207 -28.93 -25.70 41.73
C HIS B 207 -28.24 -26.10 43.03
N THR B 208 -28.38 -25.28 44.05
CA THR B 208 -27.75 -25.61 45.31
C THR B 208 -28.79 -26.06 46.35
N PRO B 209 -28.46 -27.04 47.17
CA PRO B 209 -29.32 -27.36 48.31
C PRO B 209 -28.92 -26.59 49.56
N ILE B 210 -29.87 -25.90 50.18
CA ILE B 210 -29.60 -25.13 51.38
C ILE B 210 -30.31 -25.78 52.56
N ASN B 211 -29.98 -25.32 53.76
CA ASN B 211 -30.74 -25.64 54.97
C ASN B 211 -31.42 -24.41 55.51
N LEU B 212 -31.55 -23.38 54.69
CA LEU B 212 -32.41 -22.23 54.97
C LEU B 212 -33.84 -22.63 54.64
N VAL B 213 -34.73 -21.63 54.63
CA VAL B 213 -36.04 -21.91 54.08
C VAL B 213 -36.27 -21.11 52.80
N ARG B 214 -36.04 -19.80 52.84
CA ARG B 214 -36.28 -18.94 51.68
C ARG B 214 -35.32 -17.75 51.55
N ASP B 215 -34.32 -17.63 52.42
CA ASP B 215 -33.43 -16.47 52.40
C ASP B 215 -32.14 -16.75 51.65
N LEU B 216 -31.40 -15.67 51.34
CA LEU B 216 -30.19 -15.73 50.52
C LEU B 216 -28.97 -16.12 51.32
N PRO B 217 -28.44 -17.32 51.13
CA PRO B 217 -27.23 -17.73 51.85
C PRO B 217 -26.00 -16.99 51.37
N GLN B 218 -24.85 -17.33 51.92
CA GLN B 218 -23.59 -16.68 51.56
C GLN B 218 -22.52 -17.74 51.37
N GLY B 219 -22.15 -17.97 50.13
CA GLY B 219 -21.06 -18.86 49.81
C GLY B 219 -20.54 -18.54 48.43
N PHE B 220 -19.86 -19.51 47.82
CA PHE B 220 -19.38 -19.37 46.46
C PHE B 220 -19.73 -20.61 45.66
N SER B 221 -20.34 -20.40 44.50
CA SER B 221 -20.53 -21.45 43.51
C SER B 221 -20.64 -20.80 42.14
N ALA B 222 -20.19 -21.52 41.12
CA ALA B 222 -20.09 -20.97 39.76
C ALA B 222 -21.15 -21.57 38.87
N LEU B 223 -21.74 -20.74 38.02
CA LEU B 223 -22.87 -21.09 37.18
C LEU B 223 -22.39 -21.65 35.85
N GLU B 224 -22.82 -22.89 35.53
CA GLU B 224 -22.46 -23.61 34.31
C GLU B 224 -23.47 -23.34 33.21
N PRO B 225 -23.03 -23.28 31.95
CA PRO B 225 -23.95 -22.92 30.87
C PRO B 225 -24.97 -24.01 30.61
N LEU B 226 -26.24 -23.62 30.58
CA LEU B 226 -27.34 -24.58 30.44
C LEU B 226 -27.75 -24.71 28.97
N VAL B 227 -28.21 -23.62 28.37
CA VAL B 227 -28.72 -23.63 27.01
C VAL B 227 -28.14 -22.43 26.27
N ASP B 228 -28.56 -22.28 25.02
CA ASP B 228 -28.36 -21.07 24.26
C ASP B 228 -29.43 -21.06 23.18
N LEU B 229 -29.92 -19.86 22.84
CA LEU B 229 -31.02 -19.73 21.90
C LEU B 229 -30.67 -18.70 20.83
N PRO B 230 -30.61 -19.08 19.56
CA PRO B 230 -30.26 -18.13 18.50
C PRO B 230 -31.42 -17.28 18.00
N ILE B 231 -32.18 -16.65 18.90
CA ILE B 231 -33.45 -16.03 18.55
C ILE B 231 -33.27 -14.84 17.61
N GLY B 232 -32.61 -13.79 18.08
CA GLY B 232 -32.50 -12.58 17.29
C GLY B 232 -33.48 -11.52 17.74
N ILE B 233 -33.98 -11.69 18.95
CA ILE B 233 -35.00 -10.82 19.54
C ILE B 233 -34.36 -9.55 20.11
N ASN B 234 -35.20 -8.56 20.42
CA ASN B 234 -34.82 -7.36 21.15
C ASN B 234 -35.47 -7.41 22.53
N ILE B 235 -34.67 -7.29 23.59
CA ILE B 235 -35.18 -7.40 24.95
C ILE B 235 -34.86 -6.13 25.73
N THR B 236 -35.90 -5.54 26.33
CA THR B 236 -35.67 -4.43 27.24
C THR B 236 -36.45 -4.57 28.55
N ARG B 237 -37.31 -5.56 28.69
CA ARG B 237 -38.08 -5.72 29.92
C ARG B 237 -38.23 -7.21 30.16
N PHE B 238 -38.79 -7.56 31.32
CA PHE B 238 -39.01 -8.96 31.62
C PHE B 238 -39.93 -9.05 32.84
N GLN B 239 -40.46 -10.25 33.07
CA GLN B 239 -41.40 -10.44 34.15
C GLN B 239 -41.44 -11.91 34.54
N THR B 240 -41.63 -12.15 35.82
CA THR B 240 -41.68 -13.49 36.39
C THR B 240 -43.09 -14.06 36.27
N LEU B 241 -43.18 -15.38 36.40
CA LEU B 241 -44.45 -16.10 36.38
C LEU B 241 -44.50 -17.01 37.59
N LEU B 242 -45.61 -16.94 38.34
CA LEU B 242 -45.74 -17.63 39.60
C LEU B 242 -47.03 -18.45 39.62
N ALA B 243 -47.03 -19.50 40.45
CA ALA B 243 -48.16 -20.39 40.57
C ALA B 243 -48.99 -20.05 41.80
N LEU B 244 -50.26 -19.70 41.58
CA LEU B 244 -51.19 -19.49 42.67
C LEU B 244 -51.55 -20.80 43.33
N HIS B 245 -52.34 -20.76 44.38
CA HIS B 245 -52.81 -21.98 45.03
C HIS B 245 -54.27 -21.83 45.42
N ARG B 246 -55.18 -22.22 44.53
CA ARG B 246 -56.61 -22.11 44.78
C ARG B 246 -57.15 -23.43 45.29
N SER B 247 -57.74 -23.40 46.47
CA SER B 247 -58.27 -24.60 47.11
C SER B 247 -59.12 -24.21 48.31
N ALA B 264 -39.77 -16.63 47.63
CA ALA B 264 -38.84 -15.52 47.68
C ALA B 264 -37.92 -15.50 46.47
N TYR B 265 -37.67 -14.32 45.92
CA TYR B 265 -36.76 -14.27 44.79
C TYR B 265 -36.10 -12.89 44.64
N TYR B 266 -34.86 -12.90 44.16
CA TYR B 266 -33.98 -11.73 44.14
C TYR B 266 -33.54 -11.43 42.73
N VAL B 267 -33.21 -10.17 42.46
CA VAL B 267 -32.86 -9.76 41.11
C VAL B 267 -31.72 -8.73 41.14
N GLY B 268 -30.54 -9.15 40.70
CA GLY B 268 -29.43 -8.24 40.50
C GLY B 268 -29.21 -7.94 39.03
N TYR B 269 -28.25 -7.07 38.77
CA TYR B 269 -27.90 -6.70 37.41
C TYR B 269 -26.43 -6.98 37.15
N LEU B 270 -26.02 -6.82 35.90
CA LEU B 270 -24.67 -7.11 35.46
C LEU B 270 -24.05 -5.85 34.87
N GLN B 271 -22.86 -5.51 35.33
CA GLN B 271 -22.07 -4.44 34.75
C GLN B 271 -20.74 -4.96 34.28
N PRO B 272 -20.07 -4.24 33.38
CA PRO B 272 -18.74 -4.66 32.91
C PRO B 272 -17.68 -4.54 33.99
N ARG B 273 -17.22 -5.69 34.48
CA ARG B 273 -16.24 -5.79 35.54
C ARG B 273 -14.98 -6.47 35.01
N THR B 274 -13.98 -6.57 35.88
CA THR B 274 -12.82 -7.43 35.63
C THR B 274 -12.65 -8.31 36.85
N PHE B 275 -12.53 -9.61 36.62
CA PHE B 275 -12.43 -10.55 37.71
C PHE B 275 -11.16 -11.36 37.56
N LEU B 276 -10.78 -12.03 38.65
CA LEU B 276 -9.66 -12.95 38.68
C LEU B 276 -10.22 -14.27 39.18
N LEU B 277 -10.36 -15.24 38.28
CA LEU B 277 -10.89 -16.54 38.67
C LEU B 277 -9.76 -17.50 38.97
N LYS B 278 -9.96 -18.34 39.97
CA LYS B 278 -9.02 -19.39 40.33
C LYS B 278 -9.61 -20.71 39.92
N TYR B 279 -8.90 -21.46 39.08
CA TYR B 279 -9.39 -22.73 38.61
C TYR B 279 -8.80 -23.86 39.44
N ASN B 280 -9.66 -24.82 39.78
CA ASN B 280 -9.28 -26.05 40.44
C ASN B 280 -8.32 -26.84 39.57
N GLU B 281 -7.84 -27.99 40.04
CA GLU B 281 -7.12 -28.88 39.13
C GLU B 281 -8.07 -29.73 38.30
N ASN B 282 -9.34 -29.82 38.68
CA ASN B 282 -10.37 -30.43 37.87
C ASN B 282 -10.95 -29.47 36.85
N GLY B 283 -10.60 -28.19 36.92
CA GLY B 283 -11.09 -27.21 35.99
C GLY B 283 -12.28 -26.41 36.44
N THR B 284 -12.71 -26.54 37.70
CA THR B 284 -13.85 -25.81 38.20
C THR B 284 -13.39 -24.54 38.93
N ILE B 285 -14.16 -23.46 38.77
CA ILE B 285 -13.87 -22.21 39.45
C ILE B 285 -14.24 -22.35 40.92
N THR B 286 -13.27 -22.11 41.80
CA THR B 286 -13.52 -22.17 43.22
C THR B 286 -13.50 -20.82 43.91
N ASP B 287 -12.95 -19.79 43.29
CA ASP B 287 -12.85 -18.50 43.97
C ASP B 287 -12.64 -17.40 42.95
N ALA B 288 -12.93 -16.17 43.37
CA ALA B 288 -12.80 -15.03 42.48
C ALA B 288 -12.43 -13.79 43.26
N VAL B 289 -11.89 -12.80 42.55
CA VAL B 289 -11.51 -11.51 43.10
C VAL B 289 -12.11 -10.43 42.21
N ASP B 290 -12.93 -9.57 42.78
CA ASP B 290 -13.43 -8.40 42.05
C ASP B 290 -12.36 -7.33 42.06
N CYS B 291 -11.82 -7.00 40.90
CA CYS B 291 -10.63 -6.17 40.84
C CYS B 291 -10.88 -4.74 41.25
N ALA B 292 -12.14 -4.29 41.30
CA ALA B 292 -12.42 -2.94 41.76
C ALA B 292 -13.48 -3.02 42.84
N LEU B 293 -13.06 -3.38 44.03
CA LEU B 293 -13.95 -3.43 45.19
C LEU B 293 -13.31 -2.62 46.31
N ASP B 294 -11.99 -2.72 46.42
CA ASP B 294 -11.21 -2.04 47.44
C ASP B 294 -9.76 -2.07 46.99
N PRO B 295 -8.85 -1.43 47.74
CA PRO B 295 -7.46 -1.42 47.28
C PRO B 295 -6.76 -2.76 47.41
N LEU B 296 -7.13 -3.61 48.37
CA LEU B 296 -6.48 -4.90 48.47
C LEU B 296 -6.77 -5.79 47.27
N SER B 297 -8.02 -5.81 46.84
CA SER B 297 -8.38 -6.59 45.66
C SER B 297 -7.72 -6.08 44.41
N GLU B 298 -7.64 -4.76 44.25
CA GLU B 298 -6.85 -4.19 43.16
C GLU B 298 -5.41 -4.66 43.21
N THR B 299 -4.80 -4.69 44.39
CA THR B 299 -3.44 -5.19 44.51
C THR B 299 -3.35 -6.63 44.05
N LYS B 300 -4.28 -7.47 44.48
CA LYS B 300 -4.26 -8.87 44.10
C LYS B 300 -4.38 -9.03 42.59
N CYS B 301 -5.19 -8.19 41.96
CA CYS B 301 -5.35 -8.30 40.52
C CYS B 301 -4.11 -7.78 39.80
N THR B 302 -3.37 -6.87 40.42
CA THR B 302 -2.13 -6.38 39.82
C THR B 302 -1.02 -7.43 39.91
N LEU B 303 -0.94 -8.11 41.03
CA LEU B 303 0.08 -9.13 41.23
C LEU B 303 -0.33 -10.49 40.71
N LYS B 304 -1.58 -10.66 40.30
CA LYS B 304 -2.11 -11.92 39.78
C LYS B 304 -1.92 -13.06 40.78
N SER B 305 -2.36 -12.83 42.01
CA SER B 305 -2.23 -13.83 43.05
C SER B 305 -3.23 -13.51 44.14
N PHE B 306 -3.61 -14.55 44.89
CA PHE B 306 -4.56 -14.39 45.98
C PHE B 306 -3.87 -14.02 47.30
N THR B 307 -2.56 -14.24 47.41
CA THR B 307 -1.82 -13.88 48.60
C THR B 307 -0.84 -12.78 48.26
N VAL B 308 -0.73 -11.80 49.15
CA VAL B 308 0.20 -10.69 48.99
C VAL B 308 1.16 -10.69 50.17
N GLU B 309 2.41 -10.35 49.89
CA GLU B 309 3.43 -10.23 50.92
C GLU B 309 3.53 -8.79 51.41
N LYS B 310 4.28 -8.62 52.50
CA LYS B 310 4.61 -7.29 52.99
C LYS B 310 5.29 -6.48 51.89
N GLY B 311 4.88 -5.23 51.74
CA GLY B 311 5.45 -4.40 50.71
C GLY B 311 4.55 -3.22 50.41
N ILE B 312 4.92 -2.50 49.36
CA ILE B 312 4.14 -1.39 48.84
C ILE B 312 4.10 -1.55 47.33
N TYR B 313 2.89 -1.51 46.76
CA TYR B 313 2.68 -1.90 45.37
C TYR B 313 1.93 -0.80 44.66
N GLN B 314 2.44 -0.39 43.51
CA GLN B 314 1.71 0.58 42.71
C GLN B 314 0.62 -0.11 41.91
N THR B 315 -0.59 0.39 42.03
CA THR B 315 -1.74 -0.30 41.50
C THR B 315 -2.51 0.47 40.44
N SER B 316 -2.50 1.79 40.47
CA SER B 316 -3.31 2.52 39.51
C SER B 316 -2.87 3.98 39.48
N ASN B 317 -3.58 4.79 38.70
CA ASN B 317 -3.38 6.22 38.69
C ASN B 317 -4.63 6.87 39.26
N PHE B 318 -4.62 8.19 39.33
CA PHE B 318 -5.69 8.94 39.94
C PHE B 318 -5.75 10.30 39.28
N ARG B 319 -6.91 10.64 38.76
CA ARG B 319 -7.14 11.89 38.05
C ARG B 319 -8.43 12.52 38.55
N VAL B 320 -8.42 13.83 38.69
CA VAL B 320 -9.65 14.55 39.01
C VAL B 320 -10.46 14.75 37.73
N GLN B 321 -11.74 14.61 37.83
CA GLN B 321 -12.53 14.63 36.61
C GLN B 321 -13.19 15.99 36.41
N PRO B 322 -13.52 16.33 35.17
CA PRO B 322 -14.08 17.66 34.88
C PRO B 322 -15.44 17.88 35.50
N THR B 323 -15.58 18.99 36.23
CA THR B 323 -16.86 19.35 36.81
C THR B 323 -17.90 19.68 35.73
N GLU B 324 -17.55 20.58 34.81
CA GLU B 324 -18.51 21.09 33.85
C GLU B 324 -17.80 21.49 32.56
N SER B 325 -18.60 21.77 31.53
CA SER B 325 -18.12 22.12 30.20
C SER B 325 -18.54 23.55 29.88
N ILE B 326 -17.58 24.46 29.82
CA ILE B 326 -17.86 25.82 29.40
C ILE B 326 -17.51 25.97 27.92
N VAL B 327 -18.11 26.98 27.30
CA VAL B 327 -17.86 27.31 25.90
C VAL B 327 -17.71 28.82 25.79
N ARG B 328 -16.72 29.26 25.02
CA ARG B 328 -16.56 30.68 24.77
C ARG B 328 -16.37 30.89 23.27
N PHE B 329 -17.21 31.73 22.68
CA PHE B 329 -17.28 31.98 21.26
C PHE B 329 -17.46 33.48 21.06
N PRO B 330 -17.21 33.99 19.86
CA PRO B 330 -17.45 35.41 19.58
C PRO B 330 -18.92 35.68 19.30
N ASN B 331 -19.33 36.91 19.60
CA ASN B 331 -20.70 37.33 19.30
C ASN B 331 -20.79 37.71 17.83
N ILE B 332 -21.32 36.80 17.02
CA ILE B 332 -21.46 37.03 15.59
C ILE B 332 -22.93 36.87 15.24
N THR B 333 -23.51 37.95 14.73
CA THR B 333 -24.79 37.93 14.04
C THR B 333 -24.51 38.10 12.56
N ASN B 334 -25.56 38.38 11.78
CA ASN B 334 -25.37 38.60 10.35
C ASN B 334 -24.81 37.36 9.68
N LEU B 335 -25.65 36.32 9.54
CA LEU B 335 -25.28 35.01 9.01
C LEU B 335 -24.41 35.14 7.75
N CYS B 336 -23.64 34.10 7.44
CA CYS B 336 -22.85 34.18 6.21
C CYS B 336 -23.77 34.19 5.00
N PRO B 337 -23.64 35.20 4.16
CA PRO B 337 -24.38 35.21 2.91
C PRO B 337 -23.79 34.20 1.93
N PHE B 338 -24.19 32.94 2.09
CA PHE B 338 -23.84 31.88 1.16
C PHE B 338 -24.72 31.85 -0.07
N GLY B 339 -25.79 32.64 -0.09
CA GLY B 339 -26.65 32.71 -1.26
C GLY B 339 -26.01 33.38 -2.45
N GLU B 340 -25.11 34.35 -2.23
CA GLU B 340 -24.51 35.08 -3.33
C GLU B 340 -23.73 34.16 -4.27
N VAL B 341 -23.28 33.01 -3.78
CA VAL B 341 -22.45 32.11 -4.57
C VAL B 341 -23.19 30.86 -5.03
N PHE B 342 -24.02 30.24 -4.17
CA PHE B 342 -24.77 29.07 -4.59
C PHE B 342 -25.91 29.46 -5.52
N ASN B 343 -26.35 30.72 -5.45
CA ASN B 343 -27.42 31.23 -6.28
C ASN B 343 -26.98 32.40 -7.12
N ALA B 344 -25.85 32.27 -7.80
CA ALA B 344 -25.43 33.26 -8.77
C ALA B 344 -25.97 32.92 -10.15
N THR B 345 -26.37 33.96 -10.90
CA THR B 345 -26.81 33.80 -12.28
C THR B 345 -25.64 33.83 -13.25
N ARG B 346 -24.41 33.81 -12.73
CA ARG B 346 -23.20 33.82 -13.53
C ARG B 346 -22.20 32.86 -12.90
N PHE B 347 -21.58 32.05 -13.76
CA PHE B 347 -20.49 31.18 -13.34
C PHE B 347 -19.38 31.31 -14.36
N ALA B 348 -18.19 31.69 -13.90
CA ALA B 348 -17.04 31.83 -14.79
C ALA B 348 -16.61 30.46 -15.30
N SER B 349 -15.60 30.45 -16.16
CA SER B 349 -15.07 29.24 -16.76
C SER B 349 -13.89 28.71 -15.96
N VAL B 350 -13.40 27.54 -16.36
CA VAL B 350 -12.44 26.81 -15.54
C VAL B 350 -11.07 27.46 -15.48
N TYR B 351 -10.68 28.25 -16.47
CA TYR B 351 -9.36 28.87 -16.49
C TYR B 351 -9.38 30.31 -15.98
N ALA B 352 -10.55 30.86 -15.68
CA ALA B 352 -10.69 32.17 -15.07
C ALA B 352 -11.71 32.11 -13.94
N TRP B 353 -11.58 31.09 -13.09
CA TRP B 353 -12.52 30.88 -11.99
C TRP B 353 -12.57 32.10 -11.06
N ASN B 354 -13.73 32.31 -10.45
CA ASN B 354 -13.91 33.46 -9.57
C ASN B 354 -13.86 33.04 -8.11
N ARG B 355 -13.13 33.84 -7.32
CA ARG B 355 -12.90 33.58 -5.91
C ARG B 355 -13.59 34.67 -5.09
N LYS B 356 -14.46 34.26 -4.17
CA LYS B 356 -15.07 35.18 -3.22
C LYS B 356 -14.61 34.83 -1.83
N ARG B 357 -14.12 35.83 -1.10
CA ARG B 357 -13.67 35.66 0.27
C ARG B 357 -14.84 35.86 1.23
N ILE B 358 -15.02 34.92 2.15
CA ILE B 358 -16.05 34.98 3.16
C ILE B 358 -15.40 35.20 4.52
N SER B 359 -16.03 36.07 5.32
CA SER B 359 -15.49 36.54 6.59
C SER B 359 -16.63 37.17 7.39
N ASN B 360 -16.37 37.32 8.70
CA ASN B 360 -17.26 38.06 9.62
C ASN B 360 -18.70 37.59 9.49
N CYS B 361 -18.94 36.33 9.85
CA CYS B 361 -20.30 35.79 9.87
C CYS B 361 -20.27 34.39 10.44
N VAL B 362 -21.38 34.03 11.11
CA VAL B 362 -21.58 32.61 11.43
C VAL B 362 -21.83 31.85 10.14
N ALA B 363 -21.15 30.73 9.97
CA ALA B 363 -21.30 29.89 8.80
C ALA B 363 -22.11 28.67 9.18
N ASP B 364 -23.35 28.61 8.72
CA ASP B 364 -24.24 27.49 9.01
C ASP B 364 -24.22 26.55 7.82
N TYR B 365 -23.41 25.51 7.93
CA TYR B 365 -23.43 24.39 6.99
C TYR B 365 -24.59 23.45 7.25
N SER B 366 -25.42 23.76 8.24
CA SER B 366 -26.63 22.99 8.51
C SER B 366 -27.70 23.22 7.46
N VAL B 367 -27.72 24.43 6.88
CA VAL B 367 -28.61 24.70 5.77
C VAL B 367 -28.03 24.17 4.46
N LEU B 368 -26.87 23.51 4.53
CA LEU B 368 -26.19 22.96 3.37
C LEU B 368 -25.98 21.45 3.47
N TYR B 369 -25.80 20.92 4.67
CA TYR B 369 -25.48 19.51 4.84
C TYR B 369 -26.74 18.66 4.91
N ASN B 370 -27.78 19.16 5.57
CA ASN B 370 -29.09 18.53 5.52
C ASN B 370 -29.88 18.91 4.27
N SER B 371 -29.20 19.45 3.26
CA SER B 371 -29.82 19.80 1.99
C SER B 371 -29.38 18.80 0.93
N ALA B 372 -30.33 17.97 0.49
CA ALA B 372 -30.05 16.90 -0.48
C ALA B 372 -30.29 17.45 -1.87
N SER B 373 -29.42 18.35 -2.33
CA SER B 373 -29.60 18.93 -3.66
C SER B 373 -28.31 19.00 -4.46
N PHE B 374 -27.21 18.41 -4.00
CA PHE B 374 -25.95 18.43 -4.72
C PHE B 374 -25.54 17.01 -5.08
N SER B 375 -24.74 16.90 -6.14
CA SER B 375 -24.27 15.62 -6.64
C SER B 375 -23.02 15.11 -5.96
N THR B 376 -22.15 16.00 -5.46
CA THR B 376 -20.94 15.60 -4.77
C THR B 376 -20.67 16.59 -3.65
N PHE B 377 -20.38 16.06 -2.44
CA PHE B 377 -20.02 16.85 -1.25
C PHE B 377 -18.85 16.13 -0.58
N LYS B 378 -17.63 16.44 -1.00
CA LYS B 378 -16.44 15.72 -0.56
C LYS B 378 -15.51 16.64 0.21
N CYS B 379 -15.38 16.41 1.51
CA CYS B 379 -14.51 17.21 2.36
C CYS B 379 -13.18 16.48 2.54
N TYR B 380 -12.12 17.26 2.74
CA TYR B 380 -10.77 16.74 2.88
C TYR B 380 -10.09 17.43 4.05
N GLY B 381 -9.73 16.65 5.06
CA GLY B 381 -9.17 17.19 6.29
C GLY B 381 -10.19 17.50 7.35
N VAL B 382 -11.47 17.55 6.99
CA VAL B 382 -12.55 17.81 7.92
C VAL B 382 -13.66 16.81 7.63
N SER B 383 -14.65 16.79 8.51
CA SER B 383 -15.83 15.97 8.32
C SER B 383 -17.04 16.88 8.19
N PRO B 384 -17.83 16.76 7.13
CA PRO B 384 -18.87 17.75 6.85
C PRO B 384 -19.94 17.85 7.93
N THR B 385 -19.88 17.00 8.95
CA THR B 385 -20.84 17.04 10.04
C THR B 385 -20.32 17.76 11.26
N LYS B 386 -19.05 18.15 11.27
CA LYS B 386 -18.43 18.82 12.42
C LYS B 386 -18.03 20.25 12.10
N LEU B 387 -18.57 20.82 11.03
CA LEU B 387 -18.18 22.15 10.59
C LEU B 387 -18.81 23.25 11.43
N ASN B 388 -19.82 22.93 12.22
CA ASN B 388 -20.49 23.92 13.05
C ASN B 388 -19.87 24.03 14.45
N ASP B 389 -18.87 23.22 14.75
CA ASP B 389 -18.17 23.28 16.02
C ASP B 389 -16.82 23.97 15.92
N LEU B 390 -16.34 24.24 14.72
CA LEU B 390 -15.03 24.82 14.51
C LEU B 390 -15.14 26.33 14.34
N CYS B 391 -13.98 26.97 14.23
CA CYS B 391 -13.92 28.36 13.85
C CYS B 391 -12.76 28.53 12.87
N PHE B 392 -12.97 29.37 11.86
CA PHE B 392 -12.01 29.50 10.78
C PHE B 392 -11.54 30.94 10.67
N THR B 393 -10.36 31.10 10.07
CA THR B 393 -9.75 32.40 9.91
C THR B 393 -10.28 33.11 8.67
N ASN B 394 -10.40 32.40 7.55
CA ASN B 394 -10.94 32.94 6.32
C ASN B 394 -11.75 31.85 5.65
N VAL B 395 -12.50 32.24 4.62
CA VAL B 395 -13.08 31.27 3.68
C VAL B 395 -12.79 31.74 2.25
N TYR B 396 -12.38 30.81 1.41
CA TYR B 396 -12.31 31.07 -0.02
C TYR B 396 -13.32 30.19 -0.74
N ALA B 397 -14.26 30.81 -1.43
CA ALA B 397 -15.22 30.08 -2.25
C ALA B 397 -14.83 30.28 -3.70
N ASP B 398 -14.41 29.21 -4.36
CA ASP B 398 -14.07 29.25 -5.77
C ASP B 398 -15.22 28.64 -6.55
N SER B 399 -15.84 29.43 -7.42
CA SER B 399 -17.09 29.00 -8.04
C SER B 399 -16.97 29.04 -9.56
N PHE B 400 -17.28 27.92 -10.20
CA PHE B 400 -17.17 27.87 -11.66
C PHE B 400 -18.04 26.73 -12.19
N VAL B 401 -17.81 26.37 -13.46
CA VAL B 401 -18.56 25.30 -14.11
C VAL B 401 -17.60 24.50 -14.98
N ILE B 402 -17.78 23.19 -15.00
CA ILE B 402 -16.88 22.29 -15.72
C ILE B 402 -17.72 21.33 -16.56
N ARG B 403 -17.00 20.49 -17.32
CA ARG B 403 -17.61 19.36 -17.97
C ARG B 403 -17.91 18.28 -16.93
N GLY B 404 -18.93 17.47 -17.21
CA GLY B 404 -19.41 16.52 -16.23
C GLY B 404 -18.41 15.43 -15.91
N ASP B 405 -17.44 15.22 -16.80
CA ASP B 405 -16.47 14.16 -16.58
C ASP B 405 -15.48 14.53 -15.48
N GLU B 406 -14.74 15.62 -15.68
CA GLU B 406 -13.67 15.96 -14.76
C GLU B 406 -14.19 16.64 -13.49
N VAL B 407 -15.15 15.98 -12.84
CA VAL B 407 -15.50 16.32 -11.47
C VAL B 407 -14.60 15.62 -10.47
N ARG B 408 -14.00 14.50 -10.86
CA ARG B 408 -12.95 13.85 -10.08
C ARG B 408 -11.60 14.52 -10.27
N GLN B 409 -11.53 15.54 -11.12
CA GLN B 409 -10.32 16.33 -11.33
C GLN B 409 -10.17 17.43 -10.28
N ILE B 410 -11.22 17.70 -9.52
CA ILE B 410 -11.15 18.62 -8.39
C ILE B 410 -10.98 17.77 -7.14
N ALA B 411 -9.73 17.54 -6.76
CA ALA B 411 -9.38 16.61 -5.70
C ALA B 411 -7.96 16.92 -5.25
N PRO B 412 -7.59 16.55 -4.03
CA PRO B 412 -6.22 16.81 -3.59
C PRO B 412 -5.21 15.83 -4.18
N GLY B 413 -4.45 16.29 -5.17
CA GLY B 413 -3.36 15.51 -5.72
C GLY B 413 -3.80 14.66 -6.90
N GLN B 414 -3.52 15.09 -8.12
CA GLN B 414 -4.00 14.38 -9.29
C GLN B 414 -3.38 14.95 -10.56
N THR B 415 -3.56 14.22 -11.65
CA THR B 415 -3.08 14.58 -12.97
C THR B 415 -4.25 14.52 -13.95
N GLY B 416 -4.34 15.53 -14.80
CA GLY B 416 -5.41 15.60 -15.78
C GLY B 416 -5.42 16.93 -16.47
N LYS B 417 -6.01 16.93 -17.66
CA LYS B 417 -5.93 18.10 -18.53
C LYS B 417 -6.66 19.30 -17.91
N ILE B 418 -7.67 19.04 -17.08
CA ILE B 418 -8.30 20.12 -16.34
C ILE B 418 -7.45 20.50 -15.13
N ALA B 419 -6.92 19.51 -14.42
CA ALA B 419 -6.11 19.77 -13.23
C ALA B 419 -4.72 20.26 -13.57
N ASP B 420 -4.17 19.90 -14.71
CA ASP B 420 -2.80 20.29 -15.04
C ASP B 420 -2.71 21.64 -15.73
N TYR B 421 -3.85 22.21 -16.16
CA TYR B 421 -3.79 23.46 -16.92
C TYR B 421 -4.71 24.56 -16.42
N ASN B 422 -5.87 24.26 -15.85
CA ASN B 422 -6.86 25.30 -15.55
C ASN B 422 -7.14 25.49 -14.07
N TYR B 423 -6.94 24.48 -13.23
CA TYR B 423 -7.23 24.62 -11.81
C TYR B 423 -6.49 23.57 -11.02
N LYS B 424 -5.82 23.98 -9.94
CA LYS B 424 -5.04 23.06 -9.13
C LYS B 424 -5.38 23.28 -7.66
N LEU B 425 -5.39 22.18 -6.92
CA LEU B 425 -5.45 22.21 -5.47
C LEU B 425 -4.19 21.59 -4.90
N PRO B 426 -3.65 22.11 -3.81
CA PRO B 426 -2.47 21.51 -3.20
C PRO B 426 -2.79 20.13 -2.64
N ASP B 427 -1.74 19.32 -2.50
CA ASP B 427 -1.93 18.05 -1.81
C ASP B 427 -2.22 18.27 -0.33
N ASP B 428 -1.86 19.43 0.20
CA ASP B 428 -2.19 19.82 1.57
C ASP B 428 -3.49 20.62 1.60
N PHE B 429 -4.51 20.04 0.99
CA PHE B 429 -5.81 20.69 0.93
C PHE B 429 -6.58 20.41 2.21
N THR B 430 -7.45 21.35 2.56
CA THR B 430 -8.32 21.19 3.73
C THR B 430 -9.59 22.03 3.47
N GLY B 431 -10.67 21.33 3.13
CA GLY B 431 -11.90 21.98 2.76
C GLY B 431 -12.78 21.05 1.97
N CYS B 432 -13.97 21.53 1.63
CA CYS B 432 -14.95 20.72 0.95
C CYS B 432 -15.11 21.15 -0.51
N VAL B 433 -15.57 20.20 -1.32
CA VAL B 433 -15.82 20.38 -2.74
C VAL B 433 -17.26 19.96 -3.01
N ILE B 434 -18.06 20.87 -3.56
CA ILE B 434 -19.46 20.60 -3.86
C ILE B 434 -19.67 20.75 -5.36
N ALA B 435 -20.39 19.80 -5.95
CA ALA B 435 -20.71 19.85 -7.37
C ALA B 435 -22.15 19.43 -7.58
N TRP B 436 -22.85 20.18 -8.44
CA TRP B 436 -24.22 19.86 -8.80
C TRP B 436 -24.47 20.21 -10.25
N ASN B 437 -25.36 19.46 -10.88
CA ASN B 437 -25.49 19.48 -12.33
C ASN B 437 -26.15 20.76 -12.82
N SER B 438 -25.81 21.15 -14.04
CA SER B 438 -26.36 22.37 -14.65
C SER B 438 -26.34 22.26 -16.16
N ASN B 439 -27.51 21.99 -16.74
CA ASN B 439 -27.76 22.29 -18.15
C ASN B 439 -29.14 22.93 -18.24
N ASN B 440 -29.84 22.97 -17.11
CA ASN B 440 -31.12 23.66 -17.00
C ASN B 440 -30.96 25.14 -16.66
N LEU B 441 -29.74 25.62 -16.55
CA LEU B 441 -29.47 27.04 -16.35
C LEU B 441 -28.45 27.53 -17.35
N TYR B 451 -19.51 29.25 -22.20
CA TYR B 451 -18.83 28.43 -21.20
C TYR B 451 -17.50 27.92 -21.76
N LEU B 452 -16.68 28.85 -22.23
CA LEU B 452 -15.47 28.52 -22.98
C LEU B 452 -14.33 28.18 -22.03
N TYR B 453 -14.30 26.93 -21.59
CA TYR B 453 -13.35 26.35 -20.66
C TYR B 453 -12.22 25.64 -21.44
N ARG B 454 -11.47 24.77 -20.75
CA ARG B 454 -10.51 23.87 -21.38
C ARG B 454 -9.35 24.54 -22.11
N LEU B 455 -8.44 25.17 -21.36
CA LEU B 455 -7.21 25.77 -21.88
C LEU B 455 -6.05 24.77 -21.88
N PHE B 456 -4.99 25.05 -22.65
CA PHE B 456 -3.79 24.21 -22.74
C PHE B 456 -2.56 25.11 -22.87
N ARG B 457 -1.49 24.77 -22.15
CA ARG B 457 -0.39 25.71 -21.96
C ARG B 457 0.94 25.00 -21.74
N LYS B 458 1.90 25.79 -21.26
CA LYS B 458 3.21 25.34 -20.82
C LYS B 458 3.34 25.27 -19.30
N SER B 459 2.56 26.07 -18.58
CA SER B 459 2.74 26.33 -17.16
C SER B 459 2.66 25.08 -16.29
N ASN B 460 1.68 24.21 -16.60
CA ASN B 460 1.35 23.06 -15.77
C ASN B 460 0.90 23.46 -14.38
N LEU B 461 0.86 24.77 -14.12
CA LEU B 461 -0.01 25.37 -13.10
C LEU B 461 0.18 24.83 -11.68
N LYS B 462 1.30 25.14 -11.05
CA LYS B 462 1.50 24.92 -9.63
C LYS B 462 0.33 25.53 -8.86
N PRO B 463 -0.05 24.94 -7.71
CA PRO B 463 -1.44 25.03 -7.24
C PRO B 463 -1.94 26.44 -6.97
N PHE B 464 -3.27 26.59 -7.06
CA PHE B 464 -4.03 27.78 -6.70
C PHE B 464 -3.67 29.01 -7.53
N GLU B 465 -2.86 28.87 -8.56
CA GLU B 465 -2.63 29.96 -9.50
C GLU B 465 -3.48 29.73 -10.75
N ARG B 466 -3.86 30.82 -11.41
CA ARG B 466 -4.62 30.71 -12.65
C ARG B 466 -3.98 31.57 -13.73
N ASP B 467 -3.94 31.05 -14.94
CA ASP B 467 -3.29 31.67 -16.09
C ASP B 467 -4.34 32.15 -17.07
N ILE B 468 -4.32 33.44 -17.38
CA ILE B 468 -5.22 34.00 -18.39
C ILE B 468 -4.40 34.77 -19.42
N SER B 469 -4.51 34.34 -20.68
CA SER B 469 -3.77 34.90 -21.80
C SER B 469 -4.17 34.16 -23.08
N THR B 470 -3.84 34.71 -24.25
CA THR B 470 -4.05 34.00 -25.50
C THR B 470 -2.92 34.28 -26.48
N GLU B 471 -1.97 33.34 -26.55
CA GLU B 471 -0.97 33.32 -27.62
C GLU B 471 -0.87 31.90 -28.15
N ILE B 472 -1.05 31.77 -29.44
CA ILE B 472 -1.55 30.58 -30.10
C ILE B 472 -0.52 29.45 -30.13
N TYR B 473 -1.02 28.23 -29.97
CA TYR B 473 -0.26 27.00 -30.21
C TYR B 473 -0.30 26.59 -31.66
N GLN B 474 -0.55 27.54 -32.55
CA GLN B 474 -0.56 27.33 -34.00
C GLN B 474 0.86 27.36 -34.53
N ALA B 475 1.24 26.33 -35.28
CA ALA B 475 2.56 26.22 -35.89
C ALA B 475 2.40 25.92 -37.36
N ASN B 487 -2.61 21.70 -37.94
CA ASN B 487 -2.55 22.91 -38.76
C ASN B 487 -2.50 24.16 -37.89
N CYS B 488 -3.45 24.26 -36.95
CA CYS B 488 -3.52 25.37 -36.02
C CYS B 488 -4.18 24.89 -34.74
N TYR B 489 -3.81 25.52 -33.64
CA TYR B 489 -4.36 25.17 -32.33
C TYR B 489 -4.60 26.46 -31.54
N PHE B 490 -5.44 26.35 -30.52
CA PHE B 490 -5.85 27.49 -29.71
C PHE B 490 -6.11 27.02 -28.30
N PRO B 491 -5.58 27.72 -27.29
CA PRO B 491 -5.71 27.23 -25.90
C PRO B 491 -7.07 27.48 -25.28
N LEU B 492 -8.13 27.07 -25.98
CA LEU B 492 -9.50 27.25 -25.52
C LEU B 492 -10.39 26.33 -26.33
N GLN B 493 -11.50 25.87 -25.74
CA GLN B 493 -12.39 24.96 -26.45
C GLN B 493 -13.82 25.17 -25.98
N SER B 494 -14.73 25.26 -26.93
CA SER B 494 -16.12 25.55 -26.59
C SER B 494 -16.78 24.35 -25.92
N TYR B 495 -17.85 24.62 -25.20
CA TYR B 495 -18.62 23.62 -24.47
C TYR B 495 -20.03 23.60 -25.05
N GLY B 496 -20.44 22.43 -25.56
CA GLY B 496 -21.78 22.24 -26.06
C GLY B 496 -22.73 21.70 -25.00
N PHE B 497 -24.01 21.67 -25.37
CA PHE B 497 -25.03 21.15 -24.48
C PHE B 497 -26.30 20.83 -25.25
N VAL B 503 -25.70 12.51 -19.67
CA VAL B 503 -24.90 12.90 -18.51
C VAL B 503 -23.42 12.80 -18.85
N GLY B 504 -22.63 13.69 -18.28
CA GLY B 504 -21.21 13.75 -18.58
C GLY B 504 -20.81 14.87 -19.51
N TYR B 505 -21.77 15.49 -20.20
CA TYR B 505 -21.47 16.65 -21.04
C TYR B 505 -22.50 17.74 -20.77
N GLN B 506 -22.97 17.84 -19.54
CA GLN B 506 -23.79 18.97 -19.10
C GLN B 506 -23.03 19.67 -17.99
N PRO B 507 -22.72 20.94 -18.12
CA PRO B 507 -21.72 21.58 -17.26
C PRO B 507 -22.08 21.60 -15.78
N TYR B 508 -21.33 20.85 -14.97
CA TYR B 508 -21.54 20.84 -13.53
C TYR B 508 -21.03 22.13 -12.90
N ARG B 509 -21.86 22.75 -12.08
CA ARG B 509 -21.43 23.87 -11.26
C ARG B 509 -20.69 23.35 -10.04
N VAL B 510 -19.54 23.95 -9.76
CA VAL B 510 -18.64 23.48 -8.70
C VAL B 510 -18.28 24.65 -7.81
N VAL B 511 -18.39 24.44 -6.50
CA VAL B 511 -17.98 25.39 -5.47
C VAL B 511 -16.97 24.71 -4.57
N VAL B 512 -15.79 25.31 -4.45
CA VAL B 512 -14.68 24.76 -3.68
C VAL B 512 -14.47 25.67 -2.48
N LEU B 513 -14.75 25.17 -1.28
CA LEU B 513 -14.51 25.94 -0.08
C LEU B 513 -13.10 25.66 0.44
N SER B 514 -12.46 26.71 0.95
CA SER B 514 -11.10 26.60 1.44
C SER B 514 -11.03 27.28 2.79
N PHE B 515 -10.65 26.50 3.81
CA PHE B 515 -10.50 26.97 5.18
C PHE B 515 -9.03 27.02 5.53
N GLU B 516 -8.73 27.79 6.58
CA GLU B 516 -7.43 27.74 7.22
C GLU B 516 -7.64 27.64 8.71
N LEU B 517 -6.87 26.79 9.37
CA LEU B 517 -7.10 26.53 10.78
C LEU B 517 -6.50 27.65 11.63
N LEU B 518 -6.98 27.72 12.86
CA LEU B 518 -6.71 28.88 13.72
C LEU B 518 -5.22 29.02 14.02
N HIS B 519 -4.63 30.11 13.54
CA HIS B 519 -3.38 30.62 14.07
C HIS B 519 -3.55 32.11 14.33
N ALA B 520 -4.45 32.72 13.56
CA ALA B 520 -4.91 34.09 13.69
C ALA B 520 -6.30 34.09 14.34
N PRO B 521 -6.82 35.26 14.74
CA PRO B 521 -8.19 35.30 15.28
C PRO B 521 -9.21 34.70 14.34
N ALA B 522 -10.22 34.04 14.89
CA ALA B 522 -11.31 33.54 14.09
C ALA B 522 -12.30 34.66 13.83
N THR B 523 -12.83 34.69 12.61
CA THR B 523 -13.84 35.66 12.24
C THR B 523 -15.08 35.06 11.61
N VAL B 524 -14.97 33.96 10.87
CA VAL B 524 -16.11 33.26 10.31
C VAL B 524 -16.17 31.89 10.99
N CYS B 525 -17.10 31.72 11.92
CA CYS B 525 -16.97 30.55 12.76
C CYS B 525 -18.33 30.14 13.28
N GLY B 526 -18.48 28.84 13.51
CA GLY B 526 -19.75 28.16 13.58
C GLY B 526 -20.79 28.75 14.51
N PRO B 527 -22.05 28.41 14.24
CA PRO B 527 -23.14 28.87 15.10
C PRO B 527 -23.25 28.06 16.37
N LYS B 528 -22.48 28.43 17.40
CA LYS B 528 -22.48 27.71 18.67
C LYS B 528 -22.78 28.69 19.79
N LYS B 529 -23.69 28.29 20.68
CA LYS B 529 -24.14 29.18 21.74
C LYS B 529 -23.12 29.22 22.87
N SER B 530 -22.64 30.42 23.19
CA SER B 530 -21.61 30.63 24.19
C SER B 530 -22.23 30.71 25.57
N THR B 531 -21.61 30.05 26.53
CA THR B 531 -22.07 30.02 27.91
C THR B 531 -21.15 30.84 28.82
N ASN B 532 -21.49 30.82 30.10
CA ASN B 532 -20.72 31.53 31.11
C ASN B 532 -19.37 30.85 31.31
N LEU B 533 -18.58 31.38 32.23
CA LEU B 533 -17.29 30.80 32.55
C LEU B 533 -17.06 30.81 34.05
N VAL B 534 -16.30 29.82 34.52
CA VAL B 534 -16.04 29.62 35.95
C VAL B 534 -14.54 29.44 36.13
N LYS B 535 -14.10 29.50 37.38
CA LYS B 535 -12.69 29.41 37.69
C LYS B 535 -12.45 28.51 38.90
N ASN B 536 -11.23 27.99 39.00
CA ASN B 536 -10.79 27.13 40.09
C ASN B 536 -11.50 25.78 40.13
N LYS B 537 -11.87 25.25 38.96
CA LYS B 537 -12.42 23.90 38.87
C LYS B 537 -11.92 23.27 37.57
N CYS B 538 -11.49 22.01 37.63
CA CYS B 538 -11.10 21.33 36.41
C CYS B 538 -12.31 21.20 35.50
N VAL B 539 -12.26 21.89 34.36
CA VAL B 539 -13.39 22.03 33.45
C VAL B 539 -12.95 21.67 32.04
N ASN B 540 -13.93 21.43 31.19
CA ASN B 540 -13.74 21.31 29.74
C ASN B 540 -14.06 22.65 29.09
N PHE B 541 -13.06 23.26 28.50
CA PHE B 541 -13.26 24.52 27.81
C PHE B 541 -13.19 24.31 26.29
N ASN B 542 -13.86 25.19 25.56
CA ASN B 542 -13.95 25.11 24.10
C ASN B 542 -13.70 26.47 23.46
N PHE B 543 -12.61 27.13 23.84
CA PHE B 543 -12.31 28.49 23.41
C PHE B 543 -12.11 28.53 21.90
N ASN B 544 -13.13 29.01 21.17
CA ASN B 544 -13.06 29.24 19.73
C ASN B 544 -12.71 27.99 18.94
N GLY B 545 -13.06 26.82 19.46
CA GLY B 545 -12.66 25.56 18.87
C GLY B 545 -11.52 24.88 19.58
N LEU B 546 -10.59 25.64 20.15
CA LEU B 546 -9.51 25.10 20.97
C LEU B 546 -10.12 24.56 22.27
N THR B 547 -10.30 23.25 22.30
CA THR B 547 -10.92 22.63 23.46
C THR B 547 -9.92 21.80 24.24
N GLY B 548 -10.21 21.62 25.52
CA GLY B 548 -9.30 20.93 26.42
C GLY B 548 -9.87 20.90 27.82
N THR B 549 -9.00 20.53 28.76
CA THR B 549 -9.39 20.32 30.15
C THR B 549 -8.35 20.90 31.09
N GLY B 550 -8.81 21.64 32.09
CA GLY B 550 -7.90 22.18 33.07
C GLY B 550 -8.60 23.13 34.02
N VAL B 551 -7.80 23.73 34.88
CA VAL B 551 -8.27 24.73 35.83
C VAL B 551 -7.78 26.11 35.40
N LEU B 552 -8.74 27.05 35.31
CA LEU B 552 -8.50 28.42 34.83
C LEU B 552 -8.24 29.34 36.00
N THR B 553 -7.60 30.47 35.74
CA THR B 553 -7.28 31.44 36.79
C THR B 553 -7.07 32.81 36.17
N GLU B 554 -7.32 33.85 36.96
CA GLU B 554 -6.93 35.20 36.57
C GLU B 554 -5.42 35.30 36.59
N SER B 555 -4.85 35.83 35.50
CA SER B 555 -3.42 35.73 35.23
C SER B 555 -2.74 37.08 35.33
N ASN B 556 -1.46 37.05 35.68
CA ASN B 556 -0.62 38.24 35.70
C ASN B 556 0.38 38.22 34.56
N LYS B 557 0.08 37.50 33.49
CA LYS B 557 0.89 37.52 32.28
C LYS B 557 0.56 38.76 31.46
N LYS B 558 1.61 39.44 31.01
CA LYS B 558 1.45 40.73 30.33
C LYS B 558 1.43 40.56 28.82
N PHE B 559 0.33 40.02 28.33
CA PHE B 559 0.09 39.98 26.89
C PHE B 559 0.14 41.39 26.33
N LEU B 560 0.35 41.47 25.01
CA LEU B 560 0.24 42.71 24.27
C LEU B 560 -0.81 42.55 23.19
N PRO B 561 -1.55 43.63 22.86
CA PRO B 561 -2.82 43.49 22.13
C PRO B 561 -2.86 42.50 20.99
N PHE B 562 -1.73 42.31 20.30
CA PHE B 562 -1.71 41.38 19.19
C PHE B 562 -1.67 39.93 19.67
N GLN B 563 -1.27 39.69 20.91
CA GLN B 563 -1.07 38.33 21.38
C GLN B 563 -2.38 37.71 21.85
N GLN B 564 -2.58 36.44 21.50
CA GLN B 564 -3.84 35.76 21.74
C GLN B 564 -3.75 34.63 22.77
N PHE B 565 -2.89 33.64 22.56
CA PHE B 565 -2.72 32.58 23.54
C PHE B 565 -1.24 32.31 23.72
N GLY B 566 -0.88 31.95 24.96
CA GLY B 566 0.51 31.73 25.31
C GLY B 566 0.87 30.26 25.26
N ARG B 567 2.16 30.00 25.45
CA ARG B 567 2.66 28.63 25.53
C ARG B 567 4.11 28.68 26.00
N ASP B 568 4.49 27.67 26.78
CA ASP B 568 5.89 27.53 27.15
C ASP B 568 6.62 26.54 26.24
N ILE B 569 6.25 25.27 26.30
CA ILE B 569 6.88 24.23 25.51
C ILE B 569 5.79 23.32 24.96
N ALA B 570 6.22 22.25 24.28
CA ALA B 570 5.38 21.09 23.96
C ALA B 570 4.15 21.43 23.13
N ASP B 571 4.05 22.67 22.64
CA ASP B 571 2.90 23.13 21.86
C ASP B 571 1.61 22.96 22.67
N THR B 572 1.70 23.17 23.98
CA THR B 572 0.54 23.14 24.85
C THR B 572 0.19 24.56 25.26
N THR B 573 -1.09 24.91 25.13
CA THR B 573 -1.57 26.23 25.49
C THR B 573 -1.49 26.43 27.00
N ASP B 574 -1.07 27.62 27.42
CA ASP B 574 -0.99 27.94 28.83
C ASP B 574 -1.90 29.08 29.24
N ALA B 575 -2.04 30.11 28.43
CA ALA B 575 -3.01 31.16 28.70
C ALA B 575 -3.86 31.35 27.47
N VAL B 576 -4.97 32.05 27.65
CA VAL B 576 -5.84 32.36 26.52
C VAL B 576 -6.35 33.77 26.72
N ARG B 577 -6.82 34.40 25.64
CA ARG B 577 -7.55 35.65 25.74
C ARG B 577 -9.03 35.31 25.58
N ASP B 578 -9.83 35.73 26.55
CA ASP B 578 -11.26 35.47 26.48
C ASP B 578 -11.84 36.12 25.23
N PRO B 579 -12.46 35.36 24.32
CA PRO B 579 -13.01 35.97 23.11
C PRO B 579 -14.10 36.99 23.36
N GLN B 580 -14.86 36.85 24.44
CA GLN B 580 -16.02 37.71 24.67
C GLN B 580 -15.73 38.87 25.61
N THR B 581 -14.72 38.77 26.46
CA THR B 581 -14.41 39.91 27.34
C THR B 581 -12.94 40.30 27.32
N LEU B 582 -12.15 39.70 26.45
CA LEU B 582 -10.73 40.06 26.31
C LEU B 582 -9.85 39.83 27.53
N GLU B 583 -10.31 38.94 28.41
CA GLU B 583 -9.58 38.59 29.62
C GLU B 583 -8.58 37.49 29.32
N ILE B 584 -7.41 37.57 29.96
CA ILE B 584 -6.36 36.58 29.80
C ILE B 584 -6.44 35.62 30.99
N LEU B 585 -6.61 34.34 30.68
CA LEU B 585 -6.79 33.29 31.68
C LEU B 585 -5.62 32.33 31.62
N ASP B 586 -5.10 32.00 32.81
CA ASP B 586 -4.06 31.01 33.00
C ASP B 586 -4.68 29.63 33.11
N ILE B 587 -4.03 28.63 32.51
CA ILE B 587 -4.52 27.26 32.50
C ILE B 587 -3.49 26.38 33.20
N THR B 588 -3.96 25.53 34.12
CA THR B 588 -3.12 24.55 34.79
C THR B 588 -3.76 23.17 34.72
N PRO B 589 -2.97 22.10 34.57
CA PRO B 589 -3.54 20.75 34.63
C PRO B 589 -4.08 20.44 36.02
N CYS B 590 -5.27 19.84 36.07
CA CYS B 590 -5.78 19.43 37.36
C CYS B 590 -5.07 18.18 37.85
N SER B 591 -5.13 17.95 39.16
CA SER B 591 -4.18 17.08 39.84
C SER B 591 -4.31 15.63 39.39
N PHE B 592 -3.16 14.96 39.28
CA PHE B 592 -3.09 13.58 38.88
C PHE B 592 -1.87 12.96 39.53
N GLY B 593 -1.90 11.65 39.67
CA GLY B 593 -0.77 10.97 40.30
C GLY B 593 -0.94 9.48 40.31
N GLY B 594 0.01 8.82 40.95
CA GLY B 594 -0.04 7.38 41.12
C GLY B 594 -0.57 7.01 42.48
N VAL B 595 -1.08 5.79 42.58
CA VAL B 595 -1.65 5.29 43.82
C VAL B 595 -0.90 4.04 44.22
N SER B 596 -0.37 4.03 45.44
CA SER B 596 0.26 2.83 45.97
C SER B 596 -0.48 2.37 47.21
N VAL B 597 -0.42 1.07 47.47
CA VAL B 597 -1.11 0.51 48.62
C VAL B 597 -0.11 -0.29 49.45
N ILE B 598 -0.06 0.04 50.74
CA ILE B 598 0.84 -0.54 51.72
C ILE B 598 0.10 -1.64 52.48
N THR B 599 0.66 -2.84 52.50
CA THR B 599 0.06 -3.97 53.16
C THR B 599 1.07 -4.71 54.02
N PRO B 600 0.70 -5.14 55.23
CA PRO B 600 1.56 -6.02 56.01
C PRO B 600 1.58 -7.47 55.55
N GLY B 601 0.97 -7.79 54.42
CA GLY B 601 0.80 -9.15 53.98
C GLY B 601 -0.56 -9.70 54.38
N THR B 602 -1.13 -10.49 53.48
CA THR B 602 -2.43 -11.08 53.75
C THR B 602 -2.35 -12.25 54.72
N ASN B 603 -1.17 -12.84 54.89
CA ASN B 603 -1.01 -13.85 55.93
C ASN B 603 -1.07 -13.20 57.30
N THR B 604 -0.66 -11.94 57.38
CA THR B 604 -0.66 -11.21 58.64
C THR B 604 -2.06 -10.68 58.97
N SER B 605 -2.37 -9.50 58.44
CA SER B 605 -3.68 -8.90 58.69
C SER B 605 -4.28 -8.35 57.39
N ASN B 606 -5.60 -8.38 57.30
CA ASN B 606 -6.31 -7.89 56.13
C ASN B 606 -6.47 -6.37 56.14
N GLN B 607 -5.40 -5.67 56.48
CA GLN B 607 -5.42 -4.21 56.53
C GLN B 607 -4.76 -3.61 55.30
N VAL B 608 -4.90 -2.30 55.15
CA VAL B 608 -4.31 -1.60 54.00
C VAL B 608 -4.21 -0.11 54.31
N ALA B 609 -3.14 0.52 53.84
CA ALA B 609 -3.02 1.97 53.80
C ALA B 609 -2.71 2.43 52.38
N VAL B 610 -3.06 3.66 52.04
CA VAL B 610 -3.00 4.10 50.65
C VAL B 610 -2.23 5.40 50.55
N LEU B 611 -1.32 5.48 49.58
CA LEU B 611 -0.54 6.68 49.33
C LEU B 611 -0.90 7.26 47.98
N TYR B 612 -1.31 8.53 47.98
CA TYR B 612 -1.60 9.29 46.78
C TYR B 612 -0.38 10.14 46.48
N GLN B 613 0.38 9.75 45.47
CA GLN B 613 1.72 10.27 45.27
C GLN B 613 1.69 11.66 44.68
N ASP B 614 2.34 12.59 45.36
CA ASP B 614 2.53 13.96 44.88
C ASP B 614 1.20 14.69 44.72
N VAL B 615 0.43 14.76 45.81
CA VAL B 615 -0.84 15.46 45.80
C VAL B 615 -1.08 16.02 47.18
N ASN B 616 -1.91 17.06 47.25
CA ASN B 616 -2.28 17.62 48.55
C ASN B 616 -3.31 16.72 49.21
N CYS B 617 -3.22 16.58 50.53
CA CYS B 617 -4.11 15.67 51.22
C CYS B 617 -5.43 16.39 51.45
N THR B 618 -5.93 17.01 50.39
CA THR B 618 -7.12 17.84 50.43
C THR B 618 -7.99 17.72 49.20
N GLU B 619 -7.57 16.97 48.19
CA GLU B 619 -8.40 16.67 47.03
C GLU B 619 -8.44 15.16 46.81
N VAL B 620 -8.77 14.44 47.87
CA VAL B 620 -8.90 12.99 47.78
C VAL B 620 -10.24 12.55 48.31
N THR B 638 -12.22 5.47 53.02
CA THR B 638 -10.89 6.07 52.94
C THR B 638 -10.98 7.58 53.11
N GLY B 639 -11.43 8.03 54.28
CA GLY B 639 -11.55 9.45 54.55
C GLY B 639 -11.27 9.93 55.97
N SER B 640 -10.48 9.18 56.74
CA SER B 640 -10.09 9.65 58.08
C SER B 640 -8.74 9.06 58.41
N ASN B 641 -7.96 9.76 59.25
CA ASN B 641 -6.56 9.48 59.56
C ASN B 641 -5.61 9.87 58.43
N VAL B 642 -5.91 10.96 57.73
CA VAL B 642 -5.02 11.43 56.69
C VAL B 642 -3.76 12.05 57.29
N PHE B 643 -2.67 12.02 56.53
CA PHE B 643 -1.37 12.48 57.00
C PHE B 643 -0.56 12.87 55.77
N GLN B 644 -0.01 14.08 55.77
CA GLN B 644 0.67 14.59 54.60
C GLN B 644 2.18 14.46 54.74
N THR B 645 2.80 13.71 53.83
CA THR B 645 4.25 13.56 53.82
C THR B 645 4.84 14.32 52.65
N ARG B 646 6.13 14.19 52.44
CA ARG B 646 6.82 14.78 51.30
C ARG B 646 6.69 13.92 50.06
N ALA B 647 6.19 12.71 50.19
CA ALA B 647 6.00 11.79 49.08
C ALA B 647 4.58 11.77 48.57
N GLY B 648 3.63 12.37 49.29
CA GLY B 648 2.25 12.41 48.89
C GLY B 648 1.32 12.53 50.09
N CYS B 649 0.14 11.96 49.95
CA CYS B 649 -0.86 11.99 51.01
C CYS B 649 -1.18 10.57 51.42
N LEU B 650 -1.07 10.28 52.72
CA LEU B 650 -1.24 8.95 53.27
C LEU B 650 -2.57 8.84 53.99
N ILE B 651 -3.31 7.77 53.71
CA ILE B 651 -4.61 7.55 54.31
C ILE B 651 -4.65 6.13 54.85
N GLY B 652 -4.89 6.00 56.15
CA GLY B 652 -4.99 4.70 56.77
C GLY B 652 -3.85 4.31 57.70
N ALA B 653 -3.03 5.28 58.11
CA ALA B 653 -1.93 5.02 59.03
C ALA B 653 -1.86 6.15 60.04
N GLU B 654 -1.53 5.81 61.28
CA GLU B 654 -1.39 6.82 62.31
C GLU B 654 0.07 7.20 62.46
N HIS B 655 0.31 8.49 62.66
CA HIS B 655 1.65 9.03 62.78
C HIS B 655 2.09 9.00 64.24
N VAL B 656 3.21 8.35 64.49
CA VAL B 656 3.76 8.25 65.83
C VAL B 656 4.99 9.15 65.92
N ASN B 657 5.40 9.47 67.16
CA ASN B 657 6.59 10.26 67.41
C ASN B 657 7.85 9.41 67.51
N ASN B 658 7.72 8.11 67.71
CA ASN B 658 8.87 7.25 67.90
C ASN B 658 9.69 7.14 66.62
N SER B 659 10.75 6.33 66.68
CA SER B 659 11.52 5.96 65.51
C SER B 659 11.94 4.51 65.65
N TYR B 660 11.91 3.80 64.53
CA TYR B 660 12.25 2.39 64.49
C TYR B 660 13.12 2.18 63.26
N GLU B 661 13.62 0.97 63.10
CA GLU B 661 14.28 0.62 61.85
C GLU B 661 13.23 0.47 60.76
N CYS B 662 13.65 0.72 59.52
CA CYS B 662 12.69 0.76 58.42
C CYS B 662 12.12 -0.63 58.16
N ASP B 663 10.82 -0.68 57.89
CA ASP B 663 10.15 -1.92 57.54
C ASP B 663 9.61 -1.86 56.12
N ILE B 664 8.72 -0.92 55.84
CA ILE B 664 8.24 -0.65 54.49
C ILE B 664 8.56 0.80 54.17
N PRO B 665 9.40 1.06 53.16
CA PRO B 665 9.81 2.45 52.87
C PRO B 665 8.71 3.21 52.15
N ILE B 666 8.35 4.37 52.68
CA ILE B 666 7.38 5.22 52.01
C ILE B 666 8.15 6.25 51.19
N GLY B 667 9.16 6.85 51.80
CA GLY B 667 10.03 7.78 51.12
C GLY B 667 10.29 9.02 51.93
N ALA B 668 11.31 9.77 51.53
CA ALA B 668 11.73 11.01 52.19
C ALA B 668 11.87 10.82 53.69
N GLY B 669 12.48 9.72 54.08
CA GLY B 669 12.71 9.41 55.47
C GLY B 669 11.60 8.68 56.18
N ILE B 670 10.44 8.51 55.56
CA ILE B 670 9.26 7.97 56.23
C ILE B 670 9.12 6.49 55.90
N CYS B 671 8.93 5.68 56.92
CA CYS B 671 8.69 4.24 56.81
C CYS B 671 7.38 3.88 57.51
N ALA B 672 6.88 2.69 57.22
CA ALA B 672 5.59 2.26 57.71
C ALA B 672 5.67 0.82 58.19
N SER B 673 4.94 0.51 59.26
CA SER B 673 4.99 -0.83 59.82
C SER B 673 3.62 -1.22 60.35
N TYR B 674 3.50 -2.50 60.68
CA TYR B 674 2.28 -3.06 61.24
C TYR B 674 2.51 -3.40 62.70
N GLN B 675 2.05 -2.53 63.58
CA GLN B 675 2.10 -2.75 65.02
C GLN B 675 1.50 -1.55 65.74
N THR B 676 1.33 -1.67 67.06
CA THR B 676 1.02 -0.53 67.92
C THR B 676 -0.26 0.19 67.50
N GLN B 690 -2.64 -3.53 67.07
CA GLN B 690 -1.87 -3.23 65.86
C GLN B 690 -2.75 -2.58 64.82
N SER B 691 -2.38 -1.40 64.32
CA SER B 691 -3.15 -0.94 63.17
C SER B 691 -2.33 -0.80 61.89
N ILE B 692 -1.57 0.29 61.74
CA ILE B 692 -0.52 0.50 60.75
C ILE B 692 0.05 1.87 61.14
N ILE B 693 1.36 2.02 61.15
CA ILE B 693 1.98 3.23 61.65
C ILE B 693 2.94 3.78 60.63
N ALA B 694 3.08 5.10 60.64
CA ALA B 694 4.02 5.81 59.79
C ALA B 694 4.94 6.64 60.67
N TYR B 695 6.26 6.45 60.51
CA TYR B 695 7.23 7.08 61.41
C TYR B 695 8.44 7.54 60.62
N THR B 696 9.27 8.35 61.27
CA THR B 696 10.58 8.69 60.75
C THR B 696 11.61 7.64 61.15
N MET B 697 12.32 7.07 60.18
CA MET B 697 13.16 5.92 60.46
C MET B 697 14.39 6.29 61.26
N SER B 698 14.80 5.38 62.13
CA SER B 698 16.02 5.53 62.90
C SER B 698 17.18 4.93 62.14
N LEU B 699 18.35 5.53 62.34
CA LEU B 699 19.53 5.08 61.62
C LEU B 699 20.30 4.02 62.37
N GLY B 700 20.13 3.94 63.66
CA GLY B 700 20.80 2.95 64.47
C GLY B 700 20.96 3.46 65.87
N ALA B 701 21.47 2.58 66.72
CA ALA B 701 21.79 2.97 68.08
C ALA B 701 22.94 3.96 68.07
N GLU B 702 23.02 4.76 69.13
CA GLU B 702 24.00 5.81 69.21
C GLU B 702 24.96 5.50 70.36
N ASN B 703 26.23 5.83 70.17
CA ASN B 703 27.12 5.67 71.31
C ASN B 703 28.36 6.53 71.15
N SER B 704 28.76 7.14 72.25
CA SER B 704 30.02 7.83 72.39
C SER B 704 31.12 6.85 72.78
N VAL B 705 32.22 6.93 72.08
CA VAL B 705 33.43 6.18 72.41
C VAL B 705 34.11 6.92 73.56
N ALA B 706 34.72 6.16 74.45
CA ALA B 706 35.35 6.74 75.64
C ALA B 706 36.76 7.24 75.30
N TYR B 707 36.86 8.14 74.35
CA TYR B 707 38.14 8.62 73.88
C TYR B 707 38.80 9.51 74.93
N SER B 708 40.08 9.28 75.18
CA SER B 708 40.92 10.24 75.90
C SER B 708 42.33 10.18 75.34
N ASN B 709 43.23 11.01 75.85
CA ASN B 709 44.55 11.06 75.24
C ASN B 709 45.53 10.05 75.82
N ASN B 710 45.13 9.23 76.79
CA ASN B 710 46.01 8.17 77.26
C ASN B 710 45.24 6.91 77.63
N SER B 711 44.14 6.64 76.97
CA SER B 711 43.32 5.47 77.23
C SER B 711 43.32 4.55 76.02
N ILE B 712 43.30 3.24 76.28
CA ILE B 712 43.27 2.25 75.21
C ILE B 712 42.35 1.10 75.63
N ALA B 713 41.86 0.36 74.65
CA ALA B 713 41.03 -0.82 74.87
C ALA B 713 41.63 -2.01 74.12
N ILE B 714 41.90 -3.09 74.84
CA ILE B 714 42.54 -4.28 74.28
C ILE B 714 41.57 -5.45 74.44
N PRO B 715 41.40 -6.30 73.43
CA PRO B 715 40.54 -7.47 73.57
C PRO B 715 41.19 -8.60 74.36
N THR B 716 40.38 -9.31 75.13
CA THR B 716 40.87 -10.44 75.93
C THR B 716 40.37 -11.80 75.46
N ASN B 717 39.54 -11.81 74.41
CA ASN B 717 39.01 -13.06 73.89
C ASN B 717 38.67 -12.82 72.43
N PHE B 718 38.13 -13.85 71.78
CA PHE B 718 37.72 -13.74 70.39
C PHE B 718 36.59 -14.71 70.11
N THR B 719 35.92 -14.50 68.99
CA THR B 719 35.01 -15.48 68.42
C THR B 719 35.42 -15.80 66.99
N ILE B 720 35.07 -17.00 66.56
CA ILE B 720 35.23 -17.44 65.17
C ILE B 720 33.88 -17.34 64.48
N SER B 721 33.79 -16.54 63.43
CA SER B 721 32.55 -16.36 62.68
C SER B 721 32.65 -17.08 61.34
N VAL B 722 31.51 -17.55 60.85
CA VAL B 722 31.37 -17.98 59.47
C VAL B 722 30.11 -17.33 58.90
N THR B 723 30.23 -16.74 57.72
CA THR B 723 29.11 -16.07 57.07
C THR B 723 29.04 -16.44 55.60
N THR B 724 27.85 -16.41 55.05
CA THR B 724 27.62 -16.75 53.66
C THR B 724 27.63 -15.51 52.77
N GLU B 725 28.04 -15.73 51.53
CA GLU B 725 27.85 -14.76 50.45
C GLU B 725 27.42 -15.54 49.21
N ILE B 726 26.43 -15.03 48.49
CA ILE B 726 25.84 -15.73 47.37
C ILE B 726 25.95 -14.87 46.12
N LEU B 727 26.39 -15.46 45.02
CA LEU B 727 26.59 -14.69 43.81
C LEU B 727 26.11 -15.47 42.59
N PRO B 728 25.40 -14.82 41.67
CA PRO B 728 25.04 -15.47 40.40
C PRO B 728 26.22 -15.56 39.46
N VAL B 729 26.30 -16.64 38.69
CA VAL B 729 27.33 -16.75 37.68
C VAL B 729 26.79 -16.98 36.27
N SER B 730 25.54 -17.39 36.07
CA SER B 730 25.07 -17.60 34.70
C SER B 730 23.55 -17.49 34.62
N MET B 731 23.07 -17.29 33.39
CA MET B 731 21.67 -17.35 33.00
C MET B 731 21.43 -18.54 32.09
N THR B 732 20.14 -18.84 31.86
CA THR B 732 19.76 -19.88 30.91
C THR B 732 20.03 -19.45 29.48
N LYS B 733 20.51 -20.38 28.69
CA LYS B 733 20.83 -20.16 27.29
C LYS B 733 19.59 -20.44 26.45
N THR B 734 19.04 -19.41 25.85
CA THR B 734 17.89 -19.56 25.01
C THR B 734 18.21 -19.08 23.61
N SER B 735 17.49 -19.63 22.64
CA SER B 735 17.57 -19.21 21.27
C SER B 735 16.18 -19.03 20.73
N VAL B 736 16.02 -18.08 19.83
CA VAL B 736 14.76 -17.86 19.14
C VAL B 736 15.04 -17.91 17.65
N ASP B 737 14.20 -18.63 16.91
CA ASP B 737 14.21 -18.60 15.46
C ASP B 737 13.34 -17.42 15.04
N CYS B 738 13.99 -16.35 14.55
CA CYS B 738 13.28 -15.13 14.18
C CYS B 738 12.16 -15.41 13.17
N THR B 739 12.46 -16.19 12.14
CA THR B 739 11.49 -16.44 11.09
C THR B 739 10.29 -17.24 11.61
N MET B 740 10.52 -18.19 12.50
CA MET B 740 9.42 -19.02 12.99
C MET B 740 8.60 -18.32 14.07
N TYR B 741 9.18 -17.36 14.77
CA TYR B 741 8.39 -16.57 15.69
C TYR B 741 7.53 -15.57 14.93
N ILE B 742 8.10 -14.92 13.93
CA ILE B 742 7.37 -13.90 13.20
C ILE B 742 6.31 -14.46 12.26
N CYS B 743 6.59 -15.55 11.56
CA CYS B 743 5.76 -16.00 10.46
C CYS B 743 5.07 -17.33 10.71
N GLY B 744 5.59 -18.13 11.62
CA GLY B 744 4.94 -19.38 11.95
C GLY B 744 4.86 -20.40 10.83
N ASP B 745 5.88 -20.49 10.00
CA ASP B 745 5.93 -21.45 8.90
C ASP B 745 4.76 -21.29 7.94
N SER B 746 4.70 -20.11 7.32
CA SER B 746 3.81 -19.82 6.21
C SER B 746 4.61 -19.04 5.16
N THR B 747 4.51 -19.47 3.91
CA THR B 747 5.39 -18.95 2.85
C THR B 747 5.13 -17.48 2.55
N GLU B 748 3.88 -17.03 2.69
CA GLU B 748 3.53 -15.67 2.32
C GLU B 748 4.05 -14.64 3.30
N CYS B 749 3.98 -14.91 4.60
CA CYS B 749 4.74 -14.13 5.57
C CYS B 749 6.23 -14.17 5.29
N SER B 750 6.76 -15.31 4.89
CA SER B 750 8.21 -15.42 4.72
C SER B 750 8.71 -14.56 3.58
N ASN B 751 8.00 -14.52 2.46
CA ASN B 751 8.43 -13.68 1.36
C ASN B 751 8.32 -12.19 1.69
N LEU B 752 7.31 -11.81 2.48
CA LEU B 752 7.21 -10.43 2.90
C LEU B 752 8.31 -10.05 3.88
N LEU B 753 8.67 -10.96 4.78
CA LEU B 753 9.72 -10.68 5.74
C LEU B 753 11.10 -10.67 5.11
N LEU B 754 11.28 -11.42 4.03
CA LEU B 754 12.53 -11.37 3.26
C LEU B 754 12.88 -9.95 2.80
N GLN B 755 11.92 -9.03 2.83
CA GLN B 755 12.11 -7.67 2.35
C GLN B 755 12.77 -6.76 3.37
N TYR B 756 13.05 -7.25 4.57
CA TYR B 756 13.56 -6.42 5.63
C TYR B 756 15.07 -6.52 5.79
N GLY B 757 15.73 -7.36 5.02
CA GLY B 757 17.17 -7.41 5.06
C GLY B 757 17.67 -8.39 6.09
N SER B 758 18.72 -8.01 6.81
CA SER B 758 19.36 -8.90 7.76
C SER B 758 18.95 -8.61 9.19
N PHE B 759 17.70 -8.22 9.45
CA PHE B 759 17.27 -7.97 10.81
C PHE B 759 17.26 -9.23 11.66
N CYS B 760 16.92 -10.37 11.09
CA CYS B 760 16.86 -11.61 11.83
C CYS B 760 18.20 -12.28 12.01
N THR B 761 19.15 -12.05 11.11
CA THR B 761 20.51 -12.57 11.28
C THR B 761 21.22 -11.87 12.44
N GLN B 762 21.02 -10.57 12.57
CA GLN B 762 21.59 -9.83 13.68
C GLN B 762 21.07 -10.34 15.01
N LEU B 763 19.77 -10.62 15.11
CA LEU B 763 19.20 -11.04 16.39
C LEU B 763 19.71 -12.41 16.81
N ASN B 764 19.86 -13.33 15.86
CA ASN B 764 20.42 -14.63 16.18
C ASN B 764 21.88 -14.54 16.56
N ARG B 765 22.65 -13.66 15.92
CA ARG B 765 24.02 -13.46 16.37
C ARG B 765 24.05 -12.91 17.79
N ALA B 766 23.19 -11.96 18.10
CA ALA B 766 23.16 -11.37 19.43
C ALA B 766 22.84 -12.42 20.49
N LEU B 767 21.84 -13.26 20.23
CA LEU B 767 21.51 -14.29 21.21
C LEU B 767 22.55 -15.38 21.30
N THR B 768 23.26 -15.70 20.22
CA THR B 768 24.28 -16.73 20.30
C THR B 768 25.51 -16.27 21.08
N GLY B 769 25.88 -15.00 20.94
CA GLY B 769 26.96 -14.47 21.76
C GLY B 769 26.69 -14.57 23.25
N ILE B 770 25.48 -14.22 23.67
CA ILE B 770 25.05 -14.36 25.05
C ILE B 770 25.21 -15.78 25.56
N ALA B 771 24.78 -16.77 24.79
CA ALA B 771 24.86 -18.16 25.19
C ALA B 771 26.27 -18.68 25.26
N VAL B 772 27.15 -18.19 24.39
CA VAL B 772 28.56 -18.60 24.50
C VAL B 772 29.23 -17.92 25.70
N GLU B 773 28.76 -16.74 26.10
CA GLU B 773 29.35 -16.08 27.26
C GLU B 773 28.98 -16.78 28.58
N GLN B 774 27.84 -17.47 28.62
CA GLN B 774 27.41 -18.10 29.87
C GLN B 774 28.28 -19.29 30.24
N ASP B 775 28.90 -19.96 29.29
CA ASP B 775 29.80 -21.06 29.61
C ASP B 775 31.17 -20.56 30.04
N LYS B 776 31.60 -19.45 29.49
CA LYS B 776 32.86 -18.85 29.90
C LYS B 776 32.77 -18.24 31.30
N ASN B 777 31.60 -17.70 31.67
CA ASN B 777 31.38 -17.30 33.05
C ASN B 777 31.68 -18.44 34.02
N THR B 778 31.13 -19.62 33.77
CA THR B 778 31.29 -20.76 34.66
C THR B 778 32.68 -21.35 34.62
N GLN B 779 33.30 -21.39 33.45
CA GLN B 779 34.68 -21.82 33.36
C GLN B 779 35.60 -20.91 34.15
N GLU B 780 35.34 -19.61 34.12
CA GLU B 780 36.18 -18.68 34.86
C GLU B 780 35.98 -18.74 36.36
N VAL B 781 34.78 -19.06 36.83
CA VAL B 781 34.60 -19.14 38.27
C VAL B 781 35.13 -20.47 38.81
N PHE B 782 34.82 -21.58 38.16
CA PHE B 782 35.02 -22.88 38.82
C PHE B 782 36.26 -23.65 38.36
N ALA B 783 36.66 -23.57 37.11
CA ALA B 783 37.79 -24.37 36.63
C ALA B 783 39.12 -23.67 36.91
N GLN B 784 39.30 -23.33 38.18
CA GLN B 784 40.48 -22.62 38.68
C GLN B 784 41.50 -23.55 39.31
N VAL B 785 41.58 -24.78 38.85
CA VAL B 785 42.42 -25.76 39.52
C VAL B 785 43.00 -26.70 38.47
N LYS B 786 44.27 -27.02 38.62
CA LYS B 786 44.96 -27.89 37.68
C LYS B 786 44.51 -29.33 37.83
N GLN B 787 44.64 -29.87 39.04
CA GLN B 787 44.39 -31.26 39.32
C GLN B 787 43.08 -31.40 40.06
N ILE B 788 42.57 -32.62 40.12
CA ILE B 788 41.40 -32.92 40.92
C ILE B 788 41.90 -33.56 42.20
N TYR B 789 41.98 -32.77 43.25
CA TYR B 789 42.54 -33.20 44.52
C TYR B 789 41.52 -33.96 45.34
N LYS B 790 42.02 -34.91 46.15
CA LYS B 790 41.21 -35.72 47.02
C LYS B 790 41.68 -35.61 48.46
N THR B 791 40.73 -35.67 49.39
CA THR B 791 41.06 -35.73 50.80
C THR B 791 41.45 -37.14 51.19
N PRO B 792 42.32 -37.29 52.20
CA PRO B 792 42.72 -38.62 52.61
C PRO B 792 41.60 -39.31 53.37
N PRO B 793 41.62 -40.65 53.46
CA PRO B 793 40.50 -41.38 54.08
C PRO B 793 40.31 -41.10 55.57
N ILE B 794 41.35 -40.71 56.30
CA ILE B 794 41.20 -40.25 57.68
C ILE B 794 40.61 -38.85 57.68
N LYS B 795 40.25 -38.33 58.84
CA LYS B 795 39.82 -36.95 58.93
C LYS B 795 40.46 -36.29 60.14
N ASP B 796 41.73 -36.56 60.39
CA ASP B 796 42.44 -35.99 61.54
C ASP B 796 42.88 -34.58 61.16
N PHE B 797 42.01 -33.60 61.43
CA PHE B 797 42.27 -32.21 61.08
C PHE B 797 42.41 -31.33 62.31
N GLY B 798 42.97 -31.84 63.40
CA GLY B 798 43.17 -31.03 64.57
C GLY B 798 41.94 -30.73 65.37
N GLY B 799 40.91 -31.54 65.27
CA GLY B 799 39.65 -31.27 65.93
C GLY B 799 38.66 -30.52 65.08
N PHE B 800 39.04 -30.08 63.89
CA PHE B 800 38.14 -29.41 62.99
C PHE B 800 37.37 -30.44 62.16
N ASN B 801 36.10 -30.16 61.92
CA ASN B 801 35.17 -31.13 61.37
C ASN B 801 34.55 -30.52 60.12
N PHE B 802 34.84 -31.08 58.97
CA PHE B 802 34.41 -30.53 57.69
C PHE B 802 33.35 -31.41 57.04
N SER B 803 32.68 -32.25 57.80
CA SER B 803 31.85 -33.28 57.20
C SER B 803 30.62 -32.72 56.50
N GLN B 804 30.12 -31.57 56.93
CA GLN B 804 28.93 -31.02 56.28
C GLN B 804 29.23 -30.37 54.95
N ILE B 805 30.50 -30.18 54.60
CA ILE B 805 30.85 -29.53 53.35
C ILE B 805 31.75 -30.38 52.48
N LEU B 806 32.10 -31.55 52.90
CA LEU B 806 32.78 -32.48 52.02
C LEU B 806 31.76 -33.34 51.27
N PRO B 807 32.13 -33.90 50.12
CA PRO B 807 31.15 -34.62 49.31
C PRO B 807 30.59 -35.86 49.99
N ASP B 808 29.37 -36.21 49.60
CA ASP B 808 28.63 -37.33 50.19
C ASP B 808 28.78 -38.55 49.29
N PRO B 809 29.53 -39.59 49.70
CA PRO B 809 29.77 -40.71 48.79
C PRO B 809 28.54 -41.55 48.48
N SER B 810 27.49 -41.44 49.28
CA SER B 810 26.26 -42.20 49.04
C SER B 810 25.24 -41.38 48.26
N LYS B 811 25.59 -41.01 47.03
CA LYS B 811 24.71 -40.21 46.18
C LYS B 811 25.17 -40.36 44.73
N PRO B 812 24.23 -40.28 43.79
CA PRO B 812 24.64 -40.20 42.37
C PRO B 812 25.34 -38.89 42.04
N SER B 813 24.93 -37.79 42.66
CA SER B 813 25.49 -36.48 42.38
C SER B 813 26.75 -36.18 43.18
N LYS B 814 26.95 -36.88 44.30
CA LYS B 814 28.12 -36.69 45.16
C LYS B 814 28.23 -35.27 45.69
N ARG B 815 27.10 -34.62 45.92
CA ARG B 815 27.12 -33.29 46.50
C ARG B 815 27.33 -33.39 48.01
N SER B 816 27.61 -32.26 48.62
CA SER B 816 27.71 -32.23 50.07
C SER B 816 26.35 -31.96 50.68
N PHE B 817 26.29 -32.02 52.00
CA PHE B 817 25.04 -31.78 52.72
C PHE B 817 24.52 -30.37 52.46
N ILE B 818 25.40 -29.38 52.48
CA ILE B 818 24.97 -28.01 52.30
C ILE B 818 24.68 -27.71 50.84
N GLU B 819 25.37 -28.38 49.93
CA GLU B 819 25.02 -28.27 48.52
C GLU B 819 23.72 -28.97 48.18
N ASP B 820 23.33 -29.97 48.95
CA ASP B 820 22.00 -30.55 48.81
C ASP B 820 20.92 -29.64 49.36
N LEU B 821 21.20 -28.96 50.47
CA LEU B 821 20.24 -27.97 50.95
C LEU B 821 20.05 -26.84 49.96
N LEU B 822 21.11 -26.39 49.31
CA LEU B 822 20.99 -25.26 48.40
C LEU B 822 20.24 -25.62 47.13
N PHE B 823 20.28 -26.87 46.70
CA PHE B 823 19.63 -27.25 45.45
C PHE B 823 18.15 -27.56 45.61
N ASN B 824 17.63 -27.58 46.83
CA ASN B 824 16.22 -27.76 47.07
C ASN B 824 15.51 -26.45 47.41
N LYS B 825 16.21 -25.34 47.37
CA LYS B 825 15.63 -24.05 47.68
C LYS B 825 15.50 -23.14 46.47
N VAL B 826 16.15 -23.46 45.36
CA VAL B 826 16.07 -22.63 44.17
C VAL B 826 15.40 -23.39 43.04
N LYS B 854 8.46 -26.89 24.58
CA LYS B 854 8.62 -26.46 23.20
C LYS B 854 7.59 -25.39 22.85
N PHE B 855 7.98 -24.46 21.97
CA PHE B 855 7.16 -23.30 21.66
C PHE B 855 7.40 -22.81 20.25
N ASN B 856 7.00 -21.57 19.99
CA ASN B 856 7.01 -20.98 18.66
C ASN B 856 8.40 -20.52 18.21
N GLY B 857 9.35 -21.44 18.15
CA GLY B 857 10.72 -21.10 17.80
C GLY B 857 11.65 -20.92 18.97
N LEU B 858 11.17 -21.10 20.20
CA LEU B 858 11.98 -20.89 21.39
C LEU B 858 12.65 -22.19 21.80
N THR B 859 13.92 -22.10 22.19
CA THR B 859 14.72 -23.27 22.55
C THR B 859 15.62 -22.93 23.73
N VAL B 860 15.85 -23.91 24.59
CA VAL B 860 16.77 -23.81 25.71
C VAL B 860 17.91 -24.78 25.50
N LEU B 861 19.11 -24.29 25.40
CA LEU B 861 20.28 -25.15 25.27
C LEU B 861 20.78 -25.57 26.64
N PRO B 862 21.40 -26.74 26.76
CA PRO B 862 21.96 -27.16 28.03
C PRO B 862 23.35 -26.60 28.25
N PRO B 863 23.75 -26.37 29.50
CA PRO B 863 25.11 -25.93 29.78
C PRO B 863 26.14 -26.98 29.43
N LEU B 864 27.36 -26.53 29.10
CA LEU B 864 28.42 -27.44 28.73
C LEU B 864 28.85 -28.30 29.91
N LEU B 865 28.98 -27.70 31.08
CA LEU B 865 29.28 -28.44 32.30
C LEU B 865 27.99 -28.86 32.97
N THR B 866 27.85 -30.15 33.22
CA THR B 866 26.86 -30.64 34.17
C THR B 866 27.15 -30.05 35.54
N ASP B 867 26.18 -30.13 36.44
CA ASP B 867 26.50 -29.67 37.79
C ASP B 867 27.10 -30.77 38.65
N GLU B 868 27.14 -32.00 38.18
CA GLU B 868 28.06 -32.97 38.73
C GLU B 868 29.49 -32.55 38.56
N MET B 869 29.86 -32.09 37.36
CA MET B 869 31.18 -31.54 37.11
C MET B 869 31.47 -30.33 37.95
N ILE B 870 30.49 -29.47 38.19
CA ILE B 870 30.70 -28.29 39.01
C ILE B 870 30.92 -28.70 40.46
N ALA B 871 30.14 -29.66 40.96
CA ALA B 871 30.37 -30.15 42.31
C ALA B 871 31.72 -30.83 42.44
N GLN B 872 32.20 -31.45 41.37
CA GLN B 872 33.52 -32.07 41.38
C GLN B 872 34.65 -31.05 41.34
N TYR B 873 34.45 -29.90 40.68
CA TYR B 873 35.43 -28.82 40.79
C TYR B 873 35.45 -28.24 42.19
N THR B 874 34.28 -28.05 42.81
CA THR B 874 34.25 -27.44 44.13
C THR B 874 34.84 -28.33 45.20
N SER B 875 34.60 -29.63 45.15
CA SER B 875 35.20 -30.50 46.14
C SER B 875 36.71 -30.57 46.03
N ALA B 876 37.26 -30.43 44.82
CA ALA B 876 38.70 -30.41 44.63
C ALA B 876 39.31 -29.12 45.13
N LEU B 877 38.64 -28.00 44.90
CA LEU B 877 39.07 -26.75 45.54
C LEU B 877 39.05 -26.86 47.05
N LEU B 878 38.09 -27.57 47.62
CA LEU B 878 38.03 -27.73 49.06
C LEU B 878 39.14 -28.60 49.61
N ALA B 879 39.40 -29.74 48.99
CA ALA B 879 40.49 -30.61 49.40
C ALA B 879 41.86 -30.00 49.18
N GLY B 880 42.03 -29.11 48.20
CA GLY B 880 43.27 -28.40 48.08
C GLY B 880 43.53 -27.48 49.26
N THR B 881 42.51 -26.77 49.68
CA THR B 881 42.63 -25.85 50.82
C THR B 881 42.82 -26.56 52.14
N ILE B 882 42.10 -27.64 52.39
CA ILE B 882 42.18 -28.29 53.70
C ILE B 882 43.50 -29.03 53.85
N THR B 883 44.15 -29.36 52.76
CA THR B 883 45.35 -30.17 52.80
C THR B 883 46.64 -29.40 52.53
N SER B 884 46.57 -28.30 51.80
CA SER B 884 47.78 -27.61 51.42
C SER B 884 47.74 -26.12 51.70
N GLY B 885 46.69 -25.61 52.30
CA GLY B 885 46.62 -24.19 52.58
C GLY B 885 46.49 -23.35 51.33
N TRP B 886 47.49 -22.53 51.04
CA TRP B 886 47.47 -21.69 49.85
C TRP B 886 48.55 -22.05 48.85
N THR B 887 49.24 -23.16 49.02
CA THR B 887 50.35 -23.47 48.14
C THR B 887 49.90 -24.01 46.80
N PHE B 888 48.76 -24.69 46.75
CA PHE B 888 48.27 -25.21 45.48
C PHE B 888 47.76 -24.12 44.55
N GLY B 889 47.49 -22.92 45.05
CA GLY B 889 47.10 -21.82 44.19
C GLY B 889 48.24 -21.09 43.55
N ALA B 890 49.48 -21.38 43.94
CA ALA B 890 50.65 -20.75 43.38
C ALA B 890 51.60 -21.73 42.71
N GLY B 891 51.31 -23.02 42.76
CA GLY B 891 52.16 -24.02 42.16
C GLY B 891 51.71 -25.40 42.55
N ALA B 892 52.66 -26.26 42.88
CA ALA B 892 52.33 -27.61 43.32
C ALA B 892 51.85 -27.59 44.76
N ALA B 893 50.94 -28.49 45.07
CA ALA B 893 50.36 -28.56 46.40
C ALA B 893 51.36 -29.14 47.38
N LEU B 894 51.62 -28.43 48.47
CA LEU B 894 52.56 -28.86 49.50
C LEU B 894 51.78 -29.08 50.77
N GLN B 895 51.75 -30.32 51.24
CA GLN B 895 50.97 -30.65 52.42
C GLN B 895 51.57 -29.99 53.66
N ILE B 896 50.69 -29.68 54.61
CA ILE B 896 51.04 -29.08 55.88
C ILE B 896 49.94 -29.52 56.84
N PRO B 897 50.20 -29.77 58.12
CA PRO B 897 49.11 -30.12 59.04
C PRO B 897 48.17 -28.94 59.29
N PHE B 898 46.89 -29.25 59.50
CA PHE B 898 45.87 -28.20 59.48
C PHE B 898 46.03 -27.21 60.63
N ALA B 899 46.40 -27.67 61.82
CA ALA B 899 46.61 -26.72 62.91
C ALA B 899 47.77 -25.78 62.62
N MET B 900 48.82 -26.26 61.98
CA MET B 900 49.95 -25.38 61.65
C MET B 900 49.58 -24.38 60.57
N GLN B 901 48.70 -24.77 59.66
CA GLN B 901 48.21 -23.84 58.65
C GLN B 901 47.31 -22.78 59.29
N MET B 902 46.49 -23.20 60.24
CA MET B 902 45.67 -22.28 61.02
C MET B 902 46.53 -21.30 61.80
N ALA B 903 47.67 -21.76 62.30
CA ALA B 903 48.60 -20.90 62.99
C ALA B 903 49.33 -19.93 62.06
N TYR B 904 49.64 -20.34 60.83
CA TYR B 904 50.15 -19.40 59.85
C TYR B 904 49.14 -18.31 59.55
N ARG B 905 47.87 -18.66 59.47
CA ARG B 905 46.83 -17.68 59.19
C ARG B 905 46.60 -16.74 60.36
N PHE B 906 46.75 -17.22 61.59
CA PHE B 906 46.67 -16.30 62.72
C PHE B 906 47.78 -15.26 62.68
N ASN B 907 48.95 -15.61 62.17
CA ASN B 907 50.01 -14.62 61.96
C ASN B 907 49.63 -13.60 60.92
N GLY B 908 48.85 -13.97 59.92
CA GLY B 908 48.53 -13.06 58.84
C GLY B 908 47.59 -11.95 59.27
N ILE B 909 46.81 -12.18 60.33
CA ILE B 909 45.97 -11.13 60.87
C ILE B 909 46.61 -10.43 62.07
N GLY B 910 47.87 -10.71 62.35
CA GLY B 910 48.56 -10.02 63.41
C GLY B 910 48.38 -10.57 64.80
N VAL B 911 48.02 -11.83 64.93
CA VAL B 911 47.97 -12.48 66.23
C VAL B 911 49.14 -13.43 66.31
N THR B 912 49.71 -13.54 67.49
CA THR B 912 50.87 -14.39 67.69
C THR B 912 50.44 -15.84 67.78
N GLN B 913 51.25 -16.73 67.26
CA GLN B 913 50.74 -18.05 66.90
C GLN B 913 50.62 -19.02 68.06
N ASN B 914 51.13 -18.71 69.24
CA ASN B 914 50.77 -19.52 70.40
C ASN B 914 49.35 -19.29 70.88
N VAL B 915 48.74 -18.16 70.51
CA VAL B 915 47.34 -17.93 70.84
C VAL B 915 46.47 -18.99 70.18
N LEU B 916 46.91 -19.55 69.05
CA LEU B 916 46.17 -20.64 68.44
C LEU B 916 46.44 -21.96 69.14
N TYR B 917 47.70 -22.28 69.40
CA TYR B 917 48.02 -23.60 69.90
C TYR B 917 47.56 -23.79 71.33
N GLU B 918 47.48 -22.70 72.11
CA GLU B 918 47.00 -22.79 73.48
C GLU B 918 45.49 -22.74 73.57
N ASN B 919 44.79 -22.50 72.48
CA ASN B 919 43.34 -22.41 72.45
C ASN B 919 42.74 -23.28 71.36
N GLN B 920 43.50 -24.25 70.87
CA GLN B 920 43.08 -25.10 69.76
C GLN B 920 41.69 -25.70 69.94
N LYS B 921 41.41 -26.31 71.08
CA LYS B 921 40.12 -26.97 71.28
C LYS B 921 38.97 -25.99 71.26
N LEU B 922 39.11 -24.87 71.95
CA LEU B 922 38.07 -23.86 71.93
C LEU B 922 37.84 -23.31 70.53
N ILE B 923 38.92 -23.08 69.79
CA ILE B 923 38.79 -22.53 68.44
C ILE B 923 38.10 -23.52 67.52
N ALA B 924 38.43 -24.80 67.65
CA ALA B 924 37.79 -25.83 66.85
C ALA B 924 36.32 -26.01 67.20
N ASN B 925 35.96 -25.97 68.48
CA ASN B 925 34.55 -25.97 68.88
C ASN B 925 33.78 -24.79 68.33
N GLN B 926 34.35 -23.58 68.39
CA GLN B 926 33.65 -22.44 67.81
C GLN B 926 33.45 -22.56 66.31
N PHE B 927 34.47 -23.02 65.59
CA PHE B 927 34.27 -23.29 64.17
C PHE B 927 33.13 -24.28 63.96
N ASN B 928 33.12 -25.37 64.71
CA ASN B 928 32.12 -26.42 64.52
C ASN B 928 30.71 -25.93 64.81
N SER B 929 30.54 -25.15 65.86
CA SER B 929 29.21 -24.58 66.13
C SER B 929 28.79 -23.58 65.07
N ALA B 930 29.70 -22.73 64.59
CA ALA B 930 29.33 -21.80 63.53
C ALA B 930 28.97 -22.51 62.24
N ILE B 931 29.61 -23.64 61.94
CA ILE B 931 29.25 -24.38 60.74
C ILE B 931 27.89 -25.04 60.93
N GLY B 932 27.62 -25.53 62.14
CA GLY B 932 26.30 -26.06 62.42
C GLY B 932 25.18 -25.05 62.32
N LYS B 933 25.42 -23.80 62.69
CA LYS B 933 24.37 -22.80 62.59
C LYS B 933 23.99 -22.47 61.15
N ILE B 934 24.85 -22.75 60.18
CA ILE B 934 24.57 -22.32 58.82
C ILE B 934 23.44 -23.15 58.21
N GLN B 935 23.44 -24.46 58.43
CA GLN B 935 22.33 -25.26 57.93
C GLN B 935 20.99 -24.82 58.54
N ASP B 936 20.94 -24.62 59.85
CA ASP B 936 19.72 -24.11 60.47
C ASP B 936 19.31 -22.78 59.87
N SER B 937 20.26 -21.88 59.66
CA SER B 937 19.94 -20.63 58.99
C SER B 937 19.55 -20.83 57.53
N LEU B 938 19.77 -22.02 56.98
CA LEU B 938 19.40 -22.29 55.60
C LEU B 938 18.12 -23.12 55.51
N SER B 939 18.09 -24.28 56.15
CA SER B 939 16.91 -25.14 56.15
C SER B 939 15.90 -24.69 57.19
N ALA B 944 17.70 -14.98 51.75
CA ALA B 944 18.78 -15.95 51.62
C ALA B 944 19.19 -16.10 50.16
N LEU B 945 18.57 -17.04 49.47
CA LEU B 945 18.87 -17.31 48.06
C LEU B 945 17.95 -16.55 47.13
N GLY B 946 17.50 -15.36 47.54
CA GLY B 946 16.71 -14.52 46.66
C GLY B 946 17.47 -13.94 45.50
N LYS B 947 18.79 -13.76 45.64
CA LYS B 947 19.57 -13.25 44.52
C LYS B 947 19.65 -14.25 43.38
N LEU B 948 19.54 -15.54 43.67
CA LEU B 948 19.50 -16.54 42.63
C LEU B 948 18.11 -16.76 42.09
N GLN B 949 17.09 -16.52 42.90
CA GLN B 949 15.72 -16.63 42.44
C GLN B 949 15.33 -15.48 41.52
N ASP B 950 15.80 -14.26 41.81
CA ASP B 950 15.50 -13.12 40.96
C ASP B 950 15.95 -13.30 39.52
N VAL B 951 17.12 -13.89 39.27
CA VAL B 951 17.57 -14.07 37.90
C VAL B 951 16.64 -15.00 37.14
N VAL B 952 16.31 -16.14 37.74
CA VAL B 952 15.38 -17.09 37.15
C VAL B 952 14.02 -16.46 36.92
N ASN B 953 13.53 -15.67 37.88
CA ASN B 953 12.22 -15.06 37.76
C ASN B 953 12.18 -14.03 36.65
N GLN B 954 13.17 -13.13 36.61
CA GLN B 954 13.19 -12.12 35.56
C GLN B 954 13.32 -12.75 34.19
N ASN B 955 14.08 -13.83 34.06
CA ASN B 955 14.19 -14.42 32.74
C ASN B 955 12.91 -15.14 32.33
N ALA B 956 12.29 -15.89 33.23
CA ALA B 956 11.05 -16.56 32.87
C ALA B 956 9.95 -15.57 32.56
N GLN B 957 9.87 -14.48 33.32
CA GLN B 957 8.87 -13.46 33.08
C GLN B 957 9.12 -12.70 31.80
N ALA B 958 10.38 -12.49 31.41
CA ALA B 958 10.61 -11.84 30.11
C ALA B 958 10.35 -12.78 28.94
N LEU B 959 10.46 -14.08 29.15
CA LEU B 959 10.13 -15.01 28.09
C LEU B 959 8.63 -15.25 27.96
N ASN B 960 7.88 -15.06 29.03
CA ASN B 960 6.42 -15.18 28.96
C ASN B 960 5.78 -14.03 28.20
N THR B 961 6.32 -12.82 28.32
CA THR B 961 5.83 -11.67 27.58
C THR B 961 6.00 -11.80 26.07
N LEU B 962 7.12 -12.36 25.62
CA LEU B 962 7.33 -12.56 24.19
C LEU B 962 6.30 -13.49 23.58
N VAL B 963 5.91 -14.53 24.30
CA VAL B 963 4.88 -15.43 23.81
C VAL B 963 3.51 -14.77 23.88
N LYS B 964 3.22 -14.03 24.94
CA LYS B 964 1.93 -13.37 25.01
C LYS B 964 1.76 -12.28 23.95
N GLN B 965 2.84 -11.70 23.46
CA GLN B 965 2.75 -10.69 22.42
C GLN B 965 2.36 -11.25 21.07
N LEU B 966 2.16 -12.55 20.94
CA LEU B 966 1.76 -13.10 19.65
C LEU B 966 0.26 -13.07 19.45
N SER B 967 -0.52 -12.91 20.50
CA SER B 967 -1.94 -12.70 20.34
C SER B 967 -2.30 -11.21 20.46
N SER B 968 -1.76 -10.38 19.57
CA SER B 968 -2.14 -8.99 19.46
C SER B 968 -2.18 -8.65 17.98
N ASN B 969 -3.18 -7.88 17.55
CA ASN B 969 -3.29 -7.61 16.12
C ASN B 969 -2.37 -6.49 15.67
N PHE B 970 -1.96 -5.62 16.59
CA PHE B 970 -1.18 -4.42 16.27
C PHE B 970 -1.90 -3.53 15.26
N GLY B 971 -3.23 -3.58 15.25
CA GLY B 971 -3.98 -2.77 14.32
C GLY B 971 -4.32 -3.44 13.01
N ALA B 972 -4.31 -4.75 12.97
CA ALA B 972 -4.81 -5.52 11.86
C ALA B 972 -6.18 -6.07 12.25
N ILE B 973 -6.82 -6.81 11.35
CA ILE B 973 -8.14 -7.31 11.71
C ILE B 973 -8.05 -8.37 12.78
N SER B 974 -7.09 -9.28 12.68
CA SER B 974 -6.92 -10.32 13.68
C SER B 974 -5.44 -10.54 13.91
N SER B 975 -5.13 -11.51 14.78
CA SER B 975 -3.77 -11.77 15.18
C SER B 975 -3.33 -13.18 14.83
N VAL B 976 -4.07 -13.86 13.96
CA VAL B 976 -3.76 -15.23 13.57
C VAL B 976 -3.64 -15.28 12.06
N LEU B 977 -2.46 -15.67 11.58
CA LEU B 977 -2.04 -15.48 10.19
C LEU B 977 -2.85 -16.28 9.19
N ASN B 978 -3.74 -17.17 9.63
CA ASN B 978 -4.59 -17.88 8.69
C ASN B 978 -5.91 -17.17 8.47
N ASP B 979 -6.58 -16.75 9.53
CA ASP B 979 -7.88 -16.11 9.39
C ASP B 979 -7.77 -14.80 8.63
N ILE B 980 -6.65 -14.10 8.75
CA ILE B 980 -6.44 -12.93 7.90
C ILE B 980 -6.28 -13.41 6.47
N LEU B 981 -5.70 -14.58 6.31
CA LEU B 981 -5.32 -15.03 4.98
C LEU B 981 -6.41 -15.78 4.24
N SER B 982 -7.41 -16.31 4.93
CA SER B 982 -8.49 -17.06 4.30
C SER B 982 -9.76 -16.25 4.33
N ARG B 983 -9.64 -14.95 4.56
CA ARG B 983 -10.80 -14.07 4.54
C ARG B 983 -10.50 -12.82 3.74
N LEU B 984 -9.36 -12.77 3.08
CA LEU B 984 -9.06 -11.68 2.17
C LEU B 984 -8.21 -12.22 1.03
N ASP B 985 -8.13 -11.46 -0.06
CA ASP B 985 -7.33 -11.80 -1.22
C ASP B 985 -6.04 -11.00 -1.23
N PRO B 986 -4.99 -11.48 -1.92
CA PRO B 986 -3.60 -11.12 -1.57
C PRO B 986 -3.38 -9.62 -1.40
N PRO B 987 -3.76 -8.77 -2.36
CA PRO B 987 -3.40 -7.36 -2.20
C PRO B 987 -4.10 -6.71 -1.02
N GLU B 988 -5.20 -7.31 -0.56
CA GLU B 988 -5.84 -6.86 0.66
C GLU B 988 -5.18 -7.44 1.91
N ALA B 989 -4.64 -8.65 1.83
CA ALA B 989 -4.11 -9.31 3.00
C ALA B 989 -2.68 -8.88 3.31
N GLU B 990 -1.86 -8.66 2.27
CA GLU B 990 -0.50 -8.18 2.46
C GLU B 990 -0.45 -6.93 3.34
N VAL B 991 -1.45 -6.06 3.25
CA VAL B 991 -1.46 -4.87 4.08
C VAL B 991 -1.53 -5.24 5.57
N GLN B 992 -2.41 -6.17 5.93
CA GLN B 992 -2.53 -6.55 7.34
C GLN B 992 -1.34 -7.37 7.81
N ILE B 993 -0.81 -8.22 6.92
CA ILE B 993 0.32 -9.05 7.32
C ILE B 993 1.55 -8.20 7.55
N ASP B 994 1.69 -7.08 6.84
CA ASP B 994 2.81 -6.21 7.16
C ASP B 994 2.69 -5.54 8.52
N ARG B 995 1.48 -5.19 8.96
CA ARG B 995 1.31 -4.69 10.32
C ARG B 995 1.64 -5.73 11.37
N LEU B 996 1.14 -6.95 11.20
CA LEU B 996 1.52 -8.04 12.09
C LEU B 996 3.03 -8.22 12.15
N ILE B 997 3.69 -8.21 11.00
CA ILE B 997 5.14 -8.38 10.97
C ILE B 997 5.82 -7.27 11.73
N THR B 998 5.39 -6.02 11.53
CA THR B 998 6.05 -4.92 12.20
C THR B 998 5.94 -5.04 13.72
N GLY B 999 4.75 -5.37 14.23
CA GLY B 999 4.61 -5.55 15.66
C GLY B 999 5.45 -6.68 16.21
N ARG B 1000 5.43 -7.83 15.54
CA ARG B 1000 6.16 -8.98 16.04
C ARG B 1000 7.67 -8.81 15.94
N LEU B 1001 8.16 -8.03 15.00
CA LEU B 1001 9.58 -7.74 14.98
C LEU B 1001 9.99 -6.75 16.05
N GLN B 1002 9.16 -5.76 16.34
CA GLN B 1002 9.42 -4.86 17.45
C GLN B 1002 9.48 -5.60 18.79
N SER B 1003 8.60 -6.56 19.01
CA SER B 1003 8.64 -7.33 20.26
C SER B 1003 9.94 -8.09 20.42
N LEU B 1004 10.41 -8.73 19.37
CA LEU B 1004 11.65 -9.48 19.41
C LEU B 1004 12.86 -8.58 19.61
N GLN B 1005 12.86 -7.38 19.04
CA GLN B 1005 13.97 -6.48 19.30
C GLN B 1005 14.00 -6.02 20.75
N THR B 1006 12.84 -5.71 21.32
CA THR B 1006 12.79 -5.38 22.74
C THR B 1006 13.34 -6.51 23.60
N TYR B 1007 12.93 -7.74 23.29
CA TYR B 1007 13.42 -8.89 24.04
C TYR B 1007 14.94 -9.02 23.96
N VAL B 1008 15.50 -8.94 22.76
CA VAL B 1008 16.93 -9.19 22.61
C VAL B 1008 17.74 -8.06 23.24
N THR B 1009 17.30 -6.82 23.11
CA THR B 1009 18.04 -5.72 23.73
C THR B 1009 18.07 -5.86 25.24
N GLN B 1010 16.96 -6.24 25.85
CA GLN B 1010 16.99 -6.45 27.28
C GLN B 1010 17.81 -7.65 27.71
N GLN B 1011 17.86 -8.72 26.92
CA GLN B 1011 18.74 -9.82 27.26
C GLN B 1011 20.20 -9.41 27.18
N LEU B 1012 20.56 -8.56 26.23
CA LEU B 1012 21.91 -8.02 26.15
C LEU B 1012 22.26 -7.18 27.37
N ILE B 1013 21.31 -6.37 27.84
CA ILE B 1013 21.60 -5.53 29.01
C ILE B 1013 21.65 -6.37 30.28
N ARG B 1014 20.85 -7.41 30.35
CA ARG B 1014 20.83 -8.28 31.52
C ARG B 1014 22.01 -9.25 31.57
N ALA B 1015 22.61 -9.58 30.43
CA ALA B 1015 23.76 -10.47 30.48
C ALA B 1015 25.04 -9.76 30.89
N ALA B 1016 25.17 -8.49 30.58
CA ALA B 1016 26.31 -7.70 31.03
C ALA B 1016 26.31 -7.49 32.53
N GLU B 1017 25.15 -7.57 33.17
CA GLU B 1017 25.05 -7.52 34.62
C GLU B 1017 25.42 -8.85 35.27
N ILE B 1018 25.17 -9.95 34.59
CA ILE B 1018 25.54 -11.27 35.09
C ILE B 1018 27.03 -11.50 34.92
N ARG B 1019 27.61 -10.89 33.89
CA ARG B 1019 29.04 -11.01 33.66
C ARG B 1019 29.85 -10.25 34.70
N ALA B 1020 29.39 -9.07 35.09
CA ALA B 1020 30.07 -8.32 36.13
C ALA B 1020 30.01 -9.04 37.47
N SER B 1021 29.01 -9.88 37.67
CA SER B 1021 28.87 -10.66 38.89
C SER B 1021 29.73 -11.91 38.88
N ALA B 1022 29.80 -12.60 37.76
CA ALA B 1022 30.72 -13.71 37.62
C ALA B 1022 32.18 -13.28 37.67
N ASN B 1023 32.49 -12.05 37.25
CA ASN B 1023 33.83 -11.52 37.40
C ASN B 1023 34.21 -11.26 38.84
N LEU B 1024 33.28 -10.76 39.64
CA LEU B 1024 33.47 -10.62 41.08
C LEU B 1024 33.62 -11.96 41.77
N ALA B 1025 32.85 -12.96 41.34
CA ALA B 1025 33.02 -14.31 41.86
C ALA B 1025 34.37 -14.91 41.55
N ALA B 1026 34.89 -14.74 40.34
CA ALA B 1026 36.21 -15.25 40.01
C ALA B 1026 37.32 -14.63 40.86
N THR B 1027 37.24 -13.33 41.11
CA THR B 1027 38.19 -12.65 41.97
C THR B 1027 38.06 -13.10 43.41
N LYS B 1028 36.85 -13.32 43.90
CA LYS B 1028 36.69 -13.88 45.23
C LYS B 1028 37.23 -15.30 45.33
N MET B 1029 37.01 -16.14 44.33
CA MET B 1029 37.55 -17.49 44.40
C MET B 1029 39.06 -17.49 44.39
N SER B 1030 39.66 -16.55 43.66
CA SER B 1030 41.11 -16.45 43.64
C SER B 1030 41.65 -15.92 44.96
N GLU B 1031 41.03 -14.89 45.51
CA GLU B 1031 41.64 -14.13 46.58
C GLU B 1031 41.16 -14.51 47.96
N CYS B 1032 40.05 -15.22 48.08
CA CYS B 1032 39.53 -15.58 49.40
C CYS B 1032 39.57 -17.08 49.65
N VAL B 1033 39.68 -17.85 48.59
CA VAL B 1033 39.72 -19.30 48.69
C VAL B 1033 41.13 -19.82 48.43
N LEU B 1034 41.82 -19.24 47.46
CA LEU B 1034 43.19 -19.62 47.16
C LEU B 1034 44.21 -18.76 47.88
N GLY B 1035 43.79 -17.86 48.76
CA GLY B 1035 44.73 -17.13 49.56
C GLY B 1035 44.04 -16.50 50.75
N GLN B 1036 44.82 -15.72 51.49
CA GLN B 1036 44.31 -14.92 52.59
C GLN B 1036 44.35 -13.44 52.22
N SER B 1037 43.23 -12.76 52.43
CA SER B 1037 43.07 -11.39 51.98
C SER B 1037 43.24 -10.40 53.12
N LYS B 1038 43.84 -9.26 52.81
CA LYS B 1038 43.92 -8.16 53.75
C LYS B 1038 43.00 -7.00 53.36
N ARG B 1039 42.32 -7.10 52.22
CA ARG B 1039 41.31 -6.13 51.82
C ARG B 1039 40.12 -6.17 52.77
N VAL B 1040 39.75 -5.01 53.31
CA VAL B 1040 38.73 -4.94 54.37
C VAL B 1040 37.34 -5.19 53.79
N ASP B 1041 36.66 -6.18 54.35
CA ASP B 1041 35.30 -6.52 53.96
C ASP B 1041 35.13 -7.21 52.61
N PHE B 1042 36.22 -7.70 52.04
CA PHE B 1042 36.14 -8.37 50.76
C PHE B 1042 35.75 -9.83 50.96
N CYS B 1043 36.05 -10.34 52.14
CA CYS B 1043 35.75 -11.72 52.48
C CYS B 1043 35.03 -11.82 53.84
N GLY B 1044 33.99 -11.02 54.03
CA GLY B 1044 33.25 -11.04 55.28
C GLY B 1044 33.59 -9.95 56.27
N LYS B 1045 33.00 -10.02 57.46
CA LYS B 1045 33.24 -9.04 58.53
C LYS B 1045 34.21 -9.63 59.55
N GLY B 1046 35.29 -8.91 59.83
CA GLY B 1046 36.32 -9.39 60.72
C GLY B 1046 37.60 -9.53 59.97
N TYR B 1047 38.57 -10.17 60.59
CA TYR B 1047 39.83 -10.46 59.93
C TYR B 1047 39.76 -11.80 59.23
N HIS B 1048 39.86 -11.77 57.91
CA HIS B 1048 39.68 -12.96 57.09
C HIS B 1048 40.66 -14.04 57.49
N LEU B 1049 40.16 -15.19 57.89
CA LEU B 1049 40.98 -16.37 58.09
C LEU B 1049 41.02 -17.25 56.85
N MET B 1050 39.86 -17.76 56.42
CA MET B 1050 39.84 -18.60 55.23
C MET B 1050 38.42 -18.65 54.69
N SER B 1051 38.26 -19.16 53.48
CA SER B 1051 36.95 -19.23 52.84
C SER B 1051 36.78 -20.55 52.11
N PHE B 1052 35.55 -21.06 52.08
CA PHE B 1052 35.20 -22.33 51.45
C PHE B 1052 34.11 -22.13 50.40
N PRO B 1053 34.25 -22.69 49.20
CA PRO B 1053 33.20 -22.55 48.20
C PRO B 1053 32.22 -23.72 48.15
N GLN B 1054 30.99 -23.41 47.78
CA GLN B 1054 29.95 -24.39 47.54
C GLN B 1054 29.21 -23.99 46.28
N SER B 1055 28.77 -24.96 45.50
CA SER B 1055 28.07 -24.67 44.26
C SER B 1055 26.58 -24.57 44.51
N ALA B 1056 25.94 -23.59 43.89
CA ALA B 1056 24.50 -23.42 43.99
C ALA B 1056 23.97 -23.53 42.57
N PRO B 1057 22.66 -23.56 42.35
CA PRO B 1057 22.15 -23.56 40.97
C PRO B 1057 22.30 -22.21 40.30
N HIS B 1058 23.15 -22.15 39.26
CA HIS B 1058 23.53 -20.95 38.54
C HIS B 1058 24.37 -19.99 39.38
N GLY B 1059 25.00 -20.47 40.43
CA GLY B 1059 25.70 -19.54 41.29
C GLY B 1059 26.70 -20.22 42.19
N VAL B 1060 27.25 -19.44 43.10
CA VAL B 1060 28.24 -19.93 44.05
C VAL B 1060 27.94 -19.32 45.39
N VAL B 1061 28.27 -20.06 46.44
CA VAL B 1061 28.15 -19.63 47.82
C VAL B 1061 29.53 -19.70 48.44
N PHE B 1062 29.92 -18.66 49.15
CA PHE B 1062 31.19 -18.58 49.83
C PHE B 1062 30.92 -18.56 51.32
N LEU B 1063 31.51 -19.48 52.05
CA LEU B 1063 31.48 -19.49 53.50
C LEU B 1063 32.79 -18.89 53.99
N HIS B 1064 32.74 -17.66 54.49
CA HIS B 1064 33.91 -16.95 54.98
C HIS B 1064 34.06 -17.18 56.48
N VAL B 1065 35.23 -17.66 56.88
CA VAL B 1065 35.65 -17.78 58.27
C VAL B 1065 36.51 -16.58 58.63
N THR B 1066 36.08 -15.84 59.64
CA THR B 1066 36.79 -14.65 60.11
C THR B 1066 36.99 -14.72 61.63
N TYR B 1067 37.87 -13.86 62.10
CA TYR B 1067 38.24 -13.71 63.50
C TYR B 1067 37.67 -12.40 64.02
N VAL B 1068 36.90 -12.45 65.09
CA VAL B 1068 36.27 -11.25 65.63
C VAL B 1068 36.72 -11.04 67.07
N PRO B 1069 37.35 -9.92 67.41
CA PRO B 1069 37.79 -9.72 68.80
C PRO B 1069 36.63 -9.50 69.75
N ALA B 1070 36.84 -9.86 71.02
CA ALA B 1070 35.75 -9.88 71.98
C ALA B 1070 36.26 -9.61 73.38
N GLN B 1071 35.38 -9.06 74.21
CA GLN B 1071 35.59 -8.85 75.65
C GLN B 1071 36.80 -7.97 75.95
N GLU B 1072 36.71 -6.71 75.56
CA GLU B 1072 37.83 -5.81 75.74
C GLU B 1072 37.85 -5.20 77.15
N LYS B 1073 39.05 -4.88 77.61
CA LYS B 1073 39.27 -4.10 78.81
C LYS B 1073 39.96 -2.81 78.44
N ASN B 1074 39.79 -1.79 79.28
CA ASN B 1074 40.47 -0.52 79.09
C ASN B 1074 41.72 -0.48 79.95
N PHE B 1075 42.71 0.27 79.50
CA PHE B 1075 44.00 0.42 80.14
C PHE B 1075 44.48 1.84 79.94
N THR B 1076 45.50 2.21 80.69
CA THR B 1076 46.28 3.41 80.50
C THR B 1076 47.42 3.06 79.55
N THR B 1077 47.85 4.04 78.76
CA THR B 1077 48.84 3.78 77.72
C THR B 1077 49.76 4.97 77.58
N ALA B 1078 50.86 4.78 76.87
CA ALA B 1078 51.88 5.79 76.68
C ALA B 1078 52.64 5.46 75.42
N PRO B 1079 53.16 6.43 74.71
CA PRO B 1079 53.88 6.15 73.47
C PRO B 1079 55.29 5.64 73.65
N ALA B 1080 56.02 6.12 74.65
CA ALA B 1080 57.40 5.72 74.87
C ALA B 1080 57.63 5.58 76.36
N ILE B 1081 58.83 5.15 76.73
CA ILE B 1081 59.19 5.02 78.14
C ILE B 1081 60.60 5.56 78.33
N CYS B 1082 60.79 6.38 79.35
CA CYS B 1082 62.08 7.02 79.55
C CYS B 1082 62.86 6.29 80.64
N HIS B 1083 64.11 5.98 80.33
CA HIS B 1083 64.98 5.26 81.25
C HIS B 1083 66.42 5.61 80.90
N ASP B 1084 67.20 6.01 81.90
CA ASP B 1084 68.57 6.46 81.73
C ASP B 1084 68.68 7.64 80.76
N GLY B 1085 67.65 8.46 80.66
CA GLY B 1085 67.69 9.53 79.69
C GLY B 1085 67.52 9.09 78.27
N LYS B 1086 66.99 7.89 78.04
CA LYS B 1086 66.74 7.39 76.70
C LYS B 1086 65.27 7.05 76.54
N ALA B 1087 64.76 7.25 75.33
CA ALA B 1087 63.38 6.92 75.01
C ALA B 1087 63.33 5.52 74.42
N HIS B 1088 62.37 4.72 74.87
CA HIS B 1088 62.18 3.34 74.44
C HIS B 1088 60.82 3.22 73.79
N PHE B 1089 60.76 2.58 72.70
CA PHE B 1089 59.58 2.32 71.91
C PHE B 1089 59.37 0.83 71.78
N PRO B 1090 58.14 0.35 71.73
CA PRO B 1090 57.93 -1.08 71.57
C PRO B 1090 58.28 -1.54 70.17
N ARG B 1091 58.84 -2.74 70.09
CA ARG B 1091 59.18 -3.33 68.80
C ARG B 1091 57.92 -3.72 68.04
N GLU B 1092 57.09 -4.56 68.63
CA GLU B 1092 55.70 -4.71 68.26
C GLU B 1092 54.89 -4.73 69.55
N GLY B 1093 53.75 -4.10 69.54
CA GLY B 1093 52.91 -4.04 70.72
C GLY B 1093 52.70 -2.61 71.18
N VAL B 1094 52.00 -2.51 72.30
CA VAL B 1094 51.76 -1.25 72.97
C VAL B 1094 52.14 -1.40 74.44
N PHE B 1095 52.65 -0.32 75.03
CA PHE B 1095 52.83 -0.23 76.47
C PHE B 1095 51.48 0.04 77.11
N VAL B 1096 51.10 -0.79 78.09
CA VAL B 1096 49.87 -0.62 78.84
C VAL B 1096 50.16 -0.67 80.32
N SER B 1097 49.25 -0.13 81.11
CA SER B 1097 49.37 -0.10 82.55
C SER B 1097 48.13 -0.68 83.18
N ASN B 1098 48.30 -1.61 84.12
CA ASN B 1098 47.16 -2.19 84.80
C ASN B 1098 46.72 -1.39 86.01
N GLY B 1099 47.32 -0.24 86.23
CA GLY B 1099 47.00 0.61 87.35
C GLY B 1099 48.25 1.04 88.10
N THR B 1100 49.20 0.12 88.24
CA THR B 1100 50.45 0.41 88.91
C THR B 1100 51.69 -0.06 88.18
N HIS B 1101 51.58 -1.00 87.24
CA HIS B 1101 52.72 -1.58 86.56
C HIS B 1101 52.57 -1.42 85.06
N TRP B 1102 53.68 -1.46 84.35
CA TRP B 1102 53.73 -1.28 82.92
C TRP B 1102 54.16 -2.57 82.22
N PHE B 1103 53.51 -2.87 81.09
CA PHE B 1103 53.79 -4.07 80.31
C PHE B 1103 53.79 -3.71 78.84
N VAL B 1104 54.31 -4.61 78.01
CA VAL B 1104 54.11 -4.60 76.56
C VAL B 1104 53.14 -5.71 76.22
N THR B 1105 52.20 -5.42 75.33
CA THR B 1105 51.33 -6.46 74.82
C THR B 1105 51.27 -6.37 73.30
N GLN B 1106 50.85 -7.44 72.68
CA GLN B 1106 50.48 -7.38 71.27
C GLN B 1106 49.14 -6.68 71.14
N ARG B 1107 48.92 -6.04 69.99
CA ARG B 1107 47.85 -5.06 69.90
C ARG B 1107 46.45 -5.66 69.78
N ASN B 1108 46.31 -6.93 69.46
CA ASN B 1108 44.99 -7.48 69.17
C ASN B 1108 44.54 -8.52 70.17
N PHE B 1109 45.40 -8.99 71.05
CA PHE B 1109 45.06 -9.95 72.07
C PHE B 1109 45.85 -9.60 73.30
N TYR B 1110 45.19 -9.51 74.45
CA TYR B 1110 45.87 -9.03 75.65
C TYR B 1110 46.73 -10.13 76.24
N GLU B 1111 48.05 -9.90 76.24
CA GLU B 1111 49.03 -10.87 76.70
C GLU B 1111 50.24 -10.11 77.22
N PRO B 1112 50.21 -9.69 78.47
CA PRO B 1112 51.22 -8.76 78.98
C PRO B 1112 52.53 -9.38 79.39
N GLN B 1113 53.61 -8.68 79.07
CA GLN B 1113 54.96 -9.13 79.38
C GLN B 1113 55.75 -7.98 79.97
N ILE B 1114 56.87 -8.29 80.62
CA ILE B 1114 57.64 -7.23 81.27
C ILE B 1114 58.59 -6.61 80.26
N ILE B 1115 58.82 -5.31 80.40
CA ILE B 1115 59.53 -4.52 79.41
C ILE B 1115 61.02 -4.74 79.57
N THR B 1116 61.64 -5.31 78.54
CA THR B 1116 63.06 -5.60 78.53
C THR B 1116 63.69 -4.90 77.35
N THR B 1117 64.99 -5.12 77.16
CA THR B 1117 65.72 -4.58 76.03
C THR B 1117 65.53 -5.41 74.76
N ASP B 1118 64.82 -6.53 74.86
CA ASP B 1118 64.51 -7.34 73.68
C ASP B 1118 63.10 -7.11 73.22
N ASN B 1119 62.32 -6.42 74.04
CA ASN B 1119 60.97 -5.99 73.75
C ASN B 1119 60.90 -4.67 73.02
N THR B 1120 61.95 -3.86 73.11
CA THR B 1120 61.90 -2.45 72.78
C THR B 1120 63.07 -2.11 71.90
N PHE B 1121 63.07 -0.88 71.40
CA PHE B 1121 64.27 -0.29 70.84
C PHE B 1121 64.39 1.14 71.33
N VAL B 1122 65.58 1.69 71.20
CA VAL B 1122 65.92 3.00 71.74
C VAL B 1122 66.05 3.97 70.59
N SER B 1123 65.66 5.22 70.84
CA SER B 1123 65.92 6.29 69.90
C SER B 1123 65.82 7.63 70.60
N GLY B 1124 66.91 8.37 70.64
CA GLY B 1124 66.91 9.71 71.20
C GLY B 1124 66.82 9.73 72.72
N ASN B 1125 66.63 10.93 73.24
CA ASN B 1125 66.51 11.16 74.67
C ASN B 1125 65.07 11.54 74.98
N CYS B 1126 64.70 11.43 76.24
CA CYS B 1126 63.30 11.65 76.63
C CYS B 1126 63.02 13.12 76.91
N ASP B 1127 63.01 13.93 75.86
CA ASP B 1127 62.70 15.35 75.98
C ASP B 1127 61.77 15.81 74.86
N VAL B 1128 61.60 14.96 73.85
CA VAL B 1128 60.95 15.35 72.60
C VAL B 1128 59.60 14.69 72.40
N VAL B 1129 59.33 13.58 73.07
CA VAL B 1129 58.10 12.83 72.88
C VAL B 1129 57.05 13.38 73.84
N ILE B 1130 55.84 13.61 73.32
CA ILE B 1130 54.74 14.14 74.10
C ILE B 1130 54.05 12.97 74.78
N GLY B 1131 54.05 12.97 76.10
CA GLY B 1131 53.41 11.93 76.86
C GLY B 1131 54.30 10.80 77.30
N ILE B 1132 55.62 11.00 77.31
CA ILE B 1132 56.54 9.95 77.73
C ILE B 1132 56.41 9.72 79.24
N VAL B 1133 56.70 8.50 79.66
CA VAL B 1133 56.46 8.06 81.02
C VAL B 1133 57.72 7.40 81.57
N ASN B 1134 57.91 7.52 82.88
CA ASN B 1134 59.07 6.96 83.54
C ASN B 1134 58.80 5.52 83.96
N ASN B 1135 59.73 4.64 83.64
CA ASN B 1135 59.70 3.26 84.13
C ASN B 1135 61.07 2.66 83.92
N THR B 1136 61.25 1.45 84.40
CA THR B 1136 62.51 0.74 84.32
C THR B 1136 62.44 -0.29 83.20
N VAL B 1137 63.48 -0.35 82.39
CA VAL B 1137 63.59 -1.30 81.30
C VAL B 1137 64.64 -2.32 81.68
N TYR B 1138 64.26 -3.58 81.69
CA TYR B 1138 65.07 -4.62 82.30
C TYR B 1138 66.02 -5.24 81.29
N ASP B 1139 67.25 -5.37 81.66
CA ASP B 1139 68.32 -6.01 80.91
C ASP B 1139 68.55 -7.41 81.43
N PRO B 1140 68.62 -8.43 80.59
CA PRO B 1140 68.82 -9.80 81.11
C PRO B 1140 70.27 -10.13 81.40
N LEU B 1141 71.17 -9.54 80.61
CA LEU B 1141 72.56 -9.95 80.66
C LEU B 1141 73.20 -9.66 82.01
N GLN B 1142 73.08 -8.43 82.50
CA GLN B 1142 73.81 -8.06 83.71
C GLN B 1142 73.27 -8.75 84.96
N PRO B 1143 71.98 -9.08 85.07
CA PRO B 1143 71.57 -9.96 86.17
C PRO B 1143 71.83 -11.42 85.89
N GLU B 1144 72.28 -11.76 84.68
CA GLU B 1144 72.90 -13.07 84.51
C GLU B 1144 74.34 -13.03 85.05
N LEU B 1145 75.01 -11.90 84.89
CA LEU B 1145 76.40 -11.79 85.31
C LEU B 1145 76.54 -11.50 86.81
N ASP B 1146 75.46 -11.71 87.56
CA ASP B 1146 75.42 -11.43 89.00
C ASP B 1146 75.96 -10.04 89.35
N ALA C 27 25.24 57.05 0.08
CA ALA C 27 24.45 56.18 -0.78
C ALA C 27 24.24 54.82 -0.14
N TYR C 28 25.01 54.50 0.90
CA TYR C 28 24.85 53.23 1.60
C TYR C 28 25.20 53.38 3.06
N THR C 29 24.65 52.47 3.87
CA THR C 29 25.00 52.33 5.28
C THR C 29 24.93 50.87 5.64
N ASN C 30 25.12 50.59 6.93
CA ASN C 30 25.14 49.24 7.46
C ASN C 30 24.00 49.05 8.44
N SER C 31 23.12 48.09 8.15
CA SER C 31 22.13 47.64 9.12
C SER C 31 22.80 46.69 10.08
N PHE C 32 22.96 47.11 11.33
CA PHE C 32 23.77 46.33 12.25
C PHE C 32 22.97 45.20 12.87
N THR C 33 21.97 45.53 13.68
CA THR C 33 21.04 44.54 14.22
C THR C 33 19.60 44.91 13.90
N ARG C 34 19.39 45.99 13.17
CA ARG C 34 18.06 46.51 12.93
C ARG C 34 17.20 45.52 12.15
N GLY C 35 15.91 45.55 12.42
CA GLY C 35 14.93 44.86 11.61
C GLY C 35 14.35 43.59 12.18
N VAL C 36 14.26 43.46 13.48
CA VAL C 36 13.69 42.27 14.10
C VAL C 36 12.26 42.55 14.49
N TYR C 37 11.39 41.58 14.31
CA TYR C 37 9.99 41.76 14.68
C TYR C 37 9.50 40.53 15.45
N TYR C 38 8.39 40.70 16.16
CA TYR C 38 7.71 39.57 16.79
C TYR C 38 7.00 38.77 15.70
N PRO C 39 7.42 37.53 15.43
CA PRO C 39 6.88 36.81 14.26
C PRO C 39 5.50 36.19 14.46
N ASP C 40 4.98 36.11 15.68
CA ASP C 40 3.67 35.52 15.88
C ASP C 40 3.08 36.02 17.20
N LYS C 41 1.84 35.59 17.46
CA LYS C 41 1.02 36.11 18.53
C LYS C 41 1.12 35.32 19.84
N VAL C 42 2.15 34.51 20.00
CA VAL C 42 2.29 33.70 21.20
C VAL C 42 3.16 34.43 22.21
N PHE C 43 2.65 34.59 23.43
CA PHE C 43 3.46 35.12 24.51
C PHE C 43 4.48 34.08 24.95
N ARG C 44 5.68 34.53 25.32
CA ARG C 44 6.73 33.61 25.74
C ARG C 44 7.49 34.17 26.93
N SER C 45 7.60 33.35 27.98
CA SER C 45 8.10 33.82 29.27
C SER C 45 9.56 34.26 29.24
N SER C 46 10.46 33.29 29.13
CA SER C 46 11.90 33.58 29.15
C SER C 46 12.65 32.64 28.22
N VAL C 47 11.95 32.01 27.29
CA VAL C 47 12.53 31.06 26.36
C VAL C 47 13.59 31.75 25.50
N LEU C 48 14.60 30.99 25.09
CA LEU C 48 15.37 31.26 23.90
C LEU C 48 14.69 30.52 22.76
N HIS C 49 14.10 31.26 21.83
CA HIS C 49 13.26 30.60 20.84
C HIS C 49 13.88 30.78 19.46
N SER C 50 13.94 29.69 18.70
CA SER C 50 14.52 29.74 17.37
C SER C 50 13.40 29.70 16.33
N THR C 51 13.56 30.50 15.28
CA THR C 51 12.51 30.60 14.27
C THR C 51 13.11 30.80 12.88
N GLN C 52 12.43 30.21 11.90
CA GLN C 52 12.71 30.44 10.49
C GLN C 52 11.68 31.42 9.94
N ASP C 53 12.15 32.57 9.48
CA ASP C 53 11.24 33.59 8.96
C ASP C 53 12.00 34.52 8.04
N LEU C 54 11.27 35.41 7.38
CA LEU C 54 11.87 36.38 6.48
C LEU C 54 12.40 37.57 7.28
N PHE C 55 13.72 37.75 7.28
CA PHE C 55 14.36 38.77 8.11
C PHE C 55 15.33 39.57 7.27
N LEU C 56 15.89 40.59 7.89
CA LEU C 56 16.91 41.43 7.27
C LEU C 56 18.24 41.08 7.90
N PRO C 57 19.13 40.38 7.20
CA PRO C 57 20.32 39.81 7.85
C PRO C 57 21.16 40.87 8.53
N PHE C 58 21.76 40.49 9.65
CA PHE C 58 22.58 41.42 10.40
C PHE C 58 23.71 41.95 9.52
N PHE C 59 24.15 43.17 9.83
CA PHE C 59 25.25 43.81 9.13
C PHE C 59 25.06 43.71 7.61
N SER C 60 23.99 44.33 7.15
CA SER C 60 23.70 44.34 5.72
C SER C 60 23.97 45.72 5.14
N ASN C 61 23.95 45.76 3.81
CA ASN C 61 24.27 46.94 3.03
C ASN C 61 22.97 47.60 2.58
N VAL C 62 22.54 48.66 3.27
CA VAL C 62 21.22 49.24 3.02
C VAL C 62 21.36 50.56 2.29
N THR C 63 20.52 50.76 1.28
CA THR C 63 20.53 51.95 0.45
C THR C 63 20.21 53.19 1.26
N TRP C 64 20.53 54.36 0.72
CA TRP C 64 20.37 55.61 1.45
C TRP C 64 19.87 56.66 0.48
N PHE C 65 18.65 57.14 0.71
CA PHE C 65 17.98 58.02 -0.24
C PHE C 65 17.84 59.41 0.37
N HIS C 66 17.54 60.38 -0.50
CA HIS C 66 17.48 61.78 -0.12
C HIS C 66 16.34 62.45 -0.89
N ALA C 67 16.17 63.74 -0.64
CA ALA C 67 15.13 64.54 -1.29
C ALA C 67 15.24 64.51 -2.82
N ASN C 81 13.22 60.31 -5.05
CA ASN C 81 12.08 59.42 -4.88
C ASN C 81 11.98 58.42 -6.02
N PRO C 82 12.93 57.50 -6.09
CA PRO C 82 12.98 56.57 -7.22
C PRO C 82 11.92 55.50 -7.14
N VAL C 83 12.01 54.49 -8.00
CA VAL C 83 11.13 53.33 -7.94
C VAL C 83 11.99 52.07 -7.88
N LEU C 84 11.66 51.17 -6.96
CA LEU C 84 12.42 49.96 -6.66
C LEU C 84 11.46 48.80 -6.53
N PRO C 85 11.93 47.55 -6.54
CA PRO C 85 11.03 46.42 -6.33
C PRO C 85 10.82 46.10 -4.85
N PHE C 86 9.86 45.21 -4.60
CA PHE C 86 9.62 44.67 -3.27
C PHE C 86 10.55 43.51 -2.96
N ASN C 87 10.57 42.51 -3.84
CA ASN C 87 11.52 41.41 -3.98
C ASN C 87 11.39 40.29 -2.95
N ASP C 88 10.99 40.58 -1.73
CA ASP C 88 10.28 39.67 -0.84
C ASP C 88 9.37 40.42 0.11
N GLY C 89 9.87 41.55 0.61
CA GLY C 89 9.35 42.33 1.70
C GLY C 89 10.39 43.41 1.86
N VAL C 90 10.09 44.39 2.70
CA VAL C 90 10.96 45.55 2.77
C VAL C 90 11.09 46.01 4.21
N TYR C 91 12.32 46.26 4.63
CA TYR C 91 12.59 47.09 5.78
C TYR C 91 12.76 48.53 5.33
N PHE C 92 12.19 49.45 6.09
CA PHE C 92 12.09 50.83 5.66
C PHE C 92 12.24 51.70 6.90
N ALA C 93 13.35 52.40 7.03
CA ALA C 93 13.50 53.29 8.17
C ALA C 93 13.47 54.74 7.72
N SER C 94 12.78 55.56 8.51
CA SER C 94 12.70 56.98 8.20
C SER C 94 13.11 57.78 9.42
N THR C 95 13.52 59.02 9.16
CA THR C 95 14.13 59.88 10.16
C THR C 95 13.62 61.31 9.96
N GLU C 96 14.34 62.31 10.46
CA GLU C 96 13.95 63.71 10.33
C GLU C 96 12.67 64.02 11.08
N LYS C 97 12.79 64.13 12.42
CA LYS C 97 11.68 64.42 13.33
C LYS C 97 10.65 65.37 12.74
N SER C 98 11.08 66.42 12.03
CA SER C 98 10.14 67.32 11.38
C SER C 98 9.48 66.59 10.22
N ASN C 99 8.15 66.47 10.29
CA ASN C 99 7.37 65.65 9.37
C ASN C 99 7.67 65.99 7.92
N ILE C 100 8.23 65.02 7.18
CA ILE C 100 8.41 65.13 5.74
C ILE C 100 7.86 63.91 5.03
N ILE C 101 7.83 62.78 5.72
CA ILE C 101 7.60 61.48 5.09
C ILE C 101 6.12 61.13 5.19
N ARG C 102 5.49 60.81 4.04
CA ARG C 102 4.04 60.69 3.97
C ARG C 102 3.67 59.47 3.11
N GLY C 103 3.56 58.31 3.75
CA GLY C 103 2.96 57.15 3.12
C GLY C 103 3.76 56.59 1.95
N TRP C 104 3.20 55.54 1.34
CA TRP C 104 3.85 54.82 0.26
C TRP C 104 2.81 54.41 -0.76
N ILE C 105 3.30 53.87 -1.88
CA ILE C 105 2.45 53.22 -2.87
C ILE C 105 3.17 51.96 -3.33
N PHE C 106 2.40 50.92 -3.65
CA PHE C 106 2.98 49.65 -4.09
C PHE C 106 2.27 49.18 -5.36
N GLY C 107 2.92 48.26 -6.07
CA GLY C 107 2.31 47.66 -7.25
C GLY C 107 3.35 47.26 -8.27
N THR C 108 2.85 46.73 -9.38
CA THR C 108 3.69 46.24 -10.46
C THR C 108 3.97 47.29 -11.53
N THR C 109 3.01 48.17 -11.82
CA THR C 109 3.24 49.21 -12.82
C THR C 109 2.86 50.61 -12.36
N LEU C 110 2.16 50.76 -11.23
CA LEU C 110 1.74 52.08 -10.73
C LEU C 110 0.94 52.83 -11.78
N ASP C 111 0.13 52.09 -12.53
CA ASP C 111 -0.44 52.61 -13.77
C ASP C 111 -1.93 52.31 -13.79
N SER C 112 -2.54 52.54 -14.94
CA SER C 112 -3.98 52.37 -15.10
C SER C 112 -4.35 50.92 -15.31
N LYS C 113 -5.51 50.54 -14.77
CA LYS C 113 -6.24 49.32 -15.12
C LYS C 113 -5.62 48.08 -14.48
N THR C 114 -4.75 48.28 -13.49
CA THR C 114 -4.21 47.20 -12.67
C THR C 114 -4.17 47.66 -11.23
N GLN C 115 -4.08 46.70 -10.32
CA GLN C 115 -4.21 46.99 -8.90
C GLN C 115 -2.93 47.61 -8.32
N SER C 116 -3.13 48.62 -7.49
CA SER C 116 -2.05 49.35 -6.83
C SER C 116 -2.63 50.02 -5.61
N LEU C 117 -1.92 49.93 -4.49
CA LEU C 117 -2.45 50.35 -3.21
C LEU C 117 -1.64 51.50 -2.64
N LEU C 118 -2.22 52.21 -1.67
CA LEU C 118 -1.69 53.48 -1.22
C LEU C 118 -2.05 53.67 0.25
N ILE C 119 -1.02 53.84 1.08
CA ILE C 119 -1.13 54.35 2.44
C ILE C 119 -0.66 55.79 2.40
N VAL C 120 -1.36 56.67 3.12
CA VAL C 120 -1.06 58.09 3.08
C VAL C 120 -1.19 58.67 4.48
N ASN C 121 -0.59 59.84 4.67
CA ASN C 121 -0.89 60.68 5.81
C ASN C 121 -1.24 62.07 5.29
N ASN C 122 -1.91 62.84 6.14
CA ASN C 122 -2.35 64.20 5.85
C ASN C 122 -2.04 65.05 7.06
N ALA C 123 -2.72 66.18 7.16
CA ALA C 123 -2.85 66.84 8.46
C ALA C 123 -3.19 65.82 9.55
N THR C 124 -4.26 65.04 9.36
CA THR C 124 -4.63 64.01 10.32
C THR C 124 -4.97 62.67 9.66
N ASN C 125 -5.43 62.69 8.40
CA ASN C 125 -6.05 61.50 7.83
C ASN C 125 -5.03 60.45 7.45
N VAL C 126 -5.47 59.20 7.50
CA VAL C 126 -4.66 58.03 7.16
C VAL C 126 -5.49 57.20 6.20
N VAL C 127 -5.29 57.39 4.90
CA VAL C 127 -6.12 56.80 3.87
C VAL C 127 -5.37 55.62 3.27
N ILE C 128 -6.02 54.46 3.25
CA ILE C 128 -5.46 53.27 2.64
C ILE C 128 -6.45 52.76 1.61
N LYS C 129 -6.02 52.74 0.35
CA LYS C 129 -6.93 52.44 -0.73
C LYS C 129 -6.23 51.62 -1.79
N VAL C 130 -6.99 50.79 -2.50
CA VAL C 130 -6.41 49.90 -3.51
C VAL C 130 -7.19 50.01 -4.81
N CYS C 131 -6.67 50.77 -5.77
CA CYS C 131 -7.43 51.04 -6.99
C CYS C 131 -6.54 50.83 -8.21
N GLU C 132 -7.02 51.36 -9.35
CA GLU C 132 -6.23 51.45 -10.57
C GLU C 132 -6.01 52.92 -10.90
N PHE C 133 -4.82 53.42 -10.59
CA PHE C 133 -4.57 54.85 -10.68
C PHE C 133 -3.90 55.19 -12.00
N GLN C 134 -3.49 56.43 -12.17
CA GLN C 134 -2.59 56.79 -13.25
C GLN C 134 -1.58 57.76 -12.66
N PHE C 135 -0.48 57.23 -12.15
CA PHE C 135 0.41 57.96 -11.27
C PHE C 135 1.33 58.89 -12.05
N CYS C 136 1.72 59.98 -11.41
CA CYS C 136 2.42 61.09 -12.05
C CYS C 136 3.82 60.70 -12.51
N ASN C 137 4.52 61.64 -13.14
CA ASN C 137 5.95 61.48 -13.37
C ASN C 137 6.72 61.64 -12.06
N ASP C 138 6.33 62.59 -11.23
CA ASP C 138 6.92 62.80 -9.92
C ASP C 138 5.79 62.92 -8.91
N PRO C 139 5.09 61.82 -8.62
CA PRO C 139 3.92 61.90 -7.73
C PRO C 139 4.29 62.18 -6.27
N PHE C 140 4.54 63.45 -5.97
CA PHE C 140 4.85 63.91 -4.63
C PHE C 140 3.89 65.02 -4.24
N LEU C 141 3.30 64.92 -3.05
CA LEU C 141 2.28 65.84 -2.59
C LEU C 141 2.81 67.26 -2.42
N GLY C 142 3.72 67.46 -1.48
CA GLY C 142 4.26 68.78 -1.20
C GLY C 142 3.35 69.65 -0.36
N VAL C 143 3.91 70.67 0.28
CA VAL C 143 3.11 71.64 1.00
C VAL C 143 3.24 72.99 0.32
N MET C 153 2.58 80.02 -0.07
CA MET C 153 1.93 79.18 -1.07
C MET C 153 1.31 77.96 -0.40
N GLU C 154 2.13 76.95 -0.10
CA GLU C 154 1.77 75.84 0.77
C GLU C 154 0.55 75.05 0.32
N SER C 155 0.61 74.40 -0.85
CA SER C 155 -0.51 73.59 -1.33
C SER C 155 -0.07 72.15 -1.56
N GLU C 156 -0.95 71.28 -2.06
CA GLU C 156 -0.62 69.86 -1.98
C GLU C 156 -1.26 68.97 -3.06
N PHE C 157 -1.08 67.66 -2.89
CA PHE C 157 -1.64 66.62 -3.76
C PHE C 157 -1.22 66.70 -5.22
N ARG C 158 0.02 66.33 -5.52
CA ARG C 158 0.30 65.90 -6.88
C ARG C 158 0.67 64.42 -6.85
N VAL C 159 -0.35 63.54 -6.91
CA VAL C 159 -0.12 62.11 -6.73
C VAL C 159 -0.64 61.30 -7.91
N TYR C 160 -1.96 61.31 -8.13
CA TYR C 160 -2.59 60.46 -9.12
C TYR C 160 -3.74 61.19 -9.80
N SER C 161 -4.22 60.59 -10.89
CA SER C 161 -5.34 61.18 -11.63
C SER C 161 -6.33 60.15 -12.15
N SER C 162 -6.37 58.95 -11.58
CA SER C 162 -7.37 57.96 -11.92
C SER C 162 -7.71 57.16 -10.68
N ALA C 163 -8.96 56.74 -10.57
CA ALA C 163 -9.41 56.02 -9.38
C ALA C 163 -10.34 54.86 -9.75
N ASN C 164 -10.44 54.55 -11.04
CA ASN C 164 -11.38 53.55 -11.53
C ASN C 164 -11.08 52.17 -10.96
N ASN C 165 -12.15 51.41 -10.70
CA ASN C 165 -12.08 50.02 -10.24
C ASN C 165 -11.25 49.89 -8.97
N CYS C 166 -11.75 50.51 -7.92
CA CYS C 166 -11.15 50.38 -6.60
C CYS C 166 -11.83 49.22 -5.88
N THR C 167 -11.03 48.19 -5.52
CA THR C 167 -11.55 46.98 -4.92
C THR C 167 -11.17 46.88 -3.44
N PHE C 168 -10.92 48.03 -2.81
CA PHE C 168 -10.72 48.12 -1.37
C PHE C 168 -10.77 49.58 -0.94
N GLU C 169 -11.22 49.85 0.28
CA GLU C 169 -11.27 51.22 0.78
C GLU C 169 -10.93 51.21 2.27
N TYR C 170 -10.50 52.37 2.76
CA TYR C 170 -10.35 52.64 4.18
C TYR C 170 -10.02 54.11 4.37
N VAL C 171 -10.49 54.71 5.46
CA VAL C 171 -10.14 56.08 5.83
C VAL C 171 -10.03 56.12 7.35
N SER C 172 -9.05 56.88 7.84
CA SER C 172 -8.92 57.19 9.25
C SER C 172 -8.66 55.94 10.08
N LYS C 187 16.12 64.12 16.00
CA LYS C 187 15.31 63.41 15.04
C LYS C 187 14.43 62.36 15.72
N ASN C 188 13.54 61.73 14.94
CA ASN C 188 12.67 60.68 15.43
C ASN C 188 12.61 59.57 14.40
N LEU C 189 13.01 58.37 14.81
CA LEU C 189 13.19 57.23 13.91
C LEU C 189 11.90 56.42 13.86
N ARG C 190 11.50 56.03 12.65
CA ARG C 190 10.29 55.24 12.43
C ARG C 190 10.63 54.09 11.51
N GLU C 191 10.65 52.89 12.07
CA GLU C 191 10.97 51.68 11.32
C GLU C 191 9.68 51.00 10.86
N PHE C 192 9.77 50.32 9.73
CA PHE C 192 8.63 49.62 9.18
C PHE C 192 9.10 48.37 8.45
N VAL C 193 8.39 47.28 8.67
CA VAL C 193 8.55 46.07 7.86
C VAL C 193 7.24 45.89 7.13
N PHE C 194 7.31 45.79 5.81
CA PHE C 194 6.15 45.47 4.99
C PHE C 194 6.38 44.13 4.34
N LYS C 195 5.42 43.22 4.47
CA LYS C 195 5.56 41.96 3.76
C LYS C 195 4.24 41.52 3.18
N ASN C 196 4.29 41.09 1.92
CA ASN C 196 3.12 40.66 1.18
C ASN C 196 3.26 39.18 0.87
N ILE C 197 2.84 38.35 1.82
CA ILE C 197 2.75 36.90 1.63
C ILE C 197 1.38 36.47 2.09
N ASP C 198 1.10 35.17 1.99
CA ASP C 198 -0.11 34.50 2.46
C ASP C 198 -1.39 35.30 2.24
N GLY C 199 -1.57 35.85 1.05
CA GLY C 199 -2.80 36.57 0.74
C GLY C 199 -3.09 37.73 1.66
N TYR C 200 -2.07 38.40 2.16
CA TYR C 200 -2.24 39.57 3.01
C TYR C 200 -1.22 40.62 2.63
N PHE C 201 -1.23 41.69 3.41
CA PHE C 201 -0.16 42.68 3.38
C PHE C 201 0.04 43.12 4.83
N LYS C 202 1.09 42.62 5.47
CA LYS C 202 1.29 42.80 6.89
C LYS C 202 2.29 43.92 7.12
N ILE C 203 2.05 44.70 8.18
CA ILE C 203 2.82 45.90 8.47
C ILE C 203 3.22 45.88 9.93
N TYR C 204 4.52 45.76 10.19
CA TYR C 204 5.07 45.89 11.53
C TYR C 204 5.78 47.22 11.58
N SER C 205 5.83 47.85 12.75
CA SER C 205 6.46 49.15 12.84
C SER C 205 6.91 49.42 14.25
N LYS C 206 7.70 50.48 14.41
CA LYS C 206 8.12 50.95 15.72
C LYS C 206 8.74 52.33 15.59
N HIS C 207 8.29 53.25 16.43
CA HIS C 207 8.68 54.67 16.34
C HIS C 207 9.48 55.02 17.59
N THR C 208 10.77 54.76 17.56
CA THR C 208 11.60 55.08 18.68
C THR C 208 12.05 56.55 18.62
N PRO C 209 12.42 57.12 19.76
CA PRO C 209 13.06 58.44 19.72
C PRO C 209 14.56 58.31 19.48
N ILE C 210 15.18 59.32 18.89
CA ILE C 210 16.62 59.36 18.70
C ILE C 210 17.13 60.76 18.97
N ASN C 211 18.45 60.88 19.09
CA ASN C 211 19.12 62.16 19.20
C ASN C 211 20.34 62.18 18.29
N LEU C 212 20.22 61.56 17.13
CA LEU C 212 21.31 61.45 16.17
C LEU C 212 21.24 62.59 15.16
N VAL C 213 22.27 62.66 14.31
CA VAL C 213 22.45 63.79 13.42
C VAL C 213 21.96 63.45 12.02
N ARG C 214 22.64 62.53 11.35
CA ARG C 214 22.23 62.06 10.04
C ARG C 214 22.51 60.56 9.89
N ASP C 215 22.46 59.84 11.01
CA ASP C 215 23.01 58.49 11.09
C ASP C 215 21.92 57.47 11.40
N LEU C 216 22.09 56.27 10.85
CA LEU C 216 21.24 55.13 11.22
C LEU C 216 21.70 54.62 12.57
N PRO C 217 20.91 54.75 13.63
CA PRO C 217 21.37 54.36 14.97
C PRO C 217 21.77 52.91 15.04
N GLN C 218 22.42 52.56 16.15
CA GLN C 218 23.00 51.25 16.33
C GLN C 218 22.53 50.70 17.67
N GLY C 219 21.58 49.77 17.63
CA GLY C 219 21.03 49.19 18.83
C GLY C 219 20.03 48.12 18.46
N PHE C 220 19.35 47.62 19.49
CA PHE C 220 18.35 46.59 19.26
C PHE C 220 16.94 47.11 19.49
N SER C 221 16.02 46.66 18.65
CA SER C 221 14.61 47.03 18.70
C SER C 221 13.80 45.97 17.96
N ALA C 222 12.62 45.67 18.49
CA ALA C 222 11.74 44.70 17.86
C ALA C 222 10.45 45.38 17.45
N LEU C 223 9.88 44.93 16.33
CA LEU C 223 8.82 45.65 15.64
C LEU C 223 7.51 44.88 15.78
N GLU C 224 6.58 45.46 16.49
CA GLU C 224 5.33 44.78 16.77
C GLU C 224 4.32 45.06 15.65
N PRO C 225 3.57 44.05 15.22
CA PRO C 225 2.68 44.24 14.08
C PRO C 225 1.62 45.29 14.38
N LEU C 226 1.41 46.19 13.42
CA LEU C 226 0.38 47.20 13.60
C LEU C 226 -0.93 46.75 12.98
N VAL C 227 -0.92 46.47 11.67
CA VAL C 227 -2.11 46.03 10.98
C VAL C 227 -1.75 44.92 9.99
N ASP C 228 -2.78 44.25 9.52
CA ASP C 228 -2.68 43.32 8.41
C ASP C 228 -3.85 43.62 7.49
N LEU C 229 -3.57 43.84 6.21
CA LEU C 229 -4.62 44.13 5.26
C LEU C 229 -4.92 42.89 4.43
N PRO C 230 -6.18 42.47 4.38
CA PRO C 230 -6.52 41.19 3.73
C PRO C 230 -6.60 41.26 2.22
N ILE C 231 -5.57 41.80 1.55
CA ILE C 231 -5.74 42.20 0.16
C ILE C 231 -5.73 41.02 -0.81
N GLY C 232 -4.56 40.45 -1.05
CA GLY C 232 -4.40 39.58 -2.20
C GLY C 232 -4.06 40.45 -3.39
N ILE C 233 -2.80 40.53 -3.80
CA ILE C 233 -2.38 41.57 -4.75
C ILE C 233 -1.25 41.09 -5.65
N ASN C 234 -0.74 41.99 -6.50
CA ASN C 234 0.47 41.79 -7.29
C ASN C 234 1.45 42.93 -7.08
N ILE C 235 2.35 42.84 -6.11
CA ILE C 235 3.35 43.87 -5.88
C ILE C 235 4.70 43.36 -6.34
N THR C 236 5.31 44.09 -7.27
CA THR C 236 6.71 43.86 -7.65
C THR C 236 7.51 45.15 -7.65
N ARG C 237 6.98 46.23 -7.07
CA ARG C 237 7.64 47.53 -7.06
C ARG C 237 6.93 48.39 -6.02
N PHE C 238 7.58 49.48 -5.63
CA PHE C 238 6.95 50.43 -4.72
C PHE C 238 7.64 51.78 -4.85
N GLN C 239 6.95 52.81 -4.36
CA GLN C 239 7.47 54.17 -4.30
C GLN C 239 7.13 54.80 -2.97
N THR C 240 7.93 55.79 -2.61
CA THR C 240 7.67 56.66 -1.48
C THR C 240 6.95 57.92 -1.94
N LEU C 241 6.25 58.57 -1.01
CA LEU C 241 5.58 59.84 -1.29
C LEU C 241 6.02 60.84 -0.24
N LEU C 242 6.68 61.90 -0.65
CA LEU C 242 7.20 62.92 0.24
C LEU C 242 6.37 64.19 0.10
N ALA C 243 6.68 65.16 0.95
CA ALA C 243 6.06 66.48 0.90
C ALA C 243 7.16 67.51 0.71
N LEU C 244 7.47 67.82 -0.55
CA LEU C 244 8.54 68.73 -0.91
C LEU C 244 7.94 70.07 -1.27
N HIS C 245 8.42 71.14 -0.64
CA HIS C 245 7.81 72.47 -0.70
C HIS C 245 7.46 72.92 -2.12
N ARG C 246 6.25 73.43 -2.30
CA ARG C 246 5.88 74.11 -3.53
C ARG C 246 5.83 75.61 -3.38
N SER C 247 6.60 76.18 -2.47
CA SER C 247 6.65 77.61 -2.24
C SER C 247 7.17 78.35 -3.47
N ALA C 264 15.95 61.74 5.49
CA ALA C 264 16.42 60.63 4.67
C ALA C 264 15.71 59.33 5.04
N TYR C 265 15.72 58.37 4.12
CA TYR C 265 15.07 57.09 4.37
C TYR C 265 15.87 55.95 3.78
N TYR C 266 15.97 54.86 4.55
CA TYR C 266 16.83 53.73 4.24
C TYR C 266 15.97 52.54 3.87
N VAL C 267 16.35 51.83 2.83
CA VAL C 267 15.63 50.66 2.35
C VAL C 267 16.51 49.44 2.50
N GLY C 268 15.89 48.32 2.89
CA GLY C 268 16.59 47.05 3.00
C GLY C 268 15.66 45.93 2.59
N TYR C 269 16.24 44.82 2.19
CA TYR C 269 15.47 43.70 1.69
C TYR C 269 15.58 42.53 2.65
N LEU C 270 14.60 41.62 2.58
CA LEU C 270 14.54 40.48 3.48
C LEU C 270 14.84 39.19 2.71
N GLN C 271 15.42 38.24 3.42
CA GLN C 271 15.65 36.89 2.93
C GLN C 271 15.18 35.93 4.01
N PRO C 272 14.96 34.67 3.67
CA PRO C 272 14.64 33.68 4.72
C PRO C 272 15.89 33.38 5.54
N ARG C 273 15.76 33.49 6.86
CA ARG C 273 16.87 33.27 7.78
C ARG C 273 16.38 32.43 8.94
N THR C 274 17.30 32.14 9.87
CA THR C 274 16.96 31.47 11.11
C THR C 274 17.54 32.29 12.24
N PHE C 275 16.70 32.72 13.15
CA PHE C 275 17.13 33.57 14.25
C PHE C 275 16.88 32.89 15.58
N LEU C 276 17.55 33.39 16.61
CA LEU C 276 17.44 32.91 17.99
C LEU C 276 17.08 34.10 18.87
N LEU C 277 15.79 34.23 19.18
CA LEU C 277 15.32 35.36 19.96
C LEU C 277 15.47 35.11 21.45
N LYS C 278 16.01 36.10 22.15
CA LYS C 278 16.24 36.06 23.58
C LYS C 278 15.13 36.84 24.30
N TYR C 279 13.97 36.20 24.43
CA TYR C 279 12.86 36.79 25.15
C TYR C 279 13.25 37.11 26.59
N ASN C 280 12.48 38.00 27.20
CA ASN C 280 12.74 38.44 28.56
C ASN C 280 11.46 38.29 29.37
N GLU C 281 11.56 38.51 30.67
CA GLU C 281 10.46 38.17 31.56
C GLU C 281 9.36 39.21 31.55
N ASN C 282 8.98 39.68 30.37
CA ASN C 282 7.77 40.46 30.19
C ASN C 282 7.15 40.03 28.87
N GLY C 283 7.79 39.06 28.21
CA GLY C 283 7.40 38.68 26.88
C GLY C 283 7.91 39.59 25.79
N THR C 284 9.09 40.20 25.98
CA THR C 284 9.62 41.16 25.03
C THR C 284 11.00 40.72 24.54
N ILE C 285 11.22 40.84 23.24
CA ILE C 285 12.47 40.46 22.59
C ILE C 285 13.54 41.50 22.86
N THR C 286 14.67 41.09 23.43
CA THR C 286 15.69 42.07 23.79
C THR C 286 17.02 41.78 23.10
N ASP C 287 17.16 40.58 22.53
CA ASP C 287 18.36 40.25 21.77
C ASP C 287 18.06 39.15 20.78
N ALA C 288 18.95 38.99 19.81
CA ALA C 288 18.76 37.98 18.79
C ALA C 288 20.11 37.61 18.20
N VAL C 289 20.19 36.39 17.67
CA VAL C 289 21.37 35.90 17.00
C VAL C 289 21.00 35.54 15.58
N ASP C 290 21.74 36.07 14.63
CA ASP C 290 21.59 35.73 13.22
C ASP C 290 22.64 34.68 12.91
N CYS C 291 22.36 33.43 13.21
CA CYS C 291 23.24 32.38 12.75
C CYS C 291 23.06 32.19 11.25
N ALA C 292 24.13 31.76 10.59
CA ALA C 292 24.41 31.93 9.16
C ALA C 292 25.06 33.28 8.89
N LEU C 293 25.47 33.99 9.93
CA LEU C 293 26.34 35.15 9.77
C LEU C 293 27.81 34.73 9.80
N ASP C 294 28.25 34.09 10.87
CA ASP C 294 29.63 33.68 11.03
C ASP C 294 29.64 32.39 11.83
N PRO C 295 30.80 31.72 11.95
CA PRO C 295 30.82 30.42 12.66
C PRO C 295 30.41 30.48 14.12
N LEU C 296 30.78 31.55 14.83
CA LEU C 296 30.39 31.67 16.22
C LEU C 296 28.88 31.72 16.38
N SER C 297 28.19 32.35 15.43
CA SER C 297 26.74 32.39 15.46
C SER C 297 26.14 31.01 15.25
N GLU C 298 26.75 30.22 14.38
CA GLU C 298 26.29 28.85 14.21
C GLU C 298 26.46 28.06 15.49
N THR C 299 27.57 28.26 16.19
CA THR C 299 27.74 27.62 17.48
C THR C 299 26.62 28.01 18.43
N LYS C 300 26.32 29.30 18.51
CA LYS C 300 25.28 29.76 19.42
C LYS C 300 23.92 29.19 19.04
N CYS C 301 23.67 28.99 17.74
CA CYS C 301 22.43 28.37 17.32
C CYS C 301 22.36 26.91 17.71
N THR C 302 23.42 26.14 17.46
CA THR C 302 23.34 24.71 17.69
C THR C 302 23.46 24.37 19.17
N LEU C 303 24.01 25.29 19.96
CA LEU C 303 24.10 25.09 21.41
C LEU C 303 22.94 25.69 22.15
N LYS C 304 22.09 26.47 21.47
CA LYS C 304 20.94 27.16 22.06
C LYS C 304 21.36 27.95 23.29
N SER C 305 22.27 28.90 23.09
CA SER C 305 22.78 29.72 24.16
C SER C 305 23.62 30.86 23.63
N PHE C 306 23.55 31.99 24.32
CA PHE C 306 24.29 33.19 23.96
C PHE C 306 25.70 33.16 24.49
N THR C 307 25.99 32.27 25.43
CA THR C 307 27.33 32.03 25.94
C THR C 307 27.78 30.65 25.49
N VAL C 308 29.05 30.55 25.09
CA VAL C 308 29.66 29.25 24.82
C VAL C 308 30.96 29.18 25.60
N GLU C 309 31.33 27.97 25.99
CA GLU C 309 32.55 27.72 26.73
C GLU C 309 33.59 27.11 25.80
N LYS C 310 34.84 27.18 26.22
CA LYS C 310 35.91 26.74 25.34
C LYS C 310 35.76 25.27 25.01
N GLY C 311 36.15 24.91 23.80
CA GLY C 311 35.96 23.55 23.34
C GLY C 311 35.97 23.51 21.83
N ILE C 312 35.62 22.34 21.32
CA ILE C 312 35.46 22.14 19.89
C ILE C 312 34.06 21.58 19.70
N TYR C 313 33.31 22.12 18.73
CA TYR C 313 31.90 21.83 18.60
C TYR C 313 31.55 21.53 17.16
N GLN C 314 30.95 20.38 16.92
CA GLN C 314 30.43 20.03 15.62
C GLN C 314 29.17 20.86 15.35
N THR C 315 29.19 21.64 14.30
CA THR C 315 28.09 22.56 14.05
C THR C 315 27.30 22.24 12.80
N SER C 316 27.95 21.79 11.74
CA SER C 316 27.24 21.48 10.51
C SER C 316 28.05 20.46 9.72
N ASN C 317 27.48 20.04 8.60
CA ASN C 317 28.20 19.22 7.64
C ASN C 317 28.53 20.07 6.42
N PHE C 318 29.30 19.47 5.53
CA PHE C 318 29.74 20.10 4.29
C PHE C 318 29.93 19.02 3.22
N ARG C 319 30.06 19.44 1.97
CA ARG C 319 30.26 18.50 0.86
C ARG C 319 30.27 19.20 -0.50
N VAL C 320 31.22 18.83 -1.34
CA VAL C 320 31.36 19.40 -2.67
C VAL C 320 30.11 19.17 -3.52
N GLN C 321 30.03 19.87 -4.65
CA GLN C 321 28.89 19.74 -5.56
C GLN C 321 29.32 19.28 -6.94
N PRO C 322 28.32 18.76 -7.75
CA PRO C 322 28.77 18.32 -9.07
C PRO C 322 28.54 19.37 -10.16
N THR C 323 29.13 19.15 -11.33
CA THR C 323 29.01 20.07 -12.45
C THR C 323 29.34 19.37 -13.77
N GLU C 324 29.34 20.13 -14.86
CA GLU C 324 29.66 19.59 -16.18
C GLU C 324 29.07 18.20 -16.38
N SER C 325 27.80 18.03 -16.06
CA SER C 325 27.12 16.75 -16.21
C SER C 325 27.45 16.09 -17.56
N ILE C 326 27.85 14.82 -17.51
CA ILE C 326 28.25 14.09 -18.72
C ILE C 326 27.31 12.92 -18.97
N VAL C 327 27.37 12.41 -20.19
CA VAL C 327 26.56 11.29 -20.65
C VAL C 327 27.39 10.49 -21.64
N ARG C 328 27.36 9.16 -21.52
CA ARG C 328 28.22 8.31 -22.32
C ARG C 328 27.47 7.08 -22.80
N PHE C 329 27.65 6.76 -24.08
CA PHE C 329 26.95 5.66 -24.75
C PHE C 329 27.89 5.02 -25.77
N PRO C 330 27.57 3.83 -26.26
CA PRO C 330 28.41 3.20 -27.29
C PRO C 330 28.25 3.87 -28.66
N ASN C 331 29.18 3.56 -29.55
CA ASN C 331 29.17 4.11 -30.90
C ASN C 331 27.90 3.75 -31.64
N ILE C 332 28.00 3.57 -32.96
CA ILE C 332 26.84 3.23 -33.78
C ILE C 332 27.21 2.54 -35.08
N THR C 333 26.52 1.44 -35.38
CA THR C 333 26.77 0.68 -36.60
C THR C 333 25.45 0.44 -37.32
N ASN C 334 24.49 -0.16 -36.64
CA ASN C 334 23.19 -0.43 -37.22
C ASN C 334 22.39 0.86 -37.34
N LEU C 335 23.04 1.90 -37.87
CA LEU C 335 22.41 3.20 -38.03
C LEU C 335 21.12 3.07 -38.82
N CYS C 336 20.97 1.92 -39.47
CA CYS C 336 19.80 1.58 -40.28
C CYS C 336 19.83 2.37 -41.58
N PRO C 337 19.69 1.71 -42.73
CA PRO C 337 19.74 2.49 -43.97
C PRO C 337 18.35 2.82 -44.52
N PHE C 338 18.10 4.10 -44.75
CA PHE C 338 16.82 4.55 -45.29
C PHE C 338 17.05 4.90 -46.76
N GLY C 339 18.27 5.31 -47.07
CA GLY C 339 18.65 5.64 -48.42
C GLY C 339 18.60 4.49 -49.40
N GLU C 340 17.80 3.46 -49.11
CA GLU C 340 17.46 2.44 -50.08
C GLU C 340 15.98 2.45 -50.43
N VAL C 341 15.11 2.71 -49.44
CA VAL C 341 13.68 2.77 -49.70
C VAL C 341 13.29 4.18 -50.12
N PHE C 342 13.95 5.18 -49.54
CA PHE C 342 13.72 6.57 -49.95
C PHE C 342 14.66 7.02 -51.05
N ASN C 343 15.51 6.12 -51.55
CA ASN C 343 16.47 6.45 -52.60
C ASN C 343 16.57 5.35 -53.64
N ALA C 344 15.45 4.77 -54.05
CA ALA C 344 15.46 3.70 -55.03
C ALA C 344 15.43 4.27 -56.45
N THR C 345 15.98 3.51 -57.40
CA THR C 345 15.96 3.93 -58.79
C THR C 345 14.65 3.57 -59.48
N ARG C 346 13.94 2.56 -58.98
CA ARG C 346 12.68 2.13 -59.57
C ARG C 346 11.76 1.69 -58.45
N PHE C 347 10.63 2.38 -58.30
CA PHE C 347 9.66 2.05 -57.26
C PHE C 347 8.85 0.81 -57.63
N ALA C 348 7.77 0.58 -56.89
CA ALA C 348 6.91 -0.57 -57.14
C ALA C 348 5.49 -0.14 -57.50
N SER C 349 4.81 -0.96 -58.29
CA SER C 349 3.45 -0.66 -58.70
C SER C 349 2.56 -0.34 -57.50
N VAL C 350 1.32 0.06 -57.76
CA VAL C 350 0.38 0.39 -56.70
C VAL C 350 -0.47 -0.82 -56.33
N TYR C 351 -0.62 -1.75 -57.26
CA TYR C 351 -1.40 -2.96 -57.03
C TYR C 351 -0.58 -4.10 -56.47
N ALA C 352 0.74 -4.04 -56.59
CA ALA C 352 1.63 -4.95 -55.87
C ALA C 352 2.69 -4.11 -55.18
N TRP C 353 2.33 -3.52 -54.06
CA TRP C 353 3.25 -2.63 -53.37
C TRP C 353 4.39 -3.43 -52.80
N ASN C 354 5.45 -2.75 -52.40
CA ASN C 354 6.48 -3.56 -51.79
C ASN C 354 6.27 -3.64 -50.29
N ARG C 355 7.13 -4.38 -49.60
CA ARG C 355 7.00 -4.49 -48.16
C ARG C 355 8.36 -4.81 -47.57
N LYS C 356 9.04 -3.79 -47.05
CA LYS C 356 10.34 -3.97 -46.41
C LYS C 356 10.10 -3.99 -44.91
N ARG C 357 10.73 -4.93 -44.21
CA ARG C 357 10.53 -5.03 -42.78
C ARG C 357 11.77 -4.52 -42.09
N ILE C 358 11.83 -3.22 -41.88
CA ILE C 358 12.91 -2.64 -41.10
C ILE C 358 12.94 -3.32 -39.75
N SER C 359 14.15 -3.51 -39.20
CA SER C 359 14.33 -4.33 -38.01
C SER C 359 15.32 -3.61 -37.10
N ASN C 360 15.84 -4.35 -36.11
CA ASN C 360 16.74 -3.80 -35.10
C ASN C 360 17.83 -2.92 -35.70
N CYS C 361 17.83 -1.67 -35.31
CA CYS C 361 18.63 -0.63 -35.95
C CYS C 361 18.53 0.62 -35.08
N VAL C 362 19.16 1.71 -35.53
CA VAL C 362 18.99 3.02 -34.94
C VAL C 362 18.33 3.91 -35.99
N ALA C 363 17.05 4.18 -35.80
CA ALA C 363 16.26 4.94 -36.76
C ALA C 363 16.23 6.41 -36.36
N ASP C 364 16.51 7.27 -37.33
CA ASP C 364 16.56 8.72 -37.10
C ASP C 364 15.51 9.38 -37.97
N TYR C 365 14.28 9.45 -37.47
CA TYR C 365 13.20 10.06 -38.21
C TYR C 365 13.36 11.57 -38.34
N SER C 366 14.41 12.16 -37.77
CA SER C 366 14.59 13.59 -37.95
C SER C 366 15.10 13.93 -39.33
N VAL C 367 16.04 13.14 -39.87
CA VAL C 367 16.51 13.36 -41.22
C VAL C 367 15.36 13.25 -42.20
N LEU C 368 14.35 12.46 -41.87
CA LEU C 368 13.15 12.45 -42.66
C LEU C 368 12.33 13.70 -42.42
N TYR C 369 12.00 13.96 -41.16
CA TYR C 369 11.00 14.97 -40.85
C TYR C 369 11.39 16.34 -41.34
N ASN C 370 12.68 16.66 -41.32
CA ASN C 370 13.10 18.01 -41.66
C ASN C 370 13.66 18.13 -43.06
N SER C 371 13.53 17.09 -43.88
CA SER C 371 14.19 17.11 -45.17
C SER C 371 13.55 18.09 -46.14
N ALA C 372 12.33 18.52 -45.86
CA ALA C 372 11.66 19.57 -46.64
C ALA C 372 11.48 19.20 -48.09
N SER C 373 11.91 18.02 -48.49
CA SER C 373 11.71 17.54 -49.85
C SER C 373 10.41 16.79 -50.01
N PHE C 374 9.71 16.52 -48.92
CA PHE C 374 8.49 15.75 -48.93
C PHE C 374 7.30 16.67 -49.05
N SER C 375 6.42 16.37 -49.98
CA SER C 375 5.22 17.17 -50.13
C SER C 375 4.15 16.79 -49.13
N THR C 376 4.23 15.62 -48.53
CA THR C 376 3.21 15.21 -47.57
C THR C 376 3.87 14.38 -46.49
N PHE C 377 3.74 14.77 -45.24
CA PHE C 377 4.29 14.00 -44.13
C PHE C 377 3.28 14.02 -43.00
N LYS C 378 2.36 13.06 -42.99
CA LYS C 378 1.36 13.01 -41.96
C LYS C 378 1.66 11.89 -41.00
N CYS C 379 1.52 12.13 -39.72
CA CYS C 379 1.69 11.08 -38.73
C CYS C 379 0.39 10.92 -37.96
N TYR C 380 -0.03 9.68 -37.72
CA TYR C 380 -1.35 9.43 -37.18
C TYR C 380 -1.34 8.91 -35.77
N GLY C 381 -0.70 7.78 -35.52
CA GLY C 381 -0.69 7.29 -34.16
C GLY C 381 0.09 8.21 -33.25
N VAL C 382 1.05 8.93 -33.81
CA VAL C 382 2.04 9.63 -33.01
C VAL C 382 2.58 10.83 -33.78
N SER C 383 2.55 12.00 -33.16
CA SER C 383 3.05 13.21 -33.80
C SER C 383 4.53 13.05 -34.15
N PRO C 384 5.00 13.75 -35.19
CA PRO C 384 6.31 13.40 -35.76
C PRO C 384 7.50 13.66 -34.87
N THR C 385 7.51 14.74 -34.08
CA THR C 385 8.72 15.09 -33.37
C THR C 385 9.07 14.11 -32.27
N LYS C 386 8.12 13.32 -31.79
CA LYS C 386 8.36 12.36 -30.73
C LYS C 386 8.70 10.97 -31.25
N LEU C 387 9.06 10.86 -32.53
CA LEU C 387 9.45 9.55 -33.06
C LEU C 387 10.85 9.17 -32.61
N ASN C 388 11.74 10.16 -32.57
CA ASN C 388 13.12 9.91 -32.16
C ASN C 388 13.28 9.82 -30.65
N ASP C 389 12.23 9.33 -29.98
CA ASP C 389 12.25 9.19 -28.53
C ASP C 389 11.41 8.00 -28.08
N LEU C 390 11.05 7.14 -29.03
CA LEU C 390 10.24 5.96 -28.74
C LEU C 390 10.86 4.71 -29.35
N CYS C 391 10.43 3.55 -28.86
CA CYS C 391 10.94 2.28 -29.36
C CYS C 391 9.81 1.29 -29.59
N PHE C 392 9.88 0.56 -30.71
CA PHE C 392 8.86 -0.43 -31.04
C PHE C 392 9.48 -1.80 -31.27
N THR C 393 8.70 -2.70 -31.85
CA THR C 393 9.16 -4.05 -32.13
C THR C 393 9.56 -4.21 -33.59
N ASN C 394 8.74 -3.66 -34.48
CA ASN C 394 9.00 -3.74 -35.92
C ASN C 394 8.50 -2.46 -36.57
N VAL C 395 9.19 -2.05 -37.63
CA VAL C 395 8.73 -1.00 -38.50
C VAL C 395 8.60 -1.63 -39.86
N TYR C 396 7.48 -1.44 -40.51
CA TYR C 396 7.36 -1.89 -41.88
C TYR C 396 7.34 -0.67 -42.78
N ALA C 397 7.86 -0.80 -43.97
CA ALA C 397 7.84 0.30 -44.93
C ALA C 397 7.26 -0.22 -46.23
N ASP C 398 6.15 0.36 -46.66
CA ASP C 398 5.54 -0.03 -47.92
C ASP C 398 5.77 1.07 -48.94
N SER C 399 5.98 0.68 -50.19
CA SER C 399 6.39 1.62 -51.22
C SER C 399 5.56 1.43 -52.47
N PHE C 400 5.15 2.53 -53.11
CA PHE C 400 4.48 2.42 -54.40
C PHE C 400 4.39 3.79 -55.04
N VAL C 401 3.68 3.85 -56.18
CA VAL C 401 3.58 5.05 -57.00
C VAL C 401 2.13 5.22 -57.42
N ILE C 402 1.59 6.43 -57.21
CA ILE C 402 0.20 6.70 -57.57
C ILE C 402 0.12 8.05 -58.28
N ARG C 403 -1.10 8.46 -58.57
CA ARG C 403 -1.33 9.78 -59.14
C ARG C 403 -1.08 10.84 -58.10
N GLY C 404 -1.20 12.10 -58.51
CA GLY C 404 -0.98 13.17 -57.57
C GLY C 404 -2.14 13.38 -56.63
N ASP C 405 -3.35 13.23 -57.12
CA ASP C 405 -4.51 13.53 -56.30
C ASP C 405 -5.12 12.30 -55.67
N GLU C 406 -4.44 11.17 -55.71
CA GLU C 406 -4.86 10.00 -54.94
C GLU C 406 -4.04 9.83 -53.69
N VAL C 407 -3.27 10.84 -53.29
CA VAL C 407 -2.55 10.72 -52.04
C VAL C 407 -3.47 10.95 -50.87
N ARG C 408 -4.69 11.37 -51.15
CA ARG C 408 -5.66 11.62 -50.09
C ARG C 408 -6.33 10.33 -49.64
N GLN C 409 -6.21 9.26 -50.44
CA GLN C 409 -6.82 8.01 -50.07
C GLN C 409 -5.89 7.12 -49.28
N ILE C 410 -4.65 7.53 -49.08
CA ILE C 410 -3.72 6.78 -48.23
C ILE C 410 -3.85 7.39 -46.85
N ALA C 411 -4.85 6.95 -46.12
CA ALA C 411 -5.17 7.48 -44.81
C ALA C 411 -6.18 6.54 -44.19
N PRO C 412 -6.30 6.48 -42.87
CA PRO C 412 -7.24 5.53 -42.27
C PRO C 412 -8.67 5.99 -42.50
N GLY C 413 -9.50 5.08 -43.02
CA GLY C 413 -10.88 5.41 -43.28
C GLY C 413 -11.12 6.27 -44.50
N GLN C 414 -10.79 5.77 -45.69
CA GLN C 414 -11.12 6.44 -46.94
C GLN C 414 -11.73 5.43 -47.90
N THR C 415 -12.19 5.93 -49.04
CA THR C 415 -12.74 5.11 -50.10
C THR C 415 -12.28 5.64 -51.43
N GLY C 416 -12.42 4.83 -52.47
CA GLY C 416 -11.90 5.12 -53.77
C GLY C 416 -11.14 3.94 -54.34
N LYS C 417 -10.94 3.99 -55.65
CA LYS C 417 -10.29 2.92 -56.41
C LYS C 417 -8.97 2.45 -55.83
N ILE C 418 -8.28 3.33 -55.11
CA ILE C 418 -7.00 2.94 -54.53
C ILE C 418 -7.21 2.29 -53.18
N ALA C 419 -7.93 2.95 -52.29
CA ALA C 419 -8.08 2.41 -50.94
C ALA C 419 -9.05 1.25 -50.92
N ASP C 420 -9.96 1.17 -51.89
CA ASP C 420 -10.88 0.04 -51.89
C ASP C 420 -10.17 -1.24 -52.22
N TYR C 421 -9.63 -1.36 -53.43
CA TYR C 421 -8.84 -2.51 -53.77
C TYR C 421 -7.57 -2.10 -54.49
N ASN C 422 -6.63 -1.49 -53.77
CA ASN C 422 -5.22 -1.61 -54.11
C ASN C 422 -4.38 -1.70 -52.85
N TYR C 423 -4.72 -0.87 -51.86
CA TYR C 423 -3.91 -0.75 -50.65
C TYR C 423 -4.78 -0.13 -49.56
N LYS C 424 -5.12 -0.90 -48.55
CA LYS C 424 -6.02 -0.46 -47.50
C LYS C 424 -5.28 -0.40 -46.19
N LEU C 425 -5.41 0.71 -45.49
CA LEU C 425 -4.85 1.06 -44.19
C LEU C 425 -5.84 0.80 -43.07
N PRO C 426 -5.47 0.11 -42.00
CA PRO C 426 -6.44 -0.21 -40.97
C PRO C 426 -6.98 1.06 -40.33
N ASP C 427 -8.01 0.90 -39.52
CA ASP C 427 -8.71 2.05 -38.99
C ASP C 427 -8.09 2.60 -37.72
N ASP C 428 -7.13 1.89 -37.13
CA ASP C 428 -6.36 2.40 -36.01
C ASP C 428 -4.87 2.45 -36.34
N PHE C 429 -4.56 2.99 -37.51
CA PHE C 429 -3.19 3.06 -37.99
C PHE C 429 -2.32 3.72 -36.95
N THR C 430 -1.03 3.42 -37.00
CA THR C 430 -0.09 4.00 -36.04
C THR C 430 1.06 4.77 -36.66
N GLY C 431 1.43 4.49 -37.89
CA GLY C 431 2.67 5.01 -38.44
C GLY C 431 2.54 6.39 -39.02
N CYS C 432 3.28 6.63 -40.09
CA CYS C 432 3.23 7.89 -40.81
C CYS C 432 3.25 7.63 -42.29
N VAL C 433 2.74 8.58 -43.06
CA VAL C 433 2.61 8.49 -44.50
C VAL C 433 3.43 9.61 -45.10
N ILE C 434 4.32 9.30 -46.03
CA ILE C 434 5.21 10.27 -46.64
C ILE C 434 5.05 10.19 -48.15
N ALA C 435 5.06 11.33 -48.82
CA ALA C 435 4.81 11.34 -50.25
C ALA C 435 5.51 12.52 -50.89
N TRP C 436 6.08 12.29 -52.07
CA TRP C 436 6.72 13.39 -52.77
C TRP C 436 6.58 13.22 -54.27
N ASN C 437 6.56 14.35 -54.97
CA ASN C 437 6.37 14.33 -56.41
C ASN C 437 7.60 13.77 -57.10
N SER C 438 7.36 13.04 -58.17
CA SER C 438 8.44 12.43 -58.90
C SER C 438 8.21 12.51 -60.39
N ASN C 439 7.82 13.68 -60.89
CA ASN C 439 7.47 13.78 -62.29
C ASN C 439 8.64 13.48 -63.21
N ASN C 440 9.85 13.90 -62.83
CA ASN C 440 10.96 13.79 -63.75
C ASN C 440 11.52 12.39 -63.85
N LEU C 441 11.28 11.54 -62.85
CA LEU C 441 11.80 10.20 -62.85
C LEU C 441 10.88 9.19 -63.51
N ASP C 442 9.58 9.31 -63.31
CA ASP C 442 8.66 8.25 -63.66
C ASP C 442 7.85 8.53 -64.91
N SER C 443 7.78 9.77 -65.35
CA SER C 443 6.98 10.12 -66.50
C SER C 443 7.87 10.31 -67.70
N LYS C 444 7.51 9.70 -68.83
CA LYS C 444 8.35 9.77 -70.00
C LYS C 444 7.51 10.09 -71.21
N VAL C 445 8.10 10.86 -72.13
CA VAL C 445 7.39 11.31 -73.32
C VAL C 445 6.85 10.11 -74.08
N GLY C 446 5.63 10.23 -74.56
CA GLY C 446 4.94 9.13 -75.18
C GLY C 446 4.15 8.29 -74.21
N GLY C 447 4.33 8.51 -72.92
CA GLY C 447 3.54 7.80 -71.94
C GLY C 447 4.24 6.62 -71.34
N ASN C 448 4.35 6.60 -70.01
CA ASN C 448 4.98 5.51 -69.29
C ASN C 448 3.87 4.54 -68.91
N TYR C 449 3.69 3.51 -69.71
CA TYR C 449 2.64 2.52 -69.46
C TYR C 449 3.06 1.32 -68.63
N ASN C 450 4.02 1.52 -67.72
CA ASN C 450 4.46 0.43 -66.88
C ASN C 450 3.95 0.51 -65.47
N TYR C 451 3.12 1.49 -65.16
CA TYR C 451 2.60 1.68 -63.82
C TYR C 451 1.11 1.42 -63.84
N LEU C 452 0.71 0.25 -63.37
CA LEU C 452 -0.67 -0.20 -63.45
C LEU C 452 -1.34 -0.08 -62.10
N TYR C 453 -2.66 -0.22 -62.11
CA TYR C 453 -3.44 -0.29 -60.90
C TYR C 453 -4.65 -1.15 -61.17
N ARG C 454 -5.21 -1.71 -60.10
CA ARG C 454 -6.38 -2.57 -60.22
C ARG C 454 -7.63 -1.71 -60.10
N LEU C 455 -8.58 -1.93 -60.99
CA LEU C 455 -9.77 -1.12 -60.97
C LEU C 455 -11.06 -1.93 -60.84
N PHE C 456 -10.98 -3.24 -60.71
CA PHE C 456 -12.15 -4.08 -60.47
C PHE C 456 -11.79 -5.16 -59.47
N ARG C 457 -12.61 -5.33 -58.44
CA ARG C 457 -12.42 -6.46 -57.55
C ARG C 457 -13.76 -6.86 -56.98
N LYS C 458 -13.86 -8.12 -56.55
CA LYS C 458 -15.10 -8.60 -55.96
C LYS C 458 -15.43 -7.89 -54.67
N SER C 459 -14.44 -7.67 -53.81
CA SER C 459 -14.72 -7.11 -52.49
C SER C 459 -13.50 -6.32 -52.03
N ASN C 460 -13.78 -5.27 -51.28
CA ASN C 460 -12.71 -4.40 -50.80
C ASN C 460 -11.71 -5.18 -49.96
N LEU C 461 -10.49 -4.69 -49.94
CA LEU C 461 -9.40 -5.40 -49.30
C LEU C 461 -9.53 -5.34 -47.79
N LYS C 462 -9.04 -6.37 -47.13
CA LYS C 462 -8.78 -6.24 -45.71
C LYS C 462 -7.54 -5.37 -45.54
N PRO C 463 -7.38 -4.71 -44.41
CA PRO C 463 -6.22 -3.84 -44.22
C PRO C 463 -4.93 -4.61 -44.39
N PHE C 464 -4.01 -4.05 -45.17
CA PHE C 464 -2.69 -4.61 -45.41
C PHE C 464 -2.74 -5.92 -46.18
N GLU C 465 -3.83 -6.14 -46.89
CA GLU C 465 -3.96 -7.33 -47.73
C GLU C 465 -3.52 -6.98 -49.14
N ARG C 466 -3.08 -8.00 -49.88
CA ARG C 466 -2.43 -7.80 -51.16
C ARG C 466 -2.93 -8.82 -52.16
N ASP C 467 -3.11 -8.40 -53.41
CA ASP C 467 -3.81 -9.22 -54.41
C ASP C 467 -3.19 -8.98 -55.77
N ILE C 468 -2.36 -9.91 -56.24
CA ILE C 468 -1.66 -9.77 -57.50
C ILE C 468 -2.23 -10.68 -58.58
N SER C 469 -3.42 -11.23 -58.37
CA SER C 469 -3.99 -12.11 -59.37
C SER C 469 -4.40 -11.31 -60.60
N THR C 470 -4.68 -12.02 -61.68
CA THR C 470 -4.99 -11.38 -62.95
C THR C 470 -6.12 -12.13 -63.65
N GLU C 471 -7.13 -12.52 -62.89
CA GLU C 471 -8.26 -13.21 -63.47
C GLU C 471 -9.19 -12.22 -64.14
N ILE C 472 -9.84 -12.66 -65.21
CA ILE C 472 -10.78 -11.82 -65.92
C ILE C 472 -11.97 -11.53 -65.03
N TYR C 473 -12.24 -10.26 -64.77
CA TYR C 473 -13.33 -9.90 -63.90
C TYR C 473 -14.65 -10.10 -64.61
N GLN C 474 -15.70 -10.38 -63.85
CA GLN C 474 -17.01 -10.72 -64.41
C GLN C 474 -18.03 -9.78 -63.80
N ALA C 475 -18.43 -8.77 -64.56
CA ALA C 475 -19.38 -7.81 -64.04
C ALA C 475 -20.79 -8.36 -64.04
N GLY C 476 -21.31 -8.70 -65.21
CA GLY C 476 -22.63 -9.25 -65.35
C GLY C 476 -22.71 -10.69 -64.87
N SER C 477 -23.90 -11.27 -64.99
CA SER C 477 -24.14 -12.62 -64.53
C SER C 477 -23.56 -13.66 -65.47
N THR C 478 -23.34 -13.32 -66.71
CA THR C 478 -22.86 -14.29 -67.68
C THR C 478 -21.44 -14.71 -67.35
N PRO C 479 -21.14 -16.00 -67.32
CA PRO C 479 -19.77 -16.44 -67.07
C PRO C 479 -18.83 -16.01 -68.18
N CYS C 480 -17.55 -15.89 -67.84
CA CYS C 480 -16.59 -15.27 -68.73
C CYS C 480 -15.73 -16.27 -69.49
N ASN C 481 -15.35 -17.38 -68.88
CA ASN C 481 -14.53 -18.41 -69.53
C ASN C 481 -13.21 -17.83 -70.02
N GLY C 482 -12.62 -16.92 -69.27
CA GLY C 482 -11.28 -16.48 -69.55
C GLY C 482 -11.10 -15.68 -70.82
N VAL C 483 -12.18 -15.22 -71.45
CA VAL C 483 -12.06 -14.36 -72.61
C VAL C 483 -12.76 -13.04 -72.33
N GLU C 484 -12.27 -11.99 -72.96
CA GLU C 484 -12.83 -10.66 -72.79
C GLU C 484 -14.17 -10.54 -73.49
N GLY C 485 -14.79 -9.39 -73.30
CA GLY C 485 -16.08 -9.13 -73.90
C GLY C 485 -16.90 -8.24 -73.00
N PHE C 486 -18.15 -8.03 -73.39
CA PHE C 486 -19.05 -7.23 -72.58
C PHE C 486 -19.20 -7.87 -71.22
N ASN C 487 -19.05 -7.07 -70.17
CA ASN C 487 -19.18 -7.54 -68.80
C ASN C 487 -18.16 -8.62 -68.47
N CYS C 488 -17.07 -8.66 -69.22
CA CYS C 488 -15.93 -9.53 -68.91
C CYS C 488 -14.68 -8.70 -69.20
N TYR C 489 -14.10 -8.12 -68.16
CA TYR C 489 -13.08 -7.10 -68.29
C TYR C 489 -11.76 -7.55 -67.68
N PHE C 490 -10.68 -7.21 -68.35
CA PHE C 490 -9.37 -7.32 -67.74
C PHE C 490 -9.31 -6.39 -66.55
N PRO C 491 -8.74 -6.80 -65.42
CA PRO C 491 -8.88 -6.01 -64.20
C PRO C 491 -7.80 -4.97 -63.95
N LEU C 492 -6.82 -4.79 -64.83
CA LEU C 492 -5.73 -3.87 -64.58
C LEU C 492 -5.69 -2.79 -65.64
N GLN C 493 -5.52 -1.56 -65.21
CA GLN C 493 -5.36 -0.44 -66.13
C GLN C 493 -4.01 0.19 -65.87
N SER C 494 -3.56 1.05 -66.76
CA SER C 494 -2.24 1.64 -66.63
C SER C 494 -2.33 3.15 -66.71
N TYR C 495 -1.75 3.83 -65.74
CA TYR C 495 -1.52 5.26 -65.84
C TYR C 495 -0.64 5.49 -67.06
N GLY C 496 -1.09 6.29 -68.00
CA GLY C 496 -0.13 6.67 -69.00
C GLY C 496 0.46 8.00 -68.61
N PHE C 497 1.58 7.99 -67.92
CA PHE C 497 2.13 9.24 -67.40
C PHE C 497 2.87 9.96 -68.51
N GLN C 498 2.72 11.26 -68.57
CA GLN C 498 3.41 12.04 -69.57
C GLN C 498 3.90 13.33 -68.95
N PRO C 499 5.06 13.83 -69.36
CA PRO C 499 5.66 14.95 -68.64
C PRO C 499 4.88 16.23 -68.73
N THR C 500 4.03 16.39 -69.74
CA THR C 500 3.20 17.58 -69.83
C THR C 500 1.82 17.34 -69.24
N ASN C 501 1.75 16.82 -68.03
CA ASN C 501 0.50 16.62 -67.33
C ASN C 501 0.36 17.65 -66.22
N GLY C 502 -0.82 18.20 -66.08
CA GLY C 502 -1.09 19.07 -64.96
C GLY C 502 -0.84 18.37 -63.64
N VAL C 503 -0.46 19.14 -62.63
CA VAL C 503 -0.26 18.57 -61.32
C VAL C 503 -1.55 17.89 -60.90
N GLY C 504 -1.44 16.85 -60.08
CA GLY C 504 -2.58 16.02 -59.83
C GLY C 504 -2.80 14.96 -60.87
N TYR C 505 -2.00 14.97 -61.94
CA TYR C 505 -1.88 13.82 -62.80
C TYR C 505 -0.45 13.37 -62.97
N GLN C 506 0.48 13.97 -62.28
CA GLN C 506 1.85 13.55 -62.34
C GLN C 506 2.13 12.52 -61.26
N PRO C 507 3.12 11.66 -61.45
CA PRO C 507 3.31 10.55 -60.52
C PRO C 507 3.89 11.03 -59.21
N TYR C 508 3.36 10.47 -58.13
CA TYR C 508 3.85 10.75 -56.79
C TYR C 508 4.35 9.43 -56.23
N ARG C 509 5.47 9.45 -55.55
CA ARG C 509 5.95 8.26 -54.88
C ARG C 509 5.59 8.33 -53.42
N VAL C 510 5.14 7.20 -52.87
CA VAL C 510 4.59 7.14 -51.53
C VAL C 510 5.29 6.04 -50.75
N VAL C 511 5.58 6.33 -49.48
CA VAL C 511 6.15 5.39 -48.53
C VAL C 511 5.32 5.46 -47.27
N VAL C 512 4.83 4.33 -46.80
CA VAL C 512 3.97 4.26 -45.64
C VAL C 512 4.74 3.50 -44.56
N LEU C 513 5.14 4.20 -43.50
CA LEU C 513 5.80 3.55 -42.39
C LEU C 513 4.78 3.14 -41.37
N SER C 514 4.84 1.90 -40.93
CA SER C 514 3.87 1.37 -39.99
C SER C 514 4.61 0.77 -38.82
N PHE C 515 4.55 1.41 -37.67
CA PHE C 515 5.22 0.91 -36.48
C PHE C 515 4.30 -0.06 -35.79
N GLU C 516 4.77 -1.26 -35.54
CA GLU C 516 3.95 -2.22 -34.84
C GLU C 516 4.63 -2.68 -33.56
N LEU C 517 3.80 -3.09 -32.60
CA LEU C 517 4.32 -3.56 -31.31
C LEU C 517 3.67 -4.86 -30.87
N LEU C 518 4.24 -5.98 -31.31
CA LEU C 518 3.71 -7.29 -30.97
C LEU C 518 3.77 -7.51 -29.46
N HIS C 519 4.71 -8.34 -29.02
CA HIS C 519 4.87 -8.64 -27.60
C HIS C 519 6.27 -9.17 -27.30
N ALA C 520 7.25 -8.70 -28.07
CA ALA C 520 8.63 -9.13 -27.89
C ALA C 520 9.27 -8.43 -26.69
N PRO C 521 10.60 -8.45 -26.63
CA PRO C 521 11.31 -7.82 -25.50
C PRO C 521 11.79 -6.40 -25.82
N ALA C 522 11.89 -6.09 -27.10
CA ALA C 522 12.33 -4.77 -27.56
C ALA C 522 12.73 -4.80 -29.03
N THR C 523 13.17 -3.65 -29.54
CA THR C 523 13.58 -3.54 -30.93
C THR C 523 14.07 -2.13 -31.25
N VAL C 524 14.13 -1.81 -32.54
CA VAL C 524 14.58 -0.50 -32.99
C VAL C 524 14.09 0.67 -32.14
N CYS C 525 14.98 1.63 -31.86
CA CYS C 525 14.62 2.90 -31.25
C CYS C 525 15.49 4.02 -31.79
N GLY C 526 15.14 5.25 -31.41
CA GLY C 526 15.84 6.43 -31.85
C GLY C 526 17.18 6.62 -31.17
N PRO C 527 18.07 7.35 -31.85
CA PRO C 527 19.43 7.59 -31.37
C PRO C 527 19.51 8.39 -30.06
N LYS C 528 20.68 8.33 -29.43
CA LYS C 528 20.92 9.04 -28.19
C LYS C 528 22.27 9.74 -28.23
N LYS C 529 22.24 11.07 -28.19
CA LYS C 529 23.47 11.86 -28.22
C LYS C 529 24.20 11.75 -26.90
N SER C 530 25.52 11.93 -26.94
CA SER C 530 26.34 11.85 -25.74
C SER C 530 27.13 13.14 -25.55
N THR C 531 28.28 13.03 -24.91
CA THR C 531 29.15 14.17 -24.67
C THR C 531 30.58 13.72 -24.43
N ASN C 532 31.36 14.58 -23.80
CA ASN C 532 32.76 14.27 -23.50
C ASN C 532 32.90 13.90 -22.04
N LEU C 533 33.77 12.95 -21.74
CA LEU C 533 33.97 12.54 -20.36
C LEU C 533 35.04 13.42 -19.75
N VAL C 534 34.72 14.00 -18.60
CA VAL C 534 35.68 14.84 -17.88
C VAL C 534 36.22 14.02 -16.71
N LYS C 535 37.29 14.51 -16.09
CA LYS C 535 37.88 13.78 -14.98
C LYS C 535 38.28 14.76 -13.89
N ASN C 536 38.44 14.23 -12.69
CA ASN C 536 38.93 14.95 -11.52
C ASN C 536 38.03 16.08 -11.09
N LYS C 537 36.72 15.97 -11.33
CA LYS C 537 35.76 16.97 -10.90
C LYS C 537 34.48 16.26 -10.48
N CYS C 538 33.88 16.72 -9.39
CA CYS C 538 32.62 16.16 -8.95
C CYS C 538 31.77 16.37 -10.18
N VAL C 539 31.08 15.33 -10.62
CA VAL C 539 30.30 15.42 -11.85
C VAL C 539 29.07 14.54 -11.70
N ASN C 540 28.10 14.78 -12.55
CA ASN C 540 26.87 14.01 -12.59
C ASN C 540 26.92 13.21 -13.88
N PHE C 541 27.05 11.89 -13.76
CA PHE C 541 27.36 11.07 -14.92
C PHE C 541 26.28 10.04 -15.20
N ASN C 542 26.26 9.59 -16.46
CA ASN C 542 25.41 8.50 -16.91
C ASN C 542 26.23 7.68 -17.92
N PHE C 543 26.49 6.43 -17.57
CA PHE C 543 27.22 5.49 -18.42
C PHE C 543 26.26 4.41 -18.89
N ASN C 544 25.69 4.60 -20.08
CA ASN C 544 24.70 3.75 -20.71
C ASN C 544 23.75 3.09 -19.72
N GLY C 545 23.20 3.88 -18.81
CA GLY C 545 22.25 3.35 -17.85
C GLY C 545 22.64 3.60 -16.42
N LEU C 546 23.93 3.48 -16.11
CA LEU C 546 24.44 3.73 -14.77
C LEU C 546 24.36 5.22 -14.49
N THR C 547 23.49 5.63 -13.59
CA THR C 547 23.36 7.03 -13.21
C THR C 547 24.04 7.24 -11.87
N GLY C 548 24.92 8.23 -11.79
CA GLY C 548 25.57 8.51 -10.51
C GLY C 548 26.21 9.87 -10.40
N THR C 549 26.92 10.10 -9.30
CA THR C 549 27.62 11.35 -9.04
C THR C 549 28.98 11.03 -8.44
N GLY C 550 29.98 11.84 -8.79
CA GLY C 550 31.28 11.67 -8.17
C GLY C 550 32.38 12.16 -9.07
N VAL C 551 33.58 11.98 -8.57
CA VAL C 551 34.82 12.24 -9.28
C VAL C 551 35.22 10.99 -10.04
N LEU C 552 35.63 11.16 -11.29
CA LEU C 552 36.07 10.08 -12.15
C LEU C 552 37.58 10.14 -12.26
N THR C 553 38.24 8.99 -12.19
CA THR C 553 39.69 8.95 -12.21
C THR C 553 40.20 7.77 -13.03
N GLU C 554 41.35 7.94 -13.66
CA GLU C 554 41.96 6.86 -14.43
C GLU C 554 42.28 5.69 -13.51
N SER C 555 41.94 4.49 -13.97
CA SER C 555 42.09 3.30 -13.13
C SER C 555 43.37 2.55 -13.47
N ASN C 556 43.62 1.50 -12.69
CA ASN C 556 44.67 0.55 -13.01
C ASN C 556 44.22 -0.88 -12.73
N LYS C 557 42.92 -1.12 -12.61
CA LYS C 557 42.37 -2.46 -12.55
C LYS C 557 42.07 -2.97 -13.96
N LYS C 558 41.83 -4.26 -14.06
CA LYS C 558 41.62 -4.92 -15.35
C LYS C 558 40.39 -5.81 -15.27
N PHE C 559 39.29 -5.35 -15.85
CA PHE C 559 38.07 -6.14 -15.92
C PHE C 559 38.27 -7.36 -16.80
N LEU C 560 37.30 -8.24 -16.84
CA LEU C 560 37.31 -9.23 -17.91
C LEU C 560 36.57 -8.66 -19.11
N PRO C 561 36.92 -9.03 -20.33
CA PRO C 561 36.42 -8.27 -21.48
C PRO C 561 34.96 -8.55 -21.80
N PHE C 562 34.15 -8.67 -20.78
CA PHE C 562 32.71 -8.59 -20.94
C PHE C 562 32.06 -7.89 -19.76
N GLN C 563 32.84 -7.40 -18.79
CA GLN C 563 32.31 -6.78 -17.59
C GLN C 563 32.29 -5.28 -17.77
N GLN C 564 31.19 -4.65 -17.40
CA GLN C 564 30.97 -3.23 -17.59
C GLN C 564 31.42 -2.39 -16.40
N PHE C 565 30.91 -2.69 -15.21
CA PHE C 565 31.25 -1.91 -14.03
C PHE C 565 31.60 -2.84 -12.88
N GLY C 566 32.33 -2.30 -11.91
CA GLY C 566 32.75 -3.03 -10.74
C GLY C 566 32.04 -2.53 -9.48
N ARG C 567 31.90 -3.45 -8.55
CA ARG C 567 31.21 -3.16 -7.30
C ARG C 567 32.11 -3.45 -6.13
N ASP C 568 31.81 -2.83 -5.00
CA ASP C 568 32.53 -3.05 -3.76
C ASP C 568 31.81 -4.07 -2.90
N ILE C 569 32.43 -4.44 -1.79
CA ILE C 569 31.75 -5.14 -0.73
C ILE C 569 30.83 -4.12 -0.08
N ALA C 570 29.61 -4.56 0.24
CA ALA C 570 28.48 -3.70 0.60
C ALA C 570 27.82 -3.12 -0.65
N ASP C 571 28.27 -3.56 -1.82
CA ASP C 571 27.54 -3.40 -3.08
C ASP C 571 27.30 -1.96 -3.49
N THR C 572 28.37 -1.20 -3.74
CA THR C 572 28.26 0.12 -4.35
C THR C 572 29.16 0.18 -5.57
N THR C 573 28.64 0.77 -6.65
CA THR C 573 29.41 0.91 -7.88
C THR C 573 30.65 1.76 -7.62
N ASP C 574 31.82 1.22 -7.95
CA ASP C 574 33.04 1.98 -7.72
C ASP C 574 33.97 2.03 -8.92
N ALA C 575 33.67 1.32 -9.99
CA ALA C 575 34.40 1.45 -11.24
C ALA C 575 33.44 1.30 -12.39
N VAL C 576 33.77 1.91 -13.53
CA VAL C 576 33.02 1.73 -14.75
C VAL C 576 33.99 1.56 -15.90
N ARG C 577 33.46 1.18 -17.04
CA ARG C 577 34.20 1.10 -18.29
C ARG C 577 33.54 2.03 -19.29
N ASP C 578 34.33 2.88 -19.94
CA ASP C 578 33.76 3.82 -20.88
C ASP C 578 33.39 3.10 -22.15
N PRO C 579 32.14 3.14 -22.59
CA PRO C 579 31.74 2.34 -23.75
C PRO C 579 32.53 2.64 -25.00
N GLN C 580 32.84 3.91 -25.26
CA GLN C 580 33.46 4.27 -26.53
C GLN C 580 34.94 3.89 -26.56
N THR C 581 35.71 4.28 -25.56
CA THR C 581 37.14 4.02 -25.56
C THR C 581 37.51 2.74 -24.80
N LEU C 582 36.61 2.21 -23.98
CA LEU C 582 36.80 0.92 -23.27
C LEU C 582 37.95 0.98 -22.28
N GLU C 583 37.94 1.99 -21.42
CA GLU C 583 38.93 2.10 -20.36
C GLU C 583 38.23 2.19 -19.02
N ILE C 584 38.88 1.64 -18.00
CA ILE C 584 38.30 1.53 -16.67
C ILE C 584 38.58 2.81 -15.91
N LEU C 585 37.56 3.32 -15.23
CA LEU C 585 37.64 4.56 -14.47
C LEU C 585 37.04 4.34 -13.10
N ASP C 586 37.75 4.75 -12.06
CA ASP C 586 37.22 4.67 -10.71
C ASP C 586 36.29 5.83 -10.41
N ILE C 587 35.32 5.59 -9.54
CA ILE C 587 34.35 6.61 -9.16
C ILE C 587 34.44 6.92 -7.67
N THR C 588 34.85 8.15 -7.35
CA THR C 588 34.97 8.57 -5.96
C THR C 588 33.83 9.50 -5.57
N PRO C 589 33.10 9.11 -4.44
CA PRO C 589 32.00 10.02 -4.09
C PRO C 589 32.48 11.46 -3.93
N CYS C 590 31.55 12.40 -3.79
CA CYS C 590 31.89 13.80 -3.64
C CYS C 590 32.71 14.03 -2.36
N SER C 591 33.13 15.27 -2.16
CA SER C 591 33.93 15.63 -0.98
C SER C 591 33.04 16.19 0.13
N PHE C 592 32.79 15.36 1.14
CA PHE C 592 31.96 15.78 2.26
C PHE C 592 32.72 15.64 3.58
N GLY C 593 32.06 16.03 4.67
CA GLY C 593 32.67 15.95 5.99
C GLY C 593 31.89 16.76 6.97
N GLY C 594 32.43 16.86 8.18
CA GLY C 594 31.86 17.69 9.21
C GLY C 594 32.66 18.96 9.36
N VAL C 595 32.05 19.92 10.05
CA VAL C 595 32.67 21.20 10.32
C VAL C 595 32.63 21.42 11.82
N SER C 596 33.79 21.66 12.42
CA SER C 596 33.84 21.96 13.84
C SER C 596 34.45 23.33 14.04
N VAL C 597 33.96 24.05 15.02
CA VAL C 597 34.53 25.35 15.35
C VAL C 597 35.23 25.26 16.70
N ILE C 598 36.44 25.80 16.74
CA ILE C 598 37.29 25.84 17.91
C ILE C 598 37.15 27.22 18.51
N THR C 599 36.65 27.28 19.73
CA THR C 599 36.36 28.51 20.45
C THR C 599 37.23 28.60 21.69
N PRO C 600 37.89 29.71 21.94
CA PRO C 600 38.63 29.86 23.19
C PRO C 600 37.75 30.24 24.35
N GLY C 601 36.43 30.11 24.17
CA GLY C 601 35.47 30.55 25.16
C GLY C 601 34.98 31.93 24.82
N THR C 602 33.66 32.12 24.76
CA THR C 602 33.11 33.43 24.41
C THR C 602 33.34 34.46 25.52
N ASN C 603 33.64 34.02 26.73
CA ASN C 603 33.96 34.87 27.85
C ASN C 603 35.41 35.33 27.84
N THR C 604 36.13 35.05 26.76
CA THR C 604 37.53 35.41 26.65
C THR C 604 37.79 36.13 25.34
N SER C 605 37.03 35.79 24.31
CA SER C 605 37.25 36.35 22.99
C SER C 605 36.04 36.03 22.12
N ASN C 606 36.10 36.51 20.87
CA ASN C 606 35.13 36.18 19.84
C ASN C 606 35.79 35.50 18.65
N GLN C 607 37.10 35.30 18.71
CA GLN C 607 37.82 34.61 17.65
C GLN C 607 37.47 33.13 17.63
N VAL C 608 37.50 32.54 16.44
CA VAL C 608 37.25 31.11 16.28
C VAL C 608 38.19 30.58 15.21
N ALA C 609 38.43 29.28 15.24
CA ALA C 609 39.05 28.56 14.15
C ALA C 609 38.09 27.50 13.65
N VAL C 610 38.30 27.00 12.45
CA VAL C 610 37.38 26.04 11.85
C VAL C 610 38.16 24.85 11.32
N LEU C 611 37.68 23.66 11.63
CA LEU C 611 38.23 22.42 11.10
C LEU C 611 37.22 21.79 10.16
N TYR C 612 37.70 21.44 8.97
CA TYR C 612 36.94 20.70 7.97
C TYR C 612 37.47 19.28 8.01
N GLN C 613 36.65 18.36 8.49
CA GLN C 613 37.16 17.05 8.88
C GLN C 613 37.46 16.17 7.67
N ASP C 614 38.64 15.58 7.68
CA ASP C 614 39.21 14.74 6.61
C ASP C 614 38.90 15.28 5.21
N VAL C 615 39.20 16.56 5.01
CA VAL C 615 39.09 17.19 3.71
C VAL C 615 40.44 17.83 3.40
N ASN C 616 40.90 17.62 2.18
CA ASN C 616 42.09 18.30 1.72
C ASN C 616 41.82 19.80 1.63
N CYS C 617 42.87 20.59 1.86
CA CYS C 617 42.68 22.03 2.00
C CYS C 617 42.29 22.72 0.71
N THR C 618 42.57 22.11 -0.44
CA THR C 618 42.28 22.75 -1.73
C THR C 618 40.79 22.92 -1.96
N GLU C 619 39.97 22.05 -1.39
CA GLU C 619 38.54 22.00 -1.72
C GLU C 619 37.68 22.85 -0.82
N VAL C 620 38.23 23.84 -0.15
CA VAL C 620 37.42 24.73 0.66
C VAL C 620 37.62 26.16 0.16
N ASN C 641 47.76 30.59 8.79
CA ASN C 641 46.47 30.73 8.12
C ASN C 641 45.78 29.39 7.91
N VAL C 642 46.22 28.66 6.89
CA VAL C 642 45.59 27.42 6.45
C VAL C 642 46.58 26.30 6.68
N PHE C 643 46.19 25.26 7.41
CA PHE C 643 47.12 24.26 7.90
C PHE C 643 46.50 22.88 7.74
N GLN C 644 47.27 21.94 7.22
CA GLN C 644 46.76 20.60 6.95
C GLN C 644 47.20 19.64 8.04
N THR C 645 46.24 19.12 8.78
CA THR C 645 46.47 18.09 9.76
C THR C 645 46.06 16.75 9.18
N ARG C 646 46.13 15.71 10.00
CA ARG C 646 45.58 14.42 9.65
C ARG C 646 44.12 14.32 10.06
N ALA C 647 43.64 15.21 10.90
CA ALA C 647 42.23 15.32 11.25
C ALA C 647 41.41 16.10 10.23
N GLY C 648 42.06 16.75 9.27
CA GLY C 648 41.38 17.58 8.30
C GLY C 648 42.10 18.89 8.03
N CYS C 649 41.41 19.85 7.45
CA CYS C 649 42.01 21.14 7.10
C CYS C 649 41.57 22.17 8.12
N LEU C 650 42.51 22.92 8.66
CA LEU C 650 42.26 23.82 9.77
C LEU C 650 42.54 25.25 9.32
N ILE C 651 41.56 26.13 9.48
CA ILE C 651 41.63 27.51 9.01
C ILE C 651 41.42 28.45 10.19
N GLY C 652 42.31 29.44 10.31
CA GLY C 652 42.20 30.43 11.34
C GLY C 652 43.06 30.22 12.57
N ALA C 653 44.06 29.34 12.49
CA ALA C 653 44.95 29.04 13.60
C ALA C 653 46.37 28.98 13.06
N GLU C 654 47.30 29.54 13.81
CA GLU C 654 48.70 29.56 13.44
C GLU C 654 49.39 28.30 13.97
N HIS C 655 50.28 27.72 13.17
CA HIS C 655 51.00 26.53 13.57
C HIS C 655 52.34 26.94 14.16
N VAL C 656 52.43 26.93 15.49
CA VAL C 656 53.68 27.18 16.21
C VAL C 656 54.51 25.91 16.26
N ASN C 657 55.75 26.04 16.74
CA ASN C 657 56.68 24.92 16.80
C ASN C 657 56.93 24.39 18.19
N ASN C 658 56.43 25.04 19.23
CA ASN C 658 56.64 24.56 20.58
C ASN C 658 55.53 23.60 20.97
N SER C 659 55.78 22.84 22.04
CA SER C 659 54.83 21.83 22.49
C SER C 659 54.38 22.15 23.90
N TYR C 660 53.09 22.36 24.06
CA TYR C 660 52.51 22.55 25.37
C TYR C 660 51.67 21.35 25.76
N GLU C 661 51.12 21.38 26.96
CA GLU C 661 50.08 20.45 27.34
C GLU C 661 48.87 20.66 26.46
N CYS C 662 48.07 19.61 26.29
CA CYS C 662 46.92 19.74 25.42
C CYS C 662 45.85 20.60 26.07
N ASP C 663 45.25 21.49 25.28
CA ASP C 663 44.22 22.39 25.77
C ASP C 663 42.87 22.09 25.13
N ILE C 664 42.75 22.16 23.81
CA ILE C 664 41.57 21.69 23.09
C ILE C 664 42.05 20.62 22.12
N PRO C 665 41.54 19.40 22.20
CA PRO C 665 42.03 18.35 21.32
C PRO C 665 41.50 18.51 19.91
N ILE C 666 42.42 18.60 18.96
CA ILE C 666 42.07 18.57 17.55
C ILE C 666 42.07 17.15 17.02
N GLY C 667 43.12 16.40 17.29
CA GLY C 667 43.16 15.00 16.92
C GLY C 667 44.48 14.65 16.30
N ALA C 668 44.75 13.36 16.20
CA ALA C 668 45.98 12.82 15.62
C ALA C 668 47.23 13.50 16.16
N GLY C 669 47.20 13.94 17.41
CA GLY C 669 48.35 14.50 18.06
C GLY C 669 48.39 16.00 18.12
N ILE C 670 47.40 16.70 17.55
CA ILE C 670 47.40 18.15 17.47
C ILE C 670 46.36 18.68 18.43
N CYS C 671 46.70 19.79 19.10
CA CYS C 671 45.84 20.53 20.01
C CYS C 671 45.91 22.02 19.66
N ALA C 672 44.95 22.78 20.18
CA ALA C 672 44.90 24.21 19.94
C ALA C 672 44.74 24.98 21.24
N SER C 673 45.12 26.26 21.24
CA SER C 673 45.01 27.09 22.42
C SER C 673 45.07 28.58 22.12
N TYR C 674 44.49 29.37 23.02
CA TYR C 674 44.46 30.83 22.88
C TYR C 674 45.65 31.43 23.62
N GLN C 675 46.69 31.80 22.88
CA GLN C 675 47.89 32.37 23.48
C GLN C 675 48.00 33.88 23.28
N THR C 676 49.22 34.38 23.22
CA THR C 676 49.47 35.81 23.03
C THR C 676 50.61 36.05 22.05
N GLN C 690 45.25 36.38 22.30
CA GLN C 690 45.83 37.31 21.35
C GLN C 690 45.85 36.67 19.96
N SER C 691 45.75 35.34 19.93
CA SER C 691 45.60 34.59 18.70
C SER C 691 45.30 33.13 19.02
N ILE C 692 45.00 32.31 18.02
CA ILE C 692 44.72 30.89 18.20
C ILE C 692 45.82 30.10 17.53
N ILE C 693 46.48 29.25 18.30
CA ILE C 693 47.65 28.51 17.83
C ILE C 693 47.37 27.01 17.90
N ALA C 694 48.05 26.27 17.03
CA ALA C 694 47.91 24.84 16.91
C ALA C 694 49.28 24.18 16.96
N TYR C 695 49.41 23.13 17.76
CA TYR C 695 50.72 22.55 18.08
C TYR C 695 50.57 21.06 18.34
N THR C 696 51.69 20.36 18.21
CA THR C 696 51.79 18.99 18.72
C THR C 696 51.89 19.00 20.24
N MET C 697 51.07 18.19 20.88
CA MET C 697 51.06 18.15 22.33
C MET C 697 52.37 17.58 22.87
N SER C 698 52.70 17.93 24.10
CA SER C 698 53.84 17.35 24.78
C SER C 698 53.36 16.38 25.84
N LEU C 699 54.11 15.30 26.00
CA LEU C 699 53.75 14.29 26.98
C LEU C 699 54.23 14.65 28.38
N GLY C 700 55.32 15.39 28.48
CA GLY C 700 55.84 15.80 29.76
C GLY C 700 57.29 16.16 29.62
N ALA C 701 57.86 16.60 30.72
CA ALA C 701 59.26 16.97 30.74
C ALA C 701 60.15 15.73 30.83
N GLU C 702 61.31 15.80 30.19
CA GLU C 702 62.18 14.65 30.15
C GLU C 702 63.03 14.56 31.40
N ASN C 703 63.54 13.36 31.66
CA ASN C 703 64.17 13.05 32.93
C ASN C 703 65.03 11.81 32.76
N SER C 704 66.33 11.97 32.93
CA SER C 704 67.23 10.84 33.07
C SER C 704 67.51 10.61 34.54
N VAL C 705 67.42 9.38 34.96
CA VAL C 705 67.67 9.00 36.34
C VAL C 705 69.13 8.60 36.45
N ALA C 706 69.80 9.07 37.48
CA ALA C 706 71.23 8.84 37.63
C ALA C 706 71.49 7.41 38.09
N TYR C 707 71.13 6.46 37.22
CA TYR C 707 71.32 5.07 37.55
C TYR C 707 72.78 4.67 37.44
N SER C 708 73.27 3.99 38.47
CA SER C 708 74.49 3.21 38.41
C SER C 708 74.33 2.01 39.33
N ASN C 709 75.34 1.16 39.37
CA ASN C 709 75.21 -0.09 40.09
C ASN C 709 75.69 -0.03 41.54
N ASN C 710 76.04 1.14 42.06
CA ASN C 710 76.25 1.23 43.50
C ASN C 710 75.77 2.56 44.05
N SER C 711 74.78 3.18 43.43
CA SER C 711 74.24 4.45 43.88
C SER C 711 72.80 4.28 44.34
N ILE C 712 72.43 4.99 45.39
CA ILE C 712 71.07 4.94 45.92
C ILE C 712 70.65 6.32 46.38
N ALA C 713 69.38 6.62 46.22
CA ALA C 713 68.81 7.88 46.67
C ALA C 713 67.83 7.63 47.82
N ILE C 714 68.04 8.29 48.94
CA ILE C 714 67.24 8.08 50.13
C ILE C 714 66.67 9.40 50.63
N PRO C 715 65.37 9.48 50.90
CA PRO C 715 64.77 10.76 51.27
C PRO C 715 65.04 11.13 52.73
N THR C 716 65.18 12.42 52.95
CA THR C 716 65.49 12.95 54.27
C THR C 716 64.34 13.70 54.90
N ASN C 717 63.20 13.83 54.23
CA ASN C 717 62.08 14.57 54.75
C ASN C 717 60.83 13.99 54.12
N PHE C 718 59.68 14.55 54.45
CA PHE C 718 58.43 14.08 53.87
C PHE C 718 57.44 15.23 53.86
N THR C 719 56.37 15.04 53.09
CA THR C 719 55.21 15.91 53.16
C THR C 719 53.96 15.07 53.41
N ILE C 720 53.01 15.67 54.09
CA ILE C 720 51.66 15.12 54.22
C ILE C 720 50.80 15.73 53.12
N SER C 721 50.18 14.89 52.32
CA SER C 721 49.34 15.33 51.22
C SER C 721 47.89 14.94 51.48
N VAL C 722 46.96 15.82 51.11
CA VAL C 722 45.53 15.53 51.14
C VAL C 722 44.95 15.85 49.78
N THR C 723 44.29 14.88 49.18
CA THR C 723 43.66 15.09 47.87
C THR C 723 42.24 14.56 47.87
N THR C 724 41.43 15.05 46.94
CA THR C 724 40.02 14.70 46.88
C THR C 724 39.74 13.74 45.73
N GLU C 725 38.66 12.99 45.87
CA GLU C 725 38.18 12.09 44.85
C GLU C 725 36.67 12.07 44.89
N ILE C 726 36.03 12.26 43.74
CA ILE C 726 34.59 12.48 43.67
C ILE C 726 33.95 11.35 42.88
N LEU C 727 32.83 10.81 43.39
CA LEU C 727 32.19 9.68 42.75
C LEU C 727 30.67 9.79 42.76
N PRO C 728 30.02 9.64 41.61
CA PRO C 728 28.55 9.58 41.58
C PRO C 728 28.00 8.27 42.13
N VAL C 729 27.03 8.39 43.01
CA VAL C 729 26.42 7.25 43.65
C VAL C 729 25.02 6.96 43.12
N SER C 730 24.29 7.96 42.69
CA SER C 730 22.85 7.86 42.53
C SER C 730 22.41 8.78 41.41
N MET C 731 21.22 8.53 40.89
CA MET C 731 20.63 9.50 39.97
C MET C 731 19.17 9.74 40.29
N THR C 732 18.52 10.60 39.53
CA THR C 732 17.16 11.02 39.81
C THR C 732 16.16 9.91 39.46
N LYS C 733 15.27 9.61 40.39
CA LYS C 733 14.24 8.62 40.15
C LYS C 733 13.05 9.26 39.45
N THR C 734 12.77 8.80 38.25
CA THR C 734 11.69 9.36 37.46
C THR C 734 10.78 8.24 37.00
N SER C 735 9.50 8.55 36.89
CA SER C 735 8.56 7.62 36.30
C SER C 735 7.76 8.35 35.23
N VAL C 736 7.33 7.59 34.24
CA VAL C 736 6.44 8.10 33.21
C VAL C 736 5.26 7.16 33.11
N ASP C 737 4.07 7.69 33.19
CA ASP C 737 2.90 6.91 32.81
C ASP C 737 2.87 6.78 31.30
N CYS C 738 3.02 5.56 30.80
CA CYS C 738 3.09 5.34 29.37
C CYS C 738 1.80 5.73 28.68
N THR C 739 0.66 5.56 29.34
CA THR C 739 -0.61 5.86 28.68
C THR C 739 -0.86 7.35 28.60
N MET C 740 -0.57 8.08 29.67
CA MET C 740 -0.81 9.52 29.65
C MET C 740 0.20 10.26 28.77
N TYR C 741 1.38 9.70 28.55
CA TYR C 741 2.32 10.32 27.62
C TYR C 741 1.81 10.22 26.20
N ILE C 742 1.34 9.05 25.81
CA ILE C 742 0.98 8.79 24.43
C ILE C 742 -0.40 9.38 24.10
N CYS C 743 -1.38 9.11 24.95
CA CYS C 743 -2.75 9.54 24.68
C CYS C 743 -3.11 10.80 25.44
N GLY C 744 -2.84 10.83 26.74
CA GLY C 744 -3.10 12.00 27.52
C GLY C 744 -4.55 12.32 27.74
N ASP C 745 -5.28 11.47 28.45
CA ASP C 745 -6.70 11.70 28.74
C ASP C 745 -7.52 11.76 27.45
N SER C 746 -7.52 10.67 26.71
CA SER C 746 -8.37 10.53 25.53
C SER C 746 -8.71 9.06 25.35
N THR C 747 -9.99 8.73 25.44
CA THR C 747 -10.41 7.34 25.36
C THR C 747 -10.32 6.77 23.95
N GLU C 748 -10.47 7.60 22.92
CA GLU C 748 -10.31 7.10 21.56
C GLU C 748 -8.91 6.56 21.35
N CYS C 749 -7.90 7.24 21.90
CA CYS C 749 -6.52 6.81 21.73
C CYS C 749 -6.21 5.61 22.62
N SER C 750 -6.82 5.55 23.80
CA SER C 750 -6.51 4.52 24.76
C SER C 750 -6.91 3.14 24.28
N ASN C 751 -8.05 3.03 23.61
CA ASN C 751 -8.52 1.72 23.14
C ASN C 751 -7.71 1.24 21.95
N LEU C 752 -7.22 2.16 21.14
CA LEU C 752 -6.30 1.80 20.08
C LEU C 752 -4.93 1.41 20.61
N LEU C 753 -4.53 1.98 21.75
CA LEU C 753 -3.27 1.58 22.35
C LEU C 753 -3.32 0.17 22.91
N LEU C 754 -4.50 -0.36 23.15
CA LEU C 754 -4.61 -1.72 23.66
C LEU C 754 -4.28 -2.78 22.62
N GLN C 755 -4.13 -2.40 21.36
CA GLN C 755 -3.85 -3.35 20.30
C GLN C 755 -2.38 -3.67 20.18
N TYR C 756 -1.54 -3.11 21.05
CA TYR C 756 -0.11 -3.39 21.02
C TYR C 756 0.32 -4.29 22.17
N GLY C 757 -0.59 -4.59 23.08
CA GLY C 757 -0.30 -5.54 24.13
C GLY C 757 0.31 -4.91 25.35
N SER C 758 1.44 -5.45 25.78
CA SER C 758 2.04 -5.09 27.07
C SER C 758 3.26 -4.20 26.91
N PHE C 759 3.23 -3.23 26.00
CA PHE C 759 4.37 -2.33 25.85
C PHE C 759 4.47 -1.38 27.03
N CYS C 760 3.36 -0.84 27.50
CA CYS C 760 3.43 0.14 28.58
C CYS C 760 3.69 -0.53 29.92
N THR C 761 3.20 -1.76 30.11
CA THR C 761 3.53 -2.49 31.32
C THR C 761 5.02 -2.78 31.38
N GLN C 762 5.59 -3.15 30.24
CA GLN C 762 7.03 -3.37 30.16
C GLN C 762 7.81 -2.10 30.46
N LEU C 763 7.37 -0.98 29.89
CA LEU C 763 8.10 0.27 30.11
C LEU C 763 8.04 0.71 31.56
N ASN C 764 6.88 0.63 32.20
CA ASN C 764 6.81 1.00 33.60
C ASN C 764 7.62 0.05 34.47
N ARG C 765 7.62 -1.24 34.16
CA ARG C 765 8.42 -2.18 34.91
C ARG C 765 9.91 -1.92 34.77
N ALA C 766 10.36 -1.53 33.58
CA ALA C 766 11.76 -1.19 33.42
C ALA C 766 12.14 0.06 34.20
N LEU C 767 11.32 1.09 34.14
CA LEU C 767 11.64 2.33 34.84
C LEU C 767 11.56 2.22 36.34
N THR C 768 10.71 1.34 36.86
CA THR C 768 10.59 1.19 38.31
C THR C 768 11.75 0.41 38.91
N GLY C 769 12.26 -0.56 38.17
CA GLY C 769 13.39 -1.34 38.63
C GLY C 769 14.66 -0.54 38.75
N ILE C 770 14.81 0.53 37.99
CA ILE C 770 15.99 1.37 38.13
C ILE C 770 15.76 2.51 39.11
N ALA C 771 14.54 2.73 39.55
CA ALA C 771 14.29 3.60 40.69
C ALA C 771 14.51 2.88 41.99
N VAL C 772 14.27 1.58 42.02
CA VAL C 772 14.57 0.80 43.21
C VAL C 772 16.08 0.62 43.39
N GLU C 773 16.81 0.48 42.28
CA GLU C 773 18.26 0.31 42.35
C GLU C 773 18.96 1.54 42.92
N GLN C 774 18.36 2.72 42.81
CA GLN C 774 19.03 3.92 43.25
C GLN C 774 19.10 4.02 44.76
N ASP C 775 18.11 3.50 45.47
CA ASP C 775 18.15 3.51 46.92
C ASP C 775 19.12 2.47 47.47
N LYS C 776 19.19 1.31 46.82
CA LYS C 776 20.20 0.31 47.08
C LYS C 776 21.61 0.85 46.89
N ASN C 777 21.80 1.67 45.85
CA ASN C 777 23.09 2.29 45.59
C ASN C 777 23.59 3.09 46.78
N THR C 778 22.75 3.90 47.41
CA THR C 778 23.25 4.74 48.48
C THR C 778 23.20 4.05 49.83
N GLN C 779 22.34 3.05 49.99
CA GLN C 779 22.46 2.17 51.15
C GLN C 779 23.79 1.41 51.15
N GLU C 780 24.28 1.00 49.99
CA GLU C 780 25.51 0.25 49.94
C GLU C 780 26.76 1.10 50.17
N VAL C 781 26.69 2.41 49.95
CA VAL C 781 27.83 3.27 50.19
C VAL C 781 27.81 3.82 51.61
N PHE C 782 26.66 4.27 52.10
CA PHE C 782 26.73 5.07 53.33
C PHE C 782 26.39 4.29 54.59
N ALA C 783 25.48 3.33 54.54
CA ALA C 783 25.09 2.59 55.75
C ALA C 783 26.02 1.40 55.95
N GLN C 784 27.29 1.72 56.17
CA GLN C 784 28.34 0.73 56.38
C GLN C 784 28.76 0.70 57.84
N VAL C 785 27.96 1.26 58.71
CA VAL C 785 28.29 1.38 60.12
C VAL C 785 27.06 1.00 60.93
N LYS C 786 27.28 0.27 62.02
CA LYS C 786 26.19 -0.26 62.83
C LYS C 786 25.67 0.75 63.83
N GLN C 787 26.55 1.45 64.53
CA GLN C 787 26.19 2.45 65.51
C GLN C 787 26.41 3.83 64.95
N ILE C 788 25.76 4.80 65.57
CA ILE C 788 26.00 6.20 65.27
C ILE C 788 26.99 6.71 66.31
N TYR C 789 28.27 6.73 65.96
CA TYR C 789 29.31 7.19 66.86
C TYR C 789 29.36 8.70 66.92
N LYS C 790 29.71 9.21 68.09
CA LYS C 790 29.89 10.64 68.33
C LYS C 790 31.30 10.92 68.81
N THR C 791 31.81 12.11 68.47
CA THR C 791 33.09 12.54 69.00
C THR C 791 32.91 13.15 70.39
N PRO C 792 33.96 13.16 71.20
CA PRO C 792 33.86 13.78 72.51
C PRO C 792 33.75 15.28 72.39
N PRO C 793 33.29 15.97 73.43
CA PRO C 793 33.28 17.44 73.38
C PRO C 793 34.68 18.03 73.44
N ILE C 794 35.61 17.38 74.13
CA ILE C 794 36.99 17.85 74.24
C ILE C 794 37.81 17.18 73.15
N LYS C 795 38.25 17.98 72.19
CA LYS C 795 38.87 17.46 70.97
C LYS C 795 40.40 17.51 71.05
N ASP C 796 40.97 16.64 71.87
CA ASP C 796 42.41 16.53 72.03
C ASP C 796 42.92 15.44 71.10
N PHE C 797 43.45 15.83 69.94
CA PHE C 797 43.88 14.87 68.94
C PHE C 797 45.34 15.04 68.57
N GLY C 798 46.20 15.26 69.56
CA GLY C 798 47.61 15.39 69.31
C GLY C 798 48.02 16.59 68.51
N GLY C 799 47.13 17.55 68.31
CA GLY C 799 47.41 18.73 67.52
C GLY C 799 46.66 18.79 66.23
N PHE C 800 46.08 17.69 65.78
CA PHE C 800 45.39 17.62 64.50
C PHE C 800 44.02 18.27 64.62
N ASN C 801 43.69 19.16 63.69
CA ASN C 801 42.48 19.97 63.74
C ASN C 801 41.52 19.47 62.66
N PHE C 802 40.39 18.91 63.09
CA PHE C 802 39.42 18.29 62.21
C PHE C 802 38.14 19.10 62.07
N SER C 803 38.19 20.40 62.31
CA SER C 803 36.95 21.13 62.52
C SER C 803 36.22 21.49 61.24
N GLN C 804 36.90 21.55 60.10
CA GLN C 804 36.26 21.85 58.84
C GLN C 804 35.55 20.65 58.22
N ILE C 805 35.78 19.45 58.75
CA ILE C 805 35.12 18.25 58.25
C ILE C 805 34.20 17.61 59.28
N LEU C 806 34.10 18.15 60.44
CA LEU C 806 33.20 17.68 61.46
C LEU C 806 31.89 18.43 61.38
N PRO C 807 30.78 17.84 61.81
CA PRO C 807 29.49 18.54 61.71
C PRO C 807 29.51 19.83 62.49
N ASP C 808 28.82 20.82 61.96
CA ASP C 808 28.67 22.11 62.62
C ASP C 808 27.23 22.26 63.07
N PRO C 809 27.00 21.97 64.35
CA PRO C 809 25.67 22.00 64.96
C PRO C 809 24.99 23.37 65.03
N SER C 810 24.89 24.06 63.91
CA SER C 810 24.21 25.36 63.92
C SER C 810 24.05 25.91 62.52
N LYS C 811 23.72 25.03 61.58
CA LYS C 811 23.52 25.44 60.18
C LYS C 811 22.48 24.57 59.50
N PRO C 812 22.46 24.57 58.18
CA PRO C 812 21.49 23.74 57.45
C PRO C 812 21.54 22.30 57.95
N SER C 813 20.61 21.90 58.82
CA SER C 813 20.60 20.55 59.35
C SER C 813 21.80 20.30 60.26
N LYS C 814 22.92 19.91 59.64
CA LYS C 814 24.14 19.64 60.39
C LYS C 814 25.22 19.05 59.49
N ARG C 815 25.81 19.90 58.65
CA ARG C 815 26.85 19.48 57.74
C ARG C 815 28.15 20.12 58.15
N SER C 816 29.24 19.49 57.75
CA SER C 816 30.53 20.11 57.97
C SER C 816 30.63 21.38 57.13
N PHE C 817 31.67 22.15 57.38
CA PHE C 817 31.94 23.32 56.55
C PHE C 817 32.25 22.93 55.11
N ILE C 818 32.92 21.79 54.91
CA ILE C 818 33.27 21.34 53.56
C ILE C 818 32.04 20.85 52.80
N GLU C 819 31.10 20.21 53.48
CA GLU C 819 29.91 19.71 52.80
C GLU C 819 29.02 20.84 52.30
N ASP C 820 29.06 21.99 52.96
CA ASP C 820 28.26 23.13 52.51
C ASP C 820 28.78 23.73 51.22
N LEU C 821 30.09 23.88 51.06
CA LEU C 821 30.61 24.26 49.76
C LEU C 821 30.22 23.29 48.67
N LEU C 822 30.18 22.00 48.97
CA LEU C 822 29.85 21.02 47.94
C LEU C 822 28.38 21.05 47.59
N PHE C 823 27.52 21.35 48.55
CA PHE C 823 26.11 21.45 48.24
C PHE C 823 25.72 22.80 47.65
N ASN C 824 26.60 23.79 47.74
CA ASN C 824 26.42 25.03 47.00
C ASN C 824 27.10 25.03 45.64
N LYS C 825 28.01 24.11 45.39
CA LYS C 825 28.70 24.09 44.11
C LYS C 825 27.87 23.45 43.01
N VAL C 826 27.10 22.41 43.32
CA VAL C 826 26.27 21.74 42.33
C VAL C 826 24.87 22.33 42.27
N LYS C 854 6.44 18.06 36.37
CA LYS C 854 5.14 17.40 36.33
C LYS C 854 4.32 17.98 35.19
N PHE C 855 4.40 17.37 34.02
CA PHE C 855 3.66 17.93 32.89
C PHE C 855 2.63 16.97 32.33
N ASN C 856 3.08 15.83 31.82
CA ASN C 856 2.14 14.86 31.28
C ASN C 856 2.73 13.46 31.43
N GLY C 857 2.42 12.83 32.56
CA GLY C 857 2.93 11.52 32.90
C GLY C 857 4.24 11.52 33.64
N LEU C 858 4.97 12.63 33.66
CA LEU C 858 6.32 12.64 34.18
C LEU C 858 6.35 12.99 35.66
N THR C 859 7.04 12.18 36.44
CA THR C 859 7.10 12.34 37.88
C THR C 859 8.54 12.12 38.34
N VAL C 860 8.88 12.75 39.46
CA VAL C 860 10.12 12.51 40.16
C VAL C 860 9.79 12.02 41.56
N LEU C 861 10.29 10.85 41.91
CA LEU C 861 10.13 10.31 43.25
C LEU C 861 11.27 10.77 44.15
N PRO C 862 11.00 11.02 45.43
CA PRO C 862 12.07 11.45 46.32
C PRO C 862 12.91 10.26 46.77
N PRO C 863 14.22 10.44 46.96
CA PRO C 863 15.02 9.39 47.57
C PRO C 863 14.52 9.05 48.96
N LEU C 864 14.79 7.81 49.37
CA LEU C 864 14.32 7.34 50.66
C LEU C 864 15.07 8.00 51.80
N LEU C 865 16.39 8.03 51.74
CA LEU C 865 17.18 8.74 52.72
C LEU C 865 17.25 10.21 52.36
N THR C 866 16.93 11.06 53.32
CA THR C 866 17.12 12.49 53.13
C THR C 866 18.61 12.83 53.20
N ASP C 867 18.94 14.04 52.81
CA ASP C 867 20.33 14.48 52.88
C ASP C 867 20.79 14.74 54.31
N GLU C 868 19.85 15.07 55.19
CA GLU C 868 20.16 15.13 56.61
C GLU C 868 20.53 13.77 57.16
N MET C 869 20.01 12.70 56.58
CA MET C 869 20.34 11.35 57.04
C MET C 869 21.68 10.88 56.50
N ILE C 870 22.01 11.26 55.27
CA ILE C 870 23.31 10.91 54.73
C ILE C 870 24.42 11.69 55.41
N ALA C 871 24.18 12.95 55.77
CA ALA C 871 25.18 13.67 56.55
C ALA C 871 25.41 13.02 57.90
N GLN C 872 24.37 12.47 58.51
CA GLN C 872 24.51 11.80 59.78
C GLN C 872 25.20 10.45 59.69
N TYR C 873 25.10 9.77 58.55
CA TYR C 873 25.91 8.57 58.34
C TYR C 873 27.38 8.92 58.18
N THR C 874 27.69 9.89 57.33
CA THR C 874 29.09 10.23 57.16
C THR C 874 29.70 10.85 58.40
N SER C 875 28.92 11.45 59.30
CA SER C 875 29.52 11.94 60.53
C SER C 875 29.86 10.83 61.52
N ALA C 876 29.10 9.75 61.54
CA ALA C 876 29.44 8.59 62.36
C ALA C 876 30.59 7.79 61.81
N LEU C 877 30.76 7.72 60.49
CA LEU C 877 31.97 7.12 59.94
C LEU C 877 33.22 7.90 60.32
N LEU C 878 33.16 9.21 60.26
CA LEU C 878 34.24 10.08 60.66
C LEU C 878 34.56 9.98 62.13
N ALA C 879 33.56 10.01 62.99
CA ALA C 879 33.81 9.84 64.40
C ALA C 879 34.34 8.46 64.74
N GLY C 880 33.93 7.43 64.03
CA GLY C 880 34.50 6.12 64.24
C GLY C 880 35.96 6.03 63.85
N THR C 881 36.37 6.69 62.78
CA THR C 881 37.76 6.55 62.39
C THR C 881 38.71 7.41 63.20
N ILE C 882 38.24 8.46 63.84
CA ILE C 882 39.11 9.39 64.55
C ILE C 882 39.34 8.94 65.99
N THR C 883 38.41 8.21 66.59
CA THR C 883 38.56 7.79 67.96
C THR C 883 39.03 6.36 68.07
N SER C 884 38.80 5.56 67.04
CA SER C 884 38.90 4.13 67.13
C SER C 884 39.81 3.49 66.11
N GLY C 885 40.40 4.26 65.22
CA GLY C 885 41.25 3.66 64.20
C GLY C 885 40.47 2.83 63.23
N TRP C 886 40.92 1.59 63.04
CA TRP C 886 40.31 0.66 62.10
C TRP C 886 39.59 -0.48 62.80
N THR C 887 39.25 -0.33 64.07
CA THR C 887 38.66 -1.41 64.82
C THR C 887 37.14 -1.44 64.75
N PHE C 888 36.50 -0.30 64.54
CA PHE C 888 35.05 -0.29 64.44
C PHE C 888 34.57 -0.96 63.17
N GLY C 889 35.44 -1.14 62.18
CA GLY C 889 35.06 -1.82 60.97
C GLY C 889 35.33 -3.30 60.99
N ALA C 890 35.71 -3.85 62.13
CA ALA C 890 36.00 -5.26 62.24
C ALA C 890 35.41 -5.84 63.51
N GLY C 891 34.55 -5.07 64.16
CA GLY C 891 33.97 -5.49 65.42
C GLY C 891 33.49 -4.29 66.21
N ALA C 892 33.84 -4.26 67.49
CA ALA C 892 33.48 -3.16 68.36
C ALA C 892 34.56 -2.09 68.33
N ALA C 893 34.14 -0.84 68.43
CA ALA C 893 35.07 0.27 68.42
C ALA C 893 35.89 0.28 69.69
N LEU C 894 37.20 0.21 69.56
CA LEU C 894 38.11 0.29 70.70
C LEU C 894 38.89 1.58 70.62
N GLN C 895 38.85 2.37 71.67
CA GLN C 895 39.50 3.66 71.66
C GLN C 895 41.02 3.52 71.71
N ILE C 896 41.71 4.49 71.12
CA ILE C 896 43.16 4.59 71.11
C ILE C 896 43.45 6.07 70.91
N PRO C 897 44.50 6.64 71.50
CA PRO C 897 44.81 8.04 71.24
C PRO C 897 45.27 8.27 69.81
N PHE C 898 45.01 9.47 69.29
CA PHE C 898 45.11 9.65 67.84
C PHE C 898 46.55 9.66 67.35
N ALA C 899 47.48 10.23 68.10
CA ALA C 899 48.89 10.14 67.72
C ALA C 899 49.40 8.71 67.72
N MET C 900 48.90 7.87 68.60
CA MET C 900 49.26 6.46 68.60
C MET C 900 48.64 5.70 67.44
N GLN C 901 47.49 6.16 66.93
CA GLN C 901 46.91 5.59 65.73
C GLN C 901 47.72 6.00 64.50
N MET C 902 48.15 7.26 64.47
CA MET C 902 49.03 7.76 63.43
C MET C 902 50.35 7.02 63.40
N ALA C 903 50.85 6.60 64.55
CA ALA C 903 52.09 5.84 64.56
C ALA C 903 51.92 4.42 64.01
N TYR C 904 50.83 3.73 64.35
CA TYR C 904 50.49 2.48 63.72
C TYR C 904 50.43 2.63 62.21
N ARG C 905 49.81 3.69 61.75
CA ARG C 905 49.69 3.89 60.31
C ARG C 905 51.02 4.20 59.65
N PHE C 906 51.93 4.92 60.31
CA PHE C 906 53.30 5.05 59.80
C PHE C 906 54.01 3.71 59.73
N ASN C 907 53.83 2.84 60.73
CA ASN C 907 54.36 1.49 60.64
C ASN C 907 53.83 0.76 59.42
N GLY C 908 52.55 0.94 59.10
CA GLY C 908 51.95 0.25 57.97
C GLY C 908 52.47 0.65 56.61
N ILE C 909 53.28 1.70 56.51
CA ILE C 909 53.92 2.02 55.24
C ILE C 909 55.42 1.86 55.29
N GLY C 910 55.98 1.36 56.38
CA GLY C 910 57.39 1.07 56.43
C GLY C 910 58.28 2.06 57.14
N VAL C 911 57.72 2.98 57.90
CA VAL C 911 58.50 3.96 58.65
C VAL C 911 58.36 3.63 60.13
N THR C 912 59.45 3.70 60.87
CA THR C 912 59.36 3.45 62.30
C THR C 912 58.58 4.56 62.99
N GLN C 913 58.05 4.26 64.16
CA GLN C 913 57.10 5.17 64.76
C GLN C 913 57.75 6.29 65.55
N ASN C 914 59.01 6.13 65.93
CA ASN C 914 59.76 7.24 66.45
C ASN C 914 59.83 8.40 65.46
N VAL C 915 59.78 8.13 64.16
CA VAL C 915 59.76 9.20 63.17
C VAL C 915 58.47 10.01 63.27
N LEU C 916 57.38 9.40 63.71
CA LEU C 916 56.18 10.18 63.95
C LEU C 916 56.26 10.92 65.27
N TYR C 917 56.65 10.24 66.34
CA TYR C 917 56.64 10.88 67.64
C TYR C 917 57.64 12.01 67.76
N GLU C 918 58.74 11.97 67.02
CA GLU C 918 59.72 13.03 67.07
C GLU C 918 59.44 14.16 66.10
N ASN C 919 58.34 14.11 65.37
CA ASN C 919 57.96 15.13 64.39
C ASN C 919 56.51 15.52 64.51
N GLN C 920 55.84 15.03 65.56
CA GLN C 920 54.41 15.21 65.74
C GLN C 920 53.92 16.61 65.39
N LYS C 921 54.58 17.65 65.88
CA LYS C 921 54.09 19.00 65.66
C LYS C 921 54.19 19.43 64.22
N LEU C 922 55.27 19.07 63.53
CA LEU C 922 55.40 19.40 62.12
C LEU C 922 54.39 18.62 61.29
N ILE C 923 54.21 17.35 61.61
CA ILE C 923 53.26 16.53 60.87
C ILE C 923 51.85 17.07 61.02
N ALA C 924 51.49 17.53 62.21
CA ALA C 924 50.16 18.10 62.42
C ALA C 924 50.01 19.45 61.73
N ASN C 925 51.03 20.30 61.79
CA ASN C 925 51.00 21.54 61.01
C ASN C 925 50.79 21.28 59.53
N GLN C 926 51.48 20.27 58.98
CA GLN C 926 51.35 19.98 57.56
C GLN C 926 49.97 19.46 57.21
N PHE C 927 49.40 18.59 58.04
CA PHE C 927 48.04 18.14 57.81
C PHE C 927 47.05 19.30 57.87
N ASN C 928 47.25 20.23 58.79
CA ASN C 928 46.31 21.34 58.93
C ASN C 928 46.38 22.30 57.75
N SER C 929 47.57 22.62 57.28
CA SER C 929 47.68 23.42 56.07
C SER C 929 47.10 22.71 54.86
N ALA C 930 47.30 21.40 54.75
CA ALA C 930 46.75 20.68 53.62
C ALA C 930 45.23 20.66 53.63
N ILE C 931 44.62 20.56 54.82
CA ILE C 931 43.15 20.59 54.88
C ILE C 931 42.64 22.00 54.62
N GLY C 932 43.38 23.02 55.06
CA GLY C 932 42.96 24.38 54.80
C GLY C 932 43.10 24.79 53.35
N LYS C 933 43.93 24.10 52.59
CA LYS C 933 44.04 24.35 51.16
C LYS C 933 42.91 23.75 50.34
N ILE C 934 42.18 22.77 50.86
CA ILE C 934 41.11 22.12 50.11
C ILE C 934 39.89 23.02 50.05
N GLN C 935 39.53 23.63 51.17
CA GLN C 935 38.39 24.52 51.19
C GLN C 935 38.66 25.81 50.44
N ASP C 936 39.92 26.16 50.26
CA ASP C 936 40.25 27.32 49.45
C ASP C 936 40.02 27.03 47.98
N SER C 937 40.42 25.85 47.53
CA SER C 937 40.14 25.46 46.17
C SER C 937 38.66 25.18 45.94
N LEU C 938 37.91 24.87 47.00
CA LEU C 938 36.49 24.62 46.81
C LEU C 938 35.66 25.90 46.84
N SER C 939 35.98 26.84 47.70
CA SER C 939 35.26 28.11 47.72
C SER C 939 36.00 29.17 46.92
N ALA C 944 35.80 21.22 39.26
CA ALA C 944 35.78 20.47 40.51
C ALA C 944 34.73 19.37 40.48
N LEU C 945 33.47 19.77 40.57
CA LEU C 945 32.34 18.85 40.71
C LEU C 945 31.68 18.56 39.36
N GLY C 946 32.43 18.60 38.27
CA GLY C 946 31.89 18.31 36.97
C GLY C 946 31.46 16.87 36.77
N LYS C 947 32.08 15.94 37.48
CA LYS C 947 31.69 14.54 37.35
C LYS C 947 30.31 14.27 37.93
N LEU C 948 29.82 15.14 38.79
CA LEU C 948 28.46 15.05 39.29
C LEU C 948 27.50 15.88 38.48
N GLN C 949 27.96 17.00 37.93
CA GLN C 949 27.13 17.83 37.07
C GLN C 949 26.86 17.15 35.73
N ASP C 950 27.75 16.29 35.26
CA ASP C 950 27.51 15.53 34.06
C ASP C 950 26.30 14.62 34.14
N VAL C 951 26.09 13.96 35.27
CA VAL C 951 24.92 13.11 35.42
C VAL C 951 23.64 13.94 35.41
N VAL C 952 23.61 15.02 36.18
CA VAL C 952 22.45 15.90 36.21
C VAL C 952 22.13 16.41 34.80
N ASN C 953 23.15 16.86 34.07
CA ASN C 953 22.93 17.42 32.75
C ASN C 953 22.46 16.36 31.76
N GLN C 954 23.07 15.18 31.74
CA GLN C 954 22.62 14.15 30.82
C GLN C 954 21.18 13.73 31.07
N ASN C 955 20.76 13.64 32.33
CA ASN C 955 19.39 13.24 32.57
C ASN C 955 18.40 14.33 32.20
N ALA C 956 18.71 15.59 32.49
CA ALA C 956 17.82 16.65 32.06
C ALA C 956 17.75 16.75 30.55
N GLN C 957 18.86 16.51 29.87
CA GLN C 957 18.89 16.57 28.42
C GLN C 957 18.10 15.43 27.79
N ALA C 958 17.97 14.30 28.48
CA ALA C 958 17.10 13.24 27.96
C ALA C 958 15.63 13.53 28.20
N LEU C 959 15.28 14.02 29.40
CA LEU C 959 13.88 14.33 29.64
C LEU C 959 13.37 15.46 28.76
N ASN C 960 14.22 16.42 28.41
CA ASN C 960 13.80 17.49 27.53
C ASN C 960 13.48 16.98 26.14
N THR C 961 14.28 16.07 25.60
CA THR C 961 14.00 15.49 24.30
C THR C 961 12.72 14.68 24.31
N LEU C 962 12.47 13.95 25.40
CA LEU C 962 11.23 13.21 25.49
C LEU C 962 10.02 14.14 25.49
N VAL C 963 10.08 15.23 26.26
CA VAL C 963 9.01 16.21 26.26
C VAL C 963 8.82 16.81 24.88
N LYS C 964 9.90 17.17 24.21
CA LYS C 964 9.78 17.91 22.96
C LYS C 964 9.34 17.05 21.79
N GLN C 965 9.50 15.74 21.85
CA GLN C 965 8.98 14.92 20.78
C GLN C 965 7.47 14.84 20.78
N LEU C 966 6.79 15.46 21.73
CA LEU C 966 5.33 15.49 21.74
C LEU C 966 4.75 16.53 20.81
N SER C 967 5.55 17.11 19.93
CA SER C 967 5.08 18.15 19.04
C SER C 967 5.50 17.87 17.60
N SER C 968 5.80 16.62 17.30
CA SER C 968 6.02 16.15 15.94
C SER C 968 4.76 15.48 15.43
N ASN C 969 4.51 15.63 14.13
CA ASN C 969 3.36 15.02 13.50
C ASN C 969 3.56 13.56 13.17
N PHE C 970 4.80 13.15 12.94
CA PHE C 970 5.12 11.81 12.47
C PHE C 970 4.33 11.46 11.22
N GLY C 971 4.01 12.49 10.43
CA GLY C 971 3.27 12.27 9.20
C GLY C 971 1.75 12.31 9.32
N ALA C 972 1.24 12.98 10.34
CA ALA C 972 -0.19 13.16 10.52
C ALA C 972 -0.54 14.61 10.17
N ILE C 973 -1.81 14.96 10.31
CA ILE C 973 -2.24 16.32 9.96
C ILE C 973 -1.96 17.30 11.07
N SER C 974 -2.08 16.90 12.33
CA SER C 974 -1.84 17.79 13.45
C SER C 974 -0.94 17.05 14.42
N SER C 975 -0.29 17.82 15.28
CA SER C 975 0.48 17.25 16.38
C SER C 975 -0.33 17.08 17.64
N VAL C 976 -1.45 17.78 17.76
CA VAL C 976 -2.32 17.72 18.92
C VAL C 976 -3.49 16.79 18.59
N LEU C 977 -3.76 15.85 19.50
CA LEU C 977 -4.78 14.84 19.29
C LEU C 977 -6.19 15.40 19.29
N ASN C 978 -6.44 16.46 20.05
CA ASN C 978 -7.77 17.06 20.09
C ASN C 978 -8.16 17.73 18.79
N ASP C 979 -7.18 18.20 18.02
CA ASP C 979 -7.49 18.80 16.73
C ASP C 979 -7.65 17.76 15.63
N ILE C 980 -7.30 16.51 15.90
CA ILE C 980 -7.72 15.44 15.01
C ILE C 980 -9.09 14.94 15.43
N LEU C 981 -9.34 14.87 16.74
CA LEU C 981 -10.63 14.42 17.21
C LEU C 981 -11.74 15.40 16.93
N SER C 982 -11.45 16.70 16.91
CA SER C 982 -12.52 17.69 16.79
C SER C 982 -13.01 17.83 15.36
N ARG C 983 -12.11 17.75 14.38
CA ARG C 983 -12.49 17.96 12.99
C ARG C 983 -12.31 16.70 12.15
N LEU C 984 -12.52 15.53 12.74
CA LEU C 984 -12.54 14.30 11.98
C LEU C 984 -13.46 13.32 12.70
N ASP C 985 -13.97 12.36 11.96
CA ASP C 985 -14.88 11.34 12.48
C ASP C 985 -14.16 10.01 12.58
N PRO C 986 -14.65 9.11 13.44
CA PRO C 986 -13.83 7.97 13.91
C PRO C 986 -13.08 7.23 12.80
N PRO C 987 -13.71 6.92 11.65
CA PRO C 987 -12.97 6.13 10.64
C PRO C 987 -11.71 6.78 10.14
N GLU C 988 -11.68 8.11 10.01
CA GLU C 988 -10.48 8.79 9.54
C GLU C 988 -9.69 9.45 10.65
N ALA C 989 -10.29 9.63 11.83
CA ALA C 989 -9.50 9.99 12.99
C ALA C 989 -8.53 8.88 13.34
N GLU C 990 -8.93 7.63 13.13
CA GLU C 990 -8.15 6.48 13.54
C GLU C 990 -6.84 6.37 12.77
N VAL C 991 -6.86 6.60 11.46
CA VAL C 991 -5.65 6.50 10.66
C VAL C 991 -4.62 7.54 11.03
N GLN C 992 -5.06 8.75 11.39
CA GLN C 992 -4.16 9.78 11.88
C GLN C 992 -3.69 9.56 13.30
N ILE C 993 -4.54 8.98 14.15
CA ILE C 993 -4.15 8.72 15.52
C ILE C 993 -3.10 7.61 15.59
N ASP C 994 -3.16 6.67 14.65
CA ASP C 994 -2.21 5.56 14.68
C ASP C 994 -0.78 6.01 14.40
N ARG C 995 -0.57 7.01 13.55
CA ARG C 995 0.78 7.50 13.32
C ARG C 995 1.34 8.20 14.53
N LEU C 996 0.52 8.95 15.25
CA LEU C 996 0.96 9.56 16.49
C LEU C 996 1.31 8.51 17.53
N ILE C 997 0.49 7.46 17.63
CA ILE C 997 0.79 6.39 18.56
C ILE C 997 2.11 5.73 18.21
N THR C 998 2.31 5.41 16.94
CA THR C 998 3.56 4.82 16.50
C THR C 998 4.77 5.69 16.82
N GLY C 999 4.72 6.99 16.55
CA GLY C 999 5.87 7.82 16.83
C GLY C 999 6.17 8.00 18.30
N ARG C 1000 5.13 8.20 19.11
CA ARG C 1000 5.33 8.42 20.52
C ARG C 1000 5.78 7.17 21.25
N LEU C 1001 5.30 6.00 20.86
CA LEU C 1001 5.81 4.76 21.42
C LEU C 1001 7.31 4.60 21.20
N GLN C 1002 7.78 4.86 19.99
CA GLN C 1002 9.20 4.77 19.69
C GLN C 1002 10.02 5.78 20.47
N SER C 1003 9.54 7.02 20.60
CA SER C 1003 10.19 7.98 21.47
C SER C 1003 10.39 7.44 22.88
N LEU C 1004 9.31 6.93 23.48
CA LEU C 1004 9.36 6.43 24.84
C LEU C 1004 10.31 5.24 24.99
N GLN C 1005 10.32 4.34 24.02
CA GLN C 1005 11.22 3.20 24.08
C GLN C 1005 12.68 3.62 23.99
N THR C 1006 13.00 4.61 23.16
CA THR C 1006 14.38 5.09 23.13
C THR C 1006 14.79 5.69 24.47
N TYR C 1007 13.90 6.45 25.09
CA TYR C 1007 14.19 7.01 26.41
C TYR C 1007 14.47 5.90 27.43
N VAL C 1008 13.65 4.87 27.46
CA VAL C 1008 13.82 3.84 28.48
C VAL C 1008 15.08 3.01 28.23
N THR C 1009 15.42 2.71 26.99
CA THR C 1009 16.66 1.96 26.74
C THR C 1009 17.88 2.76 27.14
N GLN C 1010 17.88 4.06 26.85
CA GLN C 1010 19.05 4.82 27.23
C GLN C 1010 19.12 5.10 28.72
N GLN C 1011 18.01 5.06 29.44
CA GLN C 1011 18.09 5.08 30.89
C GLN C 1011 18.63 3.78 31.46
N LEU C 1012 18.28 2.64 30.86
CA LEU C 1012 18.80 1.38 31.36
C LEU C 1012 20.31 1.26 31.14
N ILE C 1013 20.83 1.85 30.07
CA ILE C 1013 22.26 1.75 29.84
C ILE C 1013 23.03 2.67 30.77
N ARG C 1014 22.41 3.77 31.18
CA ARG C 1014 23.04 4.75 32.06
C ARG C 1014 22.96 4.36 33.53
N ALA C 1015 21.89 3.70 33.94
CA ALA C 1015 21.82 3.18 35.28
C ALA C 1015 22.86 2.11 35.56
N ALA C 1016 23.25 1.33 34.56
CA ALA C 1016 24.29 0.34 34.72
C ALA C 1016 25.66 0.94 34.86
N GLU C 1017 25.86 2.14 34.36
CA GLU C 1017 27.10 2.86 34.56
C GLU C 1017 27.15 3.50 35.93
N ILE C 1018 26.00 3.96 36.42
CA ILE C 1018 25.94 4.50 37.76
C ILE C 1018 26.14 3.40 38.81
N ARG C 1019 25.69 2.19 38.52
CA ARG C 1019 25.87 1.09 39.47
C ARG C 1019 27.33 0.69 39.61
N ALA C 1020 28.09 0.69 38.51
CA ALA C 1020 29.51 0.39 38.62
C ALA C 1020 30.24 1.43 39.47
N SER C 1021 29.91 2.70 39.30
CA SER C 1021 30.45 3.77 40.11
C SER C 1021 30.12 3.61 41.59
N ALA C 1022 28.88 3.31 41.92
CA ALA C 1022 28.49 3.09 43.30
C ALA C 1022 29.10 1.84 43.91
N ASN C 1023 29.34 0.79 43.13
CA ASN C 1023 30.09 -0.34 43.66
C ASN C 1023 31.53 0.00 43.94
N LEU C 1024 32.17 0.77 43.06
CA LEU C 1024 33.51 1.23 43.33
C LEU C 1024 33.58 2.15 44.55
N ALA C 1025 32.58 2.99 44.76
CA ALA C 1025 32.59 3.86 45.93
C ALA C 1025 32.35 3.08 47.22
N ALA C 1026 31.51 2.05 47.18
CA ALA C 1026 31.39 1.16 48.32
C ALA C 1026 32.72 0.46 48.64
N THR C 1027 33.45 0.02 47.61
CA THR C 1027 34.70 -0.66 47.86
C THR C 1027 35.76 0.29 48.42
N LYS C 1028 35.79 1.53 47.97
CA LYS C 1028 36.66 2.54 48.56
C LYS C 1028 36.27 2.92 49.97
N MET C 1029 35.01 2.98 50.28
CA MET C 1029 34.60 3.22 51.65
C MET C 1029 35.07 2.11 52.58
N SER C 1030 35.01 0.85 52.14
CA SER C 1030 35.47 -0.23 53.00
C SER C 1030 36.98 -0.28 53.11
N GLU C 1031 37.69 -0.02 52.03
CA GLU C 1031 39.11 -0.27 51.99
C GLU C 1031 39.97 0.96 52.26
N CYS C 1032 39.38 2.15 52.16
CA CYS C 1032 40.12 3.39 52.39
C CYS C 1032 39.71 4.15 53.66
N VAL C 1033 38.47 3.98 54.10
CA VAL C 1033 38.01 4.69 55.29
C VAL C 1033 37.99 3.76 56.48
N LEU C 1034 37.63 2.50 56.29
CA LEU C 1034 37.59 1.54 57.38
C LEU C 1034 38.87 0.71 57.46
N GLY C 1035 39.89 1.04 56.70
CA GLY C 1035 41.17 0.40 56.83
C GLY C 1035 42.26 1.22 56.20
N GLN C 1036 43.45 0.64 56.17
CA GLN C 1036 44.59 1.20 55.46
C GLN C 1036 44.94 0.28 54.30
N SER C 1037 45.04 0.83 53.10
CA SER C 1037 45.22 0.02 51.91
C SER C 1037 46.68 0.00 51.48
N LYS C 1038 47.08 -1.10 50.86
CA LYS C 1038 48.38 -1.24 50.22
C LYS C 1038 48.30 -1.22 48.70
N ARG C 1039 47.12 -1.25 48.13
CA ARG C 1039 46.95 -1.18 46.69
C ARG C 1039 47.41 0.18 46.16
N VAL C 1040 48.37 0.17 45.23
CA VAL C 1040 48.96 1.41 44.75
C VAL C 1040 47.93 2.21 43.97
N ASP C 1041 47.82 3.49 44.31
CA ASP C 1041 46.91 4.42 43.64
C ASP C 1041 45.43 4.22 43.92
N PHE C 1042 45.07 3.25 44.74
CA PHE C 1042 43.66 3.01 45.04
C PHE C 1042 43.08 4.12 45.92
N CYS C 1043 43.88 4.63 46.84
CA CYS C 1043 43.42 5.67 47.75
C CYS C 1043 44.32 6.91 47.68
N GLY C 1044 44.47 7.47 46.48
CA GLY C 1044 45.29 8.66 46.30
C GLY C 1044 46.71 8.35 45.85
N LYS C 1045 47.47 9.39 45.50
CA LYS C 1045 48.86 9.21 45.06
C LYS C 1045 49.83 9.35 46.22
N GLY C 1046 50.55 8.28 46.52
CA GLY C 1046 51.51 8.24 47.61
C GLY C 1046 51.14 7.10 48.50
N TYR C 1047 51.83 6.96 49.64
CA TYR C 1047 51.53 5.87 50.57
C TYR C 1047 50.33 6.25 51.42
N HIS C 1048 49.22 5.53 51.23
CA HIS C 1048 47.98 5.83 51.94
C HIS C 1048 48.18 5.82 53.44
N LEU C 1049 47.73 6.87 54.11
CA LEU C 1049 47.63 6.87 55.56
C LEU C 1049 46.17 6.75 56.01
N MET C 1050 45.30 7.65 55.59
CA MET C 1050 43.89 7.49 55.97
C MET C 1050 43.01 8.25 55.01
N SER C 1051 41.70 8.06 55.15
CA SER C 1051 40.71 8.70 54.28
C SER C 1051 39.52 9.12 55.12
N PHE C 1052 38.86 10.19 54.70
CA PHE C 1052 37.64 10.71 55.32
C PHE C 1052 36.56 10.90 54.27
N PRO C 1053 35.33 10.44 54.53
CA PRO C 1053 34.23 10.67 53.59
C PRO C 1053 33.46 11.96 53.84
N GLN C 1054 32.90 12.50 52.77
CA GLN C 1054 32.03 13.66 52.81
C GLN C 1054 30.89 13.43 51.83
N SER C 1055 29.70 13.90 52.18
CA SER C 1055 28.58 13.70 51.27
C SER C 1055 28.46 14.84 50.28
N ALA C 1056 27.99 14.50 49.09
CA ALA C 1056 27.78 15.45 48.02
C ALA C 1056 26.36 15.27 47.52
N PRO C 1057 25.88 16.15 46.64
CA PRO C 1057 24.47 16.05 46.21
C PRO C 1057 24.01 14.71 45.65
N HIS C 1058 24.76 14.03 44.80
CA HIS C 1058 24.37 12.67 44.40
C HIS C 1058 25.58 11.75 44.41
N GLY C 1059 26.49 11.98 45.33
CA GLY C 1059 27.76 11.32 45.29
C GLY C 1059 28.47 11.39 46.60
N VAL C 1060 29.78 11.21 46.53
CA VAL C 1060 30.60 11.18 47.73
C VAL C 1060 31.97 11.71 47.37
N VAL C 1061 32.58 12.44 48.30
CA VAL C 1061 33.93 12.96 48.16
C VAL C 1061 34.81 12.30 49.21
N PHE C 1062 35.87 11.65 48.78
CA PHE C 1062 36.88 11.10 49.69
C PHE C 1062 38.04 12.07 49.77
N LEU C 1063 38.45 12.37 51.00
CA LEU C 1063 39.67 13.11 51.31
C LEU C 1063 40.73 12.09 51.72
N HIS C 1064 41.73 11.91 50.88
CA HIS C 1064 42.80 10.95 51.07
C HIS C 1064 44.02 11.65 51.66
N VAL C 1065 44.51 11.16 52.79
CA VAL C 1065 45.76 11.59 53.41
C VAL C 1065 46.84 10.57 53.11
N THR C 1066 47.90 11.02 52.45
CA THR C 1066 49.02 10.20 52.04
C THR C 1066 50.33 10.81 52.51
N TYR C 1067 51.35 9.97 52.51
CA TYR C 1067 52.71 10.31 52.86
C TYR C 1067 53.52 10.40 51.58
N VAL C 1068 54.26 11.48 51.38
CA VAL C 1068 55.03 11.67 50.17
C VAL C 1068 56.48 11.96 50.55
N PRO C 1069 57.44 11.11 50.24
CA PRO C 1069 58.83 11.37 50.63
C PRO C 1069 59.46 12.53 49.87
N ALA C 1070 60.41 13.20 50.50
CA ALA C 1070 60.93 14.47 50.01
C ALA C 1070 62.41 14.63 50.34
N GLN C 1071 63.09 15.43 49.51
CA GLN C 1071 64.47 15.87 49.72
C GLN C 1071 65.45 14.70 49.82
N GLU C 1072 65.56 13.99 48.72
CA GLU C 1072 66.40 12.81 48.64
C GLU C 1072 67.87 13.18 48.50
N LYS C 1073 68.74 12.36 49.07
CA LYS C 1073 70.17 12.51 48.93
C LYS C 1073 70.77 11.26 48.30
N ASN C 1074 71.96 11.43 47.74
CA ASN C 1074 72.76 10.40 47.10
C ASN C 1074 73.66 9.69 48.11
N PHE C 1075 73.81 8.38 47.92
CA PHE C 1075 74.73 7.59 48.75
C PHE C 1075 75.28 6.45 47.91
N THR C 1076 76.32 5.81 48.44
CA THR C 1076 76.90 4.59 47.90
C THR C 1076 76.33 3.39 48.65
N THR C 1077 76.00 2.32 47.94
CA THR C 1077 75.39 1.13 48.53
C THR C 1077 76.28 -0.09 48.31
N ALA C 1078 75.97 -1.13 49.06
CA ALA C 1078 76.55 -2.45 48.92
C ALA C 1078 75.51 -3.49 49.29
N PRO C 1079 75.49 -4.63 48.61
CA PRO C 1079 74.56 -5.70 49.00
C PRO C 1079 74.84 -6.29 50.36
N ALA C 1080 76.11 -6.52 50.70
CA ALA C 1080 76.48 -7.21 51.91
C ALA C 1080 77.78 -6.63 52.42
N ILE C 1081 78.07 -6.89 53.69
CA ILE C 1081 79.34 -6.52 54.31
C ILE C 1081 80.14 -7.79 54.48
N CYS C 1082 81.46 -7.70 54.36
CA CYS C 1082 82.31 -8.84 54.67
C CYS C 1082 83.11 -8.57 55.92
N HIS C 1083 83.03 -9.48 56.88
CA HIS C 1083 83.74 -9.34 58.14
C HIS C 1083 84.06 -10.73 58.67
N ASP C 1084 85.35 -10.97 58.97
CA ASP C 1084 85.80 -12.27 59.47
C ASP C 1084 85.50 -13.40 58.50
N GLY C 1085 85.60 -13.13 57.21
CA GLY C 1085 85.24 -14.13 56.23
C GLY C 1085 83.78 -14.52 56.24
N LYS C 1086 82.89 -13.60 56.64
CA LYS C 1086 81.46 -13.87 56.66
C LYS C 1086 80.73 -12.75 55.95
N ALA C 1087 79.60 -13.10 55.34
CA ALA C 1087 78.75 -12.15 54.64
C ALA C 1087 77.60 -11.73 55.54
N HIS C 1088 77.40 -10.43 55.69
CA HIS C 1088 76.39 -9.86 56.57
C HIS C 1088 75.38 -9.11 55.73
N PHE C 1089 74.13 -9.33 56.00
CA PHE C 1089 73.01 -8.71 55.33
C PHE C 1089 72.19 -7.91 56.33
N PRO C 1090 71.58 -6.82 55.92
CA PRO C 1090 70.75 -6.06 56.85
C PRO C 1090 69.44 -6.77 57.16
N ARG C 1091 69.00 -6.64 58.40
CA ARG C 1091 67.72 -7.21 58.79
C ARG C 1091 66.56 -6.48 58.15
N GLU C 1092 66.56 -5.14 58.24
CA GLU C 1092 65.54 -4.35 57.58
C GLU C 1092 66.14 -2.98 57.27
N GLY C 1093 66.65 -2.82 56.06
CA GLY C 1093 67.25 -1.57 55.69
C GLY C 1093 68.24 -1.76 54.58
N VAL C 1094 69.12 -0.79 54.44
CA VAL C 1094 70.17 -0.80 53.44
C VAL C 1094 71.45 -0.31 54.08
N PHE C 1095 72.57 -0.83 53.59
CA PHE C 1095 73.88 -0.32 53.91
C PHE C 1095 74.16 0.89 53.03
N VAL C 1096 74.54 2.01 53.64
CA VAL C 1096 74.85 3.23 52.90
C VAL C 1096 76.16 3.79 53.39
N SER C 1097 76.83 4.52 52.50
CA SER C 1097 78.08 5.17 52.84
C SER C 1097 77.96 6.67 52.60
N ASN C 1098 78.43 7.47 53.55
CA ASN C 1098 78.47 8.91 53.34
C ASN C 1098 79.74 9.36 52.64
N GLY C 1099 80.54 8.43 52.13
CA GLY C 1099 81.84 8.71 51.58
C GLY C 1099 82.98 8.08 52.34
N THR C 1100 82.88 7.92 53.66
CA THR C 1100 83.98 7.37 54.43
C THR C 1100 83.52 6.32 55.43
N HIS C 1101 82.24 6.34 55.80
CA HIS C 1101 81.71 5.48 56.85
C HIS C 1101 80.47 4.76 56.36
N TRP C 1102 80.25 3.55 56.88
CA TRP C 1102 79.14 2.70 56.50
C TRP C 1102 78.11 2.65 57.61
N PHE C 1103 76.84 2.75 57.24
CA PHE C 1103 75.72 2.75 58.18
C PHE C 1103 74.65 1.82 57.64
N VAL C 1104 73.68 1.50 58.49
CA VAL C 1104 72.41 0.91 58.07
C VAL C 1104 71.35 1.97 58.24
N THR C 1105 70.40 2.03 57.33
CA THR C 1105 69.29 2.94 57.43
C THR C 1105 68.03 2.23 56.98
N GLN C 1106 66.89 2.68 57.48
CA GLN C 1106 65.63 2.23 56.93
C GLN C 1106 65.40 2.88 55.57
N ARG C 1107 64.64 2.20 54.72
CA ARG C 1107 64.70 2.50 53.30
C ARG C 1107 63.90 3.74 52.89
N ASN C 1108 63.02 4.26 53.73
CA ASN C 1108 62.16 5.36 53.34
C ASN C 1108 62.48 6.66 54.05
N PHE C 1109 63.31 6.62 55.08
CA PHE C 1109 63.67 7.80 55.84
C PHE C 1109 65.13 7.64 56.18
N TYR C 1110 65.92 8.69 56.01
CA TYR C 1110 67.34 8.58 56.27
C TYR C 1110 67.57 8.75 57.76
N GLU C 1111 68.10 7.71 58.37
CA GLU C 1111 68.35 7.69 59.82
C GLU C 1111 69.48 6.71 60.09
N PRO C 1112 70.73 7.15 59.89
CA PRO C 1112 71.86 6.21 59.88
C PRO C 1112 72.27 5.70 61.24
N GLN C 1113 72.59 4.41 61.30
CA GLN C 1113 73.01 3.77 62.53
C GLN C 1113 74.23 2.90 62.27
N ILE C 1114 74.90 2.53 63.36
CA ILE C 1114 76.07 1.68 63.29
C ILE C 1114 75.68 0.27 62.88
N ILE C 1115 76.55 -0.38 62.13
CA ILE C 1115 76.36 -1.77 61.73
C ILE C 1115 76.83 -2.67 62.85
N THR C 1116 75.90 -3.36 63.51
CA THR C 1116 76.22 -4.27 64.59
C THR C 1116 75.66 -5.65 64.29
N THR C 1117 75.89 -6.58 65.20
CA THR C 1117 75.36 -7.93 65.07
C THR C 1117 73.89 -8.02 65.45
N ASP C 1118 73.26 -6.89 65.78
CA ASP C 1118 71.85 -6.85 66.13
C ASP C 1118 70.97 -6.33 65.01
N ASN C 1119 71.52 -5.66 64.01
CA ASN C 1119 70.72 -5.25 62.87
C ASN C 1119 71.12 -5.96 61.59
N THR C 1120 71.99 -6.97 61.68
CA THR C 1120 72.39 -7.76 60.53
C THR C 1120 72.16 -9.23 60.81
N PHE C 1121 72.27 -10.06 59.80
CA PHE C 1121 72.39 -11.50 59.95
C PHE C 1121 73.45 -12.02 59.00
N VAL C 1122 73.92 -13.25 59.25
CA VAL C 1122 75.03 -13.82 58.52
C VAL C 1122 74.53 -14.94 57.63
N SER C 1123 75.12 -15.06 56.44
CA SER C 1123 74.86 -16.21 55.58
C SER C 1123 76.02 -16.37 54.60
N GLY C 1124 76.91 -17.31 54.89
CA GLY C 1124 77.91 -17.76 53.95
C GLY C 1124 79.25 -17.07 54.08
N ASN C 1125 80.02 -17.16 53.01
CA ASN C 1125 81.30 -16.50 52.84
C ASN C 1125 81.14 -15.23 52.03
N CYS C 1126 82.16 -14.38 52.07
CA CYS C 1126 82.16 -13.18 51.23
C CYS C 1126 82.93 -13.44 49.95
N ASP C 1127 82.52 -14.47 49.22
CA ASP C 1127 83.15 -14.77 47.94
C ASP C 1127 82.16 -15.23 46.89
N VAL C 1128 80.87 -15.10 47.15
CA VAL C 1128 79.84 -15.59 46.24
C VAL C 1128 78.94 -14.46 45.77
N VAL C 1129 78.76 -13.46 46.61
CA VAL C 1129 77.85 -12.37 46.30
C VAL C 1129 78.62 -11.28 45.57
N ILE C 1130 77.97 -10.69 44.56
CA ILE C 1130 78.61 -9.74 43.66
C ILE C 1130 78.46 -8.33 44.23
N GLY C 1131 79.54 -7.80 44.78
CA GLY C 1131 79.53 -6.46 45.30
C GLY C 1131 79.73 -6.31 46.80
N ILE C 1132 80.16 -7.36 47.50
CA ILE C 1132 80.50 -7.25 48.92
C ILE C 1132 81.57 -6.18 49.11
N VAL C 1133 81.46 -5.43 50.21
CA VAL C 1133 82.52 -4.53 50.62
C VAL C 1133 82.99 -4.94 51.99
N ASN C 1134 84.24 -4.57 52.29
CA ASN C 1134 84.86 -4.90 53.57
C ASN C 1134 84.66 -3.82 54.61
N ASN C 1135 84.11 -4.20 55.76
CA ASN C 1135 83.89 -3.27 56.85
C ASN C 1135 83.71 -4.09 58.11
N THR C 1136 83.63 -3.42 59.25
CA THR C 1136 83.60 -4.09 60.53
C THR C 1136 82.19 -4.08 61.10
N VAL C 1137 81.80 -5.21 61.68
CA VAL C 1137 80.49 -5.37 62.29
C VAL C 1137 80.72 -5.42 63.79
N TYR C 1138 80.26 -4.39 64.47
CA TYR C 1138 80.58 -4.20 65.88
C TYR C 1138 79.70 -5.11 66.73
N ASP C 1139 80.33 -5.87 67.62
CA ASP C 1139 79.60 -6.71 68.57
C ASP C 1139 79.53 -6.00 69.91
N PRO C 1140 78.34 -5.76 70.45
CA PRO C 1140 78.24 -5.01 71.72
C PRO C 1140 78.71 -5.79 72.95
N LEU C 1141 78.48 -7.10 72.91
CA LEU C 1141 78.76 -7.93 74.07
C LEU C 1141 80.22 -7.88 74.49
N GLN C 1142 81.13 -7.75 73.54
CA GLN C 1142 82.54 -7.86 73.91
C GLN C 1142 82.96 -6.66 74.75
N PRO C 1143 82.75 -5.42 74.31
CA PRO C 1143 83.01 -4.30 75.22
C PRO C 1143 82.07 -4.28 76.41
N GLU C 1144 80.98 -5.04 76.38
CA GLU C 1144 80.17 -5.17 77.58
C GLU C 1144 80.92 -5.93 78.67
N LEU C 1145 81.27 -7.19 78.39
CA LEU C 1145 81.94 -8.00 79.38
C LEU C 1145 83.45 -7.82 79.39
N ASP C 1146 83.99 -7.01 78.49
CA ASP C 1146 85.42 -6.79 78.37
C ASP C 1146 86.15 -8.10 78.12
N GLN D 1 -52.61 -4.08 -34.08
CA GLN D 1 -51.31 -3.87 -34.71
C GLN D 1 -50.95 -5.02 -35.63
N VAL D 2 -50.69 -6.18 -35.04
CA VAL D 2 -50.30 -7.36 -35.79
C VAL D 2 -51.48 -7.80 -36.64
N GLN D 3 -51.24 -8.10 -37.91
CA GLN D 3 -52.29 -8.63 -38.75
C GLN D 3 -51.77 -9.85 -39.50
N LEU D 4 -52.70 -10.64 -40.00
CA LEU D 4 -52.38 -11.81 -40.79
C LEU D 4 -52.73 -11.56 -42.24
N GLN D 5 -52.30 -12.46 -43.10
CA GLN D 5 -52.62 -12.34 -44.51
C GLN D 5 -52.37 -13.66 -45.21
N GLU D 6 -53.38 -14.17 -45.89
CA GLU D 6 -53.25 -15.43 -46.59
C GLU D 6 -52.47 -15.25 -47.88
N SER D 7 -52.44 -16.31 -48.67
CA SER D 7 -51.70 -16.33 -49.91
C SER D 7 -52.22 -17.51 -50.72
N GLY D 8 -51.44 -17.94 -51.71
CA GLY D 8 -51.66 -19.22 -52.33
C GLY D 8 -52.86 -19.20 -53.25
N PRO D 9 -52.82 -20.06 -54.25
CA PRO D 9 -53.91 -20.12 -55.21
C PRO D 9 -54.93 -21.17 -54.79
N GLY D 10 -56.04 -21.19 -55.52
CA GLY D 10 -56.80 -22.41 -55.53
C GLY D 10 -57.83 -22.50 -56.64
N LEU D 11 -57.70 -23.56 -57.43
CA LEU D 11 -58.59 -23.83 -58.54
C LEU D 11 -58.32 -25.22 -59.08
N VAL D 12 -57.20 -25.80 -58.66
CA VAL D 12 -56.79 -27.13 -59.09
C VAL D 12 -57.96 -28.10 -59.12
N LYS D 13 -57.90 -29.08 -60.03
CA LYS D 13 -58.96 -30.08 -60.17
C LYS D 13 -59.05 -30.91 -58.90
N PRO D 14 -59.66 -32.09 -58.94
CA PRO D 14 -59.77 -32.91 -57.73
C PRO D 14 -58.70 -33.99 -57.59
N SER D 15 -58.22 -34.24 -56.36
CA SER D 15 -57.20 -35.26 -56.13
C SER D 15 -55.77 -34.76 -56.30
N GLU D 16 -55.42 -33.69 -55.62
CA GLU D 16 -54.07 -33.16 -55.69
C GLU D 16 -53.69 -32.61 -54.32
N THR D 17 -52.61 -31.84 -54.28
CA THR D 17 -52.15 -31.22 -53.05
C THR D 17 -52.13 -29.72 -53.22
N LEU D 18 -52.78 -29.02 -52.30
CA LEU D 18 -52.79 -27.57 -52.34
C LEU D 18 -51.84 -27.01 -51.30
N SER D 19 -51.60 -25.71 -51.39
CA SER D 19 -50.71 -25.05 -50.45
C SER D 19 -51.25 -23.68 -50.11
N LEU D 20 -50.87 -23.19 -48.93
CA LEU D 20 -51.26 -21.87 -48.48
C LEU D 20 -50.20 -21.36 -47.54
N THR D 21 -50.08 -20.04 -47.43
CA THR D 21 -49.22 -19.45 -46.42
C THR D 21 -49.93 -18.27 -45.77
N CYS D 22 -49.44 -17.90 -44.59
CA CYS D 22 -50.06 -16.90 -43.74
C CYS D 22 -49.02 -15.94 -43.20
N THR D 23 -48.21 -15.37 -44.10
CA THR D 23 -47.16 -14.44 -43.70
C THR D 23 -47.64 -13.44 -42.67
N VAL D 24 -46.84 -13.24 -41.63
CA VAL D 24 -47.23 -12.43 -40.49
C VAL D 24 -46.82 -10.99 -40.72
N SER D 25 -47.71 -10.06 -40.40
CA SER D 25 -47.42 -8.65 -40.66
C SER D 25 -46.63 -8.01 -39.53
N GLY D 26 -47.28 -7.83 -38.37
CA GLY D 26 -46.72 -7.01 -37.33
C GLY D 26 -45.50 -7.59 -36.67
N GLY D 27 -45.33 -8.90 -36.75
CA GLY D 27 -44.10 -9.56 -36.35
C GLY D 27 -44.23 -10.13 -34.95
N SER D 28 -44.62 -11.41 -34.87
CA SER D 28 -44.72 -12.02 -33.56
C SER D 28 -44.43 -13.51 -33.59
N ILE D 29 -43.71 -13.99 -34.59
CA ILE D 29 -43.46 -15.41 -34.66
C ILE D 29 -42.68 -15.84 -33.43
N SER D 30 -42.61 -17.15 -33.22
CA SER D 30 -41.72 -17.75 -32.23
C SER D 30 -42.25 -17.59 -30.80
N SER D 31 -43.48 -17.25 -30.66
CA SER D 31 -43.91 -17.09 -29.29
C SER D 31 -45.26 -17.72 -29.02
N TYR D 32 -46.08 -17.87 -30.05
CA TYR D 32 -47.47 -18.27 -29.92
C TYR D 32 -47.69 -19.60 -30.60
N TYR D 33 -48.95 -19.95 -30.78
CA TYR D 33 -49.35 -21.05 -31.62
C TYR D 33 -50.10 -20.50 -32.81
N TRP D 34 -50.04 -21.21 -33.93
CA TRP D 34 -50.68 -20.72 -35.14
C TRP D 34 -51.40 -21.85 -35.81
N SER D 35 -52.68 -21.67 -36.11
CA SER D 35 -53.50 -22.76 -36.62
C SER D 35 -54.32 -22.32 -37.80
N TRP D 36 -54.86 -23.30 -38.51
CA TRP D 36 -55.62 -23.09 -39.72
C TRP D 36 -57.05 -23.56 -39.52
N ILE D 37 -58.01 -22.79 -39.98
CA ILE D 37 -59.41 -23.08 -39.70
C ILE D 37 -60.21 -23.01 -40.99
N ARG D 38 -60.92 -24.07 -41.29
CA ARG D 38 -61.69 -24.15 -42.51
C ARG D 38 -63.08 -23.59 -42.28
N GLN D 39 -63.78 -23.31 -43.36
CA GLN D 39 -65.21 -23.09 -43.27
C GLN D 39 -65.88 -23.29 -44.61
N PRO D 40 -66.72 -24.30 -44.75
CA PRO D 40 -67.44 -24.50 -45.98
C PRO D 40 -68.42 -23.37 -46.22
N PRO D 41 -69.04 -23.30 -47.39
CA PRO D 41 -70.00 -22.22 -47.65
C PRO D 41 -71.29 -22.45 -46.88
N GLY D 42 -71.69 -21.43 -46.12
CA GLY D 42 -72.95 -21.45 -45.43
C GLY D 42 -73.01 -22.36 -44.23
N LYS D 43 -71.93 -23.06 -43.92
CA LYS D 43 -71.92 -23.97 -42.78
C LYS D 43 -71.02 -23.43 -41.68
N GLY D 44 -70.91 -24.21 -40.61
CA GLY D 44 -70.12 -23.80 -39.47
C GLY D 44 -68.64 -23.98 -39.71
N LEU D 45 -67.87 -23.60 -38.71
CA LEU D 45 -66.43 -23.64 -38.84
C LEU D 45 -65.93 -25.06 -38.65
N GLU D 46 -64.61 -25.18 -38.51
CA GLU D 46 -63.93 -26.44 -38.36
C GLU D 46 -62.60 -26.15 -37.71
N TRP D 47 -61.67 -27.08 -37.81
CA TRP D 47 -60.38 -26.82 -37.23
C TRP D 47 -59.36 -27.79 -37.79
N ILE D 48 -58.12 -27.35 -37.87
CA ILE D 48 -57.01 -28.19 -38.27
C ILE D 48 -55.87 -27.85 -37.33
N GLY D 49 -54.75 -28.52 -37.50
CA GLY D 49 -53.71 -28.48 -36.50
C GLY D 49 -53.10 -27.11 -36.32
N TYR D 50 -52.08 -27.07 -35.48
CA TYR D 50 -51.27 -25.88 -35.31
C TYR D 50 -49.81 -26.27 -35.21
N ILE D 51 -48.95 -25.27 -35.10
CA ILE D 51 -47.51 -25.49 -35.01
C ILE D 51 -46.90 -24.44 -34.09
N TYR D 52 -46.42 -24.88 -32.93
CA TYR D 52 -45.80 -23.98 -31.96
C TYR D 52 -44.85 -23.01 -32.64
N TYR D 53 -43.66 -23.49 -32.98
CA TYR D 53 -42.65 -22.68 -33.64
C TYR D 53 -41.32 -23.42 -33.58
N SER D 54 -40.91 -23.77 -32.36
CA SER D 54 -39.67 -24.50 -32.17
C SER D 54 -39.99 -25.95 -32.53
N GLY D 55 -40.90 -26.54 -31.77
CA GLY D 55 -41.32 -27.91 -32.01
C GLY D 55 -42.36 -27.91 -33.11
N SER D 56 -43.49 -28.56 -32.87
CA SER D 56 -44.56 -28.62 -33.85
C SER D 56 -45.64 -29.64 -33.49
N THR D 57 -46.49 -29.95 -34.47
CA THR D 57 -47.56 -30.91 -34.30
C THR D 57 -48.45 -30.89 -35.51
N ASN D 58 -49.63 -31.48 -35.34
CA ASN D 58 -50.72 -31.52 -36.28
C ASN D 58 -51.89 -32.09 -35.51
N TYR D 59 -53.10 -31.96 -36.05
CA TYR D 59 -54.24 -32.33 -35.21
C TYR D 59 -55.46 -32.63 -36.07
N ASN D 60 -56.61 -32.63 -35.41
CA ASN D 60 -57.92 -32.96 -35.95
C ASN D 60 -57.88 -34.28 -36.68
N PRO D 61 -57.87 -35.38 -35.94
CA PRO D 61 -57.72 -36.70 -36.54
C PRO D 61 -58.63 -36.96 -37.71
N SER D 62 -59.83 -36.39 -37.72
CA SER D 62 -60.70 -36.55 -38.87
C SER D 62 -59.98 -36.15 -40.15
N LEU D 63 -59.16 -35.11 -40.09
CA LEU D 63 -58.37 -34.70 -41.23
C LEU D 63 -56.96 -35.25 -41.15
N LYS D 64 -56.67 -36.07 -40.16
CA LYS D 64 -55.33 -36.62 -40.09
C LYS D 64 -55.08 -37.53 -41.28
N SER D 65 -53.82 -37.87 -41.48
CA SER D 65 -53.40 -38.70 -42.60
C SER D 65 -53.59 -37.98 -43.92
N ARG D 66 -53.81 -36.67 -43.88
CA ARG D 66 -53.87 -35.88 -45.10
C ARG D 66 -53.14 -34.57 -45.03
N VAL D 67 -52.92 -34.00 -43.85
CA VAL D 67 -52.54 -32.61 -43.71
C VAL D 67 -51.14 -32.52 -43.13
N THR D 68 -50.36 -31.56 -43.60
CA THR D 68 -49.06 -31.30 -43.02
C THR D 68 -48.84 -29.81 -42.91
N ILE D 69 -48.46 -29.36 -41.71
CA ILE D 69 -48.17 -27.96 -41.45
C ILE D 69 -46.67 -27.82 -41.25
N SER D 70 -46.12 -26.73 -41.75
CA SER D 70 -44.71 -26.45 -41.55
C SER D 70 -44.54 -24.97 -41.28
N VAL D 71 -43.42 -24.59 -40.70
CA VAL D 71 -43.19 -23.21 -40.31
C VAL D 71 -41.81 -22.78 -40.75
N ASP D 72 -41.70 -21.61 -41.33
CA ASP D 72 -40.41 -20.98 -41.62
C ASP D 72 -40.32 -19.73 -40.78
N THR D 73 -39.55 -19.82 -39.70
CA THR D 73 -39.49 -18.72 -38.76
C THR D 73 -38.73 -17.53 -39.29
N SER D 74 -37.84 -17.73 -40.27
CA SER D 74 -37.06 -16.62 -40.77
C SER D 74 -37.94 -15.56 -41.41
N LYS D 75 -38.60 -15.92 -42.50
CA LYS D 75 -39.50 -15.01 -43.17
C LYS D 75 -40.93 -15.09 -42.65
N LYS D 76 -41.15 -15.84 -41.56
CA LYS D 76 -42.43 -15.87 -40.87
C LYS D 76 -43.56 -16.39 -41.76
N GLN D 77 -43.49 -17.68 -42.04
CA GLN D 77 -44.49 -18.35 -42.87
C GLN D 77 -45.04 -19.58 -42.16
N PHE D 78 -46.32 -19.88 -42.43
CA PHE D 78 -46.86 -21.22 -42.17
C PHE D 78 -47.15 -21.78 -43.54
N SER D 79 -46.63 -22.94 -43.84
CA SER D 79 -47.18 -23.69 -44.95
C SER D 79 -48.23 -24.63 -44.40
N LEU D 80 -49.30 -24.79 -45.15
CA LEU D 80 -50.27 -25.86 -44.92
C LEU D 80 -50.47 -26.57 -46.24
N LYS D 81 -50.31 -27.89 -46.23
CA LYS D 81 -50.53 -28.70 -47.42
C LYS D 81 -51.49 -29.81 -47.09
N LEU D 82 -52.66 -29.76 -47.71
CA LEU D 82 -53.54 -30.92 -47.74
C LEU D 82 -53.32 -31.65 -49.05
N SER D 83 -53.55 -32.95 -49.03
CA SER D 83 -53.23 -33.79 -50.17
C SER D 83 -54.45 -34.58 -50.59
N SER D 84 -54.57 -34.80 -51.89
CA SER D 84 -55.66 -35.58 -52.47
C SER D 84 -57.02 -35.03 -52.03
N VAL D 85 -57.23 -33.77 -52.40
CA VAL D 85 -58.47 -33.10 -52.05
C VAL D 85 -59.64 -33.76 -52.79
N THR D 86 -60.86 -33.44 -52.36
CA THR D 86 -62.02 -34.20 -52.79
C THR D 86 -63.20 -33.35 -53.21
N ALA D 87 -63.01 -32.05 -53.42
CA ALA D 87 -64.07 -31.13 -53.82
C ALA D 87 -65.17 -31.04 -52.78
N ALA D 88 -65.04 -31.75 -51.67
CA ALA D 88 -65.79 -31.42 -50.49
C ALA D 88 -65.05 -30.44 -49.62
N ASP D 89 -63.77 -30.22 -49.88
CA ASP D 89 -63.00 -29.22 -49.16
C ASP D 89 -62.97 -27.90 -49.91
N THR D 90 -64.12 -27.45 -50.38
CA THR D 90 -64.22 -26.21 -51.12
C THR D 90 -64.72 -25.18 -50.14
N ALA D 91 -63.80 -24.41 -49.57
CA ALA D 91 -64.15 -23.61 -48.41
C ALA D 91 -63.27 -22.38 -48.34
N VAL D 92 -63.59 -21.52 -47.39
CA VAL D 92 -62.74 -20.41 -47.02
C VAL D 92 -61.77 -20.93 -45.97
N TYR D 93 -60.58 -20.36 -45.90
CA TYR D 93 -59.54 -20.87 -45.01
C TYR D 93 -58.91 -19.72 -44.25
N TYR D 94 -59.19 -19.63 -42.97
CA TYR D 94 -58.62 -18.58 -42.13
C TYR D 94 -57.36 -19.09 -41.46
N CYS D 95 -56.51 -18.16 -41.06
CA CYS D 95 -55.31 -18.56 -40.33
C CYS D 95 -55.23 -17.70 -39.08
N ALA D 96 -55.94 -18.11 -38.04
CA ALA D 96 -55.99 -17.33 -36.81
C ALA D 96 -54.83 -17.70 -35.92
N ARG D 97 -54.48 -16.81 -35.01
CA ARG D 97 -53.27 -17.09 -34.29
C ARG D 97 -53.39 -18.28 -33.34
N LEU D 98 -53.63 -17.98 -32.06
CA LEU D 98 -53.97 -18.85 -30.95
C LEU D 98 -53.57 -18.00 -29.77
N GLU D 99 -53.74 -18.44 -28.55
CA GLU D 99 -53.16 -17.67 -27.47
C GLU D 99 -52.86 -18.52 -26.25
N ARG D 100 -51.68 -18.27 -25.69
CA ARG D 100 -51.22 -18.97 -24.49
C ARG D 100 -50.68 -17.94 -23.51
N ASP D 101 -49.57 -18.25 -22.84
CA ASP D 101 -49.02 -17.31 -21.88
C ASP D 101 -50.22 -16.91 -21.03
N TRP D 102 -50.77 -15.73 -21.31
CA TRP D 102 -51.97 -15.31 -20.59
C TRP D 102 -53.00 -16.27 -21.15
N PRO D 103 -53.37 -17.30 -20.30
CA PRO D 103 -54.34 -18.31 -20.78
C PRO D 103 -55.25 -18.01 -21.98
N LEU D 104 -56.26 -17.17 -21.79
CA LEU D 104 -57.17 -16.82 -22.88
C LEU D 104 -57.60 -18.05 -23.65
N ASP D 105 -56.77 -18.47 -24.61
CA ASP D 105 -57.08 -19.62 -25.43
C ASP D 105 -57.96 -19.23 -26.61
N ALA D 106 -58.93 -20.06 -26.95
CA ALA D 106 -59.81 -19.77 -28.06
C ALA D 106 -58.99 -19.48 -29.31
N PHE D 107 -58.89 -18.22 -29.70
CA PHE D 107 -58.12 -17.83 -30.87
C PHE D 107 -57.80 -16.35 -30.80
N ASP D 108 -57.74 -15.68 -31.95
CA ASP D 108 -57.44 -14.28 -31.93
C ASP D 108 -57.36 -13.82 -33.38
N ILE D 109 -56.69 -12.70 -33.61
CA ILE D 109 -56.67 -12.06 -34.92
C ILE D 109 -56.64 -13.07 -36.05
N TRP D 110 -57.59 -12.94 -36.97
CA TRP D 110 -57.79 -13.85 -38.07
C TRP D 110 -57.24 -13.24 -39.34
N GLY D 111 -57.58 -13.83 -40.48
CA GLY D 111 -56.94 -13.41 -41.71
C GLY D 111 -57.73 -13.39 -42.99
N GLN D 112 -59.01 -13.05 -42.94
CA GLN D 112 -59.77 -12.74 -44.16
C GLN D 112 -59.93 -13.92 -45.10
N GLY D 113 -59.31 -15.04 -44.79
CA GLY D 113 -59.58 -16.26 -45.51
C GLY D 113 -59.20 -16.20 -46.97
N THR D 114 -59.58 -17.27 -47.68
CA THR D 114 -59.26 -17.42 -49.09
C THR D 114 -60.20 -18.43 -49.70
N MET D 115 -61.11 -17.99 -50.55
CA MET D 115 -61.98 -18.94 -51.23
C MET D 115 -61.12 -19.90 -52.03
N VAL D 116 -61.27 -21.19 -51.80
CA VAL D 116 -60.47 -22.20 -52.47
C VAL D 116 -61.41 -23.22 -53.06
N THR D 117 -61.69 -23.09 -54.34
CA THR D 117 -62.60 -24.00 -55.02
C THR D 117 -61.80 -25.21 -55.48
N VAL D 118 -62.48 -26.34 -55.62
CA VAL D 118 -61.86 -27.58 -56.07
C VAL D 118 -62.74 -28.15 -57.15
N SER D 119 -62.34 -27.99 -58.41
CA SER D 119 -63.03 -28.64 -59.51
C SER D 119 -62.30 -28.48 -60.83
N SER D 120 -62.95 -28.95 -61.89
CA SER D 120 -62.48 -28.82 -63.25
C SER D 120 -62.80 -27.44 -63.79
N ALA D 121 -62.75 -27.28 -65.12
CA ALA D 121 -63.11 -26.01 -65.71
C ALA D 121 -62.15 -24.90 -65.29
N SER D 122 -60.91 -24.97 -65.77
CA SER D 122 -59.84 -24.06 -65.41
C SER D 122 -60.26 -22.60 -65.56
N THR D 123 -59.48 -21.72 -64.96
CA THR D 123 -59.86 -20.33 -64.81
C THR D 123 -60.25 -19.70 -66.13
N LYS D 124 -61.11 -18.70 -66.07
CA LYS D 124 -61.48 -17.92 -67.23
C LYS D 124 -61.36 -16.45 -66.85
N GLY D 125 -60.92 -15.64 -67.79
CA GLY D 125 -60.87 -14.22 -67.59
C GLY D 125 -62.24 -13.61 -67.72
N PRO D 126 -62.49 -12.58 -66.93
CA PRO D 126 -63.79 -11.89 -67.01
C PRO D 126 -63.79 -10.91 -68.16
N SER D 127 -64.98 -10.62 -68.69
CA SER D 127 -65.18 -9.57 -69.66
C SER D 127 -65.86 -8.40 -68.98
N VAL D 128 -65.32 -7.20 -69.15
CA VAL D 128 -65.79 -6.01 -68.46
C VAL D 128 -66.58 -5.16 -69.43
N PHE D 129 -67.62 -4.52 -68.94
CA PHE D 129 -68.41 -3.59 -69.73
C PHE D 129 -68.91 -2.46 -68.84
N PRO D 130 -69.13 -1.27 -69.39
CA PRO D 130 -69.59 -0.15 -68.56
C PRO D 130 -71.10 -0.02 -68.60
N LEU D 131 -71.66 0.62 -67.57
CA LEU D 131 -73.09 0.89 -67.46
C LEU D 131 -73.24 2.39 -67.27
N ALA D 132 -73.49 3.08 -68.36
CA ALA D 132 -73.55 4.54 -68.36
C ALA D 132 -74.88 5.01 -67.78
N PRO D 133 -74.89 6.17 -67.12
CA PRO D 133 -76.15 6.75 -66.68
C PRO D 133 -76.90 7.38 -67.84
N SER D 134 -78.02 8.02 -67.52
CA SER D 134 -78.85 8.69 -68.52
C SER D 134 -79.77 9.67 -67.81
N SER D 135 -80.51 10.44 -68.61
CA SER D 135 -81.54 11.32 -68.05
C SER D 135 -82.57 10.55 -67.25
N LYS D 136 -82.87 9.31 -67.64
CA LYS D 136 -83.72 8.47 -66.80
C LYS D 136 -82.97 7.92 -65.61
N SER D 137 -81.65 7.75 -65.74
CA SER D 137 -80.86 7.18 -64.66
C SER D 137 -80.49 8.19 -63.58
N THR D 138 -80.70 9.48 -63.82
CA THR D 138 -80.51 10.45 -62.76
C THR D 138 -81.79 10.58 -61.93
N SER D 139 -81.62 10.93 -60.66
CA SER D 139 -82.73 11.28 -59.79
C SER D 139 -82.51 12.74 -59.41
N GLY D 140 -82.94 13.63 -60.31
CA GLY D 140 -82.69 15.04 -60.11
C GLY D 140 -81.20 15.29 -59.87
N GLY D 141 -80.89 15.70 -58.65
CA GLY D 141 -79.52 16.03 -58.29
C GLY D 141 -78.60 14.85 -58.16
N THR D 142 -79.13 13.63 -58.25
CA THR D 142 -78.34 12.43 -58.09
C THR D 142 -78.50 11.52 -59.31
N ALA D 143 -77.53 10.65 -59.51
CA ALA D 143 -77.52 9.74 -60.64
C ALA D 143 -76.60 8.57 -60.33
N ALA D 144 -76.86 7.43 -60.98
CA ALA D 144 -76.12 6.20 -60.74
C ALA D 144 -75.53 5.68 -62.03
N LEU D 145 -74.39 4.99 -61.91
CA LEU D 145 -73.70 4.35 -63.01
C LEU D 145 -73.05 3.09 -62.50
N GLY D 146 -72.48 2.29 -63.39
CA GLY D 146 -71.91 1.05 -62.90
C GLY D 146 -71.02 0.34 -63.90
N CYS D 147 -70.70 -0.91 -63.55
CA CYS D 147 -69.80 -1.74 -64.35
C CYS D 147 -70.30 -3.16 -64.26
N LEU D 148 -70.31 -3.87 -65.37
CA LEU D 148 -70.66 -5.28 -65.41
C LEU D 148 -69.41 -6.10 -65.61
N VAL D 149 -69.26 -7.17 -64.84
CA VAL D 149 -68.20 -8.14 -65.00
C VAL D 149 -68.87 -9.45 -65.35
N LYS D 150 -68.32 -10.18 -66.32
CA LYS D 150 -69.02 -11.35 -66.82
C LYS D 150 -68.08 -12.53 -67.06
N ASP D 151 -68.61 -13.73 -66.77
CA ASP D 151 -68.07 -15.01 -67.25
C ASP D 151 -66.64 -15.28 -66.75
N TYR D 152 -66.54 -15.61 -65.47
CA TYR D 152 -65.26 -15.92 -64.85
C TYR D 152 -65.42 -17.10 -63.91
N PHE D 153 -64.39 -17.94 -63.87
CA PHE D 153 -64.40 -19.13 -63.05
C PHE D 153 -63.71 -18.91 -61.71
N PRO D 154 -62.99 -17.80 -61.54
CA PRO D 154 -62.33 -17.51 -60.27
C PRO D 154 -63.31 -17.59 -59.10
N GLU D 155 -64.40 -16.84 -59.20
CA GLU D 155 -65.42 -16.80 -58.18
C GLU D 155 -65.22 -15.72 -57.13
N PRO D 156 -63.99 -15.54 -56.68
CA PRO D 156 -63.70 -14.53 -55.65
C PRO D 156 -63.08 -13.27 -56.25
N VAL D 157 -63.68 -12.71 -57.29
CA VAL D 157 -63.14 -11.51 -57.90
C VAL D 157 -63.39 -10.29 -57.01
N THR D 158 -62.62 -9.23 -57.21
CA THR D 158 -62.78 -8.02 -56.43
C THR D 158 -62.82 -6.77 -57.30
N VAL D 159 -63.41 -5.71 -56.80
CA VAL D 159 -63.71 -4.53 -57.60
C VAL D 159 -63.48 -3.27 -56.78
N SER D 160 -62.79 -2.30 -57.35
CA SER D 160 -62.56 -1.00 -56.74
C SER D 160 -62.98 0.09 -57.70
N TRP D 161 -62.99 1.33 -57.21
CA TRP D 161 -63.36 2.47 -58.04
C TRP D 161 -62.32 3.58 -57.94
N ASN D 162 -61.70 3.88 -59.09
CA ASN D 162 -60.67 4.91 -59.15
C ASN D 162 -59.61 4.64 -58.10
N SER D 163 -59.04 3.45 -58.16
CA SER D 163 -58.02 3.06 -57.20
C SER D 163 -58.50 3.24 -55.77
N GLY D 164 -59.71 2.78 -55.48
CA GLY D 164 -60.27 2.98 -54.17
C GLY D 164 -60.52 4.43 -53.80
N ALA D 165 -60.79 5.28 -54.79
CA ALA D 165 -61.02 6.68 -54.50
C ALA D 165 -62.30 6.91 -53.70
N LEU D 166 -63.41 6.31 -54.10
CA LEU D 166 -64.73 6.67 -53.59
C LEU D 166 -65.25 5.57 -52.68
N THR D 167 -65.88 5.95 -51.58
CA THR D 167 -66.51 4.98 -50.70
C THR D 167 -67.96 5.36 -50.47
N SER D 168 -68.42 6.42 -51.11
CA SER D 168 -69.80 6.88 -50.98
C SER D 168 -70.64 6.28 -52.10
N GLY D 169 -71.81 5.77 -51.73
CA GLY D 169 -72.74 5.29 -52.71
C GLY D 169 -72.25 4.13 -53.56
N VAL D 170 -71.18 3.46 -53.15
CA VAL D 170 -70.66 2.33 -53.92
C VAL D 170 -71.30 1.07 -53.37
N HIS D 171 -71.80 0.22 -54.27
CA HIS D 171 -72.42 -1.04 -53.91
C HIS D 171 -72.02 -2.11 -54.90
N THR D 172 -71.63 -3.27 -54.40
CA THR D 172 -71.25 -4.39 -55.23
C THR D 172 -72.25 -5.52 -55.00
N PHE D 173 -72.87 -5.96 -56.04
CA PHE D 173 -73.94 -6.92 -55.87
C PHE D 173 -73.38 -8.34 -55.88
N PRO D 174 -74.05 -9.26 -55.20
CA PRO D 174 -73.54 -10.63 -55.15
C PRO D 174 -73.59 -11.28 -56.52
N ALA D 175 -72.67 -12.22 -56.73
CA ALA D 175 -72.53 -12.84 -58.03
C ALA D 175 -73.59 -13.90 -58.24
N VAL D 176 -74.01 -14.03 -59.49
CA VAL D 176 -75.00 -15.02 -59.88
C VAL D 176 -74.32 -16.12 -60.69
N LEU D 177 -74.57 -17.36 -60.30
CA LEU D 177 -74.01 -18.52 -60.99
C LEU D 177 -74.92 -18.88 -62.15
N GLN D 178 -74.51 -18.52 -63.36
CA GLN D 178 -75.30 -18.78 -64.56
C GLN D 178 -75.31 -20.26 -64.95
N SER D 179 -76.34 -20.65 -65.70
CA SER D 179 -76.47 -22.02 -66.15
C SER D 179 -75.20 -22.52 -66.80
N SER D 180 -74.45 -21.64 -67.45
CA SER D 180 -73.19 -22.02 -68.05
C SER D 180 -72.19 -22.51 -67.01
N GLY D 181 -72.37 -22.13 -65.75
CA GLY D 181 -71.39 -22.41 -64.73
C GLY D 181 -70.43 -21.29 -64.47
N LEU D 182 -70.57 -20.17 -65.17
CA LEU D 182 -69.71 -19.02 -64.98
C LEU D 182 -70.44 -17.96 -64.18
N TYR D 183 -69.68 -17.21 -63.38
CA TYR D 183 -70.27 -16.16 -62.57
C TYR D 183 -70.17 -14.83 -63.27
N SER D 184 -71.04 -13.92 -62.88
CA SER D 184 -71.04 -12.56 -63.41
C SER D 184 -71.70 -11.66 -62.39
N LEU D 185 -71.15 -10.47 -62.21
CA LEU D 185 -71.70 -9.59 -61.21
C LEU D 185 -71.67 -8.16 -61.71
N SER D 186 -72.08 -7.24 -60.85
CA SER D 186 -72.19 -5.85 -61.20
C SER D 186 -71.78 -5.00 -60.01
N SER D 187 -71.28 -3.81 -60.32
CA SER D 187 -70.95 -2.82 -59.30
C SER D 187 -71.61 -1.52 -59.72
N VAL D 188 -71.95 -0.70 -58.74
CA VAL D 188 -72.73 0.50 -59.01
C VAL D 188 -72.28 1.59 -58.05
N VAL D 189 -72.43 2.83 -58.49
CA VAL D 189 -72.22 3.99 -57.63
C VAL D 189 -73.27 5.04 -57.95
N THR D 190 -73.80 5.65 -56.91
CA THR D 190 -74.71 6.77 -57.05
C THR D 190 -74.08 8.01 -56.43
N VAL D 191 -74.21 9.14 -57.12
CA VAL D 191 -73.47 10.35 -56.76
C VAL D 191 -74.27 11.57 -57.22
N PRO D 192 -74.03 12.75 -56.64
CA PRO D 192 -74.73 13.95 -57.11
C PRO D 192 -74.57 14.15 -58.61
N SER D 193 -75.71 14.29 -59.29
CA SER D 193 -75.71 14.20 -60.74
C SER D 193 -74.89 15.31 -61.38
N SER D 194 -74.68 16.41 -60.67
CA SER D 194 -74.05 17.57 -61.28
C SER D 194 -72.63 17.28 -61.74
N SER D 195 -71.89 16.47 -61.00
CA SER D 195 -70.49 16.20 -61.29
C SER D 195 -70.32 15.31 -62.51
N LEU D 196 -71.41 15.01 -63.23
CA LEU D 196 -71.36 14.03 -64.31
C LEU D 196 -70.56 14.53 -65.50
N GLY D 197 -70.66 15.83 -65.82
CA GLY D 197 -70.01 16.35 -67.00
C GLY D 197 -68.56 16.72 -66.75
N THR D 198 -68.18 16.90 -65.49
CA THR D 198 -66.84 17.38 -65.21
C THR D 198 -65.91 16.26 -64.77
N GLN D 199 -66.44 15.23 -64.09
CA GLN D 199 -65.58 14.29 -63.40
C GLN D 199 -65.45 12.97 -64.13
N THR D 200 -64.44 12.20 -63.74
CA THR D 200 -64.13 10.92 -64.36
C THR D 200 -64.10 9.83 -63.29
N TYR D 201 -64.36 8.59 -63.72
CA TYR D 201 -64.37 7.44 -62.83
C TYR D 201 -63.86 6.23 -63.59
N ILE D 202 -63.16 5.35 -62.90
CA ILE D 202 -62.70 4.09 -63.46
C ILE D 202 -62.96 2.99 -62.45
N CYS D 203 -63.62 1.93 -62.89
CA CYS D 203 -63.81 0.74 -62.08
C CYS D 203 -62.71 -0.26 -62.41
N ASN D 204 -62.17 -0.87 -61.38
CA ASN D 204 -60.92 -1.61 -61.44
C ASN D 204 -61.21 -3.01 -60.93
N VAL D 205 -61.29 -3.96 -61.85
CA VAL D 205 -61.52 -5.35 -61.50
C VAL D 205 -60.18 -6.03 -61.34
N ASN D 206 -60.01 -6.71 -60.21
CA ASN D 206 -58.82 -7.50 -59.91
C ASN D 206 -59.26 -8.94 -59.75
N HIS D 207 -58.61 -9.82 -60.49
CA HIS D 207 -58.90 -11.25 -60.46
C HIS D 207 -57.61 -11.94 -60.06
N LYS D 208 -57.49 -12.26 -58.79
CA LYS D 208 -56.28 -12.88 -58.27
C LYS D 208 -56.04 -14.29 -58.81
N PRO D 209 -57.07 -15.12 -59.04
CA PRO D 209 -56.77 -16.48 -59.50
C PRO D 209 -56.19 -16.54 -60.89
N SER D 210 -56.82 -15.88 -61.86
CA SER D 210 -56.11 -15.57 -63.10
C SER D 210 -55.20 -14.42 -62.76
N ASN D 211 -54.67 -13.74 -63.75
CA ASN D 211 -53.90 -12.55 -63.44
C ASN D 211 -54.58 -11.32 -63.98
N THR D 212 -55.88 -11.42 -64.25
CA THR D 212 -56.58 -10.35 -64.92
C THR D 212 -56.68 -9.13 -64.00
N LYS D 213 -56.31 -7.98 -64.54
CA LYS D 213 -56.43 -6.72 -63.83
C LYS D 213 -56.83 -5.66 -64.83
N VAL D 214 -58.11 -5.33 -64.88
CA VAL D 214 -58.64 -4.46 -65.92
C VAL D 214 -59.26 -3.24 -65.27
N ASP D 215 -58.90 -2.07 -65.74
CA ASP D 215 -59.44 -0.83 -65.20
C ASP D 215 -60.07 -0.07 -66.34
N LYS D 216 -61.37 0.18 -66.23
CA LYS D 216 -62.15 0.75 -67.32
C LYS D 216 -62.81 2.04 -66.86
N LYS D 217 -62.78 3.06 -67.71
CA LYS D 217 -63.39 4.34 -67.39
C LYS D 217 -64.86 4.31 -67.73
N VAL D 218 -65.66 5.00 -66.93
CA VAL D 218 -67.08 5.18 -67.19
C VAL D 218 -67.27 6.61 -67.69
N GLU D 219 -68.23 6.79 -68.58
CA GLU D 219 -68.46 8.05 -69.24
C GLU D 219 -69.96 8.29 -69.39
N PRO D 220 -70.38 9.56 -69.43
CA PRO D 220 -71.78 9.84 -69.73
C PRO D 220 -72.14 9.38 -71.13
N LYS D 221 -73.44 9.19 -71.35
CA LYS D 221 -73.91 8.74 -72.64
C LYS D 221 -74.01 9.91 -73.62
N SER D 222 -73.94 9.59 -74.90
CA SER D 222 -74.06 10.59 -75.95
C SER D 222 -75.53 10.88 -76.24
N GLN E 1 -63.37 -35.38 -33.79
CA GLN E 1 -63.75 -35.27 -35.19
C GLN E 1 -65.26 -35.38 -35.37
N SER E 2 -66.00 -34.76 -34.47
CA SER E 2 -67.46 -34.78 -34.52
C SER E 2 -68.04 -33.37 -34.62
N ALA E 3 -68.52 -32.84 -33.49
CA ALA E 3 -69.11 -31.50 -33.46
C ALA E 3 -69.78 -31.21 -32.13
N LEU E 4 -70.20 -29.95 -31.96
CA LEU E 4 -70.87 -29.52 -30.73
C LEU E 4 -72.38 -29.43 -30.95
N THR E 5 -73.00 -28.39 -30.39
CA THR E 5 -74.44 -28.19 -30.54
C THR E 5 -74.84 -26.74 -30.31
N GLN E 6 -75.77 -26.26 -31.11
CA GLN E 6 -76.23 -24.90 -30.99
C GLN E 6 -77.58 -24.80 -31.69
N PRO E 7 -78.43 -23.89 -31.28
CA PRO E 7 -79.70 -23.69 -31.97
C PRO E 7 -79.49 -22.87 -33.23
N ALA E 8 -80.45 -22.93 -34.13
CA ALA E 8 -80.46 -22.08 -35.30
C ALA E 8 -80.95 -20.70 -34.88
N SER E 9 -81.38 -19.90 -35.86
CA SER E 9 -81.71 -18.51 -35.63
C SER E 9 -82.59 -18.30 -34.40
N VAL E 10 -82.41 -17.17 -33.75
CA VAL E 10 -83.26 -16.74 -32.66
C VAL E 10 -83.87 -15.40 -33.03
N SER E 11 -84.73 -14.89 -32.17
CA SER E 11 -85.44 -13.65 -32.43
C SER E 11 -85.36 -12.75 -31.21
N GLY E 12 -85.70 -11.48 -31.41
CA GLY E 12 -85.69 -10.54 -30.31
C GLY E 12 -85.94 -9.11 -30.72
N SER E 13 -86.53 -8.32 -29.82
CA SER E 13 -86.82 -6.92 -30.03
C SER E 13 -85.73 -6.05 -29.42
N PRO E 14 -85.50 -4.87 -29.97
CA PRO E 14 -84.46 -3.99 -29.44
C PRO E 14 -84.69 -3.66 -27.99
N GLY E 15 -83.61 -3.23 -27.34
CA GLY E 15 -83.68 -2.81 -25.96
C GLY E 15 -83.87 -3.92 -24.95
N GLN E 16 -84.36 -5.08 -25.38
CA GLN E 16 -84.56 -6.19 -24.47
C GLN E 16 -83.24 -6.89 -24.22
N SER E 17 -83.31 -8.09 -23.68
CA SER E 17 -82.14 -8.95 -23.57
C SER E 17 -82.49 -10.29 -24.18
N ILE E 18 -81.45 -11.05 -24.50
CA ILE E 18 -81.58 -12.34 -25.15
C ILE E 18 -80.44 -13.22 -24.71
N THR E 19 -80.66 -14.53 -24.71
CA THR E 19 -79.66 -15.49 -24.28
C THR E 19 -79.62 -16.65 -25.25
N ILE E 20 -78.44 -16.93 -25.78
CA ILE E 20 -78.21 -17.96 -26.76
C ILE E 20 -77.39 -19.08 -26.12
N SER E 21 -77.77 -20.31 -26.39
CA SER E 21 -77.22 -21.45 -25.68
C SER E 21 -76.20 -22.20 -26.52
N CYS E 22 -75.43 -23.05 -25.84
CA CYS E 22 -74.37 -23.81 -26.48
C CYS E 22 -74.16 -25.04 -25.60
N THR E 23 -74.67 -26.18 -26.04
CA THR E 23 -74.71 -27.39 -25.22
C THR E 23 -73.79 -28.44 -25.80
N GLY E 24 -72.97 -29.04 -24.93
CA GLY E 24 -72.04 -30.06 -25.35
C GLY E 24 -71.94 -31.15 -24.30
N THR E 25 -71.15 -32.16 -24.62
CA THR E 25 -71.00 -33.28 -23.70
C THR E 25 -70.24 -32.85 -22.46
N SER E 26 -70.24 -33.71 -21.45
CA SER E 26 -69.56 -33.39 -20.22
C SER E 26 -68.14 -33.90 -20.28
N SER E 27 -67.59 -33.97 -21.48
CA SER E 27 -66.19 -34.27 -21.68
C SER E 27 -65.50 -33.16 -22.45
N ASP E 28 -66.26 -32.17 -22.89
CA ASP E 28 -65.66 -30.99 -23.50
C ASP E 28 -66.05 -29.72 -22.75
N VAL E 29 -67.35 -29.49 -22.59
CA VAL E 29 -67.78 -28.26 -21.95
C VAL E 29 -68.09 -28.50 -20.49
N GLY E 30 -68.47 -29.72 -20.15
CA GLY E 30 -68.68 -30.02 -18.75
C GLY E 30 -67.33 -30.08 -18.07
N GLY E 31 -66.43 -30.86 -18.64
CA GLY E 31 -65.15 -31.10 -18.02
C GLY E 31 -64.12 -30.02 -18.26
N TYR E 32 -64.55 -28.88 -18.76
CA TYR E 32 -63.61 -27.78 -18.98
C TYR E 32 -64.37 -26.48 -18.82
N ASN E 33 -63.62 -25.40 -18.68
CA ASN E 33 -64.24 -24.10 -18.78
C ASN E 33 -63.35 -23.16 -19.56
N TYR E 34 -62.83 -23.65 -20.68
CA TYR E 34 -62.05 -22.84 -21.59
C TYR E 34 -62.89 -22.39 -22.77
N VAL E 35 -64.18 -22.19 -22.57
CA VAL E 35 -65.03 -21.87 -23.69
C VAL E 35 -64.88 -20.40 -24.07
N SER E 36 -65.08 -20.12 -25.35
CA SER E 36 -64.96 -18.76 -25.86
C SER E 36 -65.99 -18.56 -26.95
N TRP E 37 -66.38 -17.32 -27.16
CA TRP E 37 -67.40 -16.99 -28.14
C TRP E 37 -66.84 -16.12 -29.23
N TYR E 38 -67.48 -16.16 -30.40
CA TYR E 38 -67.00 -15.47 -31.57
C TYR E 38 -68.17 -14.91 -32.35
N GLN E 39 -68.05 -13.68 -32.81
CA GLN E 39 -69.11 -13.04 -33.56
C GLN E 39 -68.63 -12.78 -34.97
N GLN E 40 -69.40 -13.22 -35.95
CA GLN E 40 -69.02 -13.07 -37.34
C GLN E 40 -70.10 -12.33 -38.09
N HIS E 41 -69.69 -11.26 -38.75
CA HIS E 41 -70.58 -10.50 -39.59
C HIS E 41 -70.58 -11.09 -40.99
N PRO E 42 -71.71 -10.98 -41.70
CA PRO E 42 -71.83 -11.67 -42.99
C PRO E 42 -70.69 -11.30 -43.93
N GLY E 43 -70.02 -12.32 -44.45
CA GLY E 43 -68.92 -12.12 -45.36
C GLY E 43 -67.75 -11.39 -44.75
N LYS E 44 -67.38 -11.73 -43.53
CA LYS E 44 -66.30 -11.05 -42.83
C LYS E 44 -65.42 -12.10 -42.17
N ALA E 45 -64.57 -11.65 -41.29
CA ALA E 45 -63.79 -12.58 -40.51
C ALA E 45 -64.25 -12.54 -39.06
N PRO E 46 -64.44 -13.68 -38.44
CA PRO E 46 -64.96 -13.70 -37.07
C PRO E 46 -64.11 -12.88 -36.12
N LYS E 47 -64.75 -12.46 -35.04
CA LYS E 47 -64.18 -11.54 -34.08
C LYS E 47 -64.24 -12.16 -32.70
N PHE E 48 -63.13 -12.03 -31.98
CA PHE E 48 -62.97 -12.66 -30.68
C PHE E 48 -63.77 -11.92 -29.62
N MET E 49 -64.45 -12.67 -28.76
CA MET E 49 -65.45 -12.04 -27.90
C MET E 49 -65.19 -12.16 -26.41
N ILE E 50 -64.95 -13.37 -25.91
CA ILE E 50 -64.69 -13.56 -24.49
C ILE E 50 -64.12 -14.94 -24.21
N TYR E 51 -62.99 -14.98 -23.51
CA TYR E 51 -62.34 -16.23 -23.15
C TYR E 51 -62.68 -16.60 -21.71
N ASP E 52 -62.82 -17.90 -21.47
CA ASP E 52 -63.12 -18.40 -20.14
C ASP E 52 -64.55 -18.11 -19.67
N VAL E 53 -65.52 -18.67 -20.38
CA VAL E 53 -66.93 -18.50 -20.05
C VAL E 53 -67.38 -17.06 -19.77
N SER E 54 -66.43 -16.14 -19.62
CA SER E 54 -66.78 -14.76 -19.37
C SER E 54 -65.56 -13.91 -19.03
N LYS E 55 -65.30 -12.90 -19.85
CA LYS E 55 -64.16 -12.02 -19.65
C LYS E 55 -63.93 -11.17 -20.89
N ARG E 56 -64.88 -10.30 -21.21
CA ARG E 56 -64.78 -9.44 -22.37
C ARG E 56 -63.39 -8.82 -22.49
N PRO E 57 -62.67 -9.17 -23.61
CA PRO E 57 -61.33 -8.55 -23.69
C PRO E 57 -61.45 -7.04 -23.90
N SER E 58 -60.56 -6.27 -23.28
CA SER E 58 -60.58 -4.83 -23.40
C SER E 58 -60.80 -4.39 -24.85
N GLY E 59 -62.02 -3.95 -25.14
CA GLY E 59 -62.36 -3.51 -26.49
C GLY E 59 -63.76 -3.88 -26.89
N VAL E 60 -64.41 -4.72 -26.09
CA VAL E 60 -65.77 -5.16 -26.38
C VAL E 60 -66.76 -4.50 -25.42
N SER E 61 -67.97 -4.24 -25.91
CA SER E 61 -68.99 -3.61 -25.10
C SER E 61 -69.21 -4.41 -23.83
N ASN E 62 -69.92 -3.80 -22.89
CA ASN E 62 -70.28 -4.48 -21.65
C ASN E 62 -71.73 -4.89 -21.65
N ARG E 63 -72.31 -5.05 -22.83
CA ARG E 63 -73.65 -5.60 -22.94
C ARG E 63 -73.65 -7.10 -23.10
N PHE E 64 -72.47 -7.72 -23.14
CA PHE E 64 -72.32 -9.16 -23.32
C PHE E 64 -71.93 -9.81 -22.01
N SER E 65 -72.47 -11.00 -21.77
CA SER E 65 -72.10 -11.74 -20.58
C SER E 65 -72.10 -13.22 -20.89
N GLY E 66 -71.15 -13.94 -20.33
CA GLY E 66 -71.10 -15.37 -20.52
C GLY E 66 -71.39 -16.12 -19.24
N SER E 67 -71.88 -17.35 -19.32
CA SER E 67 -72.14 -18.11 -18.10
C SER E 67 -72.19 -19.58 -18.43
N LYS E 68 -72.14 -20.39 -17.38
CA LYS E 68 -72.20 -21.82 -17.51
C LYS E 68 -73.12 -22.40 -16.45
N SER E 69 -73.74 -23.52 -16.77
CA SER E 69 -74.38 -24.33 -15.74
C SER E 69 -73.70 -25.69 -15.60
N GLY E 70 -73.74 -26.51 -16.65
CA GLY E 70 -72.98 -27.74 -16.66
C GLY E 70 -73.07 -28.35 -18.03
N ASN E 71 -71.92 -28.63 -18.63
CA ASN E 71 -71.79 -28.97 -20.04
C ASN E 71 -72.80 -28.21 -20.87
N THR E 72 -73.01 -26.93 -20.53
CA THR E 72 -73.91 -26.07 -21.27
C THR E 72 -73.57 -24.63 -20.92
N ALA E 73 -73.06 -23.87 -21.86
CA ALA E 73 -72.74 -22.48 -21.64
C ALA E 73 -73.69 -21.59 -22.43
N SER E 74 -73.70 -20.32 -22.10
CA SER E 74 -74.67 -19.43 -22.73
C SER E 74 -74.16 -18.02 -22.72
N LEU E 75 -74.63 -17.25 -23.69
CA LEU E 75 -74.20 -15.88 -23.92
C LEU E 75 -75.41 -14.98 -23.93
N THR E 76 -75.36 -13.89 -23.18
CA THR E 76 -76.50 -13.01 -23.03
C THR E 76 -76.15 -11.62 -23.51
N ILE E 77 -77.01 -11.04 -24.32
CA ILE E 77 -76.88 -9.70 -24.84
C ILE E 77 -78.00 -8.87 -24.26
N SER E 78 -77.71 -7.61 -23.97
CA SER E 78 -78.62 -6.74 -23.24
C SER E 78 -78.85 -5.47 -24.04
N GLY E 79 -80.10 -5.06 -24.14
CA GLY E 79 -80.40 -3.90 -24.95
C GLY E 79 -80.03 -4.19 -26.39
N LEU E 80 -80.76 -5.10 -27.02
CA LEU E 80 -80.45 -5.50 -28.38
C LEU E 80 -80.36 -4.28 -29.27
N GLN E 81 -79.17 -4.02 -29.79
CA GLN E 81 -78.97 -2.95 -30.74
C GLN E 81 -78.94 -3.53 -32.15
N ALA E 82 -79.57 -2.83 -33.07
CA ALA E 82 -79.76 -3.38 -34.41
C ALA E 82 -78.51 -3.20 -35.26
N GLU E 83 -77.37 -3.60 -34.71
CA GLU E 83 -76.18 -3.86 -35.50
C GLU E 83 -75.53 -5.16 -35.08
N ASP E 84 -76.16 -5.92 -34.20
CA ASP E 84 -75.63 -7.17 -33.71
C ASP E 84 -76.20 -8.36 -34.45
N GLU E 85 -76.90 -8.11 -35.55
CA GLU E 85 -77.42 -9.20 -36.37
C GLU E 85 -76.24 -9.84 -37.04
N ALA E 86 -75.84 -11.00 -36.53
CA ALA E 86 -74.65 -11.68 -37.03
C ALA E 86 -74.79 -13.16 -36.73
N ASP E 87 -73.69 -13.87 -36.83
CA ASP E 87 -73.65 -15.25 -36.40
C ASP E 87 -72.75 -15.38 -35.18
N TYR E 88 -73.12 -16.28 -34.29
CA TYR E 88 -72.39 -16.44 -33.05
C TYR E 88 -71.98 -17.88 -32.88
N TYR E 89 -70.69 -18.11 -32.67
CA TYR E 89 -70.14 -19.44 -32.51
C TYR E 89 -69.51 -19.56 -31.14
N CYS E 90 -69.54 -20.77 -30.59
CA CYS E 90 -68.84 -21.07 -29.36
C CYS E 90 -67.81 -22.15 -29.63
N SER E 91 -66.73 -22.11 -28.88
CA SER E 91 -65.67 -23.07 -29.05
C SER E 91 -65.20 -23.54 -27.69
N SER E 92 -64.49 -24.67 -27.66
CA SER E 92 -63.98 -25.14 -26.38
C SER E 92 -62.76 -26.02 -26.65
N TYR E 93 -62.33 -26.74 -25.61
CA TYR E 93 -61.12 -27.52 -25.67
C TYR E 93 -61.37 -29.00 -25.46
N THR E 94 -62.16 -29.62 -26.32
CA THR E 94 -62.47 -31.04 -26.18
C THR E 94 -61.21 -31.82 -25.82
N SER E 95 -61.41 -33.02 -25.26
CA SER E 95 -60.29 -33.86 -24.88
C SER E 95 -59.54 -34.26 -26.14
N ASN E 96 -58.79 -35.37 -26.07
CA ASN E 96 -58.03 -35.84 -27.21
C ASN E 96 -57.09 -34.74 -27.71
N ASN E 97 -57.00 -33.65 -26.94
CA ASN E 97 -56.14 -32.53 -27.29
C ASN E 97 -56.58 -31.87 -28.60
N THR E 98 -57.80 -31.35 -28.62
CA THR E 98 -58.33 -30.69 -29.80
C THR E 98 -59.44 -29.70 -29.45
N PHE E 99 -59.74 -28.82 -30.42
CA PHE E 99 -60.76 -27.81 -30.25
C PHE E 99 -61.96 -28.14 -31.12
N ALA E 100 -63.06 -27.45 -30.86
CA ALA E 100 -64.29 -27.72 -31.58
C ALA E 100 -65.12 -26.46 -31.63
N PHE E 101 -65.90 -26.32 -32.68
CA PHE E 101 -66.72 -25.15 -32.87
C PHE E 101 -68.19 -25.53 -32.96
N GLY E 102 -69.05 -24.58 -32.64
CA GLY E 102 -70.47 -24.83 -32.62
C GLY E 102 -71.06 -24.96 -33.99
N GLY E 103 -72.31 -24.54 -34.13
CA GLY E 103 -73.00 -24.66 -35.39
C GLY E 103 -73.51 -23.33 -35.88
N GLY E 104 -73.38 -22.29 -35.07
CA GLY E 104 -73.79 -20.99 -35.53
C GLY E 104 -75.25 -20.71 -35.28
N THR E 105 -75.55 -19.44 -35.04
CA THR E 105 -76.91 -19.04 -34.73
C THR E 105 -77.16 -17.64 -35.25
N LYS E 106 -78.08 -17.53 -36.20
CA LYS E 106 -78.35 -16.23 -36.82
C LYS E 106 -79.21 -15.39 -35.90
N LEU E 107 -78.71 -14.24 -35.51
CA LEU E 107 -79.44 -13.35 -34.64
C LEU E 107 -80.32 -12.44 -35.47
N THR E 108 -81.59 -12.35 -35.10
CA THR E 108 -82.55 -11.50 -35.80
C THR E 108 -83.10 -10.48 -34.83
N VAL E 109 -82.90 -9.20 -35.13
CA VAL E 109 -83.23 -8.12 -34.22
C VAL E 109 -84.67 -7.69 -34.42
N LEU E 110 -85.40 -8.42 -35.27
CA LEU E 110 -86.82 -8.14 -35.51
C LEU E 110 -87.00 -6.72 -36.03
N GLY E 111 -86.46 -6.48 -37.21
CA GLY E 111 -86.46 -5.16 -37.79
C GLY E 111 -87.85 -4.55 -37.87
N GLN E 112 -87.86 -3.22 -37.75
CA GLN E 112 -89.07 -2.41 -37.74
C GLN E 112 -89.63 -2.04 -39.11
N PRO E 113 -88.82 -1.58 -40.08
CA PRO E 113 -89.43 -0.90 -41.23
C PRO E 113 -89.94 -1.90 -42.26
N LYS E 114 -90.71 -1.41 -43.23
CA LYS E 114 -91.10 -2.25 -44.35
C LYS E 114 -90.61 -1.63 -45.65
N ALA E 115 -89.33 -1.25 -45.68
CA ALA E 115 -88.73 -0.55 -46.79
C ALA E 115 -89.17 -1.07 -48.15
N ALA E 116 -89.50 -0.15 -49.05
CA ALA E 116 -89.97 -0.50 -50.37
C ALA E 116 -88.78 -0.63 -51.32
N PRO E 117 -88.94 -1.39 -52.39
CA PRO E 117 -87.79 -1.67 -53.26
C PRO E 117 -87.37 -0.49 -54.10
N SER E 118 -86.07 -0.20 -54.07
CA SER E 118 -85.46 0.81 -54.93
C SER E 118 -85.09 -0.08 -56.12
N VAL E 119 -85.56 0.27 -57.31
CA VAL E 119 -85.34 -0.54 -58.50
C VAL E 119 -84.61 0.30 -59.53
N THR E 120 -83.80 -0.35 -60.36
CA THR E 120 -83.15 0.29 -61.48
C THR E 120 -82.96 -0.70 -62.61
N LEU E 121 -82.81 -0.20 -63.82
CA LEU E 121 -82.73 -1.00 -65.02
C LEU E 121 -81.56 -0.52 -65.85
N PHE E 122 -80.88 -1.43 -66.50
CA PHE E 122 -79.75 -1.05 -67.33
C PHE E 122 -79.79 -1.78 -68.65
N PRO E 123 -79.67 -1.02 -69.75
CA PRO E 123 -79.73 -1.60 -71.07
C PRO E 123 -78.38 -2.13 -71.48
N PRO E 124 -78.28 -2.81 -72.62
CA PRO E 124 -76.98 -3.34 -73.05
C PRO E 124 -75.96 -2.24 -73.23
N SER E 125 -74.70 -2.57 -72.96
CA SER E 125 -73.60 -1.68 -73.28
C SER E 125 -73.20 -1.86 -74.73
N SER E 126 -72.71 -0.77 -75.34
CA SER E 126 -72.40 -0.78 -76.76
C SER E 126 -71.36 -1.83 -77.10
N GLU E 127 -70.26 -1.88 -76.34
CA GLU E 127 -69.22 -2.87 -76.59
C GLU E 127 -69.79 -4.27 -76.53
N GLU E 128 -70.75 -4.49 -75.64
CA GLU E 128 -71.38 -5.80 -75.56
C GLU E 128 -72.22 -6.09 -76.81
N LEU E 129 -72.93 -5.07 -77.30
CA LEU E 129 -73.69 -5.25 -78.51
C LEU E 129 -72.81 -5.62 -79.68
N GLN E 130 -71.76 -4.82 -79.92
CA GLN E 130 -70.79 -5.14 -80.95
C GLN E 130 -70.11 -6.47 -80.70
N ALA E 131 -70.05 -6.90 -79.44
CA ALA E 131 -69.51 -8.20 -79.08
C ALA E 131 -70.49 -9.32 -79.31
N ASN E 132 -71.55 -9.07 -80.09
CA ASN E 132 -72.56 -10.07 -80.40
C ASN E 132 -73.20 -10.61 -79.13
N LYS E 133 -73.67 -9.70 -78.27
CA LYS E 133 -74.27 -10.07 -77.01
C LYS E 133 -75.23 -8.97 -76.58
N ALA E 134 -76.12 -9.33 -75.65
CA ALA E 134 -77.00 -8.38 -75.00
C ALA E 134 -77.37 -8.94 -73.64
N THR E 135 -77.43 -8.10 -72.62
CA THR E 135 -77.78 -8.54 -71.27
C THR E 135 -78.44 -7.39 -70.52
N LEU E 136 -79.75 -7.46 -70.39
CA LEU E 136 -80.48 -6.49 -69.59
C LEU E 136 -80.22 -6.79 -68.12
N VAL E 137 -80.06 -5.73 -67.33
CA VAL E 137 -79.67 -5.89 -65.94
C VAL E 137 -80.66 -5.16 -65.04
N CYS E 138 -81.27 -5.88 -64.12
CA CYS E 138 -82.25 -5.30 -63.20
C CYS E 138 -81.67 -5.36 -61.80
N LEU E 139 -81.56 -4.21 -61.15
CA LEU E 139 -80.97 -4.12 -59.82
C LEU E 139 -82.01 -3.63 -58.82
N ILE E 140 -81.96 -4.15 -57.60
CA ILE E 140 -82.88 -3.73 -56.55
C ILE E 140 -82.08 -3.62 -55.27
N SER E 141 -82.42 -2.63 -54.45
CA SER E 141 -81.85 -2.53 -53.12
C SER E 141 -82.76 -1.73 -52.21
N ASP E 142 -82.45 -1.76 -50.92
CA ASP E 142 -83.05 -0.90 -49.91
C ASP E 142 -84.52 -1.24 -49.67
N PHE E 143 -84.83 -2.52 -49.71
CA PHE E 143 -86.14 -3.01 -49.32
C PHE E 143 -85.96 -3.94 -48.13
N TYR E 144 -86.75 -3.73 -47.09
CA TYR E 144 -86.47 -4.51 -45.90
C TYR E 144 -86.92 -5.97 -46.02
N PRO E 145 -88.21 -6.25 -46.19
CA PRO E 145 -88.62 -7.65 -46.18
C PRO E 145 -88.18 -8.34 -47.46
N GLY E 146 -87.15 -9.17 -47.34
CA GLY E 146 -86.50 -9.72 -48.52
C GLY E 146 -87.28 -10.82 -49.19
N ALA E 147 -88.43 -10.47 -49.76
CA ALA E 147 -89.29 -11.47 -50.39
C ALA E 147 -89.76 -11.03 -51.77
N VAL E 148 -88.91 -10.37 -52.51
CA VAL E 148 -89.30 -9.83 -53.81
C VAL E 148 -89.27 -10.94 -54.84
N THR E 149 -90.10 -10.81 -55.87
CA THR E 149 -90.03 -11.67 -57.04
C THR E 149 -89.95 -10.77 -58.27
N VAL E 150 -89.10 -11.15 -59.21
CA VAL E 150 -88.84 -10.32 -60.37
C VAL E 150 -89.37 -11.02 -61.61
N ALA E 151 -89.98 -10.26 -62.50
CA ALA E 151 -90.61 -10.74 -63.71
C ALA E 151 -90.02 -10.00 -64.89
N TRP E 152 -89.38 -10.74 -65.78
CA TRP E 152 -88.78 -10.19 -66.99
C TRP E 152 -89.82 -10.07 -68.09
N LYS E 153 -89.73 -8.99 -68.84
CA LYS E 153 -90.73 -8.71 -69.86
C LYS E 153 -90.09 -8.14 -71.10
N ALA E 154 -90.49 -8.68 -72.24
CA ALA E 154 -90.46 -7.96 -73.51
C ALA E 154 -91.31 -6.72 -73.33
N ASP E 155 -91.40 -5.91 -74.39
CA ASP E 155 -91.92 -4.55 -74.28
C ASP E 155 -93.05 -4.41 -73.27
N SER E 156 -93.88 -5.45 -73.13
CA SER E 156 -94.53 -5.71 -71.85
C SER E 156 -94.74 -7.19 -71.55
N SER E 157 -94.24 -8.10 -72.39
CA SER E 157 -94.69 -9.49 -72.28
C SER E 157 -93.88 -10.24 -71.24
N PRO E 158 -94.51 -11.16 -70.51
CA PRO E 158 -93.75 -12.10 -69.72
C PRO E 158 -92.83 -12.94 -70.60
N VAL E 159 -91.54 -12.92 -70.25
CA VAL E 159 -90.53 -13.68 -70.97
C VAL E 159 -89.76 -14.53 -69.98
N LYS E 160 -89.49 -15.78 -70.34
CA LYS E 160 -88.99 -16.78 -69.42
C LYS E 160 -87.73 -17.47 -69.91
N ALA E 161 -87.02 -16.88 -70.85
CA ALA E 161 -85.79 -17.45 -71.38
C ALA E 161 -84.64 -16.49 -71.11
N GLY E 162 -83.53 -17.02 -70.58
CA GLY E 162 -82.39 -16.19 -70.27
C GLY E 162 -82.51 -15.38 -69.00
N VAL E 163 -83.45 -15.71 -68.13
CA VAL E 163 -83.61 -15.00 -66.87
C VAL E 163 -82.84 -15.74 -65.78
N GLU E 164 -81.99 -15.01 -65.07
CA GLU E 164 -81.25 -15.52 -63.93
C GLU E 164 -81.49 -14.56 -62.77
N THR E 165 -81.53 -15.10 -61.56
CA THR E 165 -81.88 -14.29 -60.40
C THR E 165 -81.08 -14.74 -59.19
N THR E 166 -80.60 -13.79 -58.41
CA THR E 166 -80.01 -14.10 -57.13
C THR E 166 -81.06 -14.03 -56.04
N THR E 167 -80.79 -14.68 -54.93
CA THR E 167 -81.63 -14.53 -53.76
C THR E 167 -81.21 -13.30 -52.98
N PRO E 168 -82.14 -12.58 -52.38
CA PRO E 168 -81.76 -11.37 -51.63
C PRO E 168 -80.73 -11.68 -50.56
N SER E 169 -79.97 -10.66 -50.20
CA SER E 169 -78.93 -10.79 -49.21
C SER E 169 -78.76 -9.47 -48.48
N LYS E 170 -78.24 -9.53 -47.28
CA LYS E 170 -78.31 -8.39 -46.38
C LYS E 170 -77.23 -7.38 -46.70
N GLN E 171 -77.60 -6.10 -46.60
CA GLN E 171 -76.68 -5.00 -46.80
C GLN E 171 -75.94 -4.72 -45.49
N SER E 172 -75.29 -3.55 -45.43
CA SER E 172 -74.73 -3.11 -44.15
C SER E 172 -75.75 -2.34 -43.33
N ASN E 173 -76.69 -1.67 -43.99
CA ASN E 173 -77.81 -1.04 -43.32
C ASN E 173 -78.94 -2.02 -43.05
N ASN E 174 -78.62 -3.31 -43.03
CA ASN E 174 -79.55 -4.38 -42.68
C ASN E 174 -80.63 -4.54 -43.73
N LYS E 175 -80.56 -3.76 -44.80
CA LYS E 175 -81.53 -3.94 -45.86
C LYS E 175 -81.03 -4.97 -46.86
N TYR E 176 -81.78 -5.14 -47.92
CA TYR E 176 -81.54 -6.24 -48.83
C TYR E 176 -81.36 -5.72 -50.25
N ALA E 177 -80.69 -6.53 -51.07
CA ALA E 177 -80.43 -6.16 -52.44
C ALA E 177 -80.36 -7.41 -53.28
N ALA E 178 -80.78 -7.30 -54.53
CA ALA E 178 -80.81 -8.43 -55.44
C ALA E 178 -80.63 -7.96 -56.86
N SER E 179 -80.44 -8.91 -57.76
CA SER E 179 -80.22 -8.60 -59.16
C SER E 179 -80.81 -9.69 -60.03
N SER E 180 -81.15 -9.32 -61.26
CA SER E 180 -81.68 -10.21 -62.27
C SER E 180 -81.04 -9.92 -63.60
N TYR E 181 -80.74 -10.97 -64.34
CA TYR E 181 -80.00 -10.86 -65.58
C TYR E 181 -80.78 -11.49 -66.71
N LEU E 182 -80.91 -10.77 -67.82
CA LEU E 182 -81.62 -11.26 -68.98
C LEU E 182 -80.67 -11.30 -70.16
N SER E 183 -80.22 -12.50 -70.52
CA SER E 183 -79.31 -12.67 -71.65
C SER E 183 -80.12 -12.75 -72.94
N LEU E 184 -79.63 -12.04 -73.96
CA LEU E 184 -80.33 -11.91 -75.22
C LEU E 184 -79.32 -11.79 -76.35
N THR E 185 -79.73 -12.24 -77.52
CA THR E 185 -78.96 -11.99 -78.72
C THR E 185 -79.11 -10.53 -79.14
N PRO E 186 -78.11 -9.97 -79.82
CA PRO E 186 -78.23 -8.57 -80.24
C PRO E 186 -79.44 -8.33 -81.11
N GLU E 187 -79.81 -9.31 -81.94
CA GLU E 187 -81.03 -9.16 -82.72
C GLU E 187 -82.24 -9.06 -81.82
N GLN E 188 -82.20 -9.70 -80.64
CA GLN E 188 -83.30 -9.55 -79.70
C GLN E 188 -83.32 -8.15 -79.10
N TRP E 189 -82.15 -7.56 -78.87
CA TRP E 189 -82.13 -6.23 -78.27
C TRP E 189 -82.55 -5.16 -79.27
N LYS E 190 -82.12 -5.28 -80.52
CA LYS E 190 -82.63 -4.42 -81.56
C LYS E 190 -84.06 -4.80 -81.95
N SER E 191 -84.50 -5.97 -81.52
CA SER E 191 -85.84 -6.47 -81.87
C SER E 191 -87.04 -5.81 -81.18
N HIS E 192 -86.98 -5.60 -79.87
CA HIS E 192 -88.11 -5.04 -79.17
C HIS E 192 -87.91 -3.54 -78.98
N ARG E 193 -89.01 -2.81 -79.07
CA ARG E 193 -88.93 -1.36 -78.90
C ARG E 193 -88.73 -0.98 -77.45
N SER E 194 -89.04 -1.90 -76.54
CA SER E 194 -88.90 -1.63 -75.13
C SER E 194 -88.78 -2.96 -74.39
N TYR E 195 -88.46 -2.88 -73.10
CA TYR E 195 -88.48 -4.02 -72.22
C TYR E 195 -88.87 -3.54 -70.83
N SER E 196 -89.31 -4.46 -69.99
CA SER E 196 -89.72 -4.04 -68.67
C SER E 196 -89.35 -5.08 -67.61
N CYS E 197 -89.10 -4.58 -66.42
CA CYS E 197 -88.74 -5.37 -65.25
C CYS E 197 -89.78 -5.09 -64.17
N GLN E 198 -90.42 -6.14 -63.66
CA GLN E 198 -91.46 -5.99 -62.65
C GLN E 198 -91.00 -6.62 -61.35
N VAL E 199 -91.08 -5.87 -60.26
CA VAL E 199 -90.68 -6.33 -58.94
C VAL E 199 -91.93 -6.34 -58.07
N THR E 200 -92.32 -7.52 -57.61
CA THR E 200 -93.42 -7.68 -56.69
C THR E 200 -92.87 -7.90 -55.28
N HIS E 201 -93.34 -7.07 -54.35
CA HIS E 201 -92.83 -7.10 -52.99
C HIS E 201 -93.93 -6.57 -52.08
N GLU E 202 -94.54 -7.47 -51.31
CA GLU E 202 -95.65 -7.13 -50.42
C GLU E 202 -96.80 -6.51 -51.20
N GLY E 203 -97.24 -7.17 -52.26
CA GLY E 203 -98.35 -6.68 -53.06
C GLY E 203 -97.93 -5.59 -54.01
N SER E 204 -97.14 -4.65 -53.51
CA SER E 204 -96.65 -3.54 -54.32
C SER E 204 -95.83 -4.05 -55.49
N THR E 205 -96.20 -3.62 -56.68
CA THR E 205 -95.51 -3.99 -57.91
C THR E 205 -94.93 -2.74 -58.54
N VAL E 206 -93.61 -2.66 -58.55
CA VAL E 206 -92.89 -1.53 -59.15
C VAL E 206 -92.33 -2.02 -60.47
N GLU E 207 -92.33 -1.18 -61.49
CA GLU E 207 -91.87 -1.62 -62.80
C GLU E 207 -90.97 -0.58 -63.42
N LYS E 208 -89.93 -1.05 -64.10
CA LYS E 208 -89.05 -0.21 -64.90
C LYS E 208 -89.21 -0.61 -66.37
N THR E 209 -89.03 0.36 -67.25
CA THR E 209 -89.12 0.11 -68.69
C THR E 209 -88.04 0.89 -69.42
N VAL E 210 -87.36 0.21 -70.34
CA VAL E 210 -86.32 0.83 -71.14
C VAL E 210 -86.63 0.57 -72.61
N ALA E 211 -85.80 1.16 -73.48
CA ALA E 211 -85.97 1.13 -74.91
C ALA E 211 -84.62 1.26 -75.59
N PRO E 212 -84.38 0.49 -76.66
CA PRO E 212 -83.11 0.64 -77.40
C PRO E 212 -82.94 2.05 -77.94
N THR E 213 -81.96 2.75 -77.40
CA THR E 213 -81.75 4.17 -77.70
C THR E 213 -83.01 4.98 -77.43
N GLN F 1 -29.69 13.81 -56.18
CA GLN F 1 -29.96 14.79 -55.14
C GLN F 1 -29.49 16.18 -55.56
N VAL F 2 -28.19 16.36 -55.65
CA VAL F 2 -27.61 17.63 -56.03
C VAL F 2 -27.99 17.94 -57.47
N GLN F 3 -28.43 19.17 -57.72
CA GLN F 3 -28.70 19.58 -59.09
C GLN F 3 -28.06 20.93 -59.34
N LEU F 4 -27.92 21.25 -60.61
CA LEU F 4 -27.38 22.52 -61.05
C LEU F 4 -28.49 23.37 -61.64
N GLN F 5 -28.18 24.63 -61.88
CA GLN F 5 -29.15 25.52 -62.49
C GLN F 5 -28.46 26.75 -63.02
N GLU F 6 -28.66 27.05 -64.29
CA GLU F 6 -28.04 28.21 -64.90
C GLU F 6 -28.76 29.48 -64.49
N SER F 7 -28.37 30.56 -65.12
CA SER F 7 -28.92 31.88 -64.83
C SER F 7 -28.56 32.78 -65.99
N GLY F 8 -28.62 34.08 -65.77
CA GLY F 8 -28.02 35.03 -66.66
C GLY F 8 -28.80 35.20 -67.94
N PRO F 9 -28.69 36.37 -68.54
CA PRO F 9 -29.43 36.64 -69.77
C PRO F 9 -28.57 36.30 -70.98
N GLY F 10 -29.19 36.37 -72.14
CA GLY F 10 -28.40 36.57 -73.33
C GLY F 10 -29.18 37.01 -74.55
N LEU F 11 -28.77 38.14 -75.10
CA LEU F 11 -29.38 38.71 -76.29
C LEU F 11 -28.53 39.88 -76.78
N VAL F 12 -27.60 40.31 -75.94
CA VAL F 12 -26.70 41.42 -76.26
C VAL F 12 -26.20 41.33 -77.70
N LYS F 13 -25.94 42.49 -78.30
CA LYS F 13 -25.45 42.57 -79.68
C LYS F 13 -24.08 41.90 -79.77
N PRO F 14 -23.29 42.19 -80.80
CA PRO F 14 -21.96 41.56 -80.93
C PRO F 14 -20.81 42.42 -80.40
N SER F 15 -19.81 41.80 -79.78
CA SER F 15 -18.66 42.53 -79.27
C SER F 15 -18.86 43.10 -77.87
N GLU F 16 -19.23 42.25 -76.92
CA GLU F 16 -19.42 42.69 -75.55
C GLU F 16 -18.98 41.57 -74.61
N THR F 17 -19.36 41.69 -73.35
CA THR F 17 -19.03 40.68 -72.35
C THR F 17 -20.31 40.14 -71.74
N LEU F 18 -20.48 38.83 -71.78
CA LEU F 18 -21.65 38.22 -71.18
C LEU F 18 -21.29 37.59 -69.84
N SER F 19 -22.32 37.20 -69.10
CA SER F 19 -22.12 36.59 -67.79
C SER F 19 -23.12 35.47 -67.60
N LEU F 20 -22.75 34.53 -66.74
CA LEU F 20 -23.62 33.41 -66.41
C LEU F 20 -23.27 32.94 -65.02
N THR F 21 -24.22 32.33 -64.33
CA THR F 21 -23.93 31.67 -63.06
C THR F 21 -24.62 30.33 -63.00
N CYS F 22 -24.13 29.48 -62.11
CA CYS F 22 -24.57 28.10 -61.99
C CYS F 22 -24.81 27.74 -60.53
N THR F 23 -25.61 28.54 -59.85
CA THR F 23 -25.90 28.31 -58.43
C THR F 23 -26.20 26.84 -58.15
N VAL F 24 -25.59 26.32 -57.10
CA VAL F 24 -25.65 24.90 -56.78
C VAL F 24 -26.84 24.63 -55.87
N SER F 25 -27.58 23.57 -56.17
CA SER F 25 -28.78 23.28 -55.39
C SER F 25 -28.48 22.49 -54.14
N GLY F 26 -28.08 21.23 -54.31
CA GLY F 26 -28.02 20.30 -53.20
C GLY F 26 -26.93 20.61 -52.21
N GLY F 27 -25.91 21.32 -52.63
CA GLY F 27 -24.89 21.86 -51.75
C GLY F 27 -23.66 20.98 -51.73
N SER F 28 -22.69 21.29 -52.58
CA SER F 28 -21.47 20.51 -52.58
C SER F 28 -20.24 21.33 -52.96
N ILE F 29 -20.30 22.63 -52.81
CA ILE F 29 -19.16 23.43 -53.22
C ILE F 29 -17.95 23.03 -52.38
N SER F 30 -16.78 23.47 -52.83
CA SER F 30 -15.54 23.38 -52.05
C SER F 30 -14.96 21.97 -52.05
N SER F 31 -15.41 21.15 -52.94
CA SER F 31 -14.84 19.82 -52.87
C SER F 31 -14.47 19.28 -54.23
N TYR F 32 -15.09 19.77 -55.28
CA TYR F 32 -15.00 19.20 -56.61
C TYR F 32 -14.39 20.22 -57.55
N TYR F 33 -14.48 19.94 -58.84
CA TYR F 33 -14.17 20.88 -59.87
C TYR F 33 -15.45 21.23 -60.61
N TRP F 34 -15.52 22.44 -61.16
CA TRP F 34 -16.74 22.87 -61.83
C TRP F 34 -16.37 23.55 -63.12
N SER F 35 -16.96 23.11 -64.23
CA SER F 35 -16.55 23.62 -65.52
C SER F 35 -17.76 23.97 -66.37
N TRP F 36 -17.50 24.70 -67.45
CA TRP F 36 -18.53 25.20 -68.35
C TRP F 36 -18.33 24.61 -69.73
N ILE F 37 -19.40 24.17 -70.35
CA ILE F 37 -19.31 23.45 -71.61
C ILE F 37 -20.26 24.05 -72.62
N ARG F 38 -19.75 24.43 -73.76
CA ARG F 38 -20.55 25.06 -74.79
C ARG F 38 -21.15 23.99 -75.71
N GLN F 39 -22.14 24.38 -76.47
CA GLN F 39 -22.56 23.56 -77.59
C GLN F 39 -23.31 24.39 -78.63
N PRO F 40 -22.76 24.56 -79.81
CA PRO F 40 -23.47 25.28 -80.85
C PRO F 40 -24.70 24.51 -81.27
N PRO F 41 -25.55 25.10 -82.11
CA PRO F 41 -26.76 24.38 -82.54
C PRO F 41 -26.42 23.30 -83.55
N GLY F 42 -26.86 22.09 -83.27
CA GLY F 42 -26.70 20.98 -84.18
C GLY F 42 -25.30 20.44 -84.29
N LYS F 43 -24.35 20.99 -83.56
CA LYS F 43 -22.98 20.52 -83.64
C LYS F 43 -22.58 19.84 -82.34
N GLY F 44 -21.33 19.42 -82.28
CA GLY F 44 -20.84 18.71 -81.13
C GLY F 44 -20.52 19.64 -79.99
N LEU F 45 -20.09 19.06 -78.88
CA LEU F 45 -19.82 19.83 -77.69
C LEU F 45 -18.49 20.55 -77.81
N GLU F 46 -18.04 21.08 -76.69
CA GLU F 46 -16.82 21.85 -76.59
C GLU F 46 -16.39 21.82 -75.13
N TRP F 47 -15.52 22.72 -74.75
CA TRP F 47 -15.13 22.75 -73.36
C TRP F 47 -14.47 24.08 -73.06
N ILE F 48 -14.61 24.51 -71.81
CA ILE F 48 -13.94 25.70 -71.31
C ILE F 48 -13.43 25.33 -69.93
N GLY F 49 -12.77 26.27 -69.28
CA GLY F 49 -12.00 25.96 -68.10
C GLY F 49 -12.86 25.49 -66.94
N TYR F 50 -12.20 25.30 -65.82
CA TYR F 50 -12.87 25.01 -64.57
C TYR F 50 -12.20 25.77 -63.45
N ILE F 51 -12.75 25.64 -62.25
CA ILE F 51 -12.22 26.30 -61.07
C ILE F 51 -12.40 25.42 -59.85
N TYR F 52 -11.29 24.94 -59.30
CA TYR F 52 -11.30 24.07 -58.14
C TYR F 52 -12.28 24.59 -57.09
N TYR F 53 -11.84 25.61 -56.36
CA TYR F 53 -12.65 26.23 -55.31
C TYR F 53 -11.74 27.11 -54.46
N SER F 54 -10.69 26.51 -53.92
CA SER F 54 -9.74 27.25 -53.12
C SER F 54 -8.87 28.03 -54.09
N GLY F 55 -8.16 27.29 -54.93
CA GLY F 55 -7.30 27.89 -55.93
C GLY F 55 -8.15 28.26 -57.13
N SER F 56 -7.73 27.85 -58.32
CA SER F 56 -8.47 28.14 -59.54
C SER F 56 -7.68 27.82 -60.80
N THR F 57 -8.17 28.33 -61.92
CA THR F 57 -7.53 28.14 -63.21
C THR F 57 -8.44 28.66 -64.30
N ASN F 58 -8.11 28.25 -65.52
CA ASN F 58 -8.86 28.50 -66.75
C ASN F 58 -8.21 27.62 -67.79
N TYR F 59 -8.87 27.42 -68.93
CA TYR F 59 -8.33 26.43 -69.84
C TYR F 59 -8.83 26.66 -71.26
N ASN F 60 -8.70 25.63 -72.08
CA ASN F 60 -9.02 25.60 -73.49
C ASN F 60 -8.39 26.77 -74.21
N PRO F 61 -7.09 26.68 -74.47
CA PRO F 61 -6.36 27.80 -75.06
C PRO F 61 -7.01 28.40 -76.27
N SER F 62 -7.72 27.61 -77.07
CA SER F 62 -8.44 28.18 -78.20
C SER F 62 -9.34 29.30 -77.76
N LEU F 63 -9.96 29.18 -76.60
CA LEU F 63 -10.77 30.25 -76.03
C LEU F 63 -10.01 31.07 -75.02
N LYS F 64 -8.72 30.79 -74.85
CA LYS F 64 -7.96 31.59 -73.92
C LYS F 64 -7.88 33.03 -74.41
N SER F 65 -7.46 33.91 -73.50
CA SER F 65 -7.36 35.34 -73.79
C SER F 65 -8.74 35.95 -74.00
N ARG F 66 -9.79 35.23 -73.64
CA ARG F 66 -11.13 35.81 -73.69
C ARG F 66 -11.98 35.51 -72.47
N VAL F 67 -11.70 34.45 -71.72
CA VAL F 67 -12.64 33.89 -70.76
C VAL F 67 -12.08 34.03 -69.37
N THR F 68 -12.96 34.33 -68.41
CA THR F 68 -12.55 34.35 -67.02
C THR F 68 -13.63 33.71 -66.17
N ILE F 69 -13.22 32.77 -65.34
CA ILE F 69 -14.11 32.09 -64.42
C ILE F 69 -13.79 32.55 -63.01
N SER F 70 -14.83 32.70 -62.20
CA SER F 70 -14.64 33.07 -60.81
C SER F 70 -15.63 32.28 -59.97
N VAL F 71 -15.36 32.18 -58.68
CA VAL F 71 -16.18 31.37 -57.80
C VAL F 71 -16.48 32.15 -56.53
N ASP F 72 -17.73 32.12 -56.10
CA ASP F 72 -18.12 32.66 -54.80
C ASP F 72 -18.60 31.50 -53.97
N THR F 73 -17.75 31.06 -53.04
CA THR F 73 -18.07 29.88 -52.28
C THR F 73 -19.16 30.11 -51.25
N SER F 74 -19.39 31.36 -50.84
CA SER F 74 -20.39 31.62 -49.81
C SER F 74 -21.78 31.23 -50.31
N LYS F 75 -22.25 31.93 -51.33
CA LYS F 75 -23.55 31.64 -51.90
C LYS F 75 -23.47 30.62 -53.03
N LYS F 76 -22.31 30.01 -53.24
CA LYS F 76 -22.16 28.90 -54.18
C LYS F 76 -22.48 29.31 -55.61
N GLN F 77 -21.62 30.14 -56.18
CA GLN F 77 -21.76 30.61 -57.54
C GLN F 77 -20.50 30.35 -58.36
N PHE F 78 -20.68 30.11 -59.65
CA PHE F 78 -19.58 30.25 -60.62
C PHE F 78 -20.00 31.43 -61.47
N SER F 79 -19.14 32.41 -61.60
CA SER F 79 -19.30 33.35 -62.70
C SER F 79 -18.46 32.87 -63.86
N LEU F 80 -18.98 33.03 -65.06
CA LEU F 80 -18.21 32.88 -66.28
C LEU F 80 -18.44 34.12 -67.11
N LYS F 81 -17.35 34.77 -67.52
CA LYS F 81 -17.46 35.94 -68.37
C LYS F 81 -16.58 35.74 -69.59
N LEU F 82 -17.22 35.67 -70.74
CA LEU F 82 -16.51 35.80 -72.00
C LEU F 82 -16.63 37.24 -72.47
N SER F 83 -15.64 37.69 -73.21
CA SER F 83 -15.56 39.08 -73.60
C SER F 83 -15.44 39.19 -75.11
N SER F 84 -16.04 40.25 -75.66
CA SER F 84 -15.98 40.54 -77.09
C SER F 84 -16.44 39.35 -77.91
N VAL F 85 -17.69 38.98 -77.65
CA VAL F 85 -18.29 37.84 -78.36
C VAL F 85 -18.43 38.19 -79.84
N THR F 86 -18.69 37.15 -80.65
CA THR F 86 -18.58 37.29 -82.09
C THR F 86 -19.74 36.69 -82.86
N ALA F 87 -20.85 36.37 -82.19
CA ALA F 87 -22.02 35.79 -82.84
C ALA F 87 -21.73 34.45 -83.48
N ALA F 88 -20.50 33.96 -83.36
CA ALA F 88 -20.23 32.56 -83.56
C ALA F 88 -20.36 31.79 -82.27
N ASP F 89 -20.43 32.48 -81.14
CA ASP F 89 -20.64 31.84 -79.85
C ASP F 89 -22.10 31.86 -79.48
N THR F 90 -22.97 31.49 -80.40
CA THR F 90 -24.40 31.47 -80.16
C THR F 90 -24.75 30.01 -79.89
N ALA F 91 -24.84 29.66 -78.62
CA ALA F 91 -24.88 28.26 -78.28
C ALA F 91 -25.63 28.06 -76.98
N VAL F 92 -25.83 26.79 -76.63
CA VAL F 92 -26.32 26.41 -75.32
C VAL F 92 -25.10 26.27 -74.44
N TYR F 93 -25.27 26.50 -73.14
CA TYR F 93 -24.13 26.52 -72.23
C TYR F 93 -24.48 25.71 -70.98
N TYR F 94 -23.87 24.54 -70.84
CA TYR F 94 -24.09 23.70 -69.68
C TYR F 94 -23.04 23.99 -68.62
N CYS F 95 -23.37 23.66 -67.38
CA CYS F 95 -22.39 23.81 -66.33
C CYS F 95 -22.33 22.50 -65.55
N ALA F 96 -21.57 21.55 -66.06
CA ALA F 96 -21.49 20.25 -65.45
C ALA F 96 -20.44 20.25 -64.35
N ARG F 97 -20.54 19.28 -63.44
CA ARG F 97 -19.65 19.42 -62.30
C ARG F 97 -18.20 19.15 -62.65
N LEU F 98 -17.75 17.93 -62.40
CA LEU F 98 -16.49 17.29 -62.76
C LEU F 98 -16.41 16.20 -61.74
N GLU F 99 -15.38 15.37 -61.74
CA GLU F 99 -15.24 14.46 -60.63
C GLU F 99 -13.82 14.02 -60.40
N ARG F 100 -13.44 14.02 -59.12
CA ARG F 100 -12.11 13.61 -58.70
C ARG F 100 -12.24 12.64 -57.53
N ASP F 101 -11.39 12.77 -56.53
CA ASP F 101 -11.45 11.86 -55.39
C ASP F 101 -11.55 10.49 -56.03
N TRP F 102 -12.75 9.92 -56.09
CA TRP F 102 -12.92 8.64 -56.75
C TRP F 102 -12.70 9.03 -58.20
N PRO F 103 -11.46 8.65 -58.73
CA PRO F 103 -11.15 9.03 -60.13
C PRO F 103 -12.26 9.40 -61.11
N LEU F 104 -13.03 8.43 -61.57
CA LEU F 104 -14.12 8.70 -62.50
C LEU F 104 -13.68 9.65 -63.62
N ASP F 105 -13.73 10.94 -63.32
CA ASP F 105 -13.35 11.96 -64.30
C ASP F 105 -14.52 12.29 -65.21
N ALA F 106 -14.26 12.47 -66.49
CA ALA F 106 -15.31 12.80 -67.43
C ALA F 106 -16.09 14.02 -66.93
N PHE F 107 -17.30 13.80 -66.43
CA PHE F 107 -18.12 14.89 -65.91
C PHE F 107 -19.18 14.33 -64.98
N ASP F 108 -20.36 14.95 -64.96
CA ASP F 108 -21.40 14.46 -64.09
C ASP F 108 -22.57 15.40 -64.23
N ILE F 109 -23.45 15.40 -63.24
CA ILE F 109 -24.70 16.13 -63.30
C ILE F 109 -24.56 17.47 -64.01
N TRP F 110 -25.38 17.68 -65.01
CA TRP F 110 -25.34 18.85 -65.87
C TRP F 110 -26.44 19.81 -65.48
N GLY F 111 -26.69 20.81 -66.33
CA GLY F 111 -27.60 21.86 -65.92
C GLY F 111 -28.52 22.47 -66.95
N GLN F 112 -29.02 21.70 -67.90
CA GLN F 112 -30.12 22.15 -68.75
C GLN F 112 -29.76 23.34 -69.64
N GLY F 113 -28.57 23.88 -69.49
CA GLY F 113 -28.08 24.85 -70.44
C GLY F 113 -28.89 26.13 -70.48
N THR F 114 -28.53 26.97 -71.44
CA THR F 114 -29.16 28.27 -71.61
C THR F 114 -28.90 28.76 -73.02
N MET F 115 -29.93 28.81 -73.85
CA MET F 115 -29.74 29.36 -75.18
C MET F 115 -29.27 30.80 -75.06
N VAL F 116 -28.15 31.12 -75.67
CA VAL F 116 -27.57 32.45 -75.58
C VAL F 116 -27.30 32.93 -76.99
N THR F 117 -28.20 33.72 -77.53
CA THR F 117 -28.04 34.24 -78.87
C THR F 117 -27.20 35.50 -78.82
N VAL F 118 -26.51 35.79 -79.93
CA VAL F 118 -25.67 36.96 -80.03
C VAL F 118 -26.02 37.66 -81.33
N SER F 119 -26.79 38.74 -81.24
CA SER F 119 -27.05 39.56 -82.42
C SER F 119 -27.78 40.84 -82.07
N SER F 120 -28.16 41.57 -83.12
CA SER F 120 -28.94 42.79 -83.02
C SER F 120 -30.42 42.45 -82.87
N ALA F 121 -31.29 43.43 -83.11
CA ALA F 121 -32.71 43.15 -83.03
C ALA F 121 -33.15 42.78 -81.63
N SER F 122 -33.11 43.75 -80.72
CA SER F 122 -33.41 43.55 -79.31
C SER F 122 -34.73 42.85 -79.10
N THR F 123 -34.92 42.33 -77.88
CA THR F 123 -36.03 41.43 -77.58
C THR F 123 -37.36 42.00 -78.01
N LYS F 124 -38.29 41.12 -78.32
CA LYS F 124 -39.66 41.50 -78.62
C LYS F 124 -40.57 40.61 -77.79
N GLY F 125 -41.66 41.19 -77.32
CA GLY F 125 -42.65 40.42 -76.62
C GLY F 125 -43.50 39.62 -77.58
N PRO F 126 -43.92 38.44 -77.16
CA PRO F 126 -44.77 37.62 -78.01
C PRO F 126 -46.22 38.07 -77.91
N SER F 127 -46.98 37.81 -78.95
CA SER F 127 -48.43 38.01 -78.94
C SER F 127 -49.10 36.65 -78.85
N VAL F 128 -50.04 36.51 -77.93
CA VAL F 128 -50.68 35.23 -77.64
C VAL F 128 -52.08 35.24 -78.23
N PHE F 129 -52.52 34.10 -78.73
CA PHE F 129 -53.87 33.94 -79.23
C PHE F 129 -54.36 32.53 -78.95
N PRO F 130 -55.66 32.33 -78.78
CA PRO F 130 -56.17 30.99 -78.48
C PRO F 130 -56.60 30.27 -79.74
N LEU F 131 -56.62 28.93 -79.68
CA LEU F 131 -57.08 28.08 -80.77
C LEU F 131 -58.19 27.20 -80.21
N ALA F 132 -59.42 27.62 -80.44
CA ALA F 132 -60.57 26.95 -79.88
C ALA F 132 -60.90 25.68 -80.66
N PRO F 133 -61.44 24.66 -80.01
CA PRO F 133 -61.90 23.48 -80.74
C PRO F 133 -63.22 23.76 -81.43
N SER F 134 -63.79 22.72 -82.04
CA SER F 134 -65.06 22.83 -82.74
C SER F 134 -65.61 21.43 -82.94
N SER F 135 -66.84 21.37 -83.47
CA SER F 135 -67.42 20.08 -83.84
C SER F 135 -66.57 19.32 -84.84
N LYS F 136 -65.87 20.03 -85.73
CA LYS F 136 -64.92 19.38 -86.60
C LYS F 136 -63.64 19.03 -85.86
N SER F 137 -63.30 19.81 -84.82
CA SER F 137 -62.06 19.59 -84.09
C SER F 137 -62.16 18.48 -83.06
N THR F 138 -63.37 18.00 -82.75
CA THR F 138 -63.49 16.83 -81.90
C THR F 138 -63.39 15.56 -82.72
N SER F 139 -62.89 14.50 -82.08
CA SER F 139 -62.90 13.16 -82.66
C SER F 139 -63.79 12.32 -81.76
N GLY F 140 -65.10 12.43 -81.99
CA GLY F 140 -66.05 11.77 -81.12
C GLY F 140 -65.80 12.15 -79.67
N GLY F 141 -65.35 11.17 -78.89
CA GLY F 141 -65.13 11.37 -77.48
C GLY F 141 -63.92 12.21 -77.14
N THR F 142 -63.13 12.57 -78.14
CA THR F 142 -61.91 13.35 -77.93
C THR F 142 -61.93 14.61 -78.77
N ALA F 143 -61.14 15.60 -78.35
CA ALA F 143 -61.08 16.88 -79.04
C ALA F 143 -59.79 17.58 -78.65
N ALA F 144 -59.32 18.46 -79.53
CA ALA F 144 -58.05 19.16 -79.33
C ALA F 144 -58.25 20.65 -79.40
N LEU F 145 -57.41 21.38 -78.67
CA LEU F 145 -57.39 22.83 -78.64
C LEU F 145 -55.95 23.29 -78.47
N GLY F 146 -55.72 24.60 -78.55
CA GLY F 146 -54.34 25.02 -78.46
C GLY F 146 -54.17 26.51 -78.26
N CYS F 147 -52.92 26.94 -78.41
CA CYS F 147 -52.53 28.33 -78.21
C CYS F 147 -51.45 28.66 -79.22
N LEU F 148 -51.53 29.83 -79.82
CA LEU F 148 -50.51 30.32 -80.73
C LEU F 148 -49.71 31.42 -80.04
N VAL F 149 -48.40 31.35 -80.16
CA VAL F 149 -47.51 32.39 -79.70
C VAL F 149 -46.81 32.94 -80.93
N LYS F 150 -46.68 34.26 -81.02
CA LYS F 150 -46.18 34.84 -82.25
C LYS F 150 -45.18 35.97 -82.01
N ASP F 151 -44.18 36.04 -82.88
CA ASP F 151 -43.34 37.22 -83.09
C ASP F 151 -42.54 37.62 -81.85
N TYR F 152 -41.52 36.81 -81.53
CA TYR F 152 -40.65 37.05 -80.40
C TYR F 152 -39.20 36.78 -80.79
N PHE F 153 -38.31 37.59 -80.25
CA PHE F 153 -36.89 37.47 -80.52
C PHE F 153 -36.15 36.65 -79.49
N PRO F 154 -36.79 36.37 -78.36
CA PRO F 154 -36.15 35.56 -77.31
C PRO F 154 -35.62 34.25 -77.87
N GLU F 155 -36.51 33.49 -78.52
CA GLU F 155 -36.15 32.22 -79.13
C GLU F 155 -36.35 31.01 -78.21
N PRO F 156 -35.99 31.16 -76.94
CA PRO F 156 -36.14 30.05 -75.99
C PRO F 156 -37.34 30.23 -75.08
N VAL F 157 -38.52 30.52 -75.65
CA VAL F 157 -39.70 30.71 -74.83
C VAL F 157 -40.21 29.36 -74.31
N THR F 158 -41.01 29.40 -73.24
CA THR F 158 -41.55 28.18 -72.65
C THR F 158 -43.03 28.30 -72.39
N VAL F 159 -43.72 27.16 -72.32
CA VAL F 159 -45.18 27.12 -72.31
C VAL F 159 -45.64 26.03 -71.35
N SER F 160 -46.60 26.37 -70.49
CA SER F 160 -47.23 25.43 -69.58
C SER F 160 -48.74 25.49 -69.74
N TRP F 161 -49.43 24.57 -69.09
CA TRP F 161 -50.89 24.52 -69.16
C TRP F 161 -51.49 24.46 -67.76
N ASN F 162 -52.26 25.47 -67.40
CA ASN F 162 -52.90 25.53 -66.10
C ASN F 162 -51.86 25.33 -65.01
N SER F 163 -50.83 26.17 -65.02
CA SER F 163 -49.76 26.07 -64.06
C SER F 163 -49.19 24.66 -64.01
N GLY F 164 -48.90 24.09 -65.17
CA GLY F 164 -48.42 22.73 -65.22
C GLY F 164 -49.41 21.69 -64.73
N ALA F 165 -50.71 21.95 -64.86
CA ALA F 165 -51.70 21.00 -64.40
C ALA F 165 -51.69 19.70 -65.20
N LEU F 166 -51.67 19.77 -66.52
CA LEU F 166 -51.94 18.61 -67.37
C LEU F 166 -50.65 18.17 -68.03
N THR F 167 -50.46 16.86 -68.12
CA THR F 167 -49.31 16.32 -68.85
C THR F 167 -49.78 15.30 -69.89
N SER F 168 -51.08 15.12 -70.00
CA SER F 168 -51.65 14.20 -70.96
C SER F 168 -52.00 14.94 -72.24
N GLY F 169 -51.64 14.35 -73.37
CA GLY F 169 -52.01 14.91 -74.65
C GLY F 169 -51.47 16.28 -74.94
N VAL F 170 -50.50 16.75 -74.19
CA VAL F 170 -49.93 18.08 -74.43
C VAL F 170 -48.74 17.93 -75.37
N HIS F 171 -48.70 18.77 -76.40
CA HIS F 171 -47.62 18.76 -77.37
C HIS F 171 -47.27 20.18 -77.74
N THR F 172 -45.97 20.48 -77.77
CA THR F 172 -45.48 21.81 -78.14
C THR F 172 -44.67 21.66 -79.40
N PHE F 173 -45.05 22.37 -80.41
CA PHE F 173 -44.42 22.20 -81.70
C PHE F 173 -43.17 23.06 -81.81
N PRO F 174 -42.19 22.64 -82.60
CA PRO F 174 -40.98 23.44 -82.74
C PRO F 174 -41.25 24.77 -83.41
N ALA F 175 -40.45 25.76 -83.07
CA ALA F 175 -40.68 27.12 -83.56
C ALA F 175 -40.18 27.27 -84.98
N VAL F 176 -40.89 28.09 -85.75
CA VAL F 176 -40.54 28.39 -87.12
C VAL F 176 -39.99 29.80 -87.21
N LEU F 177 -38.83 29.93 -87.85
CA LEU F 177 -38.20 31.22 -88.04
C LEU F 177 -38.77 31.87 -89.29
N GLN F 178 -39.66 32.84 -89.10
CA GLN F 178 -40.30 33.52 -90.22
C GLN F 178 -39.36 34.47 -90.96
N SER F 179 -39.70 34.75 -92.22
CA SER F 179 -38.90 35.64 -93.04
C SER F 179 -38.60 36.95 -92.32
N SER F 180 -39.53 37.40 -91.48
CA SER F 180 -39.31 38.61 -90.70
C SER F 180 -38.12 38.47 -89.77
N GLY F 181 -37.73 37.25 -89.43
CA GLY F 181 -36.72 37.03 -88.42
C GLY F 181 -37.27 36.78 -87.05
N LEU F 182 -38.58 36.76 -86.89
CA LEU F 182 -39.20 36.49 -85.60
C LEU F 182 -39.72 35.07 -85.56
N TYR F 183 -39.71 34.48 -84.38
CA TYR F 183 -40.19 33.12 -84.22
C TYR F 183 -41.62 33.12 -83.76
N SER F 184 -42.30 32.02 -84.03
CA SER F 184 -43.67 31.82 -83.59
C SER F 184 -43.95 30.34 -83.53
N LEU F 185 -44.67 29.92 -82.49
CA LEU F 185 -44.91 28.50 -82.32
C LEU F 185 -46.32 28.28 -81.83
N SER F 186 -46.63 27.02 -81.57
CA SER F 186 -47.96 26.63 -81.16
C SER F 186 -47.87 25.52 -80.13
N SER F 187 -48.88 25.46 -79.26
CA SER F 187 -49.01 24.38 -78.30
C SER F 187 -50.41 23.84 -78.43
N VAL F 188 -50.58 22.55 -78.12
CA VAL F 188 -51.84 21.88 -78.36
C VAL F 188 -52.06 20.86 -77.25
N VAL F 189 -53.32 20.58 -76.97
CA VAL F 189 -53.70 19.51 -76.07
C VAL F 189 -54.93 18.82 -76.62
N THR F 190 -54.93 17.50 -76.54
CA THR F 190 -56.09 16.69 -76.89
C THR F 190 -56.59 15.96 -75.66
N VAL F 191 -57.89 15.94 -75.47
CA VAL F 191 -58.50 15.46 -74.23
C VAL F 191 -59.88 14.90 -74.54
N PRO F 192 -60.44 14.05 -73.68
CA PRO F 192 -61.80 13.56 -73.88
C PRO F 192 -62.78 14.70 -74.07
N SER F 193 -63.53 14.65 -75.18
CA SER F 193 -64.29 15.81 -75.61
C SER F 193 -65.36 16.18 -74.60
N SER F 194 -65.78 15.24 -73.76
CA SER F 194 -66.93 15.49 -72.88
C SER F 194 -66.67 16.63 -71.91
N SER F 195 -65.44 16.74 -71.41
CA SER F 195 -65.11 17.74 -70.39
C SER F 195 -65.07 19.15 -70.95
N LEU F 196 -65.48 19.34 -72.21
CA LEU F 196 -65.31 20.63 -72.88
C LEU F 196 -66.22 21.69 -72.29
N GLY F 197 -67.45 21.31 -71.92
CA GLY F 197 -68.40 22.29 -71.45
C GLY F 197 -68.26 22.60 -69.97
N THR F 198 -67.60 21.72 -69.23
CA THR F 198 -67.52 21.90 -67.79
C THR F 198 -66.19 22.48 -67.34
N GLN F 199 -65.10 22.18 -68.05
CA GLN F 199 -63.78 22.44 -67.51
C GLN F 199 -63.13 23.64 -68.17
N THR F 200 -62.09 24.15 -67.50
CA THR F 200 -61.37 25.33 -67.94
C THR F 200 -59.89 25.01 -68.10
N TYR F 201 -59.20 25.76 -68.96
CA TYR F 201 -57.78 25.57 -69.21
C TYR F 201 -57.16 26.93 -69.49
N ILE F 202 -55.92 27.11 -69.06
CA ILE F 202 -55.15 28.31 -69.36
C ILE F 202 -53.75 27.89 -69.77
N CYS F 203 -53.30 28.40 -70.90
CA CYS F 203 -51.94 28.22 -71.36
C CYS F 203 -51.11 29.42 -70.92
N ASN F 204 -49.92 29.13 -70.42
CA ASN F 204 -49.11 30.08 -69.68
C ASN F 204 -47.77 30.16 -70.39
N VAL F 205 -47.56 31.26 -71.11
CA VAL F 205 -46.30 31.51 -71.80
C VAL F 205 -45.40 32.29 -70.88
N ASN F 206 -44.17 31.80 -70.72
CA ASN F 206 -43.14 32.45 -69.95
C ASN F 206 -41.99 32.76 -70.88
N HIS F 207 -41.59 34.02 -70.90
CA HIS F 207 -40.50 34.50 -71.75
C HIS F 207 -39.45 35.09 -70.81
N LYS F 208 -38.44 34.29 -70.49
CA LYS F 208 -37.41 34.72 -69.58
C LYS F 208 -36.55 35.87 -70.11
N PRO F 209 -36.24 35.95 -71.41
CA PRO F 209 -35.36 37.03 -71.85
C PRO F 209 -36.00 38.40 -71.75
N SER F 210 -37.21 38.57 -72.29
CA SER F 210 -38.01 39.71 -71.88
C SER F 210 -38.54 39.36 -70.50
N ASN F 211 -39.55 40.07 -70.02
CA ASN F 211 -40.14 39.65 -68.77
C ASN F 211 -41.58 39.21 -68.98
N THR F 212 -41.92 38.88 -70.22
CA THR F 212 -43.29 38.59 -70.55
C THR F 212 -43.75 37.31 -69.88
N LYS F 213 -44.90 37.38 -69.21
CA LYS F 213 -45.50 36.22 -68.59
C LYS F 213 -47.01 36.35 -68.76
N VAL F 214 -47.56 35.65 -69.74
CA VAL F 214 -48.96 35.83 -70.12
C VAL F 214 -49.68 34.51 -69.97
N ASP F 215 -50.81 34.52 -69.29
CA ASP F 215 -51.58 33.31 -69.07
C ASP F 215 -52.98 33.56 -69.61
N LYS F 216 -53.38 32.79 -70.60
CA LYS F 216 -54.62 33.02 -71.32
C LYS F 216 -55.51 31.79 -71.23
N LYS F 217 -56.80 32.00 -71.00
CA LYS F 217 -57.76 30.91 -70.89
C LYS F 217 -58.23 30.52 -72.29
N VAL F 218 -58.48 29.24 -72.46
CA VAL F 218 -59.07 28.71 -73.69
C VAL F 218 -60.52 28.39 -73.39
N GLU F 219 -61.38 28.54 -74.38
CA GLU F 219 -62.82 28.39 -74.22
C GLU F 219 -63.40 27.72 -75.45
N PRO F 220 -64.51 27.01 -75.30
CA PRO F 220 -65.20 26.48 -76.47
C PRO F 220 -65.71 27.60 -77.36
N LYS F 221 -65.96 27.26 -78.61
CA LYS F 221 -66.44 28.24 -79.56
C LYS F 221 -67.95 28.43 -79.41
N SER F 222 -68.42 29.60 -79.83
CA SER F 222 -69.83 29.91 -79.80
C SER F 222 -70.54 29.34 -81.02
N GLN G 1 -7.01 22.50 -78.65
CA GLN G 1 -7.97 23.38 -79.31
C GLN G 1 -8.31 22.87 -80.71
N SER G 2 -8.42 21.56 -80.85
CA SER G 2 -8.75 20.94 -82.13
C SER G 2 -10.04 20.13 -82.08
N ALA G 3 -9.91 18.81 -81.95
CA ALA G 3 -11.07 17.94 -81.89
C ALA G 3 -10.69 16.46 -81.99
N LEU G 4 -11.67 15.58 -81.78
CA LEU G 4 -11.43 14.15 -81.84
C LEU G 4 -11.96 13.58 -83.17
N THR G 5 -12.58 12.41 -83.11
CA THR G 5 -13.12 11.79 -84.31
C THR G 5 -14.21 10.78 -83.98
N GLN G 6 -15.26 10.76 -84.81
CA GLN G 6 -16.36 9.86 -84.61
C GLN G 6 -17.12 9.75 -85.92
N PRO G 7 -17.78 8.64 -86.15
CA PRO G 7 -18.59 8.50 -87.36
C PRO G 7 -19.93 9.20 -87.16
N ALA G 8 -20.59 9.49 -88.27
CA ALA G 8 -21.95 10.02 -88.22
C ALA G 8 -22.91 8.86 -87.95
N SER G 9 -24.18 9.07 -88.25
CA SER G 9 -25.22 8.12 -87.88
C SER G 9 -24.86 6.69 -88.23
N VAL G 10 -25.35 5.76 -87.42
CA VAL G 10 -25.24 4.34 -87.68
C VAL G 10 -26.65 3.75 -87.74
N SER G 11 -26.73 2.46 -88.04
CA SER G 11 -28.01 1.80 -88.20
C SER G 11 -28.00 0.50 -87.42
N GLY G 12 -29.19 -0.06 -87.23
CA GLY G 12 -29.30 -1.32 -86.53
C GLY G 12 -30.72 -1.76 -86.24
N SER G 13 -30.95 -3.07 -86.19
CA SER G 13 -32.24 -3.66 -85.90
C SER G 13 -32.35 -4.01 -84.43
N PRO G 14 -33.56 -4.00 -83.88
CA PRO G 14 -33.73 -4.33 -82.46
C PRO G 14 -33.19 -5.70 -82.14
N GLY G 15 -32.93 -5.91 -80.85
CA GLY G 15 -32.49 -7.19 -80.36
C GLY G 15 -31.07 -7.56 -80.73
N GLN G 16 -30.51 -6.94 -81.74
CA GLN G 16 -29.15 -7.24 -82.15
C GLN G 16 -28.17 -6.53 -81.23
N SER G 17 -26.93 -6.44 -81.65
CA SER G 17 -25.95 -5.61 -80.98
C SER G 17 -25.30 -4.71 -82.00
N ILE G 18 -24.66 -3.66 -81.52
CA ILE G 18 -24.05 -2.64 -82.36
C ILE G 18 -22.86 -2.06 -81.61
N THR G 19 -21.87 -1.59 -82.36
CA THR G 19 -20.66 -1.05 -81.79
C THR G 19 -20.29 0.23 -82.50
N ILE G 20 -20.12 1.30 -81.73
CA ILE G 20 -19.82 2.61 -82.24
C ILE G 20 -18.41 2.99 -81.83
N SER G 21 -17.66 3.57 -82.76
CA SER G 21 -16.23 3.78 -82.58
C SER G 21 -15.91 5.22 -82.23
N CYS G 22 -14.69 5.41 -81.74
CA CYS G 22 -14.23 6.74 -81.31
C CYS G 22 -12.71 6.70 -81.41
N THR G 23 -12.17 7.30 -82.46
CA THR G 23 -10.76 7.19 -82.79
C THR G 23 -10.06 8.53 -82.59
N GLY G 24 -8.92 8.49 -81.89
CA GLY G 24 -8.15 9.70 -81.63
C GLY G 24 -6.68 9.41 -81.73
N THR G 25 -5.88 10.46 -81.56
CA THR G 25 -4.45 10.30 -81.66
C THR G 25 -3.92 9.50 -80.48
N SER G 26 -2.66 9.11 -80.58
CA SER G 26 -2.06 8.32 -79.52
C SER G 26 -1.38 9.24 -78.52
N SER G 27 -1.92 10.44 -78.40
CA SER G 27 -1.50 11.38 -77.37
C SER G 27 -2.67 11.80 -76.51
N ASP G 28 -3.88 11.35 -76.86
CA ASP G 28 -5.03 11.57 -76.02
C ASP G 28 -5.69 10.27 -75.61
N VAL G 29 -6.05 9.45 -76.59
CA VAL G 29 -6.74 8.20 -76.28
C VAL G 29 -5.77 7.05 -76.25
N GLY G 30 -4.69 7.13 -77.01
CA GLY G 30 -3.70 6.10 -76.93
C GLY G 30 -2.98 6.22 -75.61
N GLY G 31 -2.51 7.41 -75.31
CA GLY G 31 -1.68 7.62 -74.15
C GLY G 31 -2.47 7.80 -72.86
N TYR G 32 -3.75 7.49 -72.88
CA TYR G 32 -4.55 7.60 -71.67
C TYR G 32 -5.64 6.56 -71.73
N ASN G 33 -6.25 6.31 -70.59
CA ASN G 33 -7.47 5.53 -70.59
C ASN G 33 -8.48 6.13 -69.65
N TYR G 34 -8.63 7.44 -69.69
CA TYR G 34 -9.64 8.14 -68.93
C TYR G 34 -10.84 8.47 -69.79
N VAL G 35 -11.15 7.64 -70.76
CA VAL G 35 -12.23 7.97 -71.67
C VAL G 35 -13.58 7.69 -71.01
N SER G 36 -14.58 8.47 -71.41
CA SER G 36 -15.92 8.31 -70.87
C SER G 36 -16.92 8.60 -71.98
N TRP G 37 -18.11 8.05 -71.83
CA TRP G 37 -19.14 8.18 -72.85
C TRP G 37 -20.35 8.90 -72.29
N TYR G 38 -21.11 9.52 -73.17
CA TYR G 38 -22.23 10.35 -72.77
C TYR G 38 -23.36 10.18 -73.76
N GLN G 39 -24.57 10.04 -73.26
CA GLN G 39 -25.74 9.85 -74.10
C GLN G 39 -26.65 11.05 -73.97
N GLN G 40 -27.03 11.64 -75.09
CA GLN G 40 -27.87 12.83 -75.06
C GLN G 40 -29.11 12.59 -75.88
N HIS G 41 -30.25 12.81 -75.25
CA HIS G 41 -31.52 12.72 -75.93
C HIS G 41 -31.86 14.06 -76.57
N PRO G 42 -32.59 14.05 -77.67
CA PRO G 42 -32.81 15.30 -78.42
C PRO G 42 -33.40 16.38 -77.53
N GLY G 43 -32.75 17.53 -77.51
CA GLY G 43 -33.21 18.65 -76.72
C GLY G 43 -33.19 18.39 -75.24
N LYS G 44 -32.14 17.76 -74.74
CA LYS G 44 -32.07 17.42 -73.33
C LYS G 44 -30.66 17.76 -72.84
N ALA G 45 -30.33 17.28 -71.67
CA ALA G 45 -28.99 17.43 -71.18
C ALA G 45 -28.29 16.09 -71.16
N PRO G 46 -27.06 16.03 -71.65
CA PRO G 46 -26.36 14.75 -71.74
C PRO G 46 -26.30 14.03 -70.41
N LYS G 47 -26.15 12.72 -70.49
CA LYS G 47 -26.21 11.84 -69.34
C LYS G 47 -24.94 11.02 -69.29
N PHE G 48 -24.38 10.90 -68.09
CA PHE G 48 -23.10 10.25 -67.86
C PHE G 48 -23.25 8.75 -67.96
N MET G 49 -22.30 8.10 -68.63
CA MET G 49 -22.50 6.70 -69.01
C MET G 49 -21.50 5.72 -68.42
N ILE G 50 -20.21 5.97 -68.59
CA ILE G 50 -19.19 5.08 -68.06
C ILE G 50 -17.82 5.74 -68.09
N TYR G 51 -17.16 5.73 -66.94
CA TYR G 51 -15.82 6.30 -66.80
C TYR G 51 -14.77 5.21 -66.87
N ASP G 52 -13.63 5.52 -67.48
CA ASP G 52 -12.53 4.57 -67.59
C ASP G 52 -12.79 3.43 -68.58
N VAL G 53 -12.96 3.80 -69.85
CA VAL G 53 -13.19 2.81 -70.90
C VAL G 53 -14.26 1.77 -70.61
N SER G 54 -14.72 1.68 -69.37
CA SER G 54 -15.74 0.70 -69.00
C SER G 54 -15.95 0.62 -67.51
N LYS G 55 -17.17 0.93 -67.08
CA LYS G 55 -17.52 0.90 -65.66
C LYS G 55 -18.85 1.60 -65.44
N ARG G 56 -19.92 1.02 -65.98
CA ARG G 56 -21.25 1.59 -65.83
C ARG G 56 -21.52 2.03 -64.41
N PRO G 57 -21.75 3.39 -64.23
CA PRO G 57 -22.00 3.78 -62.83
C PRO G 57 -23.34 3.23 -62.35
N SER G 58 -23.40 2.81 -61.10
CA SER G 58 -24.62 2.27 -60.52
C SER G 58 -25.85 3.08 -60.92
N GLY G 59 -26.62 2.57 -61.87
CA GLY G 59 -27.81 3.25 -62.34
C GLY G 59 -28.05 3.09 -63.82
N VAL G 60 -27.04 2.54 -64.52
CA VAL G 60 -27.15 2.34 -65.95
C VAL G 60 -27.33 0.86 -66.28
N SER G 61 -28.07 0.57 -67.35
CA SER G 61 -28.30 -0.80 -67.75
C SER G 61 -26.99 -1.54 -67.93
N ASN G 62 -27.08 -2.85 -68.04
CA ASN G 62 -25.90 -3.67 -68.30
C ASN G 62 -25.89 -4.15 -69.73
N ARG G 63 -26.55 -3.44 -70.62
CA ARG G 63 -26.46 -3.71 -72.04
C ARG G 63 -25.36 -2.92 -72.72
N PHE G 64 -24.65 -2.08 -71.97
CA PHE G 64 -23.59 -1.25 -72.50
C PHE G 64 -22.24 -1.79 -72.08
N SER G 65 -21.27 -1.69 -72.98
CA SER G 65 -19.92 -2.12 -72.67
C SER G 65 -18.92 -1.23 -73.37
N GLY G 66 -17.84 -0.91 -72.70
CA GLY G 66 -16.80 -0.10 -73.31
C GLY G 66 -15.54 -0.90 -73.54
N SER G 67 -14.71 -0.52 -74.51
CA SER G 67 -13.48 -1.25 -74.73
C SER G 67 -12.50 -0.36 -75.47
N LYS G 68 -11.24 -0.79 -75.49
CA LYS G 68 -10.20 -0.08 -76.19
C LYS G 68 -9.33 -1.06 -76.93
N SER G 69 -8.75 -0.60 -78.03
CA SER G 69 -7.65 -1.34 -78.65
C SER G 69 -6.36 -0.53 -78.61
N GLY G 70 -6.32 0.61 -79.27
CA GLY G 70 -5.20 1.52 -79.14
C GLY G 70 -5.52 2.81 -79.84
N ASN G 71 -5.39 3.92 -79.12
CA ASN G 71 -5.91 5.21 -79.53
C ASN G 71 -7.22 5.06 -80.31
N THR G 72 -8.07 4.15 -79.86
CA THR G 72 -9.37 3.92 -80.47
C THR G 72 -10.23 3.16 -79.48
N ALA G 73 -11.27 3.80 -78.97
CA ALA G 73 -12.17 3.15 -78.04
C ALA G 73 -13.52 2.94 -78.71
N SER G 74 -14.35 2.11 -78.08
CA SER G 74 -15.60 1.77 -78.72
C SER G 74 -16.62 1.37 -77.67
N LEU G 75 -17.88 1.57 -78.01
CA LEU G 75 -19.00 1.34 -77.13
C LEU G 75 -19.98 0.39 -77.80
N THR G 76 -20.39 -0.64 -77.09
CA THR G 76 -21.25 -1.67 -77.67
C THR G 76 -22.54 -1.75 -76.90
N ILE G 77 -23.64 -1.77 -77.62
CA ILE G 77 -24.98 -1.91 -77.07
C ILE G 77 -25.53 -3.24 -77.55
N SER G 78 -26.31 -3.88 -76.68
CA SER G 78 -26.77 -5.24 -76.92
C SER G 78 -28.28 -5.29 -76.78
N GLY G 79 -28.92 -5.96 -77.73
CA GLY G 79 -30.37 -5.99 -77.71
C GLY G 79 -30.90 -4.58 -77.90
N LEU G 80 -30.69 -4.03 -79.09
CA LEU G 80 -31.08 -2.65 -79.35
C LEU G 80 -32.54 -2.46 -78.99
N GLN G 81 -32.80 -1.64 -77.99
CA GLN G 81 -34.15 -1.28 -77.63
C GLN G 81 -34.50 0.08 -78.21
N ALA G 82 -35.72 0.19 -78.72
CA ALA G 82 -36.08 1.38 -79.47
C ALA G 82 -36.45 2.52 -78.54
N GLU G 83 -35.58 2.79 -77.57
CA GLU G 83 -35.59 4.06 -76.87
C GLU G 83 -34.18 4.61 -76.75
N ASP G 84 -33.21 3.98 -77.38
CA ASP G 84 -31.83 4.40 -77.31
C ASP G 84 -31.44 5.24 -78.51
N GLU G 85 -32.40 5.66 -79.30
CA GLU G 85 -32.13 6.53 -80.43
C GLU G 85 -31.75 7.88 -79.87
N ALA G 86 -30.46 8.19 -79.87
CA ALA G 86 -29.96 9.40 -79.26
C ALA G 86 -28.64 9.76 -79.93
N ASP G 87 -27.91 10.66 -79.30
CA ASP G 87 -26.57 10.94 -79.73
C ASP G 87 -25.58 10.48 -78.69
N TYR G 88 -24.43 10.01 -79.14
CA TYR G 88 -23.44 9.46 -78.24
C TYR G 88 -22.11 10.16 -78.46
N TYR G 89 -21.55 10.68 -77.39
CA TYR G 89 -20.28 11.40 -77.43
C TYR G 89 -19.26 10.67 -76.57
N CYS G 90 -18.01 10.77 -76.96
CA CYS G 90 -16.92 10.27 -76.14
C CYS G 90 -16.01 11.43 -75.79
N SER G 91 -15.38 11.32 -74.62
CA SER G 91 -14.49 12.37 -74.15
C SER G 91 -13.24 11.73 -73.59
N SER G 92 -12.19 12.53 -73.45
CA SER G 92 -10.97 11.99 -72.86
C SER G 92 -10.16 13.13 -72.25
N TYR G 93 -8.92 12.85 -71.90
CA TYR G 93 -8.08 13.79 -71.20
C TYR G 93 -6.84 14.17 -71.98
N THR G 94 -7.00 14.74 -73.17
CA THR G 94 -5.87 15.13 -73.99
C THR G 94 -4.78 15.76 -73.14
N SER G 95 -3.56 15.77 -73.67
CA SER G 95 -2.44 16.36 -72.95
C SER G 95 -2.69 17.86 -72.80
N ASN G 96 -1.62 18.62 -72.62
CA ASN G 96 -1.75 20.06 -72.45
C ASN G 96 -2.70 20.39 -71.31
N ASN G 97 -3.10 19.36 -70.58
CA ASN G 97 -4.01 19.53 -69.45
C ASN G 97 -5.38 20.04 -69.89
N THR G 98 -6.05 19.27 -70.74
CA THR G 98 -7.37 19.65 -71.23
C THR G 98 -8.19 18.45 -71.68
N PHE G 99 -9.49 18.66 -71.83
CA PHE G 99 -10.41 17.62 -72.24
C PHE G 99 -10.90 17.89 -73.65
N ALA G 100 -11.53 16.88 -74.25
CA ALA G 100 -11.98 17.00 -75.61
C ALA G 100 -13.19 16.10 -75.81
N PHE G 101 -14.06 16.50 -76.72
CA PHE G 101 -15.27 15.75 -76.98
C PHE G 101 -15.32 15.32 -78.44
N GLY G 102 -16.06 14.28 -78.69
CA GLY G 102 -16.15 13.70 -80.03
C GLY G 102 -16.96 14.56 -80.96
N GLY G 103 -17.62 13.90 -81.90
CA GLY G 103 -18.40 14.61 -82.89
C GLY G 103 -19.85 14.19 -82.89
N GLY G 104 -20.17 13.16 -82.13
CA GLY G 104 -21.56 12.75 -82.05
C GLY G 104 -21.94 11.77 -83.13
N THR G 105 -22.87 10.89 -82.80
CA THR G 105 -23.28 9.84 -83.72
C THR G 105 -24.74 9.52 -83.48
N LYS G 106 -25.58 9.78 -84.48
CA LYS G 106 -27.01 9.56 -84.34
C LYS G 106 -27.33 8.09 -84.49
N LEU G 107 -27.90 7.51 -83.45
CA LEU G 107 -28.26 6.11 -83.47
C LEU G 107 -29.64 5.95 -84.08
N THR G 108 -29.76 5.05 -85.04
CA THR G 108 -31.03 4.78 -85.70
C THR G 108 -31.39 3.32 -85.47
N VAL G 109 -32.54 3.08 -84.85
CA VAL G 109 -32.95 1.75 -84.43
C VAL G 109 -33.69 1.06 -85.55
N LEU G 110 -33.76 1.70 -86.71
CA LEU G 110 -34.42 1.12 -87.88
C LEU G 110 -35.88 0.81 -87.59
N GLY G 111 -36.64 1.87 -87.33
CA GLY G 111 -38.03 1.72 -86.93
C GLY G 111 -38.84 0.89 -87.89
N GLN G 112 -39.82 0.21 -87.32
CA GLN G 112 -40.71 -0.72 -88.01
C GLN G 112 -41.91 -0.08 -88.71
N PRO G 113 -42.66 0.84 -88.08
CA PRO G 113 -43.98 1.15 -88.64
C PRO G 113 -43.90 2.15 -89.76
N LYS G 114 -44.99 2.34 -90.49
CA LYS G 114 -45.06 3.40 -91.48
C LYS G 114 -46.20 4.35 -91.14
N ALA G 115 -46.24 4.79 -89.88
CA ALA G 115 -47.32 5.61 -89.36
C ALA G 115 -47.77 6.69 -90.33
N ALA G 116 -49.08 6.83 -90.47
CA ALA G 116 -49.67 7.79 -91.37
C ALA G 116 -49.86 9.13 -90.66
N PRO G 117 -49.90 10.22 -91.40
CA PRO G 117 -49.95 11.54 -90.76
C PRO G 117 -51.28 11.85 -90.13
N SER G 118 -51.22 12.29 -88.87
CA SER G 118 -52.38 12.79 -88.15
C SER G 118 -52.29 14.27 -88.52
N VAL G 119 -53.36 14.83 -89.10
CA VAL G 119 -53.34 16.21 -89.58
C VAL G 119 -54.45 16.96 -88.86
N THR G 120 -54.25 18.26 -88.66
CA THR G 120 -55.27 19.13 -88.13
C THR G 120 -55.08 20.54 -88.68
N LEU G 121 -56.15 21.32 -88.67
CA LEU G 121 -56.19 22.64 -89.27
C LEU G 121 -56.80 23.60 -88.26
N PHE G 122 -56.31 24.81 -88.25
CA PHE G 122 -56.86 25.79 -87.33
C PHE G 122 -57.05 27.12 -88.02
N PRO G 123 -58.26 27.69 -87.89
CA PRO G 123 -58.57 28.94 -88.54
C PRO G 123 -58.09 30.11 -87.71
N PRO G 124 -58.20 31.34 -88.22
CA PRO G 124 -57.76 32.49 -87.43
C PRO G 124 -58.52 32.61 -86.12
N SER G 125 -57.84 33.12 -85.11
CA SER G 125 -58.50 33.48 -83.87
C SER G 125 -59.11 34.86 -83.98
N SER G 126 -60.21 35.06 -83.26
CA SER G 126 -60.96 36.32 -83.38
C SER G 126 -60.11 37.52 -83.02
N GLU G 127 -59.40 37.46 -81.89
CA GLU G 127 -58.55 38.56 -81.47
C GLU G 127 -57.53 38.87 -82.55
N GLU G 128 -57.04 37.84 -83.22
CA GLU G 128 -56.09 38.08 -84.31
C GLU G 128 -56.76 38.78 -85.48
N LEU G 129 -57.99 38.39 -85.80
CA LEU G 129 -58.71 39.05 -86.87
C LEU G 129 -58.90 40.53 -86.56
N GLN G 130 -59.45 40.83 -85.38
CA GLN G 130 -59.59 42.21 -84.96
C GLN G 130 -58.24 42.91 -84.86
N ALA G 131 -57.17 42.17 -84.66
CA ALA G 131 -55.82 42.70 -84.64
C ALA G 131 -55.28 42.94 -86.03
N ASN G 132 -56.15 42.95 -87.05
CA ASN G 132 -55.74 43.16 -88.43
C ASN G 132 -54.71 42.13 -88.87
N LYS G 133 -55.04 40.85 -88.66
CA LYS G 133 -54.15 39.76 -89.00
C LYS G 133 -54.97 38.51 -89.25
N ALA G 134 -54.33 37.54 -89.91
CA ALA G 134 -54.90 36.21 -90.10
C ALA G 134 -53.75 35.25 -90.29
N THR G 135 -53.84 34.06 -89.72
CA THR G 135 -52.79 33.05 -89.84
C THR G 135 -53.40 31.67 -89.73
N LEU G 136 -53.55 31.00 -90.85
CA LEU G 136 -54.00 29.62 -90.87
C LEU G 136 -52.87 28.74 -90.36
N VAL G 137 -53.22 27.73 -89.57
CA VAL G 137 -52.21 26.90 -88.92
C VAL G 137 -52.48 25.43 -89.24
N CYS G 138 -51.51 24.75 -89.81
CA CYS G 138 -51.64 23.35 -90.17
C CYS G 138 -50.66 22.55 -89.33
N LEU G 139 -51.18 21.59 -88.56
CA LEU G 139 -50.36 20.80 -87.66
C LEU G 139 -50.40 19.34 -88.08
N ILE G 140 -49.28 18.65 -87.94
CA ILE G 140 -49.19 17.23 -88.26
C ILE G 140 -48.37 16.55 -87.18
N SER G 141 -48.76 15.32 -86.83
CA SER G 141 -47.94 14.52 -85.95
C SER G 141 -48.25 13.05 -86.15
N ASP G 142 -47.42 12.21 -85.55
CA ASP G 142 -47.64 10.76 -85.44
C ASP G 142 -47.55 10.05 -86.78
N PHE G 143 -46.61 10.51 -87.61
CA PHE G 143 -46.27 9.84 -88.84
C PHE G 143 -44.82 9.41 -88.77
N TYR G 144 -44.56 8.15 -89.08
CA TYR G 144 -43.20 7.71 -88.84
C TYR G 144 -42.20 8.24 -89.88
N PRO G 145 -42.35 7.91 -91.16
CA PRO G 145 -41.32 8.33 -92.11
C PRO G 145 -41.42 9.82 -92.36
N GLY G 146 -40.48 10.58 -91.79
CA GLY G 146 -40.58 12.02 -91.78
C GLY G 146 -40.27 12.66 -93.10
N ALA G 147 -41.11 12.43 -94.11
CA ALA G 147 -40.86 12.96 -95.43
C ALA G 147 -42.09 13.62 -96.02
N VAL G 148 -42.88 14.29 -95.21
CA VAL G 148 -44.12 14.88 -95.67
C VAL G 148 -43.82 16.18 -96.39
N THR G 149 -44.70 16.53 -97.33
CA THR G 149 -44.68 17.85 -97.93
C THR G 149 -46.08 18.45 -97.83
N VAL G 150 -46.15 19.72 -97.50
CA VAL G 150 -47.41 20.38 -97.24
C VAL G 150 -47.68 21.40 -98.34
N ALA G 151 -48.93 21.47 -98.77
CA ALA G 151 -49.37 22.34 -99.84
C ALA G 151 -50.52 23.19 -99.34
N TRP G 152 -50.30 24.49 -99.34
CA TRP G 152 -51.31 25.45 -98.91
C TRP G 152 -52.25 25.77 -100.06
N LYS G 153 -53.52 25.93 -99.73
CA LYS G 153 -54.53 26.13 -100.74
C LYS G 153 -55.57 27.13 -100.27
N ALA G 154 -55.88 28.07 -101.17
CA ALA G 154 -57.17 28.75 -101.17
C ALA G 154 -58.23 27.67 -101.34
N ASP G 155 -59.49 28.08 -101.36
CA ASP G 155 -60.61 27.17 -101.20
C ASP G 155 -60.38 25.81 -101.85
N SER G 156 -59.65 25.78 -102.97
CA SER G 156 -58.84 24.61 -103.30
C SER G 156 -57.54 24.94 -104.02
N SER G 157 -57.20 26.21 -104.21
CA SER G 157 -56.14 26.55 -105.14
C SER G 157 -54.77 26.44 -104.49
N PRO G 158 -53.76 25.99 -105.23
CA PRO G 158 -52.39 26.15 -104.75
C PRO G 158 -52.05 27.62 -104.54
N VAL G 159 -51.59 27.93 -103.34
CA VAL G 159 -51.21 29.28 -102.98
C VAL G 159 -49.80 29.24 -102.39
N LYS G 160 -48.96 30.19 -102.80
CA LYS G 160 -47.53 30.14 -102.53
C LYS G 160 -47.00 31.41 -101.87
N ALA G 161 -47.87 32.21 -101.26
CA ALA G 161 -47.47 33.43 -100.57
C ALA G 161 -47.83 33.32 -99.09
N GLY G 162 -46.88 33.64 -98.23
CA GLY G 162 -47.11 33.56 -96.80
C GLY G 162 -47.05 32.16 -96.21
N VAL G 163 -46.49 31.21 -96.94
CA VAL G 163 -46.36 29.84 -96.44
C VAL G 163 -44.99 29.68 -95.79
N GLU G 164 -44.99 29.21 -94.55
CA GLU G 164 -43.76 28.88 -93.82
C GLU G 164 -43.91 27.45 -93.32
N THR G 165 -42.80 26.74 -93.25
CA THR G 165 -42.84 25.32 -92.90
C THR G 165 -41.61 24.95 -92.08
N THR G 166 -41.82 24.14 -91.05
CA THR G 166 -40.72 23.56 -90.32
C THR G 166 -40.36 22.21 -90.91
N THR G 167 -39.16 21.76 -90.65
CA THR G 167 -38.78 20.41 -91.01
C THR G 167 -39.22 19.47 -89.91
N PRO G 168 -39.64 18.25 -90.25
CA PRO G 168 -40.08 17.30 -89.21
C PRO G 168 -39.01 17.09 -88.17
N SER G 169 -39.45 16.71 -86.98
CA SER G 169 -38.56 16.47 -85.86
C SER G 169 -39.15 15.41 -84.96
N LYS G 170 -38.29 14.74 -84.21
CA LYS G 170 -38.70 13.51 -83.56
C LYS G 170 -39.47 13.80 -82.27
N GLN G 171 -40.50 12.99 -82.02
CA GLN G 171 -41.30 13.07 -80.82
C GLN G 171 -40.61 12.28 -79.71
N SER G 172 -41.35 12.00 -78.64
CA SER G 172 -40.86 11.09 -77.63
C SER G 172 -41.20 9.65 -77.96
N ASN G 173 -42.31 9.43 -78.67
CA ASN G 173 -42.66 8.12 -79.19
C ASN G 173 -41.97 7.84 -80.51
N ASN G 174 -40.86 8.54 -80.77
CA ASN G 174 -40.01 8.32 -81.93
C ASN G 174 -40.71 8.70 -83.22
N LYS G 175 -41.92 9.22 -83.13
CA LYS G 175 -42.60 9.68 -84.32
C LYS G 175 -42.26 11.13 -84.58
N TYR G 176 -42.89 11.69 -85.60
CA TYR G 176 -42.49 12.99 -86.10
C TYR G 176 -43.67 13.93 -86.10
N ALA G 177 -43.36 15.23 -86.08
CA ALA G 177 -44.40 16.24 -86.07
C ALA G 177 -43.87 17.47 -86.77
N ALA G 178 -44.77 18.19 -87.42
CA ALA G 178 -44.39 19.39 -88.17
C ALA G 178 -45.55 20.36 -88.19
N SER G 179 -45.28 21.56 -88.67
CA SER G 179 -46.28 22.61 -88.72
C SER G 179 -46.05 23.49 -89.93
N SER G 180 -47.13 24.13 -90.40
CA SER G 180 -47.09 25.06 -91.52
C SER G 180 -47.97 26.25 -91.19
N TYR G 181 -47.50 27.42 -91.57
CA TYR G 181 -48.15 28.67 -91.21
C TYR G 181 -48.45 29.46 -92.46
N LEU G 182 -49.68 29.94 -92.57
CA LEU G 182 -50.11 30.73 -93.71
C LEU G 182 -50.57 32.10 -93.21
N SER G 183 -49.73 33.11 -93.43
CA SER G 183 -50.05 34.47 -93.02
C SER G 183 -50.90 35.14 -94.09
N LEU G 184 -51.95 35.83 -93.66
CA LEU G 184 -52.92 36.43 -94.54
C LEU G 184 -53.46 37.71 -93.92
N THR G 185 -53.86 38.62 -94.77
CA THR G 185 -54.58 39.80 -94.33
C THR G 185 -56.01 39.40 -93.95
N PRO G 186 -56.64 40.14 -93.03
CA PRO G 186 -58.02 39.78 -92.65
C PRO G 186 -58.96 39.80 -93.83
N GLU G 187 -58.74 40.70 -94.79
CA GLU G 187 -59.55 40.69 -95.99
C GLU G 187 -59.37 39.40 -96.76
N GLN G 188 -58.18 38.80 -96.67
CA GLN G 188 -57.98 37.50 -97.31
C GLN G 188 -58.75 36.41 -96.58
N TRP G 189 -58.85 36.49 -95.26
CA TRP G 189 -59.56 35.46 -94.51
C TRP G 189 -61.05 35.56 -94.70
N LYS G 190 -61.59 36.78 -94.71
CA LYS G 190 -62.98 36.97 -95.07
C LYS G 190 -63.20 36.80 -96.56
N SER G 191 -62.11 36.77 -97.33
CA SER G 191 -62.19 36.65 -98.79
C SER G 191 -62.57 35.28 -99.37
N HIS G 192 -61.97 34.21 -98.87
CA HIS G 192 -62.24 32.90 -99.42
C HIS G 192 -63.28 32.18 -98.57
N ARG G 193 -64.15 31.42 -99.24
CA ARG G 193 -65.18 30.69 -98.51
C ARG G 193 -64.60 29.50 -97.79
N SER G 194 -63.41 29.06 -98.20
CA SER G 194 -62.79 27.91 -97.58
C SER G 194 -61.29 27.98 -97.84
N TYR G 195 -60.55 27.10 -97.19
CA TYR G 195 -59.13 26.91 -97.45
C TYR G 195 -58.80 25.45 -97.20
N SER G 196 -57.67 25.01 -97.76
CA SER G 196 -57.33 23.61 -97.57
C SER G 196 -55.83 23.43 -97.42
N CYS G 197 -55.48 22.39 -96.66
CA CYS G 197 -54.12 21.99 -96.37
C CYS G 197 -53.94 20.58 -96.86
N GLN G 198 -52.94 20.35 -97.72
CA GLN G 198 -52.70 19.04 -98.29
C GLN G 198 -51.35 18.51 -97.81
N VAL G 199 -51.34 17.29 -97.27
CA VAL G 199 -50.13 16.67 -96.77
C VAL G 199 -49.88 15.43 -97.61
N THR G 200 -48.76 15.42 -98.32
CA THR G 200 -48.33 14.27 -99.10
C THR G 200 -47.24 13.53 -98.34
N HIS G 201 -47.46 12.24 -98.15
CA HIS G 201 -46.55 11.42 -97.35
C HIS G 201 -46.67 10.00 -97.83
N GLU G 202 -45.65 9.51 -98.53
CA GLU G 202 -45.64 8.18 -99.11
C GLU G 202 -46.81 7.96 -100.05
N GLY G 203 -46.99 8.88 -101.00
CA GLY G 203 -48.07 8.78 -101.97
C GLY G 203 -49.39 9.23 -101.39
N SER G 204 -49.68 8.78 -100.18
CA SER G 204 -50.92 9.14 -99.49
C SER G 204 -51.02 10.65 -99.32
N THR G 205 -52.13 11.20 -99.80
CA THR G 205 -52.40 12.63 -99.68
C THR G 205 -53.63 12.84 -98.82
N VAL G 206 -53.42 13.40 -97.64
CA VAL G 206 -54.51 13.70 -96.71
C VAL G 206 -54.76 15.20 -96.78
N GLU G 207 -56.02 15.61 -96.69
CA GLU G 207 -56.32 17.02 -96.84
C GLU G 207 -57.32 17.46 -95.78
N LYS G 208 -57.12 18.66 -95.27
CA LYS G 208 -58.06 19.32 -94.37
C LYS G 208 -58.62 20.54 -95.07
N THR G 209 -59.86 20.88 -94.74
CA THR G 209 -60.50 22.06 -95.31
C THR G 209 -61.31 22.77 -94.24
N VAL G 210 -61.17 24.09 -94.19
CA VAL G 210 -61.91 24.92 -93.25
C VAL G 210 -62.61 26.03 -94.01
N ALA G 211 -63.40 26.81 -93.27
CA ALA G 211 -64.24 27.86 -93.82
C ALA G 211 -64.44 28.95 -92.78
N PRO G 212 -64.40 30.21 -93.18
CA PRO G 212 -64.68 31.29 -92.22
C PRO G 212 -66.07 31.17 -91.63
N THR G 213 -66.11 30.89 -90.33
CA THR G 213 -67.36 30.60 -89.64
C THR G 213 -68.11 29.45 -90.31
C1 NAG H . -22.17 -39.97 16.41
C2 NAG H . -22.37 -40.34 17.87
C3 NAG H . -21.58 -41.60 18.20
C4 NAG H . -21.93 -42.72 17.24
C5 NAG H . -21.74 -42.23 15.81
C6 NAG H . -22.19 -43.24 14.78
C7 NAG H . -22.48 -39.09 19.97
C8 NAG H . -21.98 -37.91 20.73
N2 NAG H . -21.99 -39.24 18.73
O3 NAG H . -21.86 -42.01 19.54
O4 NAG H . -21.07 -43.85 17.45
O5 NAG H . -22.52 -41.06 15.59
O6 NAG H . -22.41 -42.60 13.53
O7 NAG H . -23.27 -39.89 20.46
C1 NAG H . -21.71 -44.85 18.25
C2 NAG H . -21.46 -46.22 17.63
C3 NAG H . -22.08 -47.31 18.49
C4 NAG H . -21.51 -47.23 19.90
C5 NAG H . -21.77 -45.83 20.47
C6 NAG H . -21.16 -45.64 21.83
C7 NAG H . -21.17 -46.52 15.21
C8 NAG H . -21.86 -46.58 13.88
N2 NAG H . -21.96 -46.30 16.27
O3 NAG H . -21.79 -48.59 17.93
O4 NAG H . -22.14 -48.20 20.73
O5 NAG H . -21.20 -44.84 19.60
O6 NAG H . -22.13 -45.26 22.80
O7 NAG H . -19.96 -46.65 15.33
C1 NAG I . -39.53 -38.68 -1.74
C2 NAG I . -38.07 -38.36 -2.04
C3 NAG I . -37.50 -39.40 -3.00
C4 NAG I . -37.77 -40.82 -2.50
C5 NAG I . -39.23 -41.00 -2.05
C6 NAG I . -39.47 -42.30 -1.32
C7 NAG I . -37.03 -36.15 -2.17
C8 NAG I . -36.98 -34.84 -2.89
N2 NAG I . -37.92 -37.03 -2.61
O3 NAG I . -36.10 -39.19 -3.13
O4 NAG I . -37.57 -41.71 -3.60
O5 NAG I . -39.62 -39.95 -1.16
O6 NAG I . -38.93 -42.27 0.00
O7 NAG I . -36.28 -36.39 -1.22
C1 NAG I . -36.31 -42.37 -3.56
C2 NAG I . -36.62 -43.83 -3.92
C3 NAG I . -35.33 -44.65 -3.99
C4 NAG I . -34.31 -43.98 -4.90
C5 NAG I . -34.11 -42.53 -4.49
C6 NAG I . -33.20 -41.77 -5.41
C7 NAG I . -38.20 -45.54 -3.12
C8 NAG I . -39.11 -45.94 -2.01
N2 NAG I . -37.54 -44.39 -2.95
O3 NAG I . -35.64 -45.94 -4.53
O4 NAG I . -33.07 -44.68 -4.82
O5 NAG I . -35.37 -41.84 -4.49
O6 NAG I . -33.85 -41.41 -6.62
O7 NAG I . -38.05 -46.23 -4.12
C1 NAG J . 67.85 -25.61 40.62
C2 NAG J . 69.08 -26.49 40.77
C3 NAG J . 70.11 -26.14 39.70
C4 NAG J . 69.49 -26.19 38.32
C5 NAG J . 68.24 -25.32 38.27
C6 NAG J . 67.47 -25.44 36.98
C7 NAG J . 69.59 -27.38 42.99
C8 NAG J . 70.23 -27.10 44.32
N2 NAG J . 69.66 -26.39 42.09
O3 NAG J . 71.19 -27.06 39.78
O4 NAG J . 70.42 -25.68 37.36
O5 NAG J . 67.34 -25.72 39.31
O6 NAG J . 66.47 -24.44 36.88
O7 NAG J . 69.02 -28.43 42.77
C1 NAG J . 70.56 -26.53 36.19
C2 NAG J . 71.07 -25.69 35.01
C3 NAG J . 71.31 -26.56 33.79
C4 NAG J . 72.15 -27.79 34.15
C5 NAG J . 71.58 -28.50 35.37
C6 NAG J . 72.47 -29.62 35.87
C7 NAG J . 70.47 -23.34 34.59
C8 NAG J . 69.37 -22.39 34.22
N2 NAG J . 70.12 -24.64 34.68
O3 NAG J . 71.99 -25.79 32.82
O4 NAG J . 72.15 -28.70 33.05
O5 NAG J . 71.47 -27.57 36.46
O6 NAG J . 73.55 -29.09 36.62
O7 NAG J . 71.61 -22.97 34.83
C1 NAG K . 70.61 -9.46 25.29
C2 NAG K . 72.10 -9.36 25.01
C3 NAG K . 72.34 -9.07 23.54
C4 NAG K . 71.62 -10.06 22.65
C5 NAG K . 70.15 -10.21 23.06
C6 NAG K . 69.46 -11.38 22.38
C7 NAG K . 73.85 -8.59 26.53
C8 NAG K . 74.38 -7.45 27.34
N2 NAG K . 72.72 -8.36 25.84
O3 NAG K . 73.73 -9.09 23.27
O4 NAG K . 71.66 -9.55 21.32
O5 NAG K . 70.04 -10.46 24.47
O6 NAG K . 68.12 -11.07 22.04
O7 NAG K . 74.41 -9.67 26.50
C1 NAG K . 71.97 -10.45 20.23
C2 NAG K . 72.43 -9.55 19.08
C3 NAG K . 72.75 -10.39 17.84
C4 NAG K . 73.75 -11.48 18.20
C5 NAG K . 73.28 -12.29 19.41
C6 NAG K . 74.32 -13.26 19.90
C7 NAG K . 70.25 -8.48 18.35
C8 NAG K . 69.61 -9.82 18.15
N2 NAG K . 71.53 -8.44 18.77
O3 NAG K . 73.26 -9.57 16.80
O4 NAG K . 73.92 -12.37 17.10
O5 NAG K . 72.98 -11.41 20.52
O6 NAG K . 75.60 -12.63 20.02
O7 NAG K . 69.63 -7.44 18.15
C1 NAG L . 56.11 -37.47 50.61
C2 NAG L . 56.57 -37.70 49.19
C3 NAG L . 55.50 -38.48 48.42
C4 NAG L . 54.97 -39.69 49.20
C5 NAG L . 54.77 -39.38 50.69
C6 NAG L . 54.55 -40.62 51.53
C7 NAG L . 58.03 -36.05 48.11
C8 NAG L . 58.10 -34.71 47.47
N2 NAG L . 56.83 -36.44 48.53
O3 NAG L . 56.03 -38.91 47.18
O4 NAG L . 53.68 -40.02 48.69
O5 NAG L . 55.91 -38.70 51.23
O6 NAG L . 55.16 -41.77 50.97
O7 NAG L . 59.03 -36.75 48.25
C1 NAG L . 53.56 -41.38 48.25
C2 NAG L . 52.09 -41.68 47.91
C3 NAG L . 51.93 -43.09 47.32
C4 NAG L . 52.88 -43.28 46.15
C5 NAG L . 54.31 -42.95 46.57
C6 NAG L . 55.26 -42.99 45.41
C7 NAG L . 51.04 -42.03 50.20
C8 NAG L . 52.03 -43.12 50.53
N2 NAG L . 51.15 -41.42 49.00
O3 NAG L . 50.59 -43.28 46.89
O4 NAG L . 52.81 -44.62 45.68
O5 NAG L . 54.37 -41.62 47.10
O6 NAG L . 55.16 -41.81 44.61
O7 NAG L . 50.19 -41.69 51.00
C1 NAG M . 70.54 -34.83 59.21
C2 NAG M . 71.21 -36.11 58.75
C3 NAG M . 72.46 -36.37 59.58
C4 NAG M . 73.38 -35.16 59.60
C5 NAG M . 72.62 -33.87 59.90
C6 NAG M . 73.42 -32.62 59.63
C7 NAG M . 69.76 -37.81 57.75
C8 NAG M . 68.83 -38.95 58.02
N2 NAG M . 70.30 -37.24 58.83
O3 NAG M . 73.15 -37.50 59.06
O4 NAG M . 74.33 -35.36 60.64
O5 NAG M . 71.44 -33.77 59.07
O6 NAG M . 73.57 -31.83 60.80
O7 NAG M . 70.00 -37.42 56.62
C1 NAG M . 75.69 -35.03 60.28
C2 NAG M . 76.59 -35.49 61.42
C3 NAG M . 78.04 -35.21 61.09
C4 NAG M . 78.41 -35.82 59.75
C5 NAG M . 77.42 -35.40 58.66
C6 NAG M . 77.62 -36.14 57.36
C7 NAG M . 76.26 -33.59 62.96
C8 NAG M . 75.83 -33.19 64.33
N2 NAG M . 76.21 -34.90 62.69
O3 NAG M . 78.87 -35.77 62.12
O4 NAG M . 79.72 -35.41 59.36
O5 NAG M . 76.08 -35.69 59.08
O6 NAG M . 76.92 -37.37 57.35
O7 NAG M . 76.61 -32.76 62.13
C1 NAG N . 59.98 -35.12 77.15
C2 NAG N . 59.37 -36.51 77.31
C3 NAG N . 58.63 -36.61 78.64
C4 NAG N . 59.59 -36.28 79.77
C5 NAG N . 60.16 -34.89 79.56
C6 NAG N . 61.19 -34.50 80.60
C7 NAG N . 58.66 -37.91 75.44
C8 NAG N . 57.65 -38.11 74.35
N2 NAG N . 58.47 -36.84 76.21
O3 NAG N . 58.10 -37.92 78.79
O4 NAG N . 58.88 -36.31 81.01
O5 NAG N . 60.82 -34.83 78.28
O6 NAG N . 62.48 -35.00 80.28
O7 NAG N . 59.61 -38.66 75.60
C1 NAG N . 59.20 -37.52 81.73
C2 NAG N . 58.66 -37.34 83.14
C3 NAG N . 58.94 -38.58 83.98
C4 NAG N . 58.39 -39.82 83.28
C5 NAG N . 58.91 -39.90 81.84
C6 NAG N . 58.28 -41.02 81.04
C7 NAG N . 58.62 -34.98 83.76
C8 NAG N . 59.33 -33.86 84.45
N2 NAG N . 59.23 -36.16 83.78
O3 NAG N . 58.32 -38.43 85.25
O4 NAG N . 58.79 -40.99 83.98
O5 NAG N . 58.63 -38.68 81.14
O6 NAG N . 56.92 -40.76 80.75
O7 NAG N . 57.53 -34.81 83.21
C1 NAG O . -19.34 41.27 22.01
C2 NAG O . -19.81 41.59 23.42
C3 NAG O . -18.98 42.71 24.01
C4 NAG O . -17.49 42.40 23.92
C5 NAG O . -17.12 42.00 22.49
C6 NAG O . -15.69 41.52 22.37
C7 NAG O . -22.18 41.10 23.85
C8 NAG O . -21.72 39.76 24.33
N2 NAG O . -21.22 41.94 23.42
O3 NAG O . -19.36 42.90 25.37
O4 NAG O . -16.72 43.53 24.29
O5 NAG O . -17.95 40.93 22.04
O6 NAG O . -15.64 40.10 22.36
O7 NAG O . -23.37 41.42 23.84
C1 NAG O . -16.38 43.53 25.69
C2 NAG O . -15.14 44.39 25.88
C3 NAG O . -14.78 44.46 27.36
C4 NAG O . -15.97 44.92 28.18
C5 NAG O . -17.18 44.05 27.89
C6 NAG O . -18.44 44.55 28.57
C7 NAG O . -13.59 44.46 23.97
C8 NAG O . -12.43 43.81 23.29
N2 NAG O . -14.02 43.88 25.09
O3 NAG O . -13.70 45.38 27.52
O4 NAG O . -15.65 44.84 29.56
O5 NAG O . -17.45 44.03 26.48
O6 NAG O . -19.55 44.52 27.69
O7 NAG O . -14.13 45.47 23.52
C1 NAG P . 45.76 14.89 78.15
C2 NAG P . 47.18 15.35 78.37
C3 NAG P . 47.36 15.84 79.81
C4 NAG P . 46.31 16.90 80.14
C5 NAG P . 44.92 16.40 79.79
C6 NAG P . 43.86 17.47 79.94
C7 NAG P . 49.10 14.44 77.16
C8 NAG P . 49.95 13.23 76.92
N2 NAG P . 48.12 14.30 78.06
O3 NAG P . 48.67 16.36 79.98
O4 NAG P . 46.35 17.18 81.53
O5 NAG P . 44.86 15.95 78.42
O6 NAG P . 42.56 16.90 80.04
O7 NAG P . 49.28 15.49 76.55
C1 NAG P . 46.84 18.51 81.78
C2 NAG P . 46.32 19.02 83.13
C3 NAG P . 46.90 20.40 83.44
C4 NAG P . 48.42 20.39 83.32
C5 NAG P . 48.81 19.86 81.94
C6 NAG P . 50.30 19.76 81.73
C7 NAG P . 44.10 18.13 83.70
C8 NAG P . 42.62 18.35 83.63
N2 NAG P . 44.86 19.08 83.15
O3 NAG P . 46.52 20.80 84.76
O4 NAG P . 48.95 21.70 83.49
O5 NAG P . 48.28 18.54 81.77
O6 NAG P . 50.62 19.83 80.35
O7 NAG P . 44.59 17.13 84.23
C1 NAG Q . 36.38 -16.83 75.85
C2 NAG Q . 36.13 -17.09 77.31
C3 NAG Q . 35.82 -18.55 77.52
C4 NAG Q . 34.57 -18.91 76.73
C5 NAG Q . 34.74 -18.54 75.25
C6 NAG Q . 33.44 -18.61 74.50
C7 NAG Q . 38.42 -17.16 78.22
C8 NAG Q . 39.37 -16.50 79.18
N2 NAG Q . 37.20 -16.63 78.17
O3 NAG Q . 35.61 -18.85 78.89
O4 NAG Q . 34.34 -20.31 76.84
O5 NAG Q . 35.22 -17.19 75.09
O6 NAG Q . 33.64 -18.68 73.10
O7 NAG Q . 38.74 -18.10 77.52
C1 NAG Q . 33.03 -20.64 77.39
C2 NAG Q . 32.73 -22.08 77.03
C3 NAG Q . 31.41 -22.53 77.65
C4 NAG Q . 31.41 -22.25 79.14
C5 NAG Q . 31.74 -20.79 79.40
C6 NAG Q . 31.86 -20.46 80.87
C7 NAG Q . 33.49 -23.09 74.93
C8 NAG Q . 33.32 -23.15 73.44
N2 NAG Q . 32.69 -22.25 75.58
O3 NAG Q . 31.20 -23.91 77.41
O4 NAG Q . 30.13 -22.54 79.69
O5 NAG Q . 33.01 -20.49 78.81
O6 NAG Q . 32.99 -21.10 81.44
O7 NAG Q . 34.32 -23.76 75.51
C1 NAG R . 31.05 -33.68 62.42
C2 NAG R . 31.22 -34.96 63.23
C3 NAG R . 30.03 -35.88 63.00
C4 NAG R . 28.73 -35.16 63.32
C5 NAG R . 28.65 -33.85 62.53
C6 NAG R . 27.48 -32.99 62.94
C7 NAG R . 33.26 -36.19 63.79
C8 NAG R . 34.49 -36.85 63.26
N2 NAG R . 32.45 -35.64 62.88
O3 NAG R . 30.17 -37.02 63.84
O4 NAG R . 27.65 -36.00 62.94
O5 NAG R . 29.82 -33.06 62.78
O6 NAG R . 27.05 -32.13 61.89
O7 NAG R . 33.01 -36.14 64.98
C1 NAG R . 26.63 -36.07 63.97
C2 NAG R . 25.56 -37.03 63.46
C3 NAG R . 24.45 -37.16 64.49
C4 NAG R . 25.04 -37.58 65.83
C5 NAG R . 26.15 -36.63 66.24
C6 NAG R . 26.87 -37.06 67.50
C7 NAG R . 25.27 -37.21 61.03
C8 NAG R . 26.15 -38.44 61.13
N2 NAG R . 25.03 -36.58 62.19
O3 NAG R . 23.51 -38.13 64.05
O4 NAG R . 24.01 -37.56 66.83
O5 NAG R . 27.15 -36.56 65.21
O6 NAG R . 28.14 -36.43 67.61
O7 NAG R . 24.81 -36.83 59.97
C1 NAG S . 49.18 -5.33 88.14
C2 NAG S . 48.39 -5.44 89.44
C3 NAG S . 49.32 -5.79 90.59
C4 NAG S . 50.25 -6.95 90.26
C5 NAG S . 50.83 -6.87 88.84
C6 NAG S . 51.44 -8.16 88.38
C7 NAG S . 46.40 -4.01 89.58
C8 NAG S . 45.87 -2.66 89.96
N2 NAG S . 47.70 -4.19 89.73
O3 NAG S . 48.53 -6.13 91.72
O4 NAG S . 51.35 -6.81 91.16
O5 NAG S . 49.80 -6.55 87.89
O6 NAG S . 52.79 -8.00 87.97
O7 NAG S . 45.67 -4.89 89.14
C1 NAG S . 51.87 -7.86 92.00
C2 NAG S . 51.25 -9.25 91.85
C3 NAG S . 52.05 -10.29 92.63
C4 NAG S . 53.52 -10.23 92.24
C5 NAG S . 54.06 -8.82 92.38
C6 NAG S . 55.47 -8.66 91.88
C7 NAG S . 49.44 -9.13 93.53
C8 NAG S . 47.95 -9.20 93.74
N2 NAG S . 49.85 -9.27 92.27
O3 NAG S . 51.52 -11.59 92.39
O4 NAG S . 54.27 -11.10 93.09
O5 NAG S . 53.24 -7.91 91.62
O6 NAG S . 55.50 -8.05 90.59
O7 NAG S . 50.21 -8.94 94.46
C1 NAG T . 60.83 11.18 84.98
C2 NAG T . 60.22 12.42 85.59
C3 NAG T . 61.06 13.63 85.25
C4 NAG T . 62.50 13.41 85.70
C5 NAG T . 63.03 12.12 85.10
C6 NAG T . 64.42 11.75 85.56
C7 NAG T . 57.81 12.74 85.94
C8 NAG T . 56.47 12.90 85.29
N2 NAG T . 58.85 12.60 85.12
O3 NAG T . 60.49 14.78 85.87
O4 NAG T . 63.33 14.50 85.30
O5 NAG T . 62.16 11.03 85.46
O6 NAG T . 64.74 12.36 86.81
O7 NAG T . 57.94 12.74 87.16
C1 NAG T . 63.44 15.41 86.41
C2 NAG T . 64.76 16.17 86.32
C3 NAG T . 64.85 17.23 87.42
C4 NAG T . 63.60 18.09 87.45
C5 NAG T . 62.35 17.23 87.50
C6 NAG T . 61.08 18.03 87.42
C7 NAG T . 66.75 15.07 85.40
C8 NAG T . 67.86 14.09 85.67
N2 NAG T . 65.89 15.26 86.41
O3 NAG T . 65.99 18.04 87.20
O4 NAG T . 63.63 18.93 88.61
O5 NAG T . 62.36 16.33 86.38
O6 NAG T . 60.62 18.14 86.07
O7 NAG T . 66.64 15.64 84.33
C1 NAG U . 34.01 4.29 -31.16
C2 NAG U . 35.20 3.36 -31.21
C3 NAG U . 36.49 4.17 -31.20
C4 NAG U . 36.49 5.19 -32.33
C5 NAG U . 35.17 5.99 -32.38
C6 NAG U . 35.03 6.79 -33.64
C7 NAG U . 34.46 1.29 -30.14
C8 NAG U . 34.58 0.40 -28.94
N2 NAG U . 35.20 2.40 -30.12
O3 NAG U . 37.60 3.28 -31.34
O4 NAG U . 37.54 6.12 -32.16
O5 NAG U . 34.02 5.13 -32.31
O6 NAG U . 33.71 7.31 -33.79
O7 NAG U . 33.71 1.02 -31.07
C1 NAG U . 38.82 6.06 -32.97
C2 NAG U . 39.47 7.39 -33.36
C3 NAG U . 40.82 7.15 -34.00
C4 NAG U . 41.69 6.28 -33.12
C5 NAG U . 40.96 4.99 -32.76
C6 NAG U . 41.73 4.15 -31.77
C7 NAG U . 37.69 9.03 -33.81
C8 NAG U . 36.90 9.73 -34.87
N2 NAG U . 38.60 8.15 -34.24
O3 NAG U . 41.48 8.40 -34.23
O4 NAG U . 42.92 5.98 -33.80
O5 NAG U . 39.71 5.31 -32.16
O6 NAG U . 41.50 2.76 -31.99
O7 NAG U . 37.53 9.25 -32.61
C1 NAG V . 19.02 10.09 -50.66
C2 NAG V . 19.00 10.78 -49.30
C3 NAG V . 19.28 12.26 -49.48
C4 NAG V . 20.55 12.49 -50.31
C5 NAG V . 20.56 11.62 -51.57
C6 NAG V . 21.91 11.62 -52.28
C7 NAG V . 17.62 10.21 -47.35
C8 NAG V . 16.24 10.10 -46.81
N2 NAG V . 17.73 10.59 -48.63
O3 NAG V . 19.42 12.87 -48.21
O4 NAG V . 20.53 13.85 -50.76
O5 NAG V . 20.29 10.25 -51.25
O6 NAG V . 22.88 10.86 -51.57
O7 NAG V . 18.61 9.96 -46.67
C1 NAG V . 21.37 14.70 -49.99
C2 NAG V . 22.09 15.57 -51.02
C3 NAG V . 22.98 16.60 -50.33
C4 NAG V . 22.20 17.39 -49.29
C5 NAG V . 21.49 16.43 -48.34
C6 NAG V . 20.59 17.14 -47.35
C7 NAG V . 23.41 15.16 -53.07
C8 NAG V . 24.17 14.13 -53.86
N2 NAG V . 22.88 14.73 -51.92
O3 NAG V . 23.48 17.52 -51.31
O4 NAG V . 23.09 18.21 -48.54
O5 NAG V . 20.65 15.53 -49.09
O6 NAG V . 19.38 17.57 -47.95
O7 NAG V . 23.30 16.32 -53.44
C1 NAG W . 79.55 -1.46 38.72
C2 NAG W . 80.45 -2.69 38.78
C3 NAG W . 81.91 -2.28 38.93
C4 NAG W . 82.27 -1.31 37.80
C5 NAG W . 81.29 -0.14 37.78
C6 NAG W . 81.54 0.84 36.66
C7 NAG W . 79.86 -3.52 41.11
C8 NAG W . 80.20 -2.19 41.72
N2 NAG W . 80.04 -3.67 39.78
O3 NAG W . 82.74 -3.43 38.86
O4 NAG W . 83.59 -0.81 37.95
O5 NAG W . 79.95 -0.63 37.62
O6 NAG W . 80.75 0.54 35.52
O7 NAG W . 79.47 -4.45 41.80
C1 NAG W . 84.36 -1.46 36.93
C2 NAG W . 85.55 -0.59 36.52
C3 NAG W . 86.42 -1.33 35.52
C4 NAG W . 86.84 -2.69 36.08
C5 NAG W . 85.61 -3.48 36.51
C6 NAG W . 85.95 -4.78 37.19
C7 NAG W . 85.56 1.85 36.42
C8 NAG W . 85.00 3.07 35.75
N2 NAG W . 85.11 0.68 35.98
O3 NAG W . 87.57 -0.57 35.21
O4 NAG W . 87.56 -3.43 35.11
O5 NAG W . 84.84 -2.71 37.45
O6 NAG W . 85.53 -4.74 38.55
O7 NAG W . 86.39 1.93 37.32
C1 NAG X . 61.37 19.19 56.39
C2 NAG X . 62.42 20.07 57.06
C3 NAG X . 61.72 21.14 57.91
C4 NAG X . 60.72 21.93 57.07
C5 NAG X . 59.77 20.97 56.34
C6 NAG X . 58.90 21.67 55.33
C7 NAG X . 64.60 19.09 57.51
C8 NAG X . 65.42 18.27 58.45
N2 NAG X . 63.33 19.30 57.87
O3 NAG X . 62.70 22.03 58.43
O4 NAG X . 59.94 22.75 57.93
O5 NAG X . 60.52 19.98 55.62
O6 NAG X . 57.54 21.32 55.52
O7 NAG X . 65.06 19.54 56.48
C1 NAG X . 59.87 24.13 57.51
C2 NAG X . 58.91 24.88 58.44
C3 NAG X . 58.90 26.37 58.10
C4 NAG X . 60.32 26.93 58.08
C5 NAG X . 61.17 26.09 57.12
C6 NAG X . 62.61 26.52 57.09
C7 NAG X . 56.93 23.83 59.42
C8 NAG X . 55.54 23.31 59.15
N2 NAG X . 57.57 24.34 58.37
O3 NAG X . 58.12 27.09 59.05
O4 NAG X . 60.32 28.28 57.65
O5 NAG X . 61.15 24.73 57.55
O6 NAG X . 62.99 26.92 55.77
O7 NAG X . 57.44 23.77 60.52
C1 NAG Y . 40.95 24.68 63.90
C2 NAG Y . 41.18 25.55 65.15
C3 NAG Y . 40.10 26.62 65.24
C4 NAG Y . 39.99 27.40 63.94
C5 NAG Y . 39.76 26.43 62.79
C6 NAG Y . 39.68 27.10 61.44
C7 NAG Y . 42.19 24.74 67.23
C8 NAG Y . 42.02 23.85 68.41
N2 NAG Y . 41.18 24.74 66.35
O3 NAG Y . 40.41 27.49 66.32
O4 NAG Y . 38.86 28.28 63.99
O5 NAG Y . 40.87 25.51 62.74
O6 NAG Y . 40.74 26.71 60.58
O7 NAG Y . 43.19 25.43 67.07
C1 NAG Y . 39.29 29.65 63.90
C2 NAG Y . 38.12 30.51 63.49
C3 NAG Y . 38.54 31.97 63.41
C4 NAG Y . 39.17 32.41 64.72
C5 NAG Y . 40.27 31.45 65.17
C6 NAG Y . 40.72 31.73 66.59
C7 NAG Y . 38.12 30.08 61.06
C8 NAG Y . 37.31 29.58 59.91
N2 NAG Y . 37.51 30.08 62.25
O3 NAG Y . 37.42 32.79 63.11
O4 NAG Y . 39.72 33.72 64.58
O5 NAG Y . 39.80 30.10 65.15
O6 NAG Y . 39.61 31.64 67.48
O7 NAG Y . 39.28 30.47 60.93
C1 NAG Z . 73.19 12.19 42.51
C2 NAG Z . 72.40 13.49 42.38
C3 NAG Z . 72.08 13.79 40.91
C4 NAG Z . 73.32 13.71 40.04
C5 NAG Z . 74.02 12.36 40.28
C6 NAG Z . 75.30 12.19 39.51
C7 NAG Z . 70.90 14.20 44.20
C8 NAG Z . 69.59 13.95 44.89
N2 NAG Z . 71.18 13.40 43.16
O3 NAG Z . 71.50 15.08 40.81
O4 NAG Z . 72.97 13.77 38.67
O5 NAG Z . 74.33 12.24 41.67
O6 NAG Z . 76.39 12.89 40.11
O7 NAG Z . 71.65 15.10 44.56
C1 NAG Z . 73.16 15.06 38.06
C2 NAG Z . 74.37 15.03 37.12
C3 NAG Z . 74.48 16.30 36.26
C4 NAG Z . 73.14 16.62 35.60
C5 NAG Z . 72.06 16.69 36.66
C6 NAG Z . 70.69 16.97 36.09
C7 NAG Z . 76.28 15.47 38.74
C8 NAG Z . 75.63 16.73 39.23
N2 NAG Z . 75.64 14.75 37.79
O3 NAG Z . 75.48 16.11 35.27
O4 NAG Z . 73.23 17.87 34.93
O5 NAG Z . 71.99 15.42 37.33
O6 NAG Z . 70.28 18.30 36.34
O7 NAG Z . 77.34 15.09 39.23
C1 NAG AA . 80.57 10.41 57.60
C2 NAG AA . 81.41 11.68 57.55
C3 NAG AA . 82.46 11.69 58.66
C4 NAG AA . 81.82 11.37 60.01
C5 NAG AA . 80.98 10.11 59.91
C6 NAG AA . 80.22 9.80 61.17
C7 NAG AA . 81.76 12.74 55.35
C8 NAG AA . 82.53 12.69 54.07
N2 NAG AA . 82.07 11.80 56.25
O3 NAG AA . 83.09 12.96 58.71
O4 NAG AA . 82.85 11.15 60.97
O5 NAG AA . 80.01 10.28 58.89
O6 NAG AA . 78.98 10.51 61.22
O7 NAG AA . 80.89 13.57 55.56
C1 NAG AA . 82.73 12.03 62.10
C2 NAG AA . 83.91 11.73 63.03
C3 NAG AA . 83.91 12.68 64.23
C4 NAG AA . 83.87 14.12 63.75
C5 NAG AA . 82.69 14.33 62.81
C6 NAG AA . 82.67 15.71 62.20
C7 NAG AA . 83.18 9.58 64.16
C8 NAG AA . 81.91 10.23 64.64
N2 NAG AA . 84.03 10.32 63.42
O3 NAG AA . 85.07 12.46 65.03
O4 NAG AA . 83.75 15.01 64.86
O5 NAG AA . 82.75 13.40 61.71
O6 NAG AA . 82.49 16.71 63.19
O7 NAG AA . 83.45 8.41 64.42
C1 NAG BA . 89.15 -7.47 51.84
C2 NAG BA . 89.93 -7.40 50.54
C3 NAG BA . 90.39 -8.80 50.13
C4 NAG BA . 91.13 -9.48 51.28
C5 NAG BA . 90.30 -9.42 52.55
C6 NAG BA . 91.04 -9.94 53.75
C7 NAG BA . 88.96 -5.47 49.39
C8 NAG BA . 88.14 -5.00 48.24
N2 NAG BA . 89.15 -6.78 49.49
O3 NAG BA . 91.22 -8.70 48.98
O4 NAG BA . 91.36 -10.84 50.95
O5 NAG BA . 89.94 -8.07 52.83
O6 NAG BA . 90.23 -9.93 54.92
O7 NAG BA . 89.45 -4.68 50.21
C1 NAG BA . 92.68 -11.05 50.44
C2 NAG BA . 93.13 -12.46 50.79
C3 NAG BA . 94.49 -12.76 50.15
C4 NAG BA . 94.46 -12.47 48.67
C5 NAG BA . 93.98 -11.04 48.42
C6 NAG BA . 93.82 -10.72 46.95
C7 NAG BA . 92.19 -13.19 52.93
C8 NAG BA . 92.42 -13.30 54.41
N2 NAG BA . 93.19 -12.65 52.23
O3 NAG BA . 94.83 -14.12 50.37
O4 NAG BA . 95.77 -12.64 48.11
O5 NAG BA . 92.69 -10.87 49.02
O6 NAG BA . 92.62 -11.25 46.43
O7 NAG BA . 91.15 -13.57 52.41
C1 NAG CA . -61.94 -38.33 -29.21
C2 NAG CA . -61.71 -39.52 -30.15
C3 NAG CA . -63.03 -39.87 -30.85
C4 NAG CA . -64.09 -40.16 -29.78
C5 NAG CA . -64.23 -38.94 -28.86
C6 NAG CA . -65.25 -39.25 -27.76
C7 NAG CA . -59.40 -39.31 -30.87
C8 NAG CA . -58.36 -38.95 -31.90
N2 NAG CA . -60.70 -39.17 -31.15
O3 NAG CA . -62.85 -41.02 -31.67
O4 NAG CA . -65.35 -40.41 -30.42
O5 NAG CA . -62.96 -38.65 -28.27
O6 NAG CA . -65.46 -38.08 -26.97
O7 NAG CA . -59.05 -39.73 -29.79
C1 NAG CA . -66.28 -41.47 -30.67
C2 NAG CA . -66.35 -42.72 -31.57
C3 NAG CA . -67.78 -42.91 -32.06
C4 NAG CA . -68.72 -43.00 -30.85
C5 NAG CA . -68.56 -41.74 -29.99
C6 NAG CA . -69.45 -41.85 -28.75
C7 NAG CA . -64.14 -42.86 -32.59
C8 NAG CA . -63.23 -42.69 -33.78
N2 NAG CA . -65.45 -42.55 -32.71
O3 NAG CA . -67.87 -44.10 -32.82
O4 NAG CA . -70.07 -43.10 -31.31
O5 NAG CA . -67.19 -41.61 -29.59
O6 NAG CA . -69.38 -40.63 -28.01
O7 NAG CA . -63.71 -43.28 -31.55
C1 NAG DA . -1.73 20.93 -77.43
C2 NAG DA . -1.28 22.28 -77.99
C3 NAG DA . -1.69 22.38 -79.47
C4 NAG DA . -1.07 21.19 -80.23
C5 NAG DA . -1.52 19.89 -79.58
C6 NAG DA . -0.86 18.70 -80.29
C7 NAG DA . -1.38 23.81 -76.09
C8 NAG DA . -2.05 24.92 -75.32
N2 NAG DA . -1.93 23.36 -77.24
O3 NAG DA . -1.20 23.60 -80.02
O4 NAG DA . -1.50 21.23 -81.59
O5 NAG DA . -1.14 19.87 -78.20
O6 NAG DA . -1.37 17.48 -79.77
O7 NAG DA . -0.36 23.31 -75.68
C1 NAG DA . -1.00 21.48 -82.91
C2 NAG DA . -0.53 22.67 -83.73
C3 NAG DA . -0.97 22.49 -85.19
C4 NAG DA . -0.39 21.17 -85.71
C5 NAG DA . -0.86 20.02 -84.81
C6 NAG DA . -0.24 18.71 -85.29
C7 NAG DA . -0.56 24.55 -82.16
C8 NAG DA . -1.18 25.80 -81.61
N2 NAG DA . -1.14 23.90 -83.19
O3 NAG DA . -0.48 23.58 -85.98
O4 NAG DA . -0.86 20.95 -87.05
O5 NAG DA . -0.45 20.27 -83.46
O6 NAG DA . -0.77 17.62 -84.53
O7 NAG DA . 0.47 24.11 -81.68
C1 NAG EA . 19.89 -41.36 -13.08
C2 NAG EA . 20.72 -42.39 -12.31
C3 NAG EA . 20.36 -43.80 -12.77
C4 NAG EA . 18.86 -44.02 -12.69
C5 NAG EA . 18.11 -42.93 -13.43
C6 NAG EA . 16.61 -43.02 -13.30
C7 NAG EA . 22.95 -41.75 -11.50
C8 NAG EA . 24.38 -41.52 -11.87
N2 NAG EA . 22.14 -42.15 -12.50
O3 NAG EA . 21.05 -44.76 -11.97
O4 NAG EA . 18.51 -45.27 -13.26
O5 NAG EA . 18.49 -41.64 -12.90
O6 NAG EA . 16.19 -44.38 -13.23
O7 NAG EA . 22.54 -41.58 -10.36
C1 NAG FA . 23.56 -21.34 -45.05
C2 NAG FA . 23.55 -20.87 -46.50
C3 NAG FA . 22.79 -19.55 -46.61
C4 NAG FA . 21.38 -19.73 -46.06
C5 NAG FA . 21.42 -20.30 -44.64
C6 NAG FA . 20.04 -20.67 -44.14
C7 NAG FA . 25.12 -20.76 -48.36
C8 NAG FA . 26.54 -20.60 -48.79
N2 NAG FA . 24.89 -20.74 -47.05
O3 NAG FA . 22.72 -19.15 -47.98
O4 NAG FA . 20.73 -18.47 -46.02
O5 NAG FA . 22.22 -21.51 -44.59
O6 NAG FA . 19.04 -19.95 -44.84
O7 NAG FA . 24.21 -20.93 -49.19
C1 NAG GA . 0.61 -16.37 -40.51
C2 NAG GA . -0.18 -15.10 -40.74
C3 NAG GA . -1.63 -15.44 -41.06
C4 NAG GA . -1.70 -16.43 -42.23
C5 NAG GA . -0.79 -17.62 -41.98
C6 NAG GA . -0.70 -18.53 -43.18
C7 NAG GA . -0.27 -12.91 -39.64
C8 NAG GA . -0.17 -12.17 -38.33
N2 NAG GA . -0.12 -14.23 -39.57
O3 NAG GA . -2.32 -14.25 -41.42
O4 NAG GA . -3.04 -16.88 -42.40
O5 NAG GA . 0.53 -17.20 -41.67
O6 NAG GA . 0.34 -18.09 -44.07
O7 NAG GA . -0.47 -12.33 -40.70
C1 NAG HA . 2.68 -19.46 -23.00
C2 NAG HA . 1.92 -18.16 -23.28
C3 NAG HA . 0.90 -17.87 -22.17
C4 NAG HA . 0.02 -19.08 -21.91
C5 NAG HA . 0.90 -20.28 -21.59
C6 NAG HA . 0.12 -21.54 -21.34
C7 NAG HA . 2.50 -15.90 -24.03
C8 NAG HA . 3.57 -14.85 -24.08
N2 NAG HA . 2.84 -17.04 -23.43
O3 NAG HA . 0.10 -16.75 -22.53
O4 NAG HA . -0.86 -18.83 -20.82
O5 NAG HA . 1.76 -20.53 -22.71
O6 NAG HA . -0.23 -21.67 -19.97
O7 NAG HA . 1.39 -15.71 -24.53
C1 NAG IA . 45.04 -12.27 -14.96
C2 NAG IA . 45.99 -11.06 -14.98
C3 NAG IA . 47.45 -11.48 -14.78
C4 NAG IA . 47.59 -12.41 -13.58
C5 NAG IA . 46.60 -13.57 -13.71
C6 NAG IA . 46.62 -14.49 -12.51
C7 NAG IA . 46.03 -10.48 -17.46
C8 NAG IA . 46.48 -11.88 -17.81
N2 NAG IA . 45.82 -10.19 -16.15
O3 NAG IA . 48.26 -10.32 -14.60
O4 NAG IA . 48.91 -12.92 -13.51
O5 NAG IA . 45.28 -13.05 -13.80
O6 NAG IA . 45.54 -14.21 -11.64
O7 NAG IA . 45.86 -9.64 -18.33
C1 NAG JA . 47.05 -25.82 7.57
C2 NAG JA . 47.65 -26.68 8.66
C3 NAG JA . 49.15 -26.41 8.75
C4 NAG JA . 49.81 -26.58 7.38
C5 NAG JA . 49.07 -25.77 6.32
C6 NAG JA . 49.57 -26.03 4.92
C7 NAG JA . 46.44 -27.43 10.65
C8 NAG JA . 45.82 -27.02 11.95
N2 NAG JA . 47.01 -26.45 9.93
O3 NAG JA . 49.72 -27.31 9.69
O4 NAG JA . 51.16 -26.15 7.44
O5 NAG JA . 47.68 -26.09 6.33
O6 NAG JA . 48.64 -26.81 4.18
O7 NAG JA . 46.45 -28.60 10.26
C1 NAG KA . 12.62 -41.37 21.67
C2 NAG KA . 12.94 -41.28 23.17
C3 NAG KA . 13.05 -42.68 23.76
C4 NAG KA . 11.79 -43.48 23.46
C5 NAG KA . 11.49 -43.48 21.96
C6 NAG KA . 10.18 -44.13 21.63
C7 NAG KA . 14.48 -40.01 24.60
C8 NAG KA . 15.75 -39.25 24.66
N2 NAG KA . 14.14 -40.52 23.40
O3 NAG KA . 13.26 -42.61 25.16
O4 NAG KA . 11.97 -44.82 23.89
O5 NAG KA . 11.42 -42.12 21.47
O6 NAG KA . 9.15 -43.70 22.52
O7 NAG KA . 13.77 -40.18 25.59
C1 NAG LA . 31.70 -48.75 27.96
C2 NAG LA . 31.36 -49.80 26.90
C3 NAG LA . 30.05 -50.51 27.25
C4 NAG LA . 30.09 -51.04 28.69
C5 NAG LA . 30.44 -49.91 29.64
C6 NAG LA . 30.56 -50.35 31.08
C7 NAG LA . 32.00 -49.60 24.55
C8 NAG LA . 31.78 -48.87 23.27
N2 NAG LA . 31.27 -49.20 25.59
O3 NAG LA . 29.84 -51.59 26.35
O4 NAG LA . 28.84 -51.60 29.04
O5 NAG LA . 31.70 -49.34 29.27
O6 NAG LA . 29.28 -50.42 31.70
O7 NAG LA . 32.82 -50.52 24.64
C1 NAG MA . 48.86 -37.45 64.81
C2 NAG MA . 48.77 -37.17 66.31
C3 NAG MA . 49.29 -38.36 67.11
C4 NAG MA . 48.63 -39.66 66.64
C5 NAG MA . 48.75 -39.78 65.13
C6 NAG MA . 48.05 -41.00 64.56
C7 NAG MA . 49.03 -34.72 66.50
C8 NAG MA . 49.97 -33.61 66.86
N2 NAG MA . 49.53 -35.97 66.64
O3 NAG MA . 49.02 -38.17 68.49
O4 NAG MA . 49.25 -40.78 67.24
O5 NAG MA . 48.15 -38.64 64.52
O6 NAG MA . 48.86 -41.63 63.58
O7 NAG MA . 47.90 -34.52 66.11
C1 NAG NA . -30.51 -0.07 47.63
C2 NAG NA . -30.51 0.31 49.11
C3 NAG NA . -31.75 1.12 49.46
C4 NAG NA . -31.90 2.31 48.51
C5 NAG NA . -31.86 1.85 47.07
C6 NAG NA . -31.85 3.01 46.09
C7 NAG NA . -29.72 -0.93 51.07
C8 NAG NA . -29.76 -2.23 51.81
N2 NAG NA . -30.43 -0.88 49.94
O3 NAG NA . -31.66 1.59 50.79
O4 NAG NA . -33.14 2.96 48.76
O5 NAG NA . -30.64 1.11 46.83
O6 NAG NA . -32.93 2.94 45.17
O7 NAG NA . -29.06 0.02 51.48
C1 NAG OA . -47.76 -26.76 28.85
C2 NAG OA . -48.75 -27.81 28.42
C3 NAG OA . -48.31 -28.41 27.09
C4 NAG OA . -48.17 -27.29 26.06
C5 NAG OA . -47.34 -26.11 26.58
C6 NAG OA . -47.46 -24.88 25.70
C7 NAG OA . -49.99 -28.92 30.21
C8 NAG OA . -50.01 -30.03 31.21
N2 NAG OA . -48.91 -28.85 29.42
O3 NAG OA . -49.28 -29.35 26.66
O4 NAG OA . -47.51 -27.80 24.91
O5 NAG OA . -47.76 -25.70 27.90
O6 NAG OA . -47.78 -25.23 24.36
O7 NAG OA . -50.92 -28.12 30.12
C1 NAG PA . -49.27 -11.55 12.36
C2 NAG PA . -49.22 -11.84 10.86
C3 NAG PA . -50.16 -10.91 10.10
C4 NAG PA . -51.56 -10.97 10.69
C5 NAG PA . -51.50 -10.68 12.19
C6 NAG PA . -52.85 -10.81 12.87
C7 NAG PA . -47.43 -12.39 9.27
C8 NAG PA . -46.00 -12.15 8.88
N2 NAG PA . -47.87 -11.73 10.35
O3 NAG PA . -50.19 -11.27 8.72
O4 NAG PA . -52.39 -10.01 10.04
O5 NAG PA . -50.63 -11.63 12.82
O6 NAG PA . -53.14 -12.17 13.18
O7 NAG PA . -48.16 -13.15 8.64
C1 NAG QA . -33.56 -2.98 19.12
C2 NAG QA . -33.20 -3.25 17.65
C3 NAG QA . -32.41 -2.08 17.08
C4 NAG QA . -33.17 -0.77 17.28
C5 NAG QA . -33.49 -0.59 18.75
C6 NAG QA . -34.32 0.64 19.03
C7 NAG QA . -32.39 -5.20 16.39
C8 NAG QA . -31.57 -6.45 16.45
N2 NAG QA . -32.45 -4.49 17.53
O3 NAG QA . -32.19 -2.28 15.69
O4 NAG QA . -32.39 0.32 16.82
O5 NAG QA . -34.24 -1.72 19.23
O6 NAG QA . -33.59 1.65 19.70
O7 NAG QA . -32.97 -4.84 15.37
C1 NAG RA . -11.69 -33.76 41.27
C2 NAG RA . -11.98 -33.53 42.77
C3 NAG RA . -11.67 -34.79 43.58
C4 NAG RA . -12.45 -35.97 43.01
C5 NAG RA . -12.14 -36.11 41.52
C6 NAG RA . -12.95 -37.21 40.85
C7 NAG RA . -9.99 -32.08 43.42
C8 NAG RA . -9.04 -33.12 42.93
N2 NAG RA . -11.32 -32.35 43.32
O3 NAG RA . -12.01 -34.58 44.94
O4 NAG RA . -12.11 -37.16 43.69
O5 NAG RA . -12.43 -34.90 40.82
O6 NAG RA . -13.11 -36.95 39.46
O7 NAG RA . -9.60 -31.02 43.90
C1 NAG SA . -30.58 29.50 -2.96
C2 NAG SA . -31.05 29.92 -1.56
C3 NAG SA . -31.95 28.84 -0.96
C4 NAG SA . -33.12 28.54 -1.90
C5 NAG SA . -32.58 28.13 -3.27
C6 NAG SA . -33.67 27.91 -4.29
C7 NAG SA . -29.03 29.33 -0.27
C8 NAG SA . -27.96 29.86 0.65
N2 NAG SA . -29.94 30.22 -0.68
O3 NAG SA . -32.44 29.28 0.30
O4 NAG SA . -33.92 27.50 -1.36
O5 NAG SA . -31.72 29.16 -3.79
O6 NAG SA . -34.77 28.78 -4.06
O7 NAG SA . -29.04 28.15 -0.62
C1 NAG TA . 1.83 -16.10 58.90
C2 NAG TA . 2.26 -17.56 58.63
C3 NAG TA . 2.93 -18.17 59.87
C4 NAG TA . 4.05 -17.27 60.38
C5 NAG TA . 3.52 -15.86 60.63
C6 NAG TA . 4.61 -14.89 61.01
C7 NAG TA . 0.07 -18.67 58.95
C8 NAG TA . -0.98 -19.52 58.32
N2 NAG TA . 1.13 -18.37 58.19
O3 NAG TA . 3.44 -19.45 59.54
O4 NAG TA . 4.58 -17.80 61.58
O5 NAG TA . 2.94 -15.36 59.41
O6 NAG TA . 5.12 -14.20 59.88
O7 NAG TA . -0.05 -18.25 60.11
C1 NAG UA . -1.85 22.36 49.92
C2 NAG UA . -2.62 23.13 50.99
C3 NAG UA . -1.84 24.38 51.41
C4 NAG UA . -0.42 24.00 51.82
C5 NAG UA . 0.24 23.19 50.71
C6 NAG UA . 1.61 22.67 51.09
C7 NAG UA . -5.03 23.46 51.30
C8 NAG UA . -6.32 23.88 50.66
N2 NAG UA . -3.95 23.51 50.52
O3 NAG UA . -2.51 25.03 52.47
O4 NAG UA . 0.35 25.16 52.06
O5 NAG UA . -0.56 22.03 50.41
O6 NAG UA . 1.60 21.25 51.16
O7 NAG UA . -4.98 23.08 52.46
C1 NAG VA . 4.35 14.05 69.66
C2 NAG VA . 3.42 14.00 70.85
C3 NAG VA . 2.40 15.12 70.74
C4 NAG VA . 3.12 16.46 70.59
C5 NAG VA . 4.15 16.42 69.47
C6 NAG VA . 5.01 17.65 69.43
C7 NAG VA . 2.70 11.98 72.05
C8 NAG VA . 1.96 10.68 71.96
N2 NAG VA . 2.75 12.70 70.93
O3 NAG VA . 1.58 15.14 71.91
O4 NAG VA . 2.17 17.49 70.30
O5 NAG VA . 5.03 15.30 69.64
O6 NAG VA . 5.20 18.20 70.72
O7 NAG VA . 3.20 12.36 73.11
C1 NAG WA . 36.20 1.80 79.65
C2 NAG WA . 34.90 1.00 79.55
C3 NAG WA . 33.82 1.89 78.91
C4 NAG WA . 33.66 3.16 79.75
C5 NAG WA . 35.01 3.87 79.84
C6 NAG WA . 34.88 5.12 80.72
C7 NAG WA . 35.60 -1.31 79.28
C8 NAG WA . 35.82 -2.53 78.43
N2 NAG WA . 35.11 -0.19 78.73
O3 NAG WA . 32.57 1.18 78.89
O4 NAG WA . 32.71 4.02 79.12
O5 NAG WA . 35.98 3.00 80.41
O6 NAG WA . 36.11 5.85 80.71
O7 NAG WA . 35.87 -1.34 80.46
C1 NAG XA . 31.72 4.40 80.37
C2 NAG XA . 31.02 5.73 80.05
C3 NAG XA . 29.74 5.86 80.88
C4 NAG XA . 28.87 4.63 80.72
C5 NAG XA . 29.68 3.39 81.05
C6 NAG XA . 28.92 2.09 80.88
C7 NAG XA . 31.89 7.96 79.54
C8 NAG XA . 32.86 9.03 79.93
N2 NAG XA . 31.90 6.85 80.28
O3 NAG XA . 29.04 7.03 80.46
O4 NAG XA . 27.75 4.73 81.59
O5 NAG XA . 30.82 3.32 80.18
O6 NAG XA . 28.62 1.83 79.51
O7 NAG XA . 31.12 8.10 78.59
C1 NAG YA . 26.78 48.39 -1.03
C2 NAG YA . 28.29 48.41 -0.76
C3 NAG YA . 29.05 48.95 -1.96
C4 NAG YA . 28.67 48.20 -3.22
C5 NAG YA . 27.18 48.30 -3.43
C6 NAG YA . 26.69 47.51 -4.63
C7 NAG YA . 29.44 48.78 1.37
C8 NAG YA . 29.65 49.71 2.52
N2 NAG YA . 28.59 49.19 0.42
O3 NAG YA . 30.44 48.84 -1.72
O4 NAG YA . 29.35 48.75 -4.34
O5 NAG YA . 26.51 47.74 -2.29
O6 NAG YA . 27.57 47.68 -5.74
O7 NAG YA . 30.00 47.68 1.31
C1 NAG ZA . -6.50 62.95 3.24
C2 NAG ZA . -7.76 63.75 3.01
C3 NAG ZA . -8.78 62.86 2.32
C4 NAG ZA . -8.21 62.30 1.03
C5 NAG ZA . -6.81 61.70 1.23
C6 NAG ZA . -6.09 61.42 -0.06
C7 NAG ZA . -8.33 65.60 4.49
C8 NAG ZA . -8.88 66.01 5.82
N2 NAG ZA . -8.27 64.29 4.25
O3 NAG ZA . -9.95 63.62 2.04
O4 NAG ZA . -9.07 61.29 0.54
O5 NAG ZA . -5.95 62.57 1.99
O6 NAG ZA . -6.13 62.54 -0.93
O7 NAG ZA . -7.97 66.43 3.66
C1 NAG AB . -13.63 47.72 -14.16
C2 NAG AB . -14.68 46.63 -13.95
C3 NAG AB . -15.43 46.36 -15.26
C4 NAG AB . -15.92 47.67 -15.89
C5 NAG AB . -14.80 48.70 -15.96
C6 NAG AB . -15.30 50.06 -16.39
C7 NAG AB . -14.75 44.37 -12.98
C8 NAG AB . -13.93 43.20 -12.52
N2 NAG AB . -14.07 45.42 -13.45
O3 NAG AB . -16.54 45.51 -15.01
O4 NAG AB . -16.38 47.40 -17.21
O5 NAG AB . -14.24 48.88 -14.65
O6 NAG AB . -15.78 50.80 -15.28
O7 NAG AB . -15.99 44.36 -12.94
C1 NAG BB . 1.31 38.22 -9.72
C2 NAG BB . 0.18 37.31 -10.20
C3 NAG BB . 0.75 36.03 -10.83
C4 NAG BB . 1.78 36.37 -11.91
C5 NAG BB . 2.84 37.31 -11.34
C6 NAG BB . 3.85 37.76 -12.36
C7 NAG BB . -1.92 37.45 -8.94
C8 NAG BB . -2.67 36.99 -7.71
N2 NAG BB . -0.70 36.96 -9.09
O3 NAG BB . -0.32 35.30 -11.42
O4 NAG BB . 2.41 35.19 -12.36
O5 NAG BB . 2.21 38.49 -10.82
O6 NAG BB . 4.63 36.66 -12.83
O7 NAG BB . -2.42 38.23 -9.74
C1 NAG CB . 10.24 44.03 32.48
C2 NAG CB . 9.31 44.71 33.50
C3 NAG CB . 10.11 45.32 34.65
C4 NAG CB . 11.03 44.28 35.25
C5 NAG CB . 11.91 43.65 34.17
C6 NAG CB . 12.79 42.55 34.68
C7 NAG CB . 8.60 46.80 32.26
C8 NAG CB . 10.03 47.22 32.07
N2 NAG CB . 8.36 45.64 32.91
O3 NAG CB . 9.21 45.82 35.63
O4 NAG CB . 11.87 44.87 36.25
O5 NAG CB . 11.08 43.09 33.15
O6 NAG CB . 12.12 41.77 35.65
O7 NAG CB . 7.69 47.50 31.83
C1 NAG DB . 33.61 35.17 32.80
C2 NAG DB . 34.86 35.04 33.67
C3 NAG DB . 34.59 35.60 35.07
C4 NAG DB . 34.00 37.00 34.98
C5 NAG DB . 32.82 37.06 34.01
C6 NAG DB . 32.29 38.45 33.78
C7 NAG DB . 36.56 33.26 33.57
C8 NAG DB . 37.55 34.34 33.27
N2 NAG DB . 35.30 33.65 33.75
O3 NAG DB . 35.81 35.62 35.80
O4 NAG DB . 33.55 37.40 36.28
O5 NAG DB . 33.22 36.54 32.74
O6 NAG DB . 33.26 39.27 33.13
O7 NAG DB . 36.89 32.07 33.66
C1 NAG EB . 46.09 17.18 -0.76
C2 NAG EB . 46.87 15.87 -0.70
C3 NAG EB . 48.28 16.04 -1.27
C4 NAG EB . 48.22 16.67 -2.66
C5 NAG EB . 47.44 17.98 -2.61
C6 NAG EB . 47.26 18.61 -3.96
C7 NAG EB . 47.58 15.90 1.66
C8 NAG EB . 47.53 15.18 2.97
N2 NAG EB . 46.93 15.33 0.65
O3 NAG EB . 48.92 14.78 -1.36
O4 NAG EB . 49.54 16.93 -3.14
O5 NAG EB . 46.12 17.72 -2.10
O6 NAG EB . 47.24 17.62 -4.99
O7 NAG EB . 48.20 16.96 1.55
C1 NAG FB . 59.37 24.75 12.74
C2 NAG FB . 59.51 25.85 11.71
C3 NAG FB . 59.95 25.26 10.37
C4 NAG FB . 61.25 24.48 10.55
C5 NAG FB . 61.07 23.42 11.65
C6 NAG FB . 62.36 22.71 11.98
C7 NAG FB . 58.04 27.76 12.16
C8 NAG FB . 56.71 28.39 11.89
N2 NAG FB . 58.26 26.59 11.55
O3 NAG FB . 60.14 26.33 9.44
O4 NAG FB . 61.61 23.84 9.34
O5 NAG FB . 60.63 24.04 12.86
O6 NAG FB . 62.56 21.55 11.18
O7 NAG FB . 58.88 28.29 12.89
#